data_3Q9B
#
_entry.id   3Q9B
#
_cell.length_a   118.657
_cell.length_b   119.734
_cell.length_c   119.526
_cell.angle_alpha   98.090
_cell.angle_beta   95.150
_cell.angle_gamma   115.330
#
_symmetry.space_group_name_H-M   'P 1'
#
loop_
_entity.id
_entity.type
_entity.pdbx_description
1 polymer 'Acetylpolyamine amidohydrolase'
2 non-polymer 'DIMETHYL SULFOXIDE'
3 non-polymer 4-(dimethylamino)-N-[7-(hydroxyamino)-7-oxoheptyl]benzamide
4 non-polymer 'POTASSIUM ION'
5 non-polymer 'SODIUM ION'
6 non-polymer 'ZINC ION'
7 water water
#
_entity_poly.entity_id   1
_entity_poly.type   'polypeptide(L)'
_entity_poly.pdbx_seq_one_letter_code
;MRVIFSEDHKLRNAKTELYGGELVPPFEAPFRAEWILAAVKEAGFDDVVAPARHGLETVLKVHDAGYLNFLETAWDRWKA
AGYKGEAIATSFPVRRTSPRIPTDIEGQIGYYCNAAETAISPGTWEAALSSMASAIDGADLIAAGHKAAFSLCRPPGHHA
GIDMFGGYCFINNAAVAAQRLLDKGAKKIAILDVDFHHGNGTQDIFYERGDVFFASLHGDPAEAFPHFLGYAEETGKGAG
AGTTANYPMGRGTPYSVWGEALTDSLKRIAAFGAEAIVVSLGVDTFEQDPISFFKLTSPDYITMGRTIAASGVPLLVVME
GGYGVPEIGLNVANVLKGVAG
;
_entity_poly.pdbx_strand_id   A,B,C,D,E,F,G,H,I,J,K,L
#
loop_
_chem_comp.id
_chem_comp.type
_chem_comp.name
_chem_comp.formula
B3N non-polymer 4-(dimethylamino)-N-[7-(hydroxyamino)-7-oxoheptyl]benzamide 'C16 H25 N3 O3'
DMS non-polymer 'DIMETHYL SULFOXIDE' 'C2 H6 O S'
K non-polymer 'POTASSIUM ION' 'K 1'
NA non-polymer 'SODIUM ION' 'Na 1'
ZN non-polymer 'ZINC ION' 'Zn 2'
#
# COMPACT_ATOMS: atom_id res chain seq x y z
N MET A 1 -24.48 -34.67 2.09
CA MET A 1 -23.29 -35.28 1.45
C MET A 1 -23.10 -36.70 1.98
N ARG A 2 -22.47 -37.56 1.19
CA ARG A 2 -22.25 -38.93 1.60
C ARG A 2 -21.10 -38.99 2.61
N VAL A 3 -21.20 -39.94 3.55
CA VAL A 3 -20.20 -40.14 4.58
C VAL A 3 -19.60 -41.53 4.37
N ILE A 4 -18.27 -41.61 4.34
CA ILE A 4 -17.59 -42.90 4.16
C ILE A 4 -16.99 -43.26 5.51
N PHE A 5 -17.33 -44.43 6.03
CA PHE A 5 -16.84 -44.86 7.34
C PHE A 5 -16.62 -46.37 7.36
N SER A 6 -15.47 -46.78 7.91
CA SER A 6 -15.16 -48.20 8.01
C SER A 6 -15.10 -48.62 9.48
N GLU A 7 -15.69 -49.77 9.79
CA GLU A 7 -15.71 -50.31 11.15
C GLU A 7 -14.34 -50.84 11.56
N ASP A 8 -13.51 -51.13 10.58
CA ASP A 8 -12.17 -51.66 10.84
C ASP A 8 -11.25 -50.64 11.50
N HIS A 9 -11.76 -49.45 11.76
CA HIS A 9 -10.98 -48.41 12.41
C HIS A 9 -10.70 -48.88 13.84
N LYS A 10 -11.61 -49.68 14.38
CA LYS A 10 -11.49 -50.19 15.75
C LYS A 10 -10.28 -51.12 15.92
N LEU A 11 -9.73 -51.59 14.81
CA LEU A 11 -8.56 -52.48 14.85
C LEU A 11 -7.37 -51.69 15.39
N ARG A 12 -7.47 -50.36 15.29
CA ARG A 12 -6.45 -49.50 15.84
C ARG A 12 -6.98 -49.25 17.24
N ASN A 13 -6.40 -49.94 18.21
CA ASN A 13 -6.82 -49.80 19.58
C ASN A 13 -5.61 -50.01 20.49
N ALA A 14 -4.64 -49.12 20.33
CA ALA A 14 -3.41 -49.15 21.10
C ALA A 14 -3.73 -49.01 22.58
N LYS A 15 -2.90 -49.63 23.41
CA LYS A 15 -3.11 -49.57 24.85
C LYS A 15 -2.29 -48.48 25.49
N THR A 16 -1.18 -48.10 24.85
CA THR A 16 -0.30 -47.09 25.42
C THR A 16 0.03 -45.89 24.54
N GLU A 17 0.33 -44.80 25.23
CA GLU A 17 0.75 -43.56 24.62
C GLU A 17 1.69 -42.92 25.63
N LEU A 18 2.81 -42.39 25.16
CA LEU A 18 3.76 -41.74 26.03
C LEU A 18 3.33 -40.28 26.12
N TYR A 19 2.89 -39.88 27.32
CA TYR A 19 2.45 -38.52 27.60
C TYR A 19 2.85 -38.12 29.02
N GLY A 20 3.58 -37.01 29.13
CA GLY A 20 4.01 -36.53 30.43
C GLY A 20 4.96 -37.47 31.13
N GLY A 21 5.70 -38.26 30.35
CA GLY A 21 6.64 -39.18 30.93
C GLY A 21 6.00 -40.44 31.47
N GLU A 22 4.76 -40.73 31.06
CA GLU A 22 4.07 -41.93 31.52
C GLU A 22 3.37 -42.61 30.36
N LEU A 23 3.09 -43.90 30.51
CA LEU A 23 2.38 -44.62 29.47
C LEU A 23 0.93 -44.60 29.91
N VAL A 24 0.08 -43.96 29.13
CA VAL A 24 -1.34 -43.87 29.47
C VAL A 24 -2.17 -44.32 28.28
N PRO A 25 -3.46 -44.58 28.51
CA PRO A 25 -4.33 -45.01 27.41
C PRO A 25 -4.37 -43.91 26.36
N PRO A 26 -4.13 -44.25 25.08
CA PRO A 26 -4.13 -43.27 23.98
C PRO A 26 -5.36 -42.35 23.96
N PHE A 27 -5.13 -41.08 23.62
CA PHE A 27 -6.20 -40.10 23.54
C PHE A 27 -6.97 -40.29 22.23
N GLU A 28 -6.29 -40.87 21.24
CA GLU A 28 -6.89 -41.12 19.94
C GLU A 28 -7.54 -42.51 20.05
N ALA A 29 -8.69 -42.58 20.72
CA ALA A 29 -9.38 -43.84 20.93
C ALA A 29 -10.58 -44.09 20.01
N PRO A 30 -10.96 -45.37 19.88
CA PRO A 30 -12.09 -45.75 19.02
C PRO A 30 -13.38 -44.95 19.26
N PHE A 31 -13.67 -44.59 20.51
CA PHE A 31 -14.89 -43.85 20.80
C PHE A 31 -15.01 -42.52 20.07
N ARG A 32 -13.88 -41.97 19.62
CA ARG A 32 -13.91 -40.71 18.89
C ARG A 32 -14.73 -40.85 17.62
N ALA A 33 -14.44 -41.88 16.83
CA ALA A 33 -15.14 -42.12 15.58
C ALA A 33 -16.63 -42.36 15.81
N GLU A 34 -16.93 -43.00 16.94
CA GLU A 34 -18.30 -43.32 17.33
C GLU A 34 -19.13 -42.06 17.62
N TRP A 35 -18.58 -41.13 18.38
CA TRP A 35 -19.33 -39.92 18.69
C TRP A 35 -19.42 -38.96 17.53
N ILE A 36 -18.41 -38.96 16.66
CA ILE A 36 -18.45 -38.08 15.49
C ILE A 36 -19.51 -38.65 14.55
N LEU A 37 -19.51 -39.96 14.37
CA LEU A 37 -20.47 -40.63 13.51
C LEU A 37 -21.91 -40.36 14.00
N ALA A 38 -22.15 -40.55 15.28
CA ALA A 38 -23.48 -40.32 15.83
C ALA A 38 -23.93 -38.88 15.61
N ALA A 39 -23.04 -37.93 15.82
CA ALA A 39 -23.38 -36.53 15.66
C ALA A 39 -23.73 -36.13 14.23
N VAL A 40 -22.96 -36.59 13.25
CA VAL A 40 -23.24 -36.25 11.87
C VAL A 40 -24.55 -36.88 11.42
N LYS A 41 -24.85 -38.07 11.92
CA LYS A 41 -26.09 -38.75 11.57
C LYS A 41 -27.26 -37.96 12.12
N GLU A 42 -27.09 -37.42 13.33
CA GLU A 42 -28.15 -36.64 13.97
C GLU A 42 -28.33 -35.32 13.25
N ALA A 43 -27.27 -34.84 12.60
CA ALA A 43 -27.34 -33.58 11.89
C ALA A 43 -28.04 -33.78 10.55
N GLY A 44 -28.36 -35.03 10.22
CA GLY A 44 -29.05 -35.30 8.97
C GLY A 44 -28.19 -36.06 7.97
N PHE A 45 -26.87 -35.96 8.11
CA PHE A 45 -25.96 -36.65 7.21
C PHE A 45 -25.95 -38.14 7.57
N ASP A 46 -26.99 -38.85 7.14
CA ASP A 46 -27.13 -40.26 7.46
C ASP A 46 -26.82 -41.22 6.32
N ASP A 47 -26.42 -40.68 5.17
CA ASP A 47 -26.07 -41.52 4.03
C ASP A 47 -24.63 -42.00 4.22
N VAL A 48 -24.49 -42.96 5.13
CA VAL A 48 -23.19 -43.53 5.48
C VAL A 48 -22.91 -44.84 4.74
N VAL A 49 -21.75 -44.92 4.09
CA VAL A 49 -21.40 -46.13 3.36
C VAL A 49 -19.99 -46.62 3.72
N ALA A 50 -19.81 -47.93 3.67
CA ALA A 50 -18.51 -48.52 3.97
C ALA A 50 -17.63 -48.36 2.74
N PRO A 51 -16.32 -48.20 2.92
CA PRO A 51 -15.38 -48.04 1.80
C PRO A 51 -15.17 -49.35 1.04
N ALA A 52 -14.85 -49.24 -0.24
CA ALA A 52 -14.60 -50.42 -1.05
C ALA A 52 -13.16 -50.86 -0.85
N ARG A 53 -12.81 -51.99 -1.46
CA ARG A 53 -11.46 -52.54 -1.36
C ARG A 53 -10.55 -51.82 -2.33
N HIS A 54 -9.38 -51.42 -1.88
CA HIS A 54 -8.43 -50.72 -2.72
C HIS A 54 -7.03 -51.28 -2.53
N GLY A 55 -6.26 -51.29 -3.61
CA GLY A 55 -4.90 -51.79 -3.55
C GLY A 55 -3.99 -50.67 -3.05
N LEU A 56 -2.69 -50.88 -3.13
CA LEU A 56 -1.74 -49.87 -2.64
C LEU A 56 -1.18 -48.94 -3.71
N GLU A 57 -1.72 -49.01 -4.93
CA GLU A 57 -1.25 -48.16 -6.01
C GLU A 57 -1.27 -46.68 -5.70
N THR A 58 -2.41 -46.19 -5.20
CA THR A 58 -2.51 -44.77 -4.88
C THR A 58 -1.53 -44.35 -3.79
N VAL A 59 -1.54 -45.06 -2.67
CA VAL A 59 -0.65 -44.73 -1.55
C VAL A 59 0.83 -44.83 -1.91
N LEU A 60 1.17 -45.71 -2.84
CA LEU A 60 2.57 -45.86 -3.26
C LEU A 60 3.07 -44.64 -4.03
N LYS A 61 2.16 -43.71 -4.33
CA LYS A 61 2.55 -42.50 -5.05
C LYS A 61 2.86 -41.35 -4.11
N VAL A 62 2.51 -41.50 -2.84
CA VAL A 62 2.80 -40.44 -1.88
C VAL A 62 3.72 -40.91 -0.76
N HIS A 63 3.65 -42.20 -0.42
CA HIS A 63 4.51 -42.75 0.63
C HIS A 63 5.63 -43.59 0.06
N ASP A 64 6.74 -43.64 0.81
CA ASP A 64 7.91 -44.40 0.42
C ASP A 64 7.55 -45.88 0.54
N ALA A 65 8.01 -46.72 -0.40
CA ALA A 65 7.69 -48.15 -0.36
C ALA A 65 8.35 -48.85 0.82
N GLY A 66 9.56 -48.41 1.20
CA GLY A 66 10.25 -49.02 2.32
C GLY A 66 9.44 -48.81 3.59
N TYR A 67 8.95 -47.59 3.74
CA TYR A 67 8.15 -47.19 4.89
C TYR A 67 6.85 -48.01 4.96
N LEU A 68 6.15 -48.15 3.84
CA LEU A 68 4.91 -48.92 3.86
C LEU A 68 5.19 -50.38 4.16
N ASN A 69 6.27 -50.90 3.58
CA ASN A 69 6.67 -52.28 3.82
C ASN A 69 6.97 -52.43 5.31
N PHE A 70 7.58 -51.42 5.91
CA PHE A 70 7.91 -51.47 7.34
C PHE A 70 6.67 -51.49 8.23
N LEU A 71 5.66 -50.69 7.89
CA LEU A 71 4.44 -50.64 8.68
C LEU A 71 3.71 -51.97 8.70
N GLU A 72 3.64 -52.63 7.55
CA GLU A 72 2.94 -53.90 7.44
C GLU A 72 3.44 -55.01 8.37
N THR A 73 4.75 -55.11 8.57
CA THR A 73 5.30 -56.16 9.45
C THR A 73 5.87 -55.67 10.77
N ALA A 74 5.78 -54.37 11.02
CA ALA A 74 6.33 -53.80 12.25
C ALA A 74 5.96 -54.56 13.52
N TRP A 75 4.66 -54.72 13.77
CA TRP A 75 4.21 -55.42 14.97
C TRP A 75 4.72 -56.86 15.09
N ASP A 76 4.66 -57.62 14.01
CA ASP A 76 5.13 -59.00 14.07
C ASP A 76 6.60 -59.04 14.45
N ARG A 77 7.39 -58.21 13.80
CA ARG A 77 8.82 -58.18 14.09
C ARG A 77 9.08 -57.76 15.53
N TRP A 78 8.35 -56.76 16.00
CA TRP A 78 8.53 -56.28 17.38
C TRP A 78 8.24 -57.42 18.34
N LYS A 79 7.09 -58.05 18.15
CA LYS A 79 6.68 -59.15 19.00
C LYS A 79 7.70 -60.31 18.89
N ALA A 80 8.17 -60.60 17.68
CA ALA A 80 9.13 -61.68 17.46
C ALA A 80 10.46 -61.42 18.17
N ALA A 81 10.81 -60.15 18.32
CA ALA A 81 12.06 -59.77 18.97
C ALA A 81 11.96 -60.04 20.47
N GLY A 82 10.76 -60.36 20.94
CA GLY A 82 10.55 -60.66 22.34
C GLY A 82 10.22 -59.53 23.30
N TYR A 83 9.75 -58.40 22.80
CA TYR A 83 9.42 -57.28 23.68
C TYR A 83 8.02 -57.43 24.29
N LYS A 84 7.88 -56.98 25.52
CA LYS A 84 6.63 -57.08 26.28
C LYS A 84 5.58 -56.00 25.98
N GLY A 85 6.02 -54.77 25.79
CA GLY A 85 5.09 -53.68 25.51
C GLY A 85 4.79 -53.50 24.03
N GLU A 86 4.17 -52.37 23.68
CA GLU A 86 3.86 -52.11 22.28
C GLU A 86 5.09 -51.54 21.58
N ALA A 87 5.04 -51.46 20.26
CA ALA A 87 6.17 -50.95 19.49
C ALA A 87 6.32 -49.43 19.60
N ILE A 88 7.32 -49.01 20.36
CA ILE A 88 7.61 -47.59 20.56
C ILE A 88 9.08 -47.30 20.26
N ALA A 89 9.32 -46.34 19.38
CA ALA A 89 10.67 -45.96 18.99
C ALA A 89 11.35 -45.11 20.05
N THR A 90 12.65 -45.34 20.22
CA THR A 90 13.44 -44.59 21.19
C THR A 90 14.65 -43.90 20.54
N SER A 91 15.27 -44.53 19.53
CA SER A 91 16.41 -43.91 18.86
C SER A 91 15.96 -43.27 17.55
N PHE A 92 16.35 -42.02 17.34
CA PHE A 92 15.97 -41.32 16.13
C PHE A 92 17.16 -40.74 15.36
N PRO A 93 17.04 -40.70 14.02
CA PRO A 93 18.11 -40.15 13.18
C PRO A 93 17.99 -38.62 13.13
N VAL A 94 18.53 -37.97 14.14
CA VAL A 94 18.48 -36.51 14.24
C VAL A 94 19.66 -35.84 13.55
N ARG A 95 20.05 -34.66 14.04
CA ARG A 95 21.16 -33.90 13.45
C ARG A 95 22.47 -34.64 13.30
N ARG A 96 23.11 -34.41 12.16
CA ARG A 96 24.42 -34.97 11.87
C ARG A 96 24.51 -36.49 12.06
N THR A 97 23.50 -37.23 11.59
CA THR A 97 23.53 -38.67 11.68
C THR A 97 23.65 -39.25 10.29
N SER A 98 23.93 -40.54 10.24
CA SER A 98 24.07 -41.27 8.98
C SER A 98 22.70 -41.41 8.34
N PRO A 99 22.67 -41.52 7.00
CA PRO A 99 21.41 -41.66 6.25
C PRO A 99 21.11 -43.14 6.00
N ARG A 100 21.97 -44.03 6.46
CA ARG A 100 21.76 -45.46 6.26
C ARG A 100 20.53 -45.95 7.04
N ILE A 101 19.90 -47.00 6.55
CA ILE A 101 18.73 -47.56 7.20
C ILE A 101 19.14 -48.79 8.01
N PRO A 102 18.76 -48.86 9.30
CA PRO A 102 19.11 -50.03 10.10
C PRO A 102 18.44 -51.30 9.53
N THR A 103 18.95 -52.47 9.90
CA THR A 103 18.38 -53.72 9.41
C THR A 103 17.42 -54.38 10.39
N ASP A 104 17.60 -54.15 11.68
CA ASP A 104 16.77 -54.75 12.71
C ASP A 104 15.55 -53.89 13.09
N ILE A 105 14.57 -54.52 13.73
CA ILE A 105 13.36 -53.82 14.13
C ILE A 105 13.63 -52.66 15.07
N GLU A 106 14.58 -52.82 15.99
CA GLU A 106 14.92 -51.78 16.95
C GLU A 106 15.35 -50.50 16.24
N GLY A 107 16.19 -50.63 15.23
CA GLY A 107 16.67 -49.48 14.49
C GLY A 107 15.66 -48.92 13.52
N GLN A 108 14.95 -49.79 12.80
CA GLN A 108 14.00 -49.31 11.82
C GLN A 108 12.84 -48.52 12.40
N ILE A 109 12.31 -48.94 13.54
CA ILE A 109 11.17 -48.22 14.09
C ILE A 109 11.50 -46.74 14.34
N GLY A 110 12.72 -46.45 14.77
CA GLY A 110 13.11 -45.07 14.98
C GLY A 110 13.35 -44.37 13.65
N TYR A 111 13.96 -45.10 12.72
CA TYR A 111 14.23 -44.55 11.38
C TYR A 111 12.94 -44.08 10.74
N TYR A 112 11.86 -44.83 10.95
CA TYR A 112 10.58 -44.49 10.35
C TYR A 112 9.61 -43.75 11.26
N CYS A 113 10.11 -43.10 12.31
CA CYS A 113 9.25 -42.40 13.24
C CYS A 113 9.69 -40.94 13.50
N ASN A 114 8.74 -40.02 13.65
CA ASN A 114 9.06 -38.60 13.94
C ASN A 114 8.56 -38.17 15.31
N ALA A 115 7.74 -39.03 15.93
CA ALA A 115 7.17 -38.76 17.25
C ALA A 115 6.92 -40.07 18.02
N ALA A 116 7.70 -40.29 19.08
CA ALA A 116 7.64 -41.49 19.90
C ALA A 116 6.39 -41.74 20.76
N GLU A 117 5.54 -40.73 20.94
CA GLU A 117 4.36 -40.91 21.76
C GLU A 117 3.39 -41.87 21.05
N THR A 118 3.63 -42.10 19.76
CA THR A 118 2.80 -42.99 18.97
C THR A 118 3.32 -44.42 18.91
N ALA A 119 2.55 -45.35 19.47
CA ALA A 119 2.93 -46.76 19.49
C ALA A 119 2.24 -47.57 18.41
N ILE A 120 2.96 -48.55 17.86
CA ILE A 120 2.39 -49.44 16.86
C ILE A 120 1.89 -50.66 17.64
N SER A 121 0.66 -51.10 17.35
CA SER A 121 0.09 -52.24 18.05
C SER A 121 -0.63 -53.16 17.07
N PRO A 122 -1.12 -54.31 17.54
CA PRO A 122 -1.83 -55.23 16.64
C PRO A 122 -3.01 -54.55 16.00
N GLY A 123 -3.19 -54.74 14.70
CA GLY A 123 -4.30 -54.13 14.00
C GLY A 123 -4.03 -52.76 13.43
N THR A 124 -2.93 -52.12 13.82
CA THR A 124 -2.63 -50.80 13.30
C THR A 124 -2.55 -50.75 11.78
N TRP A 125 -1.84 -51.68 11.17
CA TRP A 125 -1.73 -51.72 9.71
C TRP A 125 -3.12 -51.84 9.05
N GLU A 126 -3.88 -52.85 9.46
CA GLU A 126 -5.22 -53.07 8.90
C GLU A 126 -6.13 -51.85 9.06
N ALA A 127 -6.08 -51.21 10.23
CA ALA A 127 -6.92 -50.05 10.48
C ALA A 127 -6.48 -48.90 9.58
N ALA A 128 -5.17 -48.65 9.52
CA ALA A 128 -4.66 -47.57 8.68
C ALA A 128 -5.12 -47.75 7.25
N LEU A 129 -5.11 -49.00 6.78
CA LEU A 129 -5.55 -49.29 5.41
C LEU A 129 -7.05 -49.02 5.20
N SER A 130 -7.87 -49.32 6.22
CA SER A 130 -9.31 -49.08 6.08
C SER A 130 -9.56 -47.58 6.06
N SER A 131 -8.79 -46.84 6.85
CA SER A 131 -8.95 -45.39 6.90
C SER A 131 -8.53 -44.80 5.55
N MET A 132 -7.52 -45.41 4.92
CA MET A 132 -7.04 -44.95 3.62
C MET A 132 -8.10 -45.21 2.57
N ALA A 133 -8.79 -46.35 2.71
CA ALA A 133 -9.85 -46.73 1.78
C ALA A 133 -11.00 -45.72 1.88
N SER A 134 -11.33 -45.31 3.10
CA SER A 134 -12.42 -44.34 3.29
C SER A 134 -12.10 -43.03 2.56
N ALA A 135 -10.82 -42.65 2.60
CA ALA A 135 -10.38 -41.43 1.94
C ALA A 135 -10.48 -41.58 0.41
N ILE A 136 -10.03 -42.73 -0.08
CA ILE A 136 -10.07 -43.00 -1.51
C ILE A 136 -11.49 -42.97 -2.06
N ASP A 137 -12.41 -43.60 -1.35
CA ASP A 137 -13.81 -43.62 -1.78
C ASP A 137 -14.37 -42.21 -1.75
N GLY A 138 -13.96 -41.43 -0.76
CA GLY A 138 -14.42 -40.06 -0.67
C GLY A 138 -13.98 -39.30 -1.91
N ALA A 139 -12.73 -39.48 -2.31
CA ALA A 139 -12.20 -38.80 -3.50
C ALA A 139 -12.93 -39.21 -4.77
N ASP A 140 -13.30 -40.49 -4.86
CA ASP A 140 -13.99 -40.98 -6.03
C ASP A 140 -15.36 -40.35 -6.21
N LEU A 141 -16.03 -40.07 -5.09
CA LEU A 141 -17.34 -39.44 -5.17
C LEU A 141 -17.12 -38.06 -5.76
N ILE A 142 -16.07 -37.37 -5.31
CA ILE A 142 -15.77 -36.03 -5.81
C ILE A 142 -15.47 -36.07 -7.30
N ALA A 143 -14.70 -37.07 -7.71
CA ALA A 143 -14.35 -37.23 -9.11
C ALA A 143 -15.62 -37.49 -9.91
N ALA A 144 -16.50 -38.32 -9.35
CA ALA A 144 -17.75 -38.67 -9.99
C ALA A 144 -18.65 -37.45 -10.20
N GLY A 145 -18.41 -36.39 -9.44
CA GLY A 145 -19.21 -35.18 -9.58
C GLY A 145 -19.82 -34.61 -8.32
N HIS A 146 -19.80 -35.35 -7.22
CA HIS A 146 -20.37 -34.83 -5.96
C HIS A 146 -19.70 -33.53 -5.55
N LYS A 147 -20.48 -32.62 -4.98
CA LYS A 147 -19.99 -31.31 -4.53
C LYS A 147 -19.21 -31.41 -3.21
N ALA A 148 -19.49 -32.44 -2.43
CA ALA A 148 -18.83 -32.62 -1.15
C ALA A 148 -19.05 -34.04 -0.63
N ALA A 149 -18.12 -34.50 0.21
CA ALA A 149 -18.22 -35.82 0.81
C ALA A 149 -17.44 -35.76 2.11
N PHE A 150 -17.79 -36.63 3.06
CA PHE A 150 -17.08 -36.65 4.34
C PHE A 150 -16.51 -38.04 4.59
N SER A 151 -15.19 -38.13 4.62
CA SER A 151 -14.50 -39.40 4.90
C SER A 151 -14.15 -39.36 6.37
N LEU A 152 -14.82 -40.20 7.15
CA LEU A 152 -14.57 -40.27 8.59
C LEU A 152 -13.37 -41.17 8.82
N CYS A 153 -12.19 -40.61 8.61
CA CYS A 153 -10.95 -41.33 8.76
C CYS A 153 -10.46 -41.51 10.19
N ARG A 154 -9.99 -42.72 10.48
CA ARG A 154 -9.43 -43.07 11.77
C ARG A 154 -8.72 -44.41 11.63
N PRO A 155 -7.43 -44.46 11.94
CA PRO A 155 -6.61 -43.35 12.44
C PRO A 155 -6.45 -42.18 11.45
N PRO A 156 -6.06 -41.00 11.95
CA PRO A 156 -5.86 -39.79 11.15
C PRO A 156 -4.52 -39.90 10.43
N GLY A 157 -4.14 -38.88 9.65
CA GLY A 157 -2.87 -39.02 8.96
C GLY A 157 -2.02 -37.82 8.62
N HIS A 158 -2.44 -36.60 8.93
CA HIS A 158 -1.60 -35.47 8.52
C HIS A 158 -0.21 -35.41 9.14
N HIS A 159 0.08 -36.26 10.13
CA HIS A 159 1.41 -36.26 10.73
C HIS A 159 2.29 -37.35 10.08
N ALA A 160 1.70 -38.18 9.22
CA ALA A 160 2.50 -39.21 8.56
C ALA A 160 3.14 -38.57 7.34
N GLY A 161 4.47 -38.56 7.32
CA GLY A 161 5.20 -37.96 6.22
C GLY A 161 5.53 -38.98 5.17
N ILE A 162 6.38 -38.62 4.21
CA ILE A 162 6.75 -39.54 3.16
C ILE A 162 7.19 -40.91 3.68
N ASP A 163 8.10 -40.91 4.65
CA ASP A 163 8.62 -42.15 5.22
C ASP A 163 8.70 -42.18 6.75
N MET A 164 7.64 -41.75 7.42
CA MET A 164 7.60 -41.75 8.87
C MET A 164 6.18 -41.59 9.42
N PHE A 165 5.94 -42.22 10.57
CA PHE A 165 4.65 -42.14 11.24
C PHE A 165 4.83 -41.34 12.52
N GLY A 166 3.73 -40.85 13.07
CA GLY A 166 3.80 -40.07 14.29
C GLY A 166 2.52 -39.32 14.51
N GLY A 167 2.33 -38.80 15.72
CA GLY A 167 1.11 -38.06 16.00
C GLY A 167 -0.15 -38.87 15.75
N TYR A 168 -0.06 -40.18 16.02
CA TYR A 168 -1.18 -41.11 15.85
C TYR A 168 -1.51 -41.38 14.37
N CYS A 169 -0.62 -40.95 13.48
CA CYS A 169 -0.78 -41.10 12.03
C CYS A 169 0.18 -42.09 11.40
N PHE A 170 -0.32 -42.93 10.49
CA PHE A 170 0.53 -43.91 9.83
C PHE A 170 0.47 -43.76 8.31
N ILE A 171 -0.73 -43.50 7.79
CA ILE A 171 -0.90 -43.29 6.36
C ILE A 171 -1.63 -41.97 6.20
N ASN A 172 -1.05 -41.06 5.42
CA ASN A 172 -1.62 -39.75 5.19
C ASN A 172 -2.85 -39.80 4.29
N ASN A 173 -4.02 -40.00 4.92
CA ASN A 173 -5.31 -40.10 4.25
C ASN A 173 -5.61 -38.94 3.31
N ALA A 174 -5.31 -37.73 3.78
CA ALA A 174 -5.54 -36.55 2.99
C ALA A 174 -4.64 -36.57 1.74
N ALA A 175 -3.40 -37.01 1.91
CA ALA A 175 -2.47 -37.08 0.79
C ALA A 175 -2.98 -38.07 -0.24
N VAL A 176 -3.36 -39.26 0.21
CA VAL A 176 -3.88 -40.31 -0.65
C VAL A 176 -5.12 -39.82 -1.39
N ALA A 177 -6.03 -39.14 -0.67
CA ALA A 177 -7.23 -38.61 -1.29
C ALA A 177 -6.86 -37.65 -2.41
N ALA A 178 -5.97 -36.71 -2.10
CA ALA A 178 -5.52 -35.73 -3.08
C ALA A 178 -4.92 -36.42 -4.30
N GLN A 179 -4.06 -37.41 -4.06
CA GLN A 179 -3.44 -38.13 -5.15
C GLN A 179 -4.50 -38.84 -6.00
N ARG A 180 -5.50 -39.43 -5.35
CA ARG A 180 -6.55 -40.10 -6.08
C ARG A 180 -7.27 -39.14 -7.05
N LEU A 181 -7.56 -37.92 -6.59
CA LEU A 181 -8.23 -36.93 -7.43
C LEU A 181 -7.42 -36.65 -8.69
N LEU A 182 -6.10 -36.57 -8.54
CA LEU A 182 -5.23 -36.35 -9.69
C LEU A 182 -5.29 -37.55 -10.63
N ASP A 183 -5.34 -38.75 -10.08
CA ASP A 183 -5.42 -39.96 -10.91
C ASP A 183 -6.75 -40.05 -11.65
N LYS A 184 -7.78 -39.43 -11.11
CA LYS A 184 -9.10 -39.46 -11.72
C LYS A 184 -9.26 -38.40 -12.81
N GLY A 185 -8.25 -37.54 -12.97
CA GLY A 185 -8.34 -36.53 -14.01
C GLY A 185 -7.91 -35.12 -13.63
N ALA A 186 -7.98 -34.76 -12.36
CA ALA A 186 -7.58 -33.43 -11.93
C ALA A 186 -6.10 -33.25 -12.21
N LYS A 187 -5.71 -32.00 -12.49
CA LYS A 187 -4.31 -31.66 -12.74
C LYS A 187 -3.75 -30.84 -11.57
N LYS A 188 -4.65 -30.20 -10.82
CA LYS A 188 -4.23 -29.37 -9.69
C LYS A 188 -5.19 -29.54 -8.51
N ILE A 189 -4.65 -29.90 -7.35
CA ILE A 189 -5.46 -30.10 -6.16
C ILE A 189 -4.83 -29.38 -4.98
N ALA A 190 -5.66 -28.95 -4.05
CA ALA A 190 -5.18 -28.26 -2.86
C ALA A 190 -5.65 -28.99 -1.62
N ILE A 191 -4.83 -28.93 -0.57
CA ILE A 191 -5.18 -29.54 0.70
C ILE A 191 -5.16 -28.41 1.71
N LEU A 192 -6.26 -28.28 2.44
CA LEU A 192 -6.40 -27.25 3.45
C LEU A 192 -6.51 -27.90 4.82
N ASP A 193 -5.49 -27.70 5.65
CA ASP A 193 -5.44 -28.30 6.98
C ASP A 193 -5.88 -27.32 8.06
N VAL A 194 -7.09 -27.51 8.59
CA VAL A 194 -7.63 -26.63 9.63
C VAL A 194 -7.51 -27.18 11.05
N ASP A 195 -6.90 -28.35 11.14
CA ASP A 195 -6.66 -29.02 12.42
C ASP A 195 -5.75 -28.08 13.21
N PHE A 196 -5.87 -28.05 14.54
CA PHE A 196 -5.04 -27.17 15.35
C PHE A 196 -3.55 -27.34 15.09
N HIS A 197 -3.12 -28.58 14.84
CA HIS A 197 -1.72 -28.86 14.59
C HIS A 197 -1.33 -28.75 13.14
N HIS A 198 -0.06 -28.50 12.92
CA HIS A 198 0.47 -28.38 11.57
C HIS A 198 0.49 -29.75 10.93
N GLY A 199 0.10 -29.85 9.66
CA GLY A 199 0.11 -31.13 9.00
C GLY A 199 1.49 -31.34 8.41
N ASN A 200 2.48 -31.51 9.28
CA ASN A 200 3.85 -31.67 8.83
C ASN A 200 4.04 -32.85 7.88
N GLY A 201 3.26 -33.91 8.08
CA GLY A 201 3.40 -35.07 7.19
C GLY A 201 2.86 -34.77 5.79
N THR A 202 1.79 -33.97 5.72
CA THR A 202 1.21 -33.60 4.43
C THR A 202 2.13 -32.64 3.70
N GLN A 203 2.74 -31.73 4.44
CA GLN A 203 3.65 -30.76 3.85
C GLN A 203 4.85 -31.48 3.29
N ASP A 204 5.43 -32.37 4.09
CA ASP A 204 6.60 -33.15 3.68
C ASP A 204 6.31 -33.87 2.35
N ILE A 205 5.16 -34.51 2.27
CA ILE A 205 4.78 -35.25 1.06
C ILE A 205 4.73 -34.41 -0.22
N PHE A 206 4.12 -33.23 -0.16
CA PHE A 206 3.97 -32.38 -1.33
C PHE A 206 4.91 -31.16 -1.41
N TYR A 207 5.90 -31.09 -0.53
CA TYR A 207 6.82 -29.93 -0.53
C TYR A 207 7.50 -29.66 -1.88
N GLU A 208 7.78 -30.73 -2.63
CA GLU A 208 8.43 -30.58 -3.94
C GLU A 208 7.53 -31.00 -5.10
N ARG A 209 6.23 -31.07 -4.83
CA ARG A 209 5.24 -31.43 -5.85
C ARG A 209 4.57 -30.12 -6.28
N GLY A 210 4.67 -29.78 -7.56
CA GLY A 210 4.09 -28.54 -8.04
C GLY A 210 2.62 -28.65 -8.44
N ASP A 211 2.10 -29.86 -8.44
CA ASP A 211 0.70 -30.12 -8.83
C ASP A 211 -0.27 -30.13 -7.64
N VAL A 212 0.25 -29.96 -6.43
CA VAL A 212 -0.58 -29.93 -5.24
C VAL A 212 -0.19 -28.74 -4.36
N PHE A 213 -1.19 -28.02 -3.86
CA PHE A 213 -0.92 -26.86 -3.01
C PHE A 213 -1.30 -27.26 -1.58
N PHE A 214 -0.52 -26.82 -0.62
CA PHE A 214 -0.79 -27.15 0.78
C PHE A 214 -0.82 -25.92 1.67
N ALA A 215 -1.96 -25.69 2.32
CA ALA A 215 -2.13 -24.56 3.22
C ALA A 215 -2.50 -25.10 4.58
N SER A 216 -1.95 -24.53 5.65
CA SER A 216 -2.26 -25.00 6.99
C SER A 216 -2.36 -23.88 8.02
N LEU A 217 -3.39 -23.94 8.86
CA LEU A 217 -3.58 -22.97 9.93
C LEU A 217 -3.31 -23.81 11.18
N HIS A 218 -2.43 -23.34 12.06
CA HIS A 218 -2.11 -24.13 13.24
C HIS A 218 -1.42 -23.32 14.34
N GLY A 219 -1.25 -23.96 15.49
CA GLY A 219 -0.56 -23.29 16.58
C GLY A 219 0.89 -23.19 16.19
N ASP A 220 1.53 -22.07 16.56
CA ASP A 220 2.93 -21.84 16.25
C ASP A 220 3.78 -23.03 16.72
N PRO A 221 4.54 -23.66 15.80
CA PRO A 221 5.38 -24.81 16.14
C PRO A 221 6.41 -24.49 17.22
N ALA A 222 6.74 -23.22 17.38
CA ALA A 222 7.70 -22.83 18.40
C ALA A 222 7.19 -23.28 19.75
N GLU A 223 5.88 -23.40 19.89
CA GLU A 223 5.32 -23.83 21.16
C GLU A 223 4.18 -24.82 21.02
N ALA A 224 4.24 -25.65 19.99
CA ALA A 224 3.19 -26.65 19.78
C ALA A 224 3.64 -27.80 18.88
N PHE A 225 3.13 -28.99 19.18
CA PHE A 225 3.42 -30.19 18.40
C PHE A 225 3.01 -29.80 16.98
N PRO A 226 3.73 -30.28 15.95
CA PRO A 226 4.90 -31.17 15.95
C PRO A 226 6.26 -30.51 16.26
N HIS A 227 6.25 -29.23 16.62
CA HIS A 227 7.45 -28.48 17.00
C HIS A 227 8.51 -28.21 15.94
N PHE A 228 8.68 -29.09 14.97
CA PHE A 228 9.75 -28.90 14.00
C PHE A 228 9.38 -28.63 12.54
N LEU A 229 8.20 -28.08 12.31
CA LEU A 229 7.76 -27.76 10.97
C LEU A 229 6.48 -26.96 11.11
N GLY A 230 6.20 -26.10 10.12
CA GLY A 230 4.99 -25.31 10.17
C GLY A 230 5.25 -23.81 10.20
N TYR A 231 6.52 -23.41 10.14
CA TYR A 231 6.89 -22.00 10.15
C TYR A 231 6.50 -21.33 8.82
N ALA A 232 6.11 -20.06 8.90
CA ALA A 232 5.70 -19.30 7.71
C ALA A 232 6.73 -19.27 6.59
N GLU A 233 8.01 -19.31 6.93
CA GLU A 233 9.09 -19.26 5.94
C GLU A 233 9.10 -20.45 4.97
N GLU A 234 8.47 -21.56 5.35
CA GLU A 234 8.43 -22.77 4.52
C GLU A 234 7.38 -22.67 3.41
N THR A 235 7.80 -22.23 2.22
CA THR A 235 6.87 -22.06 1.11
C THR A 235 7.00 -23.09 -0.02
N GLY A 236 7.91 -24.05 0.15
CA GLY A 236 8.09 -25.06 -0.87
C GLY A 236 9.52 -25.15 -1.35
N LYS A 237 9.81 -26.17 -2.15
CA LYS A 237 11.17 -26.37 -2.66
C LYS A 237 11.23 -27.03 -4.04
N GLY A 238 12.20 -26.60 -4.83
CA GLY A 238 12.38 -27.18 -6.16
C GLY A 238 11.13 -27.11 -7.02
N ALA A 239 10.72 -28.27 -7.55
CA ALA A 239 9.54 -28.33 -8.42
C ALA A 239 8.27 -27.93 -7.69
N GLY A 240 8.33 -27.86 -6.36
CA GLY A 240 7.16 -27.50 -5.60
C GLY A 240 7.28 -26.13 -4.94
N ALA A 241 8.27 -25.35 -5.36
CA ALA A 241 8.46 -24.03 -4.79
C ALA A 241 7.18 -23.21 -4.90
N GLY A 242 6.84 -22.52 -3.82
CA GLY A 242 5.64 -21.70 -3.81
C GLY A 242 4.32 -22.44 -3.59
N THR A 243 4.34 -23.75 -3.34
CA THR A 243 3.08 -24.45 -3.12
C THR A 243 2.78 -24.81 -1.66
N THR A 244 3.42 -24.13 -0.72
CA THR A 244 3.15 -24.38 0.70
C THR A 244 2.92 -23.04 1.39
N ALA A 245 1.84 -22.96 2.16
CA ALA A 245 1.51 -21.72 2.88
C ALA A 245 1.14 -22.05 4.32
N ASN A 246 2.03 -21.71 5.24
CA ASN A 246 1.77 -21.97 6.64
C ASN A 246 1.29 -20.71 7.37
N TYR A 247 0.35 -20.90 8.28
CA TYR A 247 -0.18 -19.81 9.07
C TYR A 247 -0.13 -20.12 10.56
N PRO A 248 1.08 -20.09 11.14
CA PRO A 248 1.23 -20.37 12.57
C PRO A 248 0.58 -19.26 13.39
N MET A 249 -0.12 -19.61 14.47
CA MET A 249 -0.76 -18.59 15.30
C MET A 249 -0.55 -18.88 16.79
N GLY A 250 -0.54 -17.83 17.61
CA GLY A 250 -0.29 -17.97 19.04
C GLY A 250 -1.44 -18.34 19.94
N ARG A 251 -1.18 -18.31 21.25
CA ARG A 251 -2.18 -18.68 22.25
C ARG A 251 -3.33 -17.69 22.34
N GLY A 252 -4.53 -18.23 22.55
CA GLY A 252 -5.71 -17.40 22.67
C GLY A 252 -6.27 -16.93 21.34
N THR A 253 -5.66 -17.35 20.23
CA THR A 253 -6.12 -16.91 18.93
C THR A 253 -7.62 -17.13 18.73
N PRO A 254 -8.37 -16.02 18.62
CA PRO A 254 -9.83 -16.05 18.42
C PRO A 254 -10.16 -16.28 16.96
N TYR A 255 -11.43 -16.55 16.68
CA TYR A 255 -11.83 -16.78 15.30
C TYR A 255 -11.61 -15.53 14.47
N SER A 256 -11.62 -14.37 15.11
CA SER A 256 -11.41 -13.12 14.39
C SER A 256 -10.07 -13.11 13.68
N VAL A 257 -9.05 -13.71 14.29
CA VAL A 257 -7.72 -13.75 13.67
C VAL A 257 -7.56 -14.98 12.80
N TRP A 258 -8.08 -16.10 13.31
CA TRP A 258 -8.01 -17.37 12.62
C TRP A 258 -8.74 -17.27 11.28
N GLY A 259 -9.80 -16.45 11.23
CA GLY A 259 -10.56 -16.26 10.02
C GLY A 259 -9.81 -15.53 8.92
N GLU A 260 -8.93 -14.61 9.30
CA GLU A 260 -8.15 -13.89 8.31
C GLU A 260 -7.24 -14.89 7.61
N ALA A 261 -6.60 -15.74 8.41
CA ALA A 261 -5.71 -16.77 7.88
C ALA A 261 -6.49 -17.66 6.91
N LEU A 262 -7.66 -18.10 7.33
CA LEU A 262 -8.49 -18.94 6.48
C LEU A 262 -8.77 -18.25 5.15
N THR A 263 -9.14 -16.98 5.19
CA THR A 263 -9.43 -16.21 3.99
C THR A 263 -8.20 -16.08 3.09
N ASP A 264 -7.06 -15.75 3.68
CA ASP A 264 -5.85 -15.63 2.89
C ASP A 264 -5.47 -16.95 2.24
N SER A 265 -5.60 -18.05 2.98
CA SER A 265 -5.26 -19.35 2.42
C SER A 265 -6.16 -19.71 1.24
N LEU A 266 -7.45 -19.41 1.35
CA LEU A 266 -8.37 -19.71 0.25
C LEU A 266 -8.04 -18.87 -0.98
N LYS A 267 -7.54 -17.66 -0.74
CA LYS A 267 -7.15 -16.76 -1.81
C LYS A 267 -5.94 -17.36 -2.55
N ARG A 268 -4.99 -17.90 -1.79
CA ARG A 268 -3.81 -18.50 -2.41
C ARG A 268 -4.20 -19.79 -3.12
N ILE A 269 -5.18 -20.50 -2.58
CA ILE A 269 -5.61 -21.73 -3.21
C ILE A 269 -6.26 -21.41 -4.54
N ALA A 270 -7.03 -20.32 -4.60
CA ALA A 270 -7.69 -19.90 -5.83
C ALA A 270 -6.66 -19.47 -6.88
N ALA A 271 -5.66 -18.68 -6.46
CA ALA A 271 -4.63 -18.20 -7.36
C ALA A 271 -3.83 -19.39 -7.93
N PHE A 272 -3.78 -20.47 -7.16
CA PHE A 272 -3.07 -21.67 -7.57
C PHE A 272 -3.87 -22.39 -8.66
N GLY A 273 -5.19 -22.30 -8.59
CA GLY A 273 -6.03 -22.94 -9.59
C GLY A 273 -6.47 -24.35 -9.22
N ALA A 274 -6.75 -24.57 -7.95
CA ALA A 274 -7.18 -25.90 -7.52
C ALA A 274 -8.53 -26.25 -8.12
N GLU A 275 -8.69 -27.50 -8.54
CA GLU A 275 -9.93 -27.98 -9.11
C GLU A 275 -10.79 -28.55 -7.99
N ALA A 276 -10.15 -28.88 -6.88
CA ALA A 276 -10.84 -29.41 -5.73
C ALA A 276 -10.00 -29.15 -4.49
N ILE A 277 -10.63 -29.25 -3.33
CA ILE A 277 -9.90 -29.03 -2.10
C ILE A 277 -10.16 -30.14 -1.11
N VAL A 278 -9.09 -30.73 -0.62
CA VAL A 278 -9.19 -31.77 0.39
C VAL A 278 -9.00 -31.02 1.70
N VAL A 279 -9.99 -31.10 2.58
CA VAL A 279 -9.91 -30.41 3.86
C VAL A 279 -9.53 -31.39 4.97
N SER A 280 -8.36 -31.19 5.58
CA SER A 280 -7.93 -32.03 6.69
C SER A 280 -8.63 -31.37 7.88
N LEU A 281 -9.76 -31.95 8.28
CA LEU A 281 -10.56 -31.42 9.37
C LEU A 281 -10.21 -31.97 10.74
N GLY A 282 -9.78 -31.06 11.60
CA GLY A 282 -9.47 -31.40 12.97
C GLY A 282 -10.28 -30.41 13.76
N VAL A 283 -10.93 -30.83 14.85
CA VAL A 283 -11.73 -29.90 15.63
C VAL A 283 -11.04 -29.60 16.96
N ASP A 284 -9.74 -29.88 17.03
CA ASP A 284 -9.02 -29.60 18.24
C ASP A 284 -8.76 -28.10 18.43
N THR A 285 -9.27 -27.28 17.53
CA THR A 285 -9.13 -25.83 17.67
C THR A 285 -10.19 -25.29 18.63
N PHE A 286 -11.10 -26.16 19.05
CA PHE A 286 -12.19 -25.79 19.96
C PHE A 286 -11.67 -25.28 21.31
N GLU A 287 -12.24 -24.18 21.78
CA GLU A 287 -11.83 -23.57 23.04
C GLU A 287 -11.84 -24.54 24.22
N GLN A 288 -12.74 -25.53 24.22
CA GLN A 288 -12.81 -26.48 25.33
C GLN A 288 -11.90 -27.70 25.14
N ASP A 289 -11.19 -27.76 24.01
CA ASP A 289 -10.29 -28.88 23.76
C ASP A 289 -9.02 -28.59 24.54
N PRO A 290 -8.64 -29.47 25.47
CA PRO A 290 -7.46 -29.33 26.32
C PRO A 290 -6.09 -29.41 25.64
N ILE A 291 -6.02 -29.99 24.45
CA ILE A 291 -4.75 -30.13 23.76
C ILE A 291 -4.37 -28.94 22.88
N SER A 292 -5.19 -27.89 22.87
CA SER A 292 -4.88 -26.73 22.07
C SER A 292 -5.04 -25.42 22.82
N PHE A 293 -4.53 -24.34 22.25
CA PHE A 293 -4.64 -23.05 22.90
C PHE A 293 -5.34 -22.00 22.03
N PHE A 294 -6.15 -22.46 21.08
CA PHE A 294 -6.92 -21.56 20.22
C PHE A 294 -8.28 -21.41 20.88
N LYS A 295 -9.00 -20.34 20.55
CA LYS A 295 -10.31 -20.11 21.15
C LYS A 295 -11.49 -20.08 20.19
N LEU A 296 -11.73 -21.19 19.50
CA LEU A 296 -12.85 -21.27 18.57
C LEU A 296 -14.08 -21.85 19.27
N THR A 297 -15.26 -21.32 18.95
CA THR A 297 -16.52 -21.79 19.56
C THR A 297 -17.25 -22.69 18.57
N SER A 298 -18.28 -23.39 19.04
CA SER A 298 -19.04 -24.29 18.17
C SER A 298 -19.60 -23.65 16.90
N PRO A 299 -20.19 -22.45 17.00
CA PRO A 299 -20.75 -21.77 15.82
C PRO A 299 -19.70 -21.45 14.76
N ASP A 300 -18.48 -21.18 15.19
CA ASP A 300 -17.42 -20.84 14.24
C ASP A 300 -17.18 -21.97 13.24
N TYR A 301 -17.53 -23.20 13.63
CA TYR A 301 -17.33 -24.34 12.75
C TYR A 301 -18.31 -24.32 11.57
N ILE A 302 -19.45 -23.67 11.76
CA ILE A 302 -20.42 -23.56 10.69
C ILE A 302 -19.87 -22.53 9.71
N THR A 303 -19.29 -21.46 10.26
CA THR A 303 -18.69 -20.40 9.45
C THR A 303 -17.54 -20.94 8.61
N MET A 304 -16.75 -21.82 9.22
CA MET A 304 -15.60 -22.44 8.58
C MET A 304 -16.05 -23.21 7.33
N GLY A 305 -17.05 -24.07 7.51
CA GLY A 305 -17.57 -24.86 6.42
C GLY A 305 -18.06 -24.03 5.26
N ARG A 306 -18.83 -22.98 5.58
CA ARG A 306 -19.38 -22.07 4.57
C ARG A 306 -18.27 -21.34 3.81
N THR A 307 -17.30 -20.82 4.55
CA THR A 307 -16.20 -20.08 3.93
C THR A 307 -15.42 -20.93 2.93
N ILE A 308 -15.12 -22.16 3.33
CA ILE A 308 -14.37 -23.07 2.47
C ILE A 308 -15.22 -23.47 1.26
N ALA A 309 -16.49 -23.77 1.49
CA ALA A 309 -17.39 -24.17 0.42
C ALA A 309 -17.58 -23.05 -0.60
N ALA A 310 -17.45 -21.81 -0.12
CA ALA A 310 -17.61 -20.66 -0.99
C ALA A 310 -16.46 -20.53 -1.98
N SER A 311 -15.51 -21.45 -1.94
CA SER A 311 -14.40 -21.42 -2.88
C SER A 311 -14.94 -21.73 -4.27
N GLY A 312 -16.09 -22.41 -4.31
CA GLY A 312 -16.69 -22.74 -5.57
C GLY A 312 -16.21 -24.04 -6.20
N VAL A 313 -15.35 -24.78 -5.50
CA VAL A 313 -14.84 -26.05 -6.02
C VAL A 313 -15.29 -27.18 -5.09
N PRO A 314 -15.32 -28.41 -5.61
CA PRO A 314 -15.72 -29.57 -4.78
C PRO A 314 -14.82 -29.72 -3.56
N LEU A 315 -15.41 -30.18 -2.46
CA LEU A 315 -14.67 -30.39 -1.22
C LEU A 315 -14.77 -31.80 -0.69
N LEU A 316 -13.65 -32.32 -0.21
CA LEU A 316 -13.63 -33.64 0.41
C LEU A 316 -13.10 -33.36 1.82
N VAL A 317 -13.93 -33.61 2.82
CA VAL A 317 -13.51 -33.39 4.19
C VAL A 317 -12.97 -34.72 4.72
N VAL A 318 -11.77 -34.66 5.29
CA VAL A 318 -11.11 -35.83 5.84
C VAL A 318 -10.88 -35.63 7.34
N MET A 319 -11.39 -36.54 8.15
CA MET A 319 -11.26 -36.41 9.58
C MET A 319 -9.81 -36.50 10.04
N GLU A 320 -9.40 -35.57 10.90
CA GLU A 320 -8.05 -35.57 11.44
C GLU A 320 -8.11 -35.65 12.97
N GLY A 321 -7.62 -34.60 13.63
CA GLY A 321 -7.58 -34.61 15.09
C GLY A 321 -8.79 -34.08 15.83
N GLY A 322 -8.64 -34.00 17.16
CA GLY A 322 -9.72 -33.53 18.00
C GLY A 322 -9.80 -34.44 19.21
N TYR A 323 -9.57 -33.86 20.38
CA TYR A 323 -9.62 -34.58 21.63
C TYR A 323 -11.04 -35.11 21.84
N GLY A 324 -11.15 -36.19 22.59
CA GLY A 324 -12.45 -36.78 22.84
C GLY A 324 -13.31 -36.00 23.84
N VAL A 325 -13.75 -34.82 23.44
CA VAL A 325 -14.60 -34.00 24.29
C VAL A 325 -16.05 -34.27 23.88
N PRO A 326 -16.99 -34.10 24.83
CA PRO A 326 -18.41 -34.34 24.55
C PRO A 326 -18.94 -33.64 23.29
N GLU A 327 -18.33 -32.52 22.91
CA GLU A 327 -18.78 -31.79 21.74
C GLU A 327 -18.02 -32.08 20.45
N ILE A 328 -17.14 -33.07 20.46
CA ILE A 328 -16.36 -33.37 19.27
C ILE A 328 -17.26 -33.56 18.03
N GLY A 329 -18.22 -34.47 18.12
CA GLY A 329 -19.12 -34.72 17.01
C GLY A 329 -19.92 -33.48 16.60
N LEU A 330 -20.39 -32.73 17.59
CA LEU A 330 -21.17 -31.53 17.34
C LEU A 330 -20.39 -30.57 16.44
N ASN A 331 -19.12 -30.35 16.78
CA ASN A 331 -18.29 -29.44 16.02
C ASN A 331 -18.01 -29.93 14.61
N VAL A 332 -17.78 -31.23 14.45
CA VAL A 332 -17.53 -31.80 13.14
C VAL A 332 -18.80 -31.61 12.29
N ALA A 333 -19.94 -31.94 12.87
CA ALA A 333 -21.22 -31.80 12.18
C ALA A 333 -21.47 -30.34 11.78
N ASN A 334 -21.04 -29.42 12.64
CA ASN A 334 -21.21 -28.00 12.34
C ASN A 334 -20.45 -27.61 11.08
N VAL A 335 -19.31 -28.25 10.84
CA VAL A 335 -18.51 -27.95 9.66
C VAL A 335 -19.23 -28.47 8.41
N LEU A 336 -19.81 -29.66 8.51
CA LEU A 336 -20.52 -30.24 7.38
C LEU A 336 -21.77 -29.43 7.07
N LYS A 337 -22.45 -28.92 8.10
CA LYS A 337 -23.63 -28.09 7.89
C LYS A 337 -23.25 -26.84 7.13
N GLY A 338 -22.10 -26.26 7.48
CA GLY A 338 -21.64 -25.05 6.82
C GLY A 338 -21.36 -25.31 5.36
N VAL A 339 -20.81 -26.48 5.07
CA VAL A 339 -20.49 -26.88 3.71
C VAL A 339 -21.77 -27.11 2.92
N ALA A 340 -22.72 -27.83 3.51
CA ALA A 340 -23.99 -28.11 2.85
C ALA A 340 -24.72 -26.81 2.48
N GLY A 341 -24.52 -25.76 3.29
CA GLY A 341 -25.13 -24.48 3.02
C GLY A 341 -26.61 -24.38 3.41
N MET B 1 22.61 32.45 15.17
CA MET B 1 21.58 33.32 14.53
C MET B 1 21.38 34.55 15.39
N ARG B 2 20.70 35.54 14.83
CA ARG B 2 20.44 36.78 15.54
C ARG B 2 19.12 36.70 16.32
N VAL B 3 19.09 37.34 17.48
CA VAL B 3 17.92 37.35 18.33
C VAL B 3 17.27 38.72 18.34
N ILE B 4 16.01 38.80 17.91
CA ILE B 4 15.29 40.06 17.90
C ILE B 4 14.40 40.12 19.13
N PHE B 5 14.54 41.18 19.91
CA PHE B 5 13.79 41.32 21.14
C PHE B 5 13.51 42.77 21.54
N SER B 6 12.28 43.01 21.99
CA SER B 6 11.88 44.34 22.41
C SER B 6 11.60 44.43 23.90
N GLU B 7 12.04 45.52 24.51
CA GLU B 7 11.84 45.75 25.93
C GLU B 7 10.40 46.20 26.22
N ASP B 8 9.71 46.69 25.19
CA ASP B 8 8.35 47.16 25.37
C ASP B 8 7.32 46.05 25.61
N HIS B 9 7.77 44.80 25.63
CA HIS B 9 6.88 43.69 25.86
C HIS B 9 6.25 43.86 27.24
N LYS B 10 7.00 44.47 28.15
CA LYS B 10 6.56 44.70 29.52
C LYS B 10 5.36 45.64 29.61
N LEU B 11 5.13 46.46 28.58
CA LEU B 11 4.00 47.38 28.58
C LEU B 11 2.73 46.56 28.80
N ARG B 12 2.81 45.28 28.45
CA ARG B 12 1.71 44.33 28.62
C ARG B 12 1.99 43.58 29.92
N ASN B 13 1.28 43.97 30.97
CA ASN B 13 1.45 43.33 32.25
C ASN B 13 0.11 43.32 32.97
N ALA B 14 -0.84 42.59 32.39
CA ALA B 14 -2.19 42.46 32.90
C ALA B 14 -2.16 41.82 34.29
N LYS B 15 -3.18 42.10 35.09
CA LYS B 15 -3.23 41.55 36.43
C LYS B 15 -4.26 40.45 36.61
N THR B 16 -5.20 40.35 35.67
CA THR B 16 -6.22 39.33 35.78
C THR B 16 -6.39 38.49 34.53
N GLU B 17 -6.73 37.22 34.77
CA GLU B 17 -6.98 36.25 33.73
C GLU B 17 -8.05 35.34 34.31
N LEU B 18 -9.04 34.98 33.49
CA LEU B 18 -10.10 34.10 33.96
C LEU B 18 -9.65 32.64 33.83
N TYR B 19 -9.57 31.95 34.96
CA TYR B 19 -9.16 30.53 35.00
C TYR B 19 -9.90 29.83 36.14
N GLY B 20 -10.66 28.79 35.80
CA GLY B 20 -11.40 28.05 36.81
C GLY B 20 -12.47 28.87 37.49
N GLY B 21 -13.07 29.80 36.76
CA GLY B 21 -14.12 30.62 37.34
C GLY B 21 -13.59 31.69 38.28
N GLU B 22 -12.29 31.95 38.22
CA GLU B 22 -11.69 32.96 39.07
C GLU B 22 -10.76 33.87 38.27
N LEU B 23 -10.51 35.05 38.81
CA LEU B 23 -9.61 36.00 38.17
C LEU B 23 -8.26 35.86 38.88
N VAL B 24 -7.30 35.22 38.22
CA VAL B 24 -5.98 35.01 38.80
C VAL B 24 -4.89 35.73 38.00
N PRO B 25 -3.66 35.80 38.56
CA PRO B 25 -2.56 36.47 37.86
C PRO B 25 -2.28 35.75 36.56
N PRO B 26 -2.20 36.50 35.45
CA PRO B 26 -1.93 35.92 34.14
C PRO B 26 -0.73 34.98 34.11
N PHE B 27 -0.87 33.88 33.36
CA PHE B 27 0.21 32.91 33.22
C PHE B 27 1.21 33.42 32.20
N GLU B 28 0.74 34.27 31.30
CA GLU B 28 1.59 34.86 30.26
C GLU B 28 2.11 36.17 30.83
N ALA B 29 3.10 36.06 31.72
CA ALA B 29 3.69 37.21 32.38
C ALA B 29 5.04 37.64 31.82
N PRO B 30 5.45 38.90 32.07
CA PRO B 30 6.71 39.45 31.58
C PRO B 30 7.96 38.61 31.85
N PHE B 31 8.01 37.91 32.98
CA PHE B 31 9.17 37.10 33.31
C PHE B 31 9.44 36.01 32.28
N ARG B 32 8.44 35.66 31.48
CA ARG B 32 8.62 34.64 30.45
C ARG B 32 9.72 35.08 29.48
N ALA B 33 9.63 36.31 29.01
CA ALA B 33 10.61 36.86 28.06
C ALA B 33 12.01 36.86 28.66
N GLU B 34 12.10 37.35 29.89
CA GLU B 34 13.37 37.43 30.60
C GLU B 34 14.03 36.06 30.70
N TRP B 35 13.29 35.08 31.20
CA TRP B 35 13.82 33.74 31.34
C TRP B 35 14.31 33.19 30.00
N ILE B 36 13.54 33.45 28.94
CA ILE B 36 13.91 32.97 27.62
C ILE B 36 15.16 33.71 27.10
N LEU B 37 15.19 35.03 27.22
CA LEU B 37 16.32 35.81 26.74
C LEU B 37 17.61 35.41 27.47
N ALA B 38 17.54 35.29 28.78
CA ALA B 38 18.71 34.92 29.57
C ALA B 38 19.22 33.56 29.13
N ALA B 39 18.31 32.61 28.99
CA ALA B 39 18.66 31.25 28.58
C ALA B 39 19.29 31.16 27.19
N VAL B 40 18.70 31.83 26.21
CA VAL B 40 19.24 31.76 24.85
C VAL B 40 20.61 32.43 24.75
N LYS B 41 20.81 33.49 25.55
CA LYS B 41 22.10 34.17 25.59
C LYS B 41 23.17 33.25 26.13
N GLU B 42 22.81 32.51 27.18
CA GLU B 42 23.74 31.59 27.81
C GLU B 42 24.12 30.45 26.88
N ALA B 43 23.29 30.24 25.85
CA ALA B 43 23.53 29.17 24.90
C ALA B 43 24.46 29.67 23.79
N GLY B 44 24.87 30.93 23.89
CA GLY B 44 25.76 31.49 22.90
C GLY B 44 25.10 32.47 21.93
N PHE B 45 23.78 32.60 22.05
CA PHE B 45 23.01 33.51 21.20
C PHE B 45 22.94 34.88 21.85
N ASP B 46 24.10 35.48 22.04
CA ASP B 46 24.19 36.80 22.68
C ASP B 46 23.99 37.97 21.71
N ASP B 47 23.85 37.66 20.42
CA ASP B 47 23.66 38.72 19.42
C ASP B 47 22.20 39.17 19.41
N VAL B 48 21.83 39.92 20.44
CA VAL B 48 20.48 40.40 20.63
C VAL B 48 20.28 41.87 20.22
N VAL B 49 19.32 42.12 19.35
CA VAL B 49 19.06 43.49 18.91
C VAL B 49 17.59 43.85 19.03
N ALA B 50 17.31 45.15 19.16
CA ALA B 50 15.95 45.63 19.29
C ALA B 50 15.40 45.98 17.91
N PRO B 51 14.10 45.77 17.69
CA PRO B 51 13.43 46.07 16.42
C PRO B 51 13.26 47.56 16.15
N ALA B 52 13.32 47.92 14.87
CA ALA B 52 13.16 49.31 14.45
C ALA B 52 11.67 49.63 14.44
N ARG B 53 11.33 50.87 14.07
CA ARG B 53 9.94 51.29 14.01
C ARG B 53 9.31 50.83 12.70
N HIS B 54 8.04 50.41 12.78
CA HIS B 54 7.30 49.94 11.61
C HIS B 54 5.88 50.47 11.64
N GLY B 55 5.31 50.66 10.45
CA GLY B 55 3.94 51.14 10.35
C GLY B 55 2.98 49.97 10.38
N LEU B 56 1.72 50.22 10.04
CA LEU B 56 0.69 49.17 10.05
C LEU B 56 0.44 48.55 8.69
N GLU B 57 1.21 48.95 7.69
CA GLU B 57 1.03 48.42 6.34
C GLU B 57 1.11 46.89 6.24
N THR B 58 2.08 46.28 6.90
CA THR B 58 2.22 44.84 6.83
C THR B 58 1.08 44.13 7.55
N VAL B 59 0.78 44.57 8.77
CA VAL B 59 -0.27 43.94 9.56
C VAL B 59 -1.66 44.13 8.94
N LEU B 60 -1.86 45.23 8.23
CA LEU B 60 -3.14 45.49 7.58
C LEU B 60 -3.43 44.51 6.45
N LYS B 61 -2.42 43.73 6.07
CA LYS B 61 -2.60 42.75 5.01
C LYS B 61 -3.09 41.40 5.53
N VAL B 62 -2.98 41.21 6.85
CA VAL B 62 -3.41 39.96 7.48
C VAL B 62 -4.56 40.14 8.48
N HIS B 63 -4.62 41.29 9.16
CA HIS B 63 -5.68 41.57 10.12
C HIS B 63 -6.70 42.56 9.58
N ASP B 64 -7.94 42.45 10.05
CA ASP B 64 -9.04 43.32 9.66
C ASP B 64 -8.78 44.72 10.20
N ALA B 65 -9.03 45.74 9.39
CA ALA B 65 -8.81 47.13 9.80
C ALA B 65 -9.69 47.56 10.98
N GLY B 66 -10.95 47.11 10.99
CA GLY B 66 -11.86 47.47 12.07
C GLY B 66 -11.34 46.89 13.37
N TYR B 67 -10.85 45.65 13.29
CA TYR B 67 -10.29 44.95 14.44
C TYR B 67 -9.07 45.69 15.01
N LEU B 68 -8.12 46.01 14.16
CA LEU B 68 -6.93 46.73 14.62
C LEU B 68 -7.34 48.06 15.25
N ASN B 69 -8.31 48.74 14.63
CA ASN B 69 -8.80 50.01 15.14
C ASN B 69 -9.37 49.81 16.56
N PHE B 70 -10.10 48.71 16.76
CA PHE B 70 -10.69 48.41 18.06
C PHE B 70 -9.63 48.18 19.15
N LEU B 71 -8.55 47.48 18.78
CA LEU B 71 -7.49 47.19 19.73
C LEU B 71 -6.83 48.45 20.25
N GLU B 72 -6.54 49.37 19.36
CA GLU B 72 -5.87 50.60 19.76
C GLU B 72 -6.57 51.40 20.83
N THR B 73 -7.88 51.61 20.70
CA THR B 73 -8.61 52.41 21.69
C THR B 73 -9.47 51.62 22.66
N ALA B 74 -9.33 50.30 22.64
CA ALA B 74 -10.12 49.45 23.51
C ALA B 74 -10.03 49.81 24.98
N TRP B 75 -8.82 49.88 25.53
CA TRP B 75 -8.67 50.21 26.93
C TRP B 75 -9.23 51.60 27.29
N ASP B 76 -9.02 52.58 26.43
CA ASP B 76 -9.53 53.92 26.72
C ASP B 76 -11.05 53.95 26.79
N ARG B 77 -11.71 53.29 25.85
CA ARG B 77 -13.17 53.29 25.83
C ARG B 77 -13.73 52.52 27.02
N TRP B 78 -13.08 51.41 27.37
CA TRP B 78 -13.53 50.60 28.48
C TRP B 78 -13.43 51.39 29.78
N LYS B 79 -12.28 52.03 29.99
CA LYS B 79 -12.08 52.82 31.20
C LYS B 79 -13.03 54.01 31.23
N ALA B 80 -13.18 54.68 30.09
CA ALA B 80 -14.07 55.83 30.00
C ALA B 80 -15.51 55.40 30.27
N ALA B 81 -15.80 54.13 30.01
CA ALA B 81 -17.14 53.61 30.23
C ALA B 81 -17.46 53.51 31.71
N GLY B 82 -16.43 53.52 32.56
CA GLY B 82 -16.65 53.45 34.01
C GLY B 82 -16.39 52.14 34.71
N TYR B 83 -15.88 51.15 33.98
CA TYR B 83 -15.60 49.84 34.56
C TYR B 83 -14.32 49.85 35.40
N LYS B 84 -14.39 49.17 36.54
CA LYS B 84 -13.30 49.09 37.49
C LYS B 84 -12.24 48.01 37.18
N GLY B 85 -12.64 46.97 36.45
CA GLY B 85 -11.68 45.92 36.12
C GLY B 85 -11.07 46.07 34.75
N GLU B 86 -10.33 45.05 34.30
CA GLU B 86 -9.72 45.11 32.98
C GLU B 86 -10.77 44.76 31.92
N ALA B 87 -10.49 45.10 30.67
CA ALA B 87 -11.43 44.86 29.59
C ALA B 87 -11.59 43.37 29.31
N ILE B 88 -12.73 42.81 29.71
CA ILE B 88 -13.01 41.40 29.49
C ILE B 88 -14.36 41.22 28.80
N ALA B 89 -14.37 40.48 27.70
CA ALA B 89 -15.59 40.23 26.95
C ALA B 89 -16.48 39.20 27.61
N THR B 90 -17.79 39.36 27.42
CA THR B 90 -18.75 38.43 27.99
C THR B 90 -19.78 37.94 26.97
N SER B 91 -20.21 38.83 26.06
CA SER B 91 -21.16 38.44 25.03
C SER B 91 -20.44 38.14 23.73
N PHE B 92 -20.73 37.00 23.13
CA PHE B 92 -20.06 36.63 21.88
C PHE B 92 -21.03 36.30 20.76
N PRO B 93 -20.67 36.65 19.51
CA PRO B 93 -21.59 36.34 18.40
C PRO B 93 -21.40 34.87 18.01
N VAL B 94 -22.16 34.01 18.66
CA VAL B 94 -22.05 32.57 18.39
C VAL B 94 -23.04 32.10 17.33
N ARG B 95 -23.43 30.82 17.40
CA ARG B 95 -24.35 30.27 16.43
C ARG B 95 -25.61 31.08 16.22
N ARG B 96 -26.01 31.16 14.97
CA ARG B 96 -27.23 31.83 14.55
C ARG B 96 -27.43 33.26 15.03
N THR B 97 -26.40 34.08 14.90
CA THR B 97 -26.51 35.47 15.29
C THR B 97 -26.29 36.37 14.08
N SER B 98 -26.66 37.63 14.25
CA SER B 98 -26.53 38.66 13.24
C SER B 98 -25.05 38.93 12.98
N PRO B 99 -24.70 39.32 11.75
CA PRO B 99 -23.29 39.61 11.41
C PRO B 99 -22.93 41.08 11.67
N ARG B 100 -23.92 41.86 12.11
CA ARG B 100 -23.70 43.27 12.38
C ARG B 100 -22.73 43.55 13.52
N ILE B 101 -21.98 44.64 13.38
CA ILE B 101 -21.02 45.04 14.39
C ILE B 101 -21.64 46.05 15.35
N PRO B 102 -21.55 45.80 16.66
CA PRO B 102 -22.13 46.72 17.64
C PRO B 102 -21.37 48.06 17.57
N THR B 103 -21.94 49.09 18.17
CA THR B 103 -21.31 50.41 18.17
C THR B 103 -20.62 50.75 19.49
N ASP B 104 -21.16 50.22 20.59
CA ASP B 104 -20.60 50.50 21.92
C ASP B 104 -19.43 49.58 22.27
N ILE B 105 -18.69 49.96 23.31
CA ILE B 105 -17.53 49.17 23.73
C ILE B 105 -17.93 47.80 24.28
N GLU B 106 -19.02 47.76 25.03
CA GLU B 106 -19.52 46.53 25.61
C GLU B 106 -19.82 45.48 24.52
N GLY B 107 -20.40 45.94 23.41
CA GLY B 107 -20.71 45.04 22.33
C GLY B 107 -19.53 44.72 21.44
N GLN B 108 -18.68 45.70 21.14
CA GLN B 108 -17.54 45.43 20.27
C GLN B 108 -16.48 44.51 20.87
N ILE B 109 -16.27 44.57 22.18
CA ILE B 109 -15.24 43.72 22.77
C ILE B 109 -15.54 42.22 22.59
N GLY B 110 -16.82 41.89 22.50
CA GLY B 110 -17.19 40.50 22.28
C GLY B 110 -17.09 40.20 20.79
N TYR B 111 -17.53 41.13 19.96
CA TYR B 111 -17.48 40.95 18.51
C TYR B 111 -16.06 40.60 18.09
N TYR B 112 -15.08 41.28 18.68
CA TYR B 112 -13.68 41.09 18.36
C TYR B 112 -12.91 40.12 19.23
N CYS B 113 -13.61 39.26 19.97
CA CYS B 113 -12.95 38.31 20.87
C CYS B 113 -13.40 36.87 20.63
N ASN B 114 -12.51 35.90 20.88
CA ASN B 114 -12.88 34.49 20.70
C ASN B 114 -12.64 33.70 21.98
N ALA B 115 -11.99 34.35 22.94
CA ALA B 115 -11.67 33.72 24.22
C ALA B 115 -11.64 34.79 25.33
N ALA B 116 -12.56 34.68 26.28
CA ALA B 116 -12.71 35.63 27.36
C ALA B 116 -11.69 35.55 28.51
N GLU B 117 -10.76 34.60 28.49
CA GLU B 117 -9.79 34.54 29.57
C GLU B 117 -8.72 35.61 29.39
N THR B 118 -8.67 36.20 28.20
CA THR B 118 -7.71 37.24 27.89
C THR B 118 -8.33 38.62 28.09
N ALA B 119 -7.74 39.42 28.98
CA ALA B 119 -8.23 40.77 29.25
C ALA B 119 -7.31 41.81 28.65
N ILE B 120 -7.87 42.91 28.17
CA ILE B 120 -7.07 43.97 27.59
C ILE B 120 -6.73 44.90 28.76
N SER B 121 -5.46 45.27 28.88
CA SER B 121 -5.01 46.13 29.96
C SER B 121 -4.21 47.32 29.41
N PRO B 122 -3.90 48.31 30.27
CA PRO B 122 -3.15 49.50 29.84
C PRO B 122 -1.83 49.05 29.20
N GLY B 123 -1.51 49.59 28.03
CA GLY B 123 -0.26 49.21 27.39
C GLY B 123 -0.31 47.98 26.51
N THR B 124 -1.44 47.28 26.51
CA THR B 124 -1.55 46.09 25.68
C THR B 124 -1.33 46.41 24.19
N TRP B 125 -1.98 47.46 23.71
CA TRP B 125 -1.84 47.84 22.31
C TRP B 125 -0.36 48.11 21.96
N GLU B 126 0.29 48.94 22.77
CA GLU B 126 1.70 49.27 22.57
C GLU B 126 2.60 48.04 22.59
N ALA B 127 2.38 47.17 23.57
CA ALA B 127 3.20 45.96 23.68
C ALA B 127 2.98 45.05 22.48
N ALA B 128 1.73 44.93 22.03
CA ALA B 128 1.43 44.10 20.87
C ALA B 128 2.17 44.61 19.65
N LEU B 129 2.23 45.93 19.49
CA LEU B 129 2.94 46.52 18.37
C LEU B 129 4.45 46.27 18.43
N SER B 130 5.03 46.32 19.63
CA SER B 130 6.46 46.08 19.76
C SER B 130 6.76 44.62 19.42
N SER B 131 5.84 43.73 19.77
CA SER B 131 6.01 42.30 19.50
C SER B 131 5.91 42.09 17.99
N MET B 132 5.00 42.82 17.35
CA MET B 132 4.84 42.73 15.92
C MET B 132 6.10 43.24 15.21
N ALA B 133 6.67 44.34 15.74
CA ALA B 133 7.88 44.89 15.15
C ALA B 133 8.99 43.84 15.17
N SER B 134 9.10 43.11 16.27
CA SER B 134 10.14 42.09 16.39
C SER B 134 9.98 41.01 15.32
N ALA B 135 8.74 40.68 14.98
CA ALA B 135 8.47 39.65 13.97
C ALA B 135 8.86 40.19 12.60
N ILE B 136 8.55 41.46 12.36
CA ILE B 136 8.87 42.07 11.08
C ILE B 136 10.37 42.14 10.89
N ASP B 137 11.08 42.59 11.93
CA ASP B 137 12.52 42.70 11.86
C ASP B 137 13.17 41.33 11.66
N GLY B 138 12.59 40.30 12.26
CA GLY B 138 13.12 38.97 12.10
C GLY B 138 13.00 38.56 10.65
N ALA B 139 11.84 38.85 10.05
CA ALA B 139 11.61 38.50 8.65
C ALA B 139 12.55 39.25 7.71
N ASP B 140 12.87 40.51 8.03
CA ASP B 140 13.77 41.28 7.19
C ASP B 140 15.15 40.62 7.12
N LEU B 141 15.58 40.01 8.21
CA LEU B 141 16.87 39.33 8.26
C LEU B 141 16.89 38.18 7.27
N ILE B 142 15.87 37.32 7.34
CA ILE B 142 15.76 36.18 6.45
C ILE B 142 15.72 36.66 5.02
N ALA B 143 14.98 37.75 4.79
CA ALA B 143 14.87 38.32 3.46
C ALA B 143 16.25 38.78 2.99
N ALA B 144 17.09 39.18 3.95
CA ALA B 144 18.44 39.65 3.63
C ALA B 144 19.40 38.50 3.32
N GLY B 145 19.00 37.29 3.70
CA GLY B 145 19.86 36.15 3.42
C GLY B 145 20.21 35.28 4.61
N HIS B 146 19.86 35.72 5.82
CA HIS B 146 20.16 34.92 7.00
C HIS B 146 19.44 33.58 6.94
N LYS B 147 20.14 32.52 7.33
CA LYS B 147 19.57 31.18 7.33
C LYS B 147 18.55 30.98 8.44
N ALA B 148 18.66 31.77 9.50
CA ALA B 148 17.76 31.68 10.63
C ALA B 148 17.82 32.91 11.50
N ALA B 149 16.77 33.09 12.30
CA ALA B 149 16.68 34.22 13.23
C ALA B 149 15.62 33.90 14.27
N PHE B 150 15.76 34.49 15.44
CA PHE B 150 14.81 34.27 16.52
C PHE B 150 14.18 35.58 16.96
N SER B 151 12.86 35.68 16.78
CA SER B 151 12.12 36.86 17.18
C SER B 151 11.48 36.50 18.51
N LEU B 152 11.99 37.08 19.60
CA LEU B 152 11.45 36.79 20.92
C LEU B 152 10.20 37.66 21.13
N CYS B 153 9.09 37.22 20.57
CA CYS B 153 7.81 37.93 20.65
C CYS B 153 7.06 37.76 21.97
N ARG B 154 6.42 38.85 22.39
CA ARG B 154 5.59 38.87 23.58
C ARG B 154 4.86 40.20 23.58
N PRO B 155 3.53 40.17 23.67
CA PRO B 155 2.71 38.95 23.77
C PRO B 155 2.75 38.07 22.52
N PRO B 156 2.33 36.81 22.65
CA PRO B 156 2.30 35.84 21.55
C PRO B 156 1.18 36.21 20.59
N GLY B 157 1.03 35.47 19.50
CA GLY B 157 -0.02 35.83 18.57
C GLY B 157 -0.77 34.76 17.77
N HIS B 158 -0.32 33.51 17.79
CA HIS B 158 -1.01 32.53 16.98
C HIS B 158 -2.51 32.33 17.24
N HIS B 159 -3.05 32.85 18.35
CA HIS B 159 -4.48 32.72 18.60
C HIS B 159 -5.27 33.91 18.06
N ALA B 160 -4.57 34.95 17.62
CA ALA B 160 -5.25 36.13 17.09
C ALA B 160 -5.67 35.84 15.64
N GLY B 161 -6.97 35.86 15.38
CA GLY B 161 -7.47 35.59 14.05
C GLY B 161 -7.57 36.84 13.21
N ILE B 162 -8.23 36.75 12.06
CA ILE B 162 -8.36 37.91 11.19
C ILE B 162 -8.92 39.12 11.92
N ASP B 163 -10.05 38.92 12.62
CA ASP B 163 -10.71 39.99 13.35
C ASP B 163 -11.05 39.66 14.81
N MET B 164 -10.14 39.01 15.53
CA MET B 164 -10.41 38.66 16.91
C MET B 164 -9.15 38.33 17.73
N PHE B 165 -9.20 38.65 19.02
CA PHE B 165 -8.08 38.37 19.92
C PHE B 165 -8.48 37.27 20.89
N GLY B 166 -7.50 36.67 21.53
CA GLY B 166 -7.77 35.62 22.50
C GLY B 166 -6.54 34.80 22.79
N GLY B 167 -6.62 33.92 23.78
CA GLY B 167 -5.48 33.11 24.13
C GLY B 167 -4.20 33.91 24.34
N TYR B 168 -4.35 35.07 24.96
CA TYR B 168 -3.25 35.99 25.27
C TYR B 168 -2.62 36.64 24.03
N CYS B 169 -3.28 36.50 22.88
CA CYS B 169 -2.80 37.05 21.61
C CYS B 169 -3.66 38.19 21.08
N PHE B 170 -3.03 39.17 20.44
CA PHE B 170 -3.75 40.32 19.89
C PHE B 170 -3.38 40.58 18.43
N ILE B 171 -2.11 40.37 18.10
CA ILE B 171 -1.63 40.55 16.73
C ILE B 171 -0.85 39.30 16.38
N ASN B 172 -1.25 38.64 15.31
CA ASN B 172 -0.58 37.41 14.93
C ASN B 172 0.82 37.66 14.35
N ASN B 173 1.81 37.70 15.23
CA ASN B 173 3.20 37.94 14.85
C ASN B 173 3.68 37.03 13.71
N ALA B 174 3.34 35.75 13.79
CA ALA B 174 3.76 34.78 12.76
C ALA B 174 3.14 35.12 11.42
N ALA B 175 1.88 35.54 11.44
CA ALA B 175 1.18 35.91 10.21
C ALA B 175 1.85 37.14 9.59
N VAL B 176 2.18 38.11 10.44
CA VAL B 176 2.83 39.33 9.97
C VAL B 176 4.22 39.01 9.39
N ALA B 177 4.97 38.14 10.06
CA ALA B 177 6.30 37.75 9.60
C ALA B 177 6.22 37.08 8.23
N ALA B 178 5.25 36.20 8.06
CA ALA B 178 5.06 35.49 6.81
C ALA B 178 4.69 36.48 5.71
N GLN B 179 3.83 37.43 6.04
CA GLN B 179 3.41 38.43 5.07
C GLN B 179 4.60 39.30 4.68
N ARG B 180 5.43 39.66 5.66
CA ARG B 180 6.59 40.50 5.39
C ARG B 180 7.50 39.82 4.37
N LEU B 181 7.75 38.53 4.57
CA LEU B 181 8.61 37.78 3.67
C LEU B 181 8.04 37.79 2.25
N LEU B 182 6.70 37.73 2.13
CA LEU B 182 6.08 37.79 0.82
C LEU B 182 6.28 39.18 0.20
N ASP B 183 6.13 40.22 1.00
CA ASP B 183 6.32 41.59 0.49
C ASP B 183 7.78 41.84 0.12
N LYS B 184 8.68 40.97 0.55
CA LYS B 184 10.11 41.12 0.26
C LYS B 184 10.56 40.39 -1.00
N GLY B 185 9.67 39.61 -1.61
CA GLY B 185 10.06 38.90 -2.81
C GLY B 185 9.69 37.43 -2.86
N ALA B 186 9.32 36.86 -1.72
CA ALA B 186 8.94 35.45 -1.69
C ALA B 186 7.53 35.28 -2.29
N LYS B 187 7.29 34.16 -2.96
CA LYS B 187 5.99 33.89 -3.58
C LYS B 187 5.20 32.88 -2.74
N LYS B 188 5.93 31.95 -2.12
CA LYS B 188 5.33 30.92 -1.29
C LYS B 188 6.05 30.84 0.06
N ILE B 189 5.27 30.85 1.13
CA ILE B 189 5.80 30.78 2.48
C ILE B 189 4.98 29.80 3.32
N ALA B 190 5.64 29.12 4.25
CA ALA B 190 4.94 28.18 5.11
C ALA B 190 5.11 28.59 6.56
N ILE B 191 4.13 28.23 7.37
CA ILE B 191 4.16 28.50 8.79
C ILE B 191 3.94 27.17 9.47
N LEU B 192 4.87 26.80 10.34
CA LEU B 192 4.80 25.55 11.09
C LEU B 192 4.66 25.90 12.57
N ASP B 193 3.53 25.50 13.15
CA ASP B 193 3.19 25.79 14.55
C ASP B 193 3.43 24.58 15.46
N VAL B 194 4.53 24.60 16.20
CA VAL B 194 4.88 23.50 17.10
C VAL B 194 4.42 23.70 18.55
N ASP B 195 3.75 24.81 18.77
CA ASP B 195 3.21 25.15 20.08
C ASP B 195 2.17 24.07 20.42
N PHE B 196 2.01 23.74 21.70
CA PHE B 196 1.04 22.72 22.11
C PHE B 196 -0.39 22.99 21.63
N HIS B 197 -0.79 24.25 21.61
CA HIS B 197 -2.14 24.62 21.19
C HIS B 197 -2.23 24.93 19.70
N HIS B 198 -3.39 24.64 19.11
CA HIS B 198 -3.62 24.93 17.70
C HIS B 198 -3.48 26.43 17.45
N GLY B 199 -2.83 26.79 16.35
CA GLY B 199 -2.71 28.20 16.00
C GLY B 199 -3.96 28.51 15.21
N ASN B 200 -5.11 28.55 15.89
CA ASN B 200 -6.39 28.80 15.25
C ASN B 200 -6.43 30.16 14.58
N GLY B 201 -5.74 31.13 15.19
CA GLY B 201 -5.70 32.47 14.63
C GLY B 201 -4.94 32.48 13.32
N THR B 202 -3.82 31.75 13.27
CA THR B 202 -3.02 31.71 12.06
C THR B 202 -3.75 30.94 10.97
N GLN B 203 -4.43 29.86 11.33
CA GLN B 203 -5.18 29.09 10.34
C GLN B 203 -6.27 29.95 9.71
N ASP B 204 -6.98 30.69 10.56
CA ASP B 204 -8.05 31.57 10.11
C ASP B 204 -7.53 32.61 9.09
N ILE B 205 -6.38 33.21 9.39
CA ILE B 205 -5.79 34.22 8.52
C ILE B 205 -5.44 33.76 7.10
N PHE B 206 -4.86 32.56 6.97
CA PHE B 206 -4.45 32.06 5.66
C PHE B 206 -5.31 30.93 5.10
N TYR B 207 -6.44 30.66 5.76
CA TYR B 207 -7.30 29.57 5.31
C TYR B 207 -7.68 29.65 3.83
N GLU B 208 -7.86 30.86 3.32
CA GLU B 208 -8.24 31.03 1.91
C GLU B 208 -7.14 31.62 1.04
N ARG B 209 -5.90 31.53 1.51
CA ARG B 209 -4.77 32.04 0.75
C ARG B 209 -3.92 30.89 0.24
N GLY B 210 -3.72 30.84 -1.08
CA GLY B 210 -2.95 29.78 -1.69
C GLY B 210 -1.45 29.98 -1.68
N ASP B 211 -1.02 31.16 -1.26
CA ASP B 211 0.39 31.49 -1.21
C ASP B 211 1.08 31.18 0.12
N VAL B 212 0.29 30.86 1.13
CA VAL B 212 0.84 30.51 2.44
C VAL B 212 0.32 29.15 2.89
N PHE B 213 1.22 28.30 3.36
CA PHE B 213 0.85 26.97 3.82
C PHE B 213 0.95 26.96 5.35
N PHE B 214 -0.05 26.42 6.01
CA PHE B 214 -0.07 26.36 7.46
C PHE B 214 -0.15 24.94 8.00
N ALA B 215 0.83 24.55 8.82
CA ALA B 215 0.86 23.22 9.42
C ALA B 215 0.92 23.39 10.92
N SER B 216 0.14 22.60 11.65
CA SER B 216 0.16 22.71 13.10
C SER B 216 0.04 21.38 13.81
N LEU B 217 0.91 21.16 14.80
CA LEU B 217 0.86 19.94 15.61
C LEU B 217 0.32 20.46 16.95
N HIS B 218 -0.68 19.78 17.51
CA HIS B 218 -1.29 20.26 18.75
C HIS B 218 -2.18 19.24 19.45
N GLY B 219 -2.56 19.56 20.69
CA GLY B 219 -3.44 18.66 21.41
C GLY B 219 -4.79 18.71 20.73
N ASP B 220 -5.45 17.56 20.67
CA ASP B 220 -6.77 17.44 20.06
C ASP B 220 -7.69 18.51 20.63
N PRO B 221 -8.28 19.36 19.77
CA PRO B 221 -9.18 20.42 20.24
C PRO B 221 -10.44 19.88 20.90
N ALA B 222 -10.72 18.61 20.65
CA ALA B 222 -11.88 17.96 21.23
C ALA B 222 -11.73 18.02 22.74
N GLU B 223 -10.49 18.07 23.20
CA GLU B 223 -10.22 18.13 24.62
C GLU B 223 -9.12 19.11 25.02
N ALA B 224 -8.98 20.20 24.26
CA ALA B 224 -7.96 21.20 24.54
C ALA B 224 -8.18 22.54 23.85
N PHE B 225 -7.81 23.62 24.52
CA PHE B 225 -7.94 24.97 23.97
C PHE B 225 -7.19 24.93 22.64
N PRO B 226 -7.68 25.67 21.62
CA PRO B 226 -8.84 26.56 21.52
C PRO B 226 -10.23 25.92 21.40
N HIS B 227 -10.28 24.58 21.41
CA HIS B 227 -11.54 23.82 21.36
C HIS B 227 -12.38 23.82 20.09
N PHE B 228 -12.38 24.91 19.34
CA PHE B 228 -13.25 24.99 18.17
C PHE B 228 -12.57 25.10 16.81
N LEU B 229 -11.36 24.58 16.72
CA LEU B 229 -10.61 24.60 15.47
C LEU B 229 -9.37 23.74 15.69
N GLY B 230 -8.85 23.17 14.63
CA GLY B 230 -7.66 22.33 14.75
C GLY B 230 -7.87 20.87 14.36
N TYR B 231 -9.04 20.56 13.82
CA TYR B 231 -9.36 19.20 13.41
C TYR B 231 -8.68 18.88 12.09
N ALA B 232 -8.29 17.63 11.92
CA ALA B 232 -7.60 17.19 10.70
C ALA B 232 -8.37 17.42 9.40
N GLU B 233 -9.69 17.44 9.49
CA GLU B 233 -10.55 17.64 8.32
C GLU B 233 -10.42 19.05 7.70
N GLU B 234 -9.88 19.99 8.48
CA GLU B 234 -9.71 21.35 8.02
C GLU B 234 -8.47 21.50 7.15
N THR B 235 -8.65 21.45 5.83
CA THR B 235 -7.52 21.53 4.90
C THR B 235 -7.45 22.77 4.01
N GLY B 236 -8.37 23.71 4.20
CA GLY B 236 -8.34 24.91 3.38
C GLY B 236 -9.66 25.16 2.70
N LYS B 237 -9.81 26.31 2.06
CA LYS B 237 -11.06 26.61 1.40
C LYS B 237 -10.90 27.61 0.27
N GLY B 238 -11.62 27.36 -0.83
CA GLY B 238 -11.53 28.24 -1.97
C GLY B 238 -10.11 28.38 -2.48
N ALA B 239 -9.67 29.62 -2.63
CA ALA B 239 -8.33 29.92 -3.11
C ALA B 239 -7.22 29.29 -2.28
N GLY B 240 -7.54 28.91 -1.05
CA GLY B 240 -6.54 28.32 -0.18
C GLY B 240 -6.73 26.83 0.06
N ALA B 241 -7.61 26.22 -0.73
CA ALA B 241 -7.87 24.79 -0.60
C ALA B 241 -6.58 24.00 -0.58
N GLY B 242 -6.47 23.09 0.38
CA GLY B 242 -5.27 22.26 0.48
C GLY B 242 -4.03 22.90 1.07
N THR B 243 -4.14 24.08 1.67
CA THR B 243 -2.94 24.72 2.24
C THR B 243 -2.90 24.74 3.78
N THR B 244 -3.72 23.89 4.40
CA THR B 244 -3.75 23.76 5.86
C THR B 244 -3.64 22.28 6.21
N ALA B 245 -2.73 21.95 7.12
CA ALA B 245 -2.53 20.57 7.57
C ALA B 245 -2.45 20.53 9.09
N ASN B 246 -3.48 19.97 9.73
CA ASN B 246 -3.50 19.87 11.18
C ASN B 246 -3.19 18.46 11.66
N TYR B 247 -2.46 18.37 12.74
CA TYR B 247 -2.11 17.08 13.32
C TYR B 247 -2.50 17.07 14.79
N PRO B 248 -3.80 16.95 15.06
CA PRO B 248 -4.25 16.91 16.45
C PRO B 248 -3.80 15.58 17.08
N MET B 249 -3.27 15.62 18.30
CA MET B 249 -2.83 14.40 18.97
C MET B 249 -3.37 14.35 20.41
N GLY B 250 -3.55 13.13 20.93
CA GLY B 250 -4.11 12.95 22.27
C GLY B 250 -3.15 13.05 23.46
N ARG B 251 -3.66 12.71 24.64
CA ARG B 251 -2.87 12.77 25.87
C ARG B 251 -1.71 11.79 25.96
N GLY B 252 -0.60 12.24 26.55
CA GLY B 252 0.57 11.41 26.72
C GLY B 252 1.29 11.09 25.42
N THR B 253 1.27 12.03 24.48
CA THR B 253 1.95 11.80 23.21
C THR B 253 3.45 12.04 23.34
N PRO B 254 4.24 10.96 23.19
CA PRO B 254 5.70 11.03 23.28
C PRO B 254 6.29 11.55 21.97
N TYR B 255 7.52 12.05 22.03
CA TYR B 255 8.16 12.58 20.82
C TYR B 255 8.12 11.54 19.71
N SER B 256 8.04 10.27 20.11
CA SER B 256 7.99 9.16 19.17
C SER B 256 6.85 9.38 18.16
N VAL B 257 5.69 9.80 18.67
CA VAL B 257 4.53 10.04 17.84
C VAL B 257 4.49 11.46 17.30
N TRP B 258 4.91 12.41 18.13
CA TRP B 258 4.94 13.82 17.76
C TRP B 258 5.87 14.04 16.57
N GLY B 259 7.03 13.38 16.62
CA GLY B 259 8.01 13.52 15.55
C GLY B 259 7.51 13.04 14.21
N GLU B 260 6.71 11.99 14.20
CA GLU B 260 6.16 11.48 12.95
C GLU B 260 5.30 12.55 12.30
N ALA B 261 4.53 13.26 13.11
CA ALA B 261 3.68 14.32 12.60
C ALA B 261 4.58 15.42 12.04
N LEU B 262 5.60 15.78 12.81
CA LEU B 262 6.53 16.81 12.38
C LEU B 262 7.13 16.45 11.01
N THR B 263 7.56 15.20 10.87
CA THR B 263 8.14 14.71 9.63
C THR B 263 7.16 14.83 8.47
N ASP B 264 5.91 14.44 8.71
CA ASP B 264 4.91 14.50 7.65
C ASP B 264 4.58 15.94 7.27
N SER B 265 4.56 16.84 8.24
CA SER B 265 4.26 18.23 7.97
C SER B 265 5.36 18.85 7.13
N LEU B 266 6.61 18.51 7.43
CA LEU B 266 7.73 19.06 6.66
C LEU B 266 7.66 18.57 5.22
N LYS B 267 7.12 17.37 5.05
CA LYS B 267 6.97 16.79 3.74
C LYS B 267 5.91 17.56 2.95
N ARG B 268 4.83 17.93 3.62
CA ARG B 268 3.78 18.69 2.94
C ARG B 268 4.27 20.09 2.61
N ILE B 269 5.09 20.66 3.49
CA ILE B 269 5.62 21.99 3.27
C ILE B 269 6.56 21.97 2.06
N ALA B 270 7.42 20.95 1.98
CA ALA B 270 8.34 20.85 0.85
C ALA B 270 7.58 20.71 -0.46
N ALA B 271 6.51 19.91 -0.45
CA ALA B 271 5.70 19.73 -1.66
C ALA B 271 4.95 21.01 -2.02
N PHE B 272 4.74 21.88 -1.03
CA PHE B 272 4.06 23.16 -1.25
C PHE B 272 5.02 24.08 -1.98
N GLY B 273 6.30 23.93 -1.71
CA GLY B 273 7.30 24.76 -2.35
C GLY B 273 7.63 26.01 -1.56
N ALA B 274 7.54 25.93 -0.24
CA ALA B 274 7.84 27.08 0.61
C ALA B 274 9.29 27.52 0.44
N GLU B 275 9.50 28.83 0.37
CA GLU B 275 10.82 29.43 0.21
C GLU B 275 11.44 29.71 1.57
N ALA B 276 10.62 29.63 2.61
CA ALA B 276 11.07 29.87 3.97
C ALA B 276 9.97 29.37 4.89
N ILE B 277 10.34 29.08 6.12
CA ILE B 277 9.38 28.60 7.10
C ILE B 277 9.39 29.49 8.33
N VAL B 278 8.21 29.97 8.69
CA VAL B 278 8.03 30.78 9.89
C VAL B 278 7.59 29.76 10.91
N VAL B 279 8.43 29.52 11.91
CA VAL B 279 8.13 28.53 12.95
C VAL B 279 7.53 29.18 14.20
N SER B 280 6.27 28.90 14.48
CA SER B 280 5.64 29.42 15.70
C SER B 280 6.08 28.50 16.79
N LEU B 281 7.04 28.94 17.59
CA LEU B 281 7.57 28.11 18.65
C LEU B 281 6.91 28.26 20.01
N GLY B 282 6.35 27.16 20.48
CA GLY B 282 5.73 27.13 21.78
C GLY B 282 6.41 25.97 22.50
N VAL B 283 6.84 26.16 23.73
CA VAL B 283 7.50 25.09 24.46
C VAL B 283 6.59 24.44 25.49
N ASP B 284 5.29 24.70 25.40
CA ASP B 284 4.35 24.11 26.34
C ASP B 284 4.11 22.64 26.03
N THR B 285 4.84 22.09 25.07
CA THR B 285 4.69 20.67 24.76
C THR B 285 5.56 19.89 25.73
N PHE B 286 6.28 20.62 26.58
CA PHE B 286 7.16 20.01 27.57
C PHE B 286 6.42 19.16 28.58
N GLU B 287 6.95 17.98 28.87
CA GLU B 287 6.34 17.05 29.81
C GLU B 287 6.00 17.69 31.15
N GLN B 288 6.84 18.62 31.60
CA GLN B 288 6.58 19.26 32.88
C GLN B 288 5.73 20.52 32.79
N ASP B 289 5.30 20.88 31.59
CA ASP B 289 4.45 22.05 31.46
C ASP B 289 3.07 21.65 31.96
N PRO B 290 2.49 22.45 32.88
CA PRO B 290 1.17 22.17 33.45
C PRO B 290 -0.03 22.33 32.52
N ILE B 291 -0.01 23.35 31.67
CA ILE B 291 -1.13 23.61 30.77
C ILE B 291 -1.32 22.62 29.62
N SER B 292 -0.37 21.73 29.41
CA SER B 292 -0.47 20.76 28.33
C SER B 292 -0.40 19.31 28.78
N PHE B 293 -0.70 18.39 27.87
CA PHE B 293 -0.66 16.98 28.17
C PHE B 293 0.26 16.17 27.23
N PHE B 294 1.26 16.84 26.66
CA PHE B 294 2.23 16.16 25.79
C PHE B 294 3.44 15.75 26.62
N LYS B 295 4.16 14.74 26.14
CA LYS B 295 5.31 14.23 26.87
C LYS B 295 6.67 14.46 26.20
N LEU B 296 7.01 15.72 25.93
CA LEU B 296 8.30 16.01 25.31
C LEU B 296 9.36 16.37 26.35
N THR B 297 10.58 15.88 26.13
CA THR B 297 11.69 16.13 27.03
C THR B 297 12.61 17.20 26.45
N SER B 298 13.43 17.83 27.30
CA SER B 298 14.33 18.88 26.85
C SER B 298 15.14 18.49 25.62
N PRO B 299 15.76 17.31 25.65
CA PRO B 299 16.56 16.87 24.49
C PRO B 299 15.78 16.88 23.17
N ASP B 300 14.51 16.50 23.22
CA ASP B 300 13.69 16.46 22.02
C ASP B 300 13.63 17.81 21.30
N TYR B 301 13.81 18.90 22.05
CA TYR B 301 13.77 20.23 21.46
C TYR B 301 14.98 20.46 20.56
N ILE B 302 16.08 19.75 20.83
CA ILE B 302 17.28 19.88 20.00
C ILE B 302 16.96 19.14 18.70
N THR B 303 16.29 18.00 18.82
CA THR B 303 15.92 17.21 17.66
C THR B 303 14.96 18.00 16.78
N MET B 304 13.95 18.60 17.41
CA MET B 304 12.95 19.40 16.72
C MET B 304 13.59 20.47 15.84
N GLY B 305 14.51 21.22 16.45
CA GLY B 305 15.20 22.28 15.74
C GLY B 305 16.01 21.75 14.57
N ARG B 306 16.67 20.62 14.77
CA ARG B 306 17.47 20.00 13.71
C ARG B 306 16.60 19.54 12.56
N THR B 307 15.54 18.80 12.88
CA THR B 307 14.62 18.30 11.87
C THR B 307 14.05 19.40 11.00
N ILE B 308 13.58 20.48 11.62
CA ILE B 308 13.00 21.59 10.86
C ILE B 308 14.07 22.28 10.02
N ALA B 309 15.25 22.50 10.59
CA ALA B 309 16.34 23.15 9.87
C ALA B 309 16.79 22.31 8.68
N ALA B 310 16.57 21.00 8.75
CA ALA B 310 16.97 20.11 7.67
C ALA B 310 16.08 20.26 6.44
N SER B 311 15.07 21.13 6.54
CA SER B 311 14.18 21.37 5.42
C SER B 311 15.01 22.00 4.29
N GLY B 312 16.12 22.63 4.67
CA GLY B 312 16.97 23.26 3.68
C GLY B 312 16.60 24.68 3.33
N VAL B 313 15.60 25.24 4.00
CA VAL B 313 15.17 26.62 3.73
C VAL B 313 15.35 27.50 4.95
N PRO B 314 15.44 28.82 4.74
CA PRO B 314 15.59 29.79 5.84
C PRO B 314 14.49 29.61 6.89
N LEU B 315 14.84 29.82 8.15
CA LEU B 315 13.87 29.66 9.23
C LEU B 315 13.77 30.90 10.10
N LEU B 316 12.55 31.29 10.41
CA LEU B 316 12.30 32.41 11.29
C LEU B 316 11.51 31.83 12.46
N VAL B 317 12.12 31.82 13.64
CA VAL B 317 11.46 31.27 14.81
C VAL B 317 10.78 32.40 15.57
N VAL B 318 9.46 32.30 15.73
CA VAL B 318 8.67 33.30 16.45
C VAL B 318 8.19 32.68 17.76
N MET B 319 8.49 33.34 18.88
CA MET B 319 8.10 32.87 20.20
C MET B 319 6.59 32.89 20.39
N GLU B 320 6.03 31.77 20.85
CA GLU B 320 4.59 31.65 21.11
C GLU B 320 4.35 31.27 22.58
N GLY B 321 3.74 30.10 22.80
CA GLY B 321 3.42 29.65 24.15
C GLY B 321 4.52 28.99 24.97
N GLY B 322 4.18 28.63 26.19
CA GLY B 322 5.14 28.00 27.08
C GLY B 322 4.96 28.52 28.50
N TYR B 323 4.43 27.67 29.35
CA TYR B 323 4.19 28.01 30.76
C TYR B 323 5.47 28.41 31.47
N GLY B 324 5.30 29.15 32.56
CA GLY B 324 6.43 29.63 33.33
C GLY B 324 7.22 28.62 34.14
N VAL B 325 7.59 27.50 33.51
CA VAL B 325 8.39 26.50 34.21
C VAL B 325 9.85 26.94 34.06
N PRO B 326 10.69 26.64 35.05
CA PRO B 326 12.10 27.00 35.04
C PRO B 326 12.85 26.63 33.76
N GLU B 327 12.37 25.58 33.09
CA GLU B 327 13.00 25.10 31.85
C GLU B 327 12.49 25.80 30.59
N ILE B 328 11.62 26.80 30.73
CA ILE B 328 11.09 27.48 29.58
C ILE B 328 12.21 28.01 28.67
N GLY B 329 13.14 28.76 29.26
CA GLY B 329 14.24 29.30 28.48
C GLY B 329 15.16 28.23 27.94
N LEU B 330 15.35 27.17 28.72
CA LEU B 330 16.21 26.08 28.31
C LEU B 330 15.71 25.38 27.05
N ASN B 331 14.41 25.10 27.01
CA ASN B 331 13.81 24.41 25.88
C ASN B 331 13.84 25.26 24.61
N VAL B 332 13.71 26.56 24.77
CA VAL B 332 13.74 27.47 23.63
C VAL B 332 15.17 27.48 23.08
N ALA B 333 16.15 27.66 23.96
CA ALA B 333 17.55 27.68 23.55
C ALA B 333 17.90 26.37 22.83
N ASN B 334 17.37 25.27 23.33
CA ASN B 334 17.62 23.97 22.71
C ASN B 334 17.16 23.91 21.28
N VAL B 335 16.03 24.53 20.99
CA VAL B 335 15.51 24.53 19.63
C VAL B 335 16.45 25.34 18.75
N LEU B 336 16.94 26.46 19.28
CA LEU B 336 17.84 27.31 18.53
C LEU B 336 19.15 26.59 18.21
N LYS B 337 19.63 25.80 19.16
CA LYS B 337 20.86 25.04 18.96
C LYS B 337 20.62 23.97 17.90
N GLY B 338 19.44 23.36 17.92
CA GLY B 338 19.12 22.34 16.94
C GLY B 338 19.14 22.94 15.55
N VAL B 339 18.68 24.18 15.43
CA VAL B 339 18.64 24.89 14.16
C VAL B 339 20.06 25.29 13.75
N ALA B 340 20.82 25.84 14.71
CA ALA B 340 22.19 26.26 14.43
C ALA B 340 23.04 25.09 13.98
N GLY B 341 22.57 23.87 14.27
CA GLY B 341 23.31 22.68 13.88
C GLY B 341 24.67 22.52 14.54
N MET C 1 -30.09 -14.77 26.05
CA MET C 1 -30.45 -13.33 26.15
C MET C 1 -31.96 -13.20 26.30
N ARG C 2 -32.38 -12.07 26.89
CA ARG C 2 -33.79 -11.81 27.10
C ARG C 2 -34.42 -11.24 25.83
N VAL C 3 -35.68 -11.59 25.61
CA VAL C 3 -36.43 -11.13 24.45
C VAL C 3 -37.54 -10.21 24.95
N ILE C 4 -37.62 -9.00 24.40
CA ILE C 4 -38.67 -8.05 24.77
C ILE C 4 -39.65 -8.06 23.60
N PHE C 5 -40.92 -8.28 23.92
CA PHE C 5 -41.97 -8.35 22.91
C PHE C 5 -43.31 -7.86 23.43
N SER C 6 -43.99 -7.04 22.62
CA SER C 6 -45.30 -6.52 22.99
C SER C 6 -46.40 -7.04 22.05
N GLU C 7 -47.50 -7.49 22.63
CA GLU C 7 -48.63 -8.00 21.87
C GLU C 7 -49.37 -6.87 21.16
N ASP C 8 -49.20 -5.64 21.64
CA ASP C 8 -49.87 -4.51 21.03
C ASP C 8 -49.35 -4.20 19.63
N HIS C 9 -48.38 -4.99 19.17
CA HIS C 9 -47.83 -4.80 17.85
C HIS C 9 -48.94 -5.10 16.84
N LYS C 10 -49.86 -5.97 17.21
CA LYS C 10 -50.97 -6.36 16.33
C LYS C 10 -51.90 -5.17 16.02
N LEU C 11 -51.81 -4.09 16.81
CA LEU C 11 -52.63 -2.88 16.59
C LEU C 11 -52.28 -2.28 15.23
N ARG C 12 -51.09 -2.64 14.74
CA ARG C 12 -50.64 -2.19 13.44
C ARG C 12 -51.05 -3.31 12.50
N ASN C 13 -52.21 -3.15 11.87
CA ASN C 13 -52.73 -4.15 10.96
C ASN C 13 -53.44 -3.40 9.84
N ALA C 14 -52.63 -2.70 9.04
CA ALA C 14 -53.12 -1.92 7.91
C ALA C 14 -53.70 -2.87 6.87
N LYS C 15 -54.69 -2.38 6.13
CA LYS C 15 -55.35 -3.16 5.10
C LYS C 15 -54.69 -2.99 3.75
N THR C 16 -54.09 -1.85 3.51
CA THR C 16 -53.48 -1.61 2.21
C THR C 16 -52.05 -1.15 2.17
N GLU C 17 -51.41 -1.46 1.04
CA GLU C 17 -50.05 -1.07 0.76
C GLU C 17 -50.05 -0.87 -0.74
N LEU C 18 -49.43 0.21 -1.20
CA LEU C 18 -49.37 0.48 -2.62
C LEU C 18 -48.17 -0.29 -3.16
N TYR C 19 -48.43 -1.22 -4.06
CA TYR C 19 -47.37 -2.03 -4.65
C TYR C 19 -47.68 -2.39 -6.10
N GLY C 20 -46.77 -2.04 -7.00
CA GLY C 20 -46.97 -2.35 -8.41
C GLY C 20 -48.18 -1.63 -8.98
N GLY C 21 -48.52 -0.49 -8.39
CA GLY C 21 -49.64 0.28 -8.86
C GLY C 21 -50.99 -0.24 -8.38
N GLU C 22 -50.99 -1.14 -7.40
CA GLU C 22 -52.23 -1.69 -6.86
C GLU C 22 -52.19 -1.57 -5.34
N LEU C 23 -53.36 -1.53 -4.71
CA LEU C 23 -53.41 -1.48 -3.26
C LEU C 23 -53.63 -2.93 -2.82
N VAL C 24 -52.58 -3.53 -2.24
CA VAL C 24 -52.66 -4.92 -1.80
C VAL C 24 -52.45 -5.01 -0.29
N PRO C 25 -52.77 -6.16 0.30
CA PRO C 25 -52.58 -6.33 1.76
C PRO C 25 -51.11 -6.13 2.09
N PRO C 26 -50.81 -5.31 3.11
CA PRO C 26 -49.43 -5.03 3.53
C PRO C 26 -48.56 -6.28 3.68
N PHE C 27 -47.30 -6.18 3.25
CA PHE C 27 -46.35 -7.28 3.36
C PHE C 27 -45.82 -7.39 4.78
N GLU C 28 -45.84 -6.27 5.50
CA GLU C 28 -45.37 -6.23 6.88
C GLU C 28 -46.59 -6.51 7.76
N ALA C 29 -47.02 -7.77 7.77
CA ALA C 29 -48.19 -8.18 8.54
C ALA C 29 -47.85 -8.75 9.91
N PRO C 30 -48.85 -8.79 10.81
CA PRO C 30 -48.66 -9.30 12.18
C PRO C 30 -48.02 -10.69 12.29
N PHE C 31 -48.34 -11.61 11.38
CA PHE C 31 -47.79 -12.97 11.43
C PHE C 31 -46.27 -13.03 11.45
N ARG C 32 -45.62 -11.97 10.97
CA ARG C 32 -44.15 -11.94 10.94
C ARG C 32 -43.61 -12.04 12.37
N ALA C 33 -44.18 -11.28 13.29
CA ALA C 33 -43.74 -11.29 14.68
C ALA C 33 -44.02 -12.63 15.33
N GLU C 34 -45.13 -13.24 14.93
CA GLU C 34 -45.53 -14.54 15.46
C GLU C 34 -44.53 -15.63 15.04
N TRP C 35 -44.16 -15.66 13.76
CA TRP C 35 -43.21 -16.65 13.27
C TRP C 35 -41.82 -16.43 13.86
N ILE C 36 -41.43 -15.17 14.00
CA ILE C 36 -40.11 -14.86 14.56
C ILE C 36 -40.07 -15.23 16.04
N LEU C 37 -41.12 -14.86 16.77
CA LEU C 37 -41.17 -15.17 18.19
C LEU C 37 -41.12 -16.68 18.41
N ALA C 38 -41.94 -17.40 17.66
CA ALA C 38 -41.98 -18.85 17.79
C ALA C 38 -40.61 -19.45 17.50
N ALA C 39 -39.96 -19.00 16.43
CA ALA C 39 -38.67 -19.57 16.09
C ALA C 39 -37.58 -19.31 17.14
N VAL C 40 -37.55 -18.11 17.73
CA VAL C 40 -36.52 -17.83 18.72
C VAL C 40 -36.75 -18.64 20.00
N LYS C 41 -38.00 -18.85 20.38
CA LYS C 41 -38.30 -19.64 21.56
C LYS C 41 -37.81 -21.06 21.36
N GLU C 42 -38.15 -21.63 20.21
CA GLU C 42 -37.76 -22.99 19.90
C GLU C 42 -36.24 -23.13 19.82
N ALA C 43 -35.54 -22.00 19.80
CA ALA C 43 -34.09 -22.03 19.73
C ALA C 43 -33.51 -21.89 21.13
N GLY C 44 -34.37 -21.88 22.15
CA GLY C 44 -33.89 -21.74 23.51
C GLY C 44 -34.08 -20.36 24.09
N PHE C 45 -34.54 -19.41 23.29
CA PHE C 45 -34.75 -18.04 23.77
C PHE C 45 -36.22 -17.90 24.15
N ASP C 46 -36.58 -18.42 25.32
CA ASP C 46 -37.96 -18.38 25.79
C ASP C 46 -38.20 -17.42 26.93
N ASP C 47 -37.16 -16.67 27.28
CA ASP C 47 -37.29 -15.70 28.35
C ASP C 47 -37.82 -14.43 27.68
N VAL C 48 -39.12 -14.42 27.39
CA VAL C 48 -39.79 -13.32 26.73
C VAL C 48 -40.58 -12.45 27.70
N VAL C 49 -40.31 -11.15 27.71
CA VAL C 49 -41.03 -10.27 28.60
C VAL C 49 -41.64 -9.10 27.84
N ALA C 50 -42.78 -8.62 28.34
CA ALA C 50 -43.45 -7.50 27.73
C ALA C 50 -42.70 -6.24 28.16
N PRO C 51 -42.73 -5.20 27.33
CA PRO C 51 -42.04 -3.95 27.66
C PRO C 51 -42.81 -3.15 28.72
N ALA C 52 -42.08 -2.31 29.45
CA ALA C 52 -42.72 -1.47 30.47
C ALA C 52 -43.25 -0.21 29.79
N ARG C 53 -44.11 0.52 30.48
CA ARG C 53 -44.69 1.75 29.95
C ARG C 53 -43.67 2.87 30.05
N HIS C 54 -43.41 3.52 28.92
CA HIS C 54 -42.45 4.62 28.85
C HIS C 54 -43.07 5.86 28.23
N GLY C 55 -42.54 7.03 28.62
CA GLY C 55 -43.04 8.29 28.09
C GLY C 55 -42.42 8.61 26.74
N LEU C 56 -42.55 9.86 26.31
CA LEU C 56 -42.01 10.26 25.02
C LEU C 56 -40.69 11.02 25.13
N GLU C 57 -40.18 11.18 26.34
CA GLU C 57 -38.93 11.90 26.54
C GLU C 57 -37.79 11.40 25.66
N THR C 58 -37.57 10.09 25.64
CA THR C 58 -36.49 9.53 24.83
C THR C 58 -36.69 9.80 23.36
N VAL C 59 -37.86 9.45 22.84
CA VAL C 59 -38.14 9.63 21.43
C VAL C 59 -38.11 11.10 20.98
N LEU C 60 -38.46 12.03 21.86
CA LEU C 60 -38.45 13.45 21.50
C LEU C 60 -37.03 13.97 21.26
N LYS C 61 -36.03 13.14 21.56
CA LYS C 61 -34.62 13.53 21.38
C LYS C 61 -34.09 13.13 20.02
N VAL C 62 -34.83 12.28 19.32
CA VAL C 62 -34.39 11.85 17.99
C VAL C 62 -35.39 12.22 16.89
N HIS C 63 -36.67 12.32 17.25
CA HIS C 63 -37.70 12.68 16.28
C HIS C 63 -38.23 14.08 16.52
N ASP C 64 -38.58 14.74 15.43
CA ASP C 64 -39.14 16.07 15.46
C ASP C 64 -40.48 16.01 16.21
N ALA C 65 -40.76 17.02 17.03
CA ALA C 65 -42.02 17.05 17.81
C ALA C 65 -43.25 17.28 16.94
N GLY C 66 -43.10 18.04 15.87
CA GLY C 66 -44.23 18.28 14.98
C GLY C 66 -44.59 16.97 14.32
N TYR C 67 -43.57 16.23 13.92
CA TYR C 67 -43.75 14.92 13.28
C TYR C 67 -44.47 13.95 14.21
N LEU C 68 -44.02 13.87 15.46
CA LEU C 68 -44.65 12.97 16.41
C LEU C 68 -46.10 13.39 16.69
N ASN C 69 -46.34 14.69 16.75
CA ASN C 69 -47.68 15.19 16.99
C ASN C 69 -48.58 14.81 15.81
N PHE C 70 -48.02 14.86 14.60
CA PHE C 70 -48.76 14.50 13.39
C PHE C 70 -49.19 13.03 13.41
N LEU C 71 -48.29 12.13 13.79
CA LEU C 71 -48.60 10.72 13.85
C LEU C 71 -49.74 10.43 14.81
N GLU C 72 -49.68 11.02 16.00
CA GLU C 72 -50.69 10.79 17.01
C GLU C 72 -52.14 10.99 16.53
N THR C 73 -52.39 12.02 15.73
CA THR C 73 -53.74 12.31 15.27
C THR C 73 -53.98 12.15 13.77
N ALA C 74 -52.98 11.67 13.06
CA ALA C 74 -53.10 11.49 11.62
C ALA C 74 -54.37 10.73 11.21
N TRP C 75 -54.59 9.55 11.77
CA TRP C 75 -55.77 8.76 11.42
C TRP C 75 -57.11 9.47 11.68
N ASP C 76 -57.25 10.08 12.84
CA ASP C 76 -58.49 10.77 13.17
C ASP C 76 -58.78 11.88 12.17
N ARG C 77 -57.78 12.71 11.90
CA ARG C 77 -57.94 13.82 10.98
C ARG C 77 -58.28 13.36 9.58
N TRP C 78 -57.66 12.26 9.17
CA TRP C 78 -57.89 11.70 7.85
C TRP C 78 -59.34 11.24 7.74
N LYS C 79 -59.78 10.54 8.77
CA LYS C 79 -61.14 10.03 8.80
C LYS C 79 -62.12 11.22 8.90
N ALA C 80 -61.79 12.22 9.71
CA ALA C 80 -62.64 13.39 9.87
C ALA C 80 -62.75 14.20 8.58
N ALA C 81 -61.80 14.03 7.67
CA ALA C 81 -61.84 14.75 6.39
C ALA C 81 -62.79 14.04 5.44
N GLY C 82 -63.28 12.87 5.86
CA GLY C 82 -64.23 12.13 5.04
C GLY C 82 -63.71 11.08 4.07
N TYR C 83 -62.41 10.82 4.08
CA TYR C 83 -61.84 9.82 3.18
C TYR C 83 -62.24 8.39 3.55
N LYS C 84 -62.44 7.56 2.52
CA LYS C 84 -62.87 6.17 2.68
C LYS C 84 -61.72 5.17 2.90
N GLY C 85 -60.61 5.38 2.20
CA GLY C 85 -59.47 4.48 2.33
C GLY C 85 -58.59 4.82 3.51
N GLU C 86 -57.41 4.23 3.57
CA GLU C 86 -56.49 4.52 4.67
C GLU C 86 -55.68 5.77 4.32
N ALA C 87 -55.03 6.34 5.31
CA ALA C 87 -54.24 7.55 5.13
C ALA C 87 -52.97 7.29 4.32
N ILE C 88 -52.97 7.74 3.07
CA ILE C 88 -51.83 7.57 2.17
C ILE C 88 -51.45 8.90 1.53
N ALA C 89 -50.16 9.20 1.53
CA ALA C 89 -49.65 10.44 0.96
C ALA C 89 -49.58 10.44 -0.56
N THR C 90 -49.82 11.62 -1.14
CA THR C 90 -49.77 11.78 -2.59
C THR C 90 -48.89 12.97 -3.02
N SER C 91 -48.91 14.06 -2.26
CA SER C 91 -48.07 15.23 -2.59
C SER C 91 -46.84 15.29 -1.69
N PHE C 92 -45.67 15.45 -2.30
CA PHE C 92 -44.45 15.49 -1.52
C PHE C 92 -43.59 16.72 -1.79
N PRO C 93 -42.94 17.24 -0.74
CA PRO C 93 -42.08 18.42 -0.92
C PRO C 93 -40.75 17.99 -1.53
N VAL C 94 -40.73 17.86 -2.85
CA VAL C 94 -39.52 17.44 -3.54
C VAL C 94 -38.63 18.64 -3.89
N ARG C 95 -37.87 18.51 -4.97
CA ARG C 95 -36.94 19.56 -5.43
C ARG C 95 -37.56 20.93 -5.62
N ARG C 96 -36.83 21.96 -5.19
CA ARG C 96 -37.26 23.34 -5.37
C ARG C 96 -38.67 23.66 -4.88
N THR C 97 -39.02 23.16 -3.69
CA THR C 97 -40.33 23.47 -3.12
C THR C 97 -40.12 24.30 -1.84
N SER C 98 -41.20 24.92 -1.38
CA SER C 98 -41.25 25.75 -0.19
C SER C 98 -41.02 24.91 1.06
N PRO C 99 -40.40 25.48 2.10
CA PRO C 99 -40.15 24.75 3.34
C PRO C 99 -41.32 24.83 4.31
N ARG C 100 -42.35 25.59 3.95
CA ARG C 100 -43.52 25.75 4.81
C ARG C 100 -44.31 24.46 5.00
N ILE C 101 -44.90 24.33 6.18
CA ILE C 101 -45.70 23.16 6.51
C ILE C 101 -47.18 23.45 6.28
N PRO C 102 -47.88 22.57 5.55
CA PRO C 102 -49.31 22.76 5.29
C PRO C 102 -50.06 22.72 6.61
N THR C 103 -51.31 23.17 6.62
CA THR C 103 -52.10 23.17 7.84
C THR C 103 -53.12 22.03 7.87
N ASP C 104 -53.60 21.61 6.70
CA ASP C 104 -54.59 20.54 6.61
C ASP C 104 -53.97 19.14 6.57
N ILE C 105 -54.76 18.12 6.86
CA ILE C 105 -54.26 16.75 6.86
C ILE C 105 -53.72 16.34 5.49
N GLU C 106 -54.38 16.80 4.42
CA GLU C 106 -53.95 16.46 3.07
C GLU C 106 -52.51 16.87 2.78
N GLY C 107 -52.15 18.09 3.17
CA GLY C 107 -50.80 18.56 2.92
C GLY C 107 -49.79 18.03 3.92
N GLN C 108 -50.21 17.85 5.17
CA GLN C 108 -49.26 17.38 6.17
C GLN C 108 -48.85 15.92 6.01
N ILE C 109 -49.76 15.06 5.58
CA ILE C 109 -49.38 13.66 5.45
C ILE C 109 -48.21 13.49 4.47
N GLY C 110 -48.21 14.24 3.37
CA GLY C 110 -47.11 14.14 2.43
C GLY C 110 -45.88 14.84 2.97
N TYR C 111 -46.09 15.94 3.70
CA TYR C 111 -44.99 16.69 4.27
C TYR C 111 -44.17 15.81 5.22
N TYR C 112 -44.86 14.94 5.94
CA TYR C 112 -44.22 14.06 6.90
C TYR C 112 -43.97 12.63 6.38
N CYS C 113 -43.97 12.46 5.06
CA CYS C 113 -43.78 11.14 4.48
C CYS C 113 -42.67 11.11 3.44
N ASN C 114 -41.94 10.00 3.35
CA ASN C 114 -40.87 9.89 2.35
C ASN C 114 -41.12 8.71 1.39
N ALA C 115 -42.14 7.93 1.69
CA ALA C 115 -42.51 6.77 0.88
C ALA C 115 -44.02 6.54 0.98
N ALA C 116 -44.72 6.74 -0.13
CA ALA C 116 -46.18 6.60 -0.18
C ALA C 116 -46.77 5.19 -0.10
N GLU C 117 -45.94 4.15 -0.17
CA GLU C 117 -46.49 2.80 -0.10
C GLU C 117 -46.93 2.47 1.32
N THR C 118 -46.54 3.30 2.27
CA THR C 118 -46.89 3.09 3.68
C THR C 118 -48.11 3.93 4.09
N ALA C 119 -49.20 3.24 4.44
CA ALA C 119 -50.43 3.90 4.86
C ALA C 119 -50.59 3.90 6.38
N ILE C 120 -51.20 4.96 6.91
CA ILE C 120 -51.44 5.05 8.33
C ILE C 120 -52.86 4.50 8.53
N SER C 121 -53.07 3.76 9.61
CA SER C 121 -54.37 3.16 9.87
C SER C 121 -54.66 3.14 11.36
N PRO C 122 -55.91 2.79 11.74
CA PRO C 122 -56.26 2.76 13.17
C PRO C 122 -55.26 1.89 13.93
N GLY C 123 -54.77 2.40 15.06
CA GLY C 123 -53.84 1.64 15.86
C GLY C 123 -52.37 1.74 15.50
N THR C 124 -52.05 2.38 14.39
CA THR C 124 -50.65 2.52 13.98
C THR C 124 -49.85 3.28 15.02
N TRP C 125 -50.42 4.36 15.54
CA TRP C 125 -49.73 5.15 16.54
C TRP C 125 -49.45 4.34 17.80
N GLU C 126 -50.49 3.73 18.36
CA GLU C 126 -50.38 2.91 19.56
C GLU C 126 -49.40 1.75 19.34
N ALA C 127 -49.41 1.17 18.15
CA ALA C 127 -48.50 0.06 17.89
C ALA C 127 -47.06 0.55 17.80
N ALA C 128 -46.85 1.70 17.15
CA ALA C 128 -45.50 2.23 17.03
C ALA C 128 -44.93 2.51 18.42
N LEU C 129 -45.76 3.00 19.33
CA LEU C 129 -45.33 3.28 20.69
C LEU C 129 -44.89 2.00 21.43
N SER C 130 -45.64 0.90 21.26
CA SER C 130 -45.30 -0.35 21.94
C SER C 130 -43.99 -0.93 21.41
N SER C 131 -43.75 -0.75 20.11
CA SER C 131 -42.54 -1.22 19.48
C SER C 131 -41.41 -0.35 20.01
N MET C 132 -41.71 0.93 20.20
CA MET C 132 -40.70 1.86 20.73
C MET C 132 -40.33 1.42 22.14
N ALA C 133 -41.34 1.07 22.92
CA ALA C 133 -41.13 0.62 24.30
C ALA C 133 -40.25 -0.63 24.36
N SER C 134 -40.43 -1.55 23.41
CA SER C 134 -39.61 -2.77 23.41
C SER C 134 -38.14 -2.43 23.20
N ALA C 135 -37.87 -1.44 22.36
CA ALA C 135 -36.51 -1.04 22.09
C ALA C 135 -35.90 -0.40 23.34
N ILE C 136 -36.70 0.42 24.01
CA ILE C 136 -36.25 1.09 25.23
C ILE C 136 -35.90 0.09 26.32
N ASP C 137 -36.80 -0.86 26.58
CA ASP C 137 -36.54 -1.87 27.60
C ASP C 137 -35.33 -2.70 27.22
N GLY C 138 -35.10 -2.84 25.92
CA GLY C 138 -33.94 -3.60 25.47
C GLY C 138 -32.66 -2.87 25.88
N ALA C 139 -32.60 -1.58 25.59
CA ALA C 139 -31.44 -0.77 25.93
C ALA C 139 -31.20 -0.76 27.43
N ASP C 140 -32.29 -0.75 28.20
CA ASP C 140 -32.15 -0.74 29.65
C ASP C 140 -31.47 -2.01 30.16
N LEU C 141 -31.67 -3.12 29.47
CA LEU C 141 -31.03 -4.36 29.86
C LEU C 141 -29.53 -4.22 29.60
N ILE C 142 -29.18 -3.63 28.46
CA ILE C 142 -27.77 -3.44 28.11
C ILE C 142 -27.13 -2.48 29.11
N ALA C 143 -27.85 -1.43 29.48
CA ALA C 143 -27.34 -0.47 30.43
C ALA C 143 -27.21 -1.14 31.80
N ALA C 144 -28.06 -2.13 32.05
CA ALA C 144 -28.03 -2.85 33.32
C ALA C 144 -26.88 -3.86 33.38
N GLY C 145 -26.23 -4.10 32.24
CA GLY C 145 -25.13 -5.03 32.24
C GLY C 145 -25.23 -6.23 31.32
N HIS C 146 -26.41 -6.51 30.77
CA HIS C 146 -26.55 -7.64 29.85
C HIS C 146 -25.67 -7.40 28.64
N LYS C 147 -25.00 -8.44 28.15
CA LYS C 147 -24.14 -8.28 26.99
C LYS C 147 -24.90 -8.49 25.68
N ALA C 148 -26.15 -8.93 25.79
CA ALA C 148 -27.00 -9.13 24.62
C ALA C 148 -28.47 -9.12 25.00
N ALA C 149 -29.31 -8.68 24.06
CA ALA C 149 -30.76 -8.63 24.27
C ALA C 149 -31.41 -8.42 22.91
N PHE C 150 -32.61 -8.97 22.76
CA PHE C 150 -33.33 -8.87 21.50
C PHE C 150 -34.68 -8.21 21.66
N SER C 151 -34.87 -7.08 20.97
CA SER C 151 -36.15 -6.37 21.00
C SER C 151 -36.86 -6.76 19.71
N LEU C 152 -37.94 -7.51 19.84
CA LEU C 152 -38.73 -7.96 18.70
C LEU C 152 -39.67 -6.82 18.38
N CYS C 153 -39.14 -5.82 17.68
CA CYS C 153 -39.93 -4.66 17.32
C CYS C 153 -40.77 -4.84 16.07
N ARG C 154 -41.98 -4.32 16.12
CA ARG C 154 -42.92 -4.34 15.01
C ARG C 154 -44.01 -3.36 15.39
N PRO C 155 -44.28 -2.37 14.54
CA PRO C 155 -43.61 -2.15 13.25
C PRO C 155 -42.13 -1.79 13.36
N PRO C 156 -41.38 -1.96 12.25
CA PRO C 156 -39.94 -1.66 12.18
C PRO C 156 -39.75 -0.14 12.20
N GLY C 157 -38.51 0.32 12.18
CA GLY C 157 -38.31 1.75 12.22
C GLY C 157 -37.15 2.42 11.50
N HIS C 158 -36.21 1.65 10.94
CA HIS C 158 -35.08 2.33 10.32
C HIS C 158 -35.33 3.23 9.10
N HIS C 159 -36.56 3.27 8.58
CA HIS C 159 -36.85 4.16 7.46
C HIS C 159 -37.51 5.43 8.00
N ALA C 160 -37.77 5.47 9.29
CA ALA C 160 -38.36 6.67 9.87
C ALA C 160 -37.24 7.65 10.16
N GLY C 161 -37.30 8.81 9.50
CA GLY C 161 -36.29 9.83 9.67
C GLY C 161 -36.68 10.79 10.76
N ILE C 162 -35.95 11.90 10.86
CA ILE C 162 -36.22 12.90 11.88
C ILE C 162 -37.68 13.34 11.90
N ASP C 163 -38.23 13.62 10.73
CA ASP C 163 -39.62 14.08 10.64
C ASP C 163 -40.41 13.50 9.47
N MET C 164 -40.29 12.20 9.26
CA MET C 164 -41.01 11.55 8.18
C MET C 164 -41.11 10.03 8.37
N PHE C 165 -42.26 9.48 7.97
CA PHE C 165 -42.48 8.03 8.07
C PHE C 165 -42.36 7.46 6.66
N GLY C 166 -42.14 6.15 6.56
CA GLY C 166 -42.01 5.50 5.27
C GLY C 166 -41.44 4.11 5.41
N GLY C 167 -41.58 3.31 4.36
CA GLY C 167 -41.05 1.95 4.40
C GLY C 167 -41.55 1.12 5.57
N TYR C 168 -42.81 1.34 5.92
CA TYR C 168 -43.50 0.63 7.01
C TYR C 168 -43.04 1.07 8.41
N CYS C 169 -42.28 2.16 8.47
CA CYS C 169 -41.74 2.69 9.72
C CYS C 169 -42.30 4.04 10.14
N PHE C 170 -42.49 4.22 11.44
CA PHE C 170 -43.02 5.47 11.95
C PHE C 170 -42.13 6.05 13.05
N ILE C 171 -41.61 5.17 13.91
CA ILE C 171 -40.71 5.60 14.97
C ILE C 171 -39.47 4.74 14.84
N ASN C 172 -38.32 5.40 14.72
CA ASN C 172 -37.06 4.68 14.56
C ASN C 172 -36.64 4.01 15.86
N ASN C 173 -37.08 2.76 16.01
CA ASN C 173 -36.78 1.98 17.20
C ASN C 173 -35.29 1.96 17.56
N ALA C 174 -34.44 1.67 16.58
CA ALA C 174 -33.01 1.59 16.77
C ALA C 174 -32.44 2.93 17.24
N ALA C 175 -32.94 4.02 16.69
CA ALA C 175 -32.48 5.36 17.07
C ALA C 175 -32.86 5.62 18.53
N VAL C 176 -34.08 5.27 18.87
CA VAL C 176 -34.56 5.45 20.22
C VAL C 176 -33.73 4.62 21.20
N ALA C 177 -33.39 3.39 20.82
CA ALA C 177 -32.60 2.53 21.68
C ALA C 177 -31.19 3.09 21.88
N ALA C 178 -30.62 3.66 20.83
CA ALA C 178 -29.29 4.25 20.94
C ALA C 178 -29.35 5.44 21.89
N GLN C 179 -30.34 6.32 21.69
CA GLN C 179 -30.47 7.48 22.55
C GLN C 179 -30.63 7.06 24.01
N ARG C 180 -31.41 6.01 24.26
CA ARG C 180 -31.62 5.53 25.61
C ARG C 180 -30.31 5.12 26.30
N LEU C 181 -29.46 4.41 25.56
CA LEU C 181 -28.18 3.98 26.10
C LEU C 181 -27.35 5.20 26.47
N LEU C 182 -27.40 6.24 25.65
CA LEU C 182 -26.65 7.44 25.97
C LEU C 182 -27.20 8.07 27.25
N ASP C 183 -28.52 8.17 27.36
CA ASP C 183 -29.13 8.75 28.56
C ASP C 183 -28.81 7.94 29.81
N LYS C 184 -28.47 6.67 29.63
CA LYS C 184 -28.16 5.80 30.76
C LYS C 184 -26.70 5.93 31.23
N GLY C 185 -25.86 6.59 30.44
CA GLY C 185 -24.47 6.75 30.84
C GLY C 185 -23.46 6.70 29.72
N ALA C 186 -23.78 6.00 28.65
CA ALA C 186 -22.88 5.88 27.51
C ALA C 186 -22.63 7.23 26.86
N LYS C 187 -21.45 7.42 26.30
CA LYS C 187 -21.09 8.65 25.62
C LYS C 187 -21.00 8.43 24.12
N LYS C 188 -20.71 7.18 23.73
CA LYS C 188 -20.60 6.83 22.32
C LYS C 188 -21.30 5.52 22.04
N ILE C 189 -22.20 5.53 21.06
CA ILE C 189 -22.96 4.37 20.67
C ILE C 189 -22.92 4.23 19.15
N ALA C 190 -22.99 2.99 18.67
CA ALA C 190 -22.98 2.75 17.25
C ALA C 190 -24.18 1.92 16.88
N ILE C 191 -24.68 2.14 15.67
CA ILE C 191 -25.81 1.39 15.17
C ILE C 191 -25.32 0.72 13.90
N LEU C 192 -25.52 -0.58 13.82
CA LEU C 192 -25.11 -1.36 12.65
C LEU C 192 -26.41 -1.87 12.01
N ASP C 193 -26.65 -1.45 10.77
CA ASP C 193 -27.85 -1.85 10.06
C ASP C 193 -27.51 -2.94 9.03
N VAL C 194 -27.89 -4.18 9.32
CA VAL C 194 -27.57 -5.29 8.43
C VAL C 194 -28.77 -5.75 7.58
N ASP C 195 -29.87 -5.00 7.72
CA ASP C 195 -31.09 -5.23 6.96
C ASP C 195 -30.72 -4.96 5.51
N PHE C 196 -31.34 -5.67 4.57
CA PHE C 196 -31.03 -5.48 3.14
C PHE C 196 -31.09 -4.04 2.65
N HIS C 197 -32.13 -3.32 3.05
CA HIS C 197 -32.36 -1.93 2.67
C HIS C 197 -31.58 -0.96 3.55
N HIS C 198 -31.19 0.18 2.98
CA HIS C 198 -30.45 1.19 3.73
C HIS C 198 -31.36 1.79 4.82
N GLY C 199 -30.78 2.02 6.00
CA GLY C 199 -31.56 2.61 7.07
C GLY C 199 -31.44 4.11 6.90
N ASN C 200 -32.10 4.64 5.88
CA ASN C 200 -32.03 6.06 5.58
C ASN C 200 -32.56 6.90 6.73
N GLY C 201 -33.61 6.42 7.41
CA GLY C 201 -34.15 7.15 8.53
C GLY C 201 -33.14 7.31 9.65
N THR C 202 -32.47 6.20 10.00
CA THR C 202 -31.47 6.24 11.06
C THR C 202 -30.30 7.15 10.71
N GLN C 203 -29.87 7.09 9.45
CA GLN C 203 -28.77 7.94 8.99
C GLN C 203 -29.15 9.40 9.12
N ASP C 204 -30.37 9.73 8.69
CA ASP C 204 -30.87 11.09 8.75
C ASP C 204 -30.83 11.64 10.17
N ILE C 205 -31.33 10.85 11.12
CA ILE C 205 -31.37 11.23 12.54
C ILE C 205 -30.01 11.56 13.17
N PHE C 206 -28.98 10.76 12.87
CA PHE C 206 -27.67 10.96 13.45
C PHE C 206 -26.61 11.53 12.49
N TYR C 207 -27.03 11.99 11.32
CA TYR C 207 -26.07 12.50 10.34
C TYR C 207 -25.20 13.64 10.88
N GLU C 208 -25.76 14.46 11.77
CA GLU C 208 -25.02 15.58 12.32
C GLU C 208 -24.68 15.42 13.80
N ARG C 209 -24.71 14.20 14.30
CA ARG C 209 -24.36 13.93 15.68
C ARG C 209 -23.08 13.12 15.77
N GLY C 210 -22.11 13.65 16.53
CA GLY C 210 -20.82 13.00 16.66
C GLY C 210 -20.75 11.97 17.76
N ASP C 211 -21.83 11.82 18.51
CA ASP C 211 -21.86 10.86 19.62
C ASP C 211 -22.39 9.49 19.21
N VAL C 212 -22.95 9.41 18.00
CA VAL C 212 -23.48 8.16 17.49
C VAL C 212 -22.87 7.85 16.13
N PHE C 213 -22.50 6.60 15.90
CA PHE C 213 -21.91 6.17 14.63
C PHE C 213 -22.90 5.25 13.93
N PHE C 214 -23.13 5.47 12.64
CA PHE C 214 -24.07 4.65 11.88
C PHE C 214 -23.40 3.95 10.70
N ALA C 215 -23.53 2.63 10.65
CA ALA C 215 -22.96 1.84 9.56
C ALA C 215 -24.07 1.00 8.96
N SER C 216 -24.14 0.95 7.63
CA SER C 216 -25.18 0.18 6.98
C SER C 216 -24.70 -0.64 5.78
N LEU C 217 -25.11 -1.90 5.72
CA LEU C 217 -24.78 -2.75 4.58
C LEU C 217 -26.12 -2.81 3.87
N HIS C 218 -26.14 -2.68 2.54
CA HIS C 218 -27.42 -2.67 1.86
C HIS C 218 -27.31 -2.68 0.34
N GLY C 219 -28.42 -2.99 -0.30
CA GLY C 219 -28.45 -2.98 -1.76
C GLY C 219 -28.20 -1.56 -2.22
N ASP C 220 -27.49 -1.42 -3.32
CA ASP C 220 -27.15 -0.13 -3.91
C ASP C 220 -28.45 0.67 -4.15
N PRO C 221 -28.54 1.88 -3.54
CA PRO C 221 -29.74 2.71 -3.70
C PRO C 221 -30.07 3.04 -5.17
N ALA C 222 -29.05 3.06 -6.03
CA ALA C 222 -29.26 3.33 -7.44
C ALA C 222 -30.31 2.36 -7.98
N GLU C 223 -30.41 1.18 -7.39
CA GLU C 223 -31.39 0.19 -7.86
C GLU C 223 -32.14 -0.50 -6.72
N ALA C 224 -32.37 0.21 -5.62
CA ALA C 224 -33.07 -0.39 -4.50
C ALA C 224 -33.61 0.62 -3.51
N PHE C 225 -34.82 0.35 -3.01
CA PHE C 225 -35.48 1.17 -2.01
C PHE C 225 -34.45 1.32 -0.89
N PRO C 226 -34.39 2.49 -0.24
CA PRO C 226 -35.17 3.71 -0.44
C PRO C 226 -34.80 4.61 -1.62
N HIS C 227 -33.86 4.18 -2.45
CA HIS C 227 -33.45 4.92 -3.65
C HIS C 227 -32.75 6.27 -3.54
N PHE C 228 -33.02 7.04 -2.49
CA PHE C 228 -32.43 8.37 -2.40
C PHE C 228 -31.47 8.67 -1.27
N LEU C 229 -30.86 7.63 -0.72
CA LEU C 229 -29.89 7.79 0.35
C LEU C 229 -29.19 6.44 0.47
N GLY C 230 -27.98 6.42 0.99
CA GLY C 230 -27.27 5.15 1.14
C GLY C 230 -26.00 5.03 0.33
N TYR C 231 -25.63 6.09 -0.38
CA TYR C 231 -24.41 6.08 -1.18
C TYR C 231 -23.19 6.17 -0.26
N ALA C 232 -22.10 5.53 -0.68
CA ALA C 232 -20.84 5.50 0.07
C ALA C 232 -20.26 6.87 0.38
N GLU C 233 -20.53 7.84 -0.49
CA GLU C 233 -20.02 9.20 -0.35
C GLU C 233 -20.61 9.93 0.86
N GLU C 234 -21.73 9.43 1.39
CA GLU C 234 -22.38 10.05 2.55
C GLU C 234 -21.71 9.63 3.86
N THR C 235 -20.75 10.42 4.32
CA THR C 235 -20.01 10.11 5.54
C THR C 235 -20.36 10.96 6.77
N GLY C 236 -21.26 11.91 6.62
CA GLY C 236 -21.63 12.73 7.76
C GLY C 236 -21.52 14.21 7.48
N LYS C 237 -22.08 15.04 8.37
CA LYS C 237 -22.06 16.47 8.16
C LYS C 237 -21.89 17.25 9.48
N GLY C 238 -21.24 18.40 9.40
CA GLY C 238 -21.02 19.23 10.57
C GLY C 238 -20.47 18.53 11.79
N ALA C 239 -21.20 18.59 12.89
CA ALA C 239 -20.76 17.95 14.14
C ALA C 239 -20.70 16.43 14.01
N GLY C 240 -21.33 15.89 12.97
CA GLY C 240 -21.34 14.46 12.79
C GLY C 240 -20.50 14.00 11.61
N ALA C 241 -19.66 14.89 11.09
CA ALA C 241 -18.81 14.51 9.97
C ALA C 241 -18.04 13.26 10.34
N GLY C 242 -17.91 12.34 9.39
CA GLY C 242 -17.19 11.11 9.63
C GLY C 242 -17.88 10.05 10.48
N THR C 243 -19.17 10.22 10.81
CA THR C 243 -19.82 9.20 11.62
C THR C 243 -20.86 8.35 10.90
N THR C 244 -20.78 8.30 9.57
CA THR C 244 -21.68 7.47 8.77
C THR C 244 -20.82 6.69 7.79
N ALA C 245 -21.03 5.38 7.73
CA ALA C 245 -20.28 4.53 6.81
C ALA C 245 -21.28 3.63 6.07
N ASN C 246 -21.45 3.89 4.78
CA ASN C 246 -22.39 3.12 3.98
C ASN C 246 -21.65 2.12 3.07
N TYR C 247 -22.21 0.93 2.93
CA TYR C 247 -21.62 -0.11 2.10
C TYR C 247 -22.66 -0.63 1.11
N PRO C 248 -22.94 0.15 0.07
CA PRO C 248 -23.92 -0.27 -0.95
C PRO C 248 -23.33 -1.42 -1.78
N MET C 249 -24.12 -2.45 -2.02
CA MET C 249 -23.65 -3.60 -2.80
C MET C 249 -24.64 -3.98 -3.89
N GLY C 250 -24.13 -4.55 -4.98
CA GLY C 250 -24.96 -4.91 -6.12
C GLY C 250 -25.73 -6.21 -6.08
N ARG C 251 -26.39 -6.53 -7.19
CA ARG C 251 -27.19 -7.75 -7.28
C ARG C 251 -26.36 -9.02 -7.20
N GLY C 252 -26.92 -10.02 -6.51
CA GLY C 252 -26.26 -11.30 -6.35
C GLY C 252 -25.05 -11.30 -5.43
N THR C 253 -24.99 -10.33 -4.51
CA THR C 253 -23.89 -10.24 -3.58
C THR C 253 -23.90 -11.43 -2.60
N PRO C 254 -22.84 -12.24 -2.61
CA PRO C 254 -22.72 -13.41 -1.72
C PRO C 254 -22.10 -12.99 -0.40
N TYR C 255 -22.23 -13.86 0.61
CA TYR C 255 -21.67 -13.54 1.92
C TYR C 255 -20.16 -13.27 1.83
N SER C 256 -19.49 -13.91 0.88
CA SER C 256 -18.07 -13.71 0.72
C SER C 256 -17.75 -12.22 0.54
N VAL C 257 -18.64 -11.50 -0.13
CA VAL C 257 -18.44 -10.06 -0.34
C VAL C 257 -19.08 -9.24 0.79
N TRP C 258 -20.24 -9.71 1.25
CA TRP C 258 -20.99 -9.05 2.30
C TRP C 258 -20.20 -9.05 3.60
N GLY C 259 -19.59 -10.18 3.92
CA GLY C 259 -18.80 -10.32 5.13
C GLY C 259 -17.66 -9.33 5.22
N GLU C 260 -17.06 -9.01 4.08
CA GLU C 260 -15.96 -8.06 4.05
C GLU C 260 -16.45 -6.68 4.47
N ALA C 261 -17.66 -6.33 4.04
CA ALA C 261 -18.24 -5.05 4.39
C ALA C 261 -18.52 -5.04 5.89
N LEU C 262 -19.08 -6.13 6.39
CA LEU C 262 -19.39 -6.22 7.81
C LEU C 262 -18.11 -6.07 8.65
N THR C 263 -17.01 -6.65 8.17
CA THR C 263 -15.74 -6.56 8.88
C THR C 263 -15.21 -5.14 8.91
N ASP C 264 -15.31 -4.46 7.79
CA ASP C 264 -14.82 -3.09 7.74
C ASP C 264 -15.70 -2.19 8.61
N SER C 265 -17.00 -2.46 8.64
CA SER C 265 -17.88 -1.63 9.45
C SER C 265 -17.59 -1.80 10.94
N LEU C 266 -17.30 -3.03 11.37
CA LEU C 266 -16.99 -3.27 12.77
C LEU C 266 -15.64 -2.64 13.11
N LYS C 267 -14.77 -2.58 12.12
CA LYS C 267 -13.46 -1.97 12.29
C LYS C 267 -13.62 -0.47 12.51
N ARG C 268 -14.57 0.14 11.81
CA ARG C 268 -14.80 1.57 11.99
C ARG C 268 -15.56 1.85 13.29
N ILE C 269 -16.47 0.95 13.64
CA ILE C 269 -17.23 1.12 14.87
C ILE C 269 -16.25 1.08 16.05
N ALA C 270 -15.24 0.21 15.96
CA ALA C 270 -14.23 0.10 17.01
C ALA C 270 -13.37 1.36 17.08
N ALA C 271 -12.93 1.84 15.93
CA ALA C 271 -12.10 3.04 15.88
C ALA C 271 -12.89 4.25 16.38
N PHE C 272 -14.22 4.15 16.31
CA PHE C 272 -15.08 5.22 16.77
C PHE C 272 -15.11 5.18 18.29
N GLY C 273 -15.04 3.98 18.86
CA GLY C 273 -15.06 3.84 20.29
C GLY C 273 -16.44 3.60 20.86
N ALA C 274 -17.30 2.95 20.09
CA ALA C 274 -18.65 2.67 20.54
C ALA C 274 -18.57 1.85 21.81
N GLU C 275 -19.40 2.20 22.79
CA GLU C 275 -19.45 1.49 24.06
C GLU C 275 -20.44 0.33 23.94
N ALA C 276 -21.30 0.40 22.93
CA ALA C 276 -22.28 -0.63 22.69
C ALA C 276 -22.72 -0.52 21.24
N ILE C 277 -23.40 -1.55 20.77
CA ILE C 277 -23.86 -1.54 19.39
C ILE C 277 -25.30 -1.96 19.27
N VAL C 278 -26.10 -1.10 18.65
CA VAL C 278 -27.50 -1.39 18.41
C VAL C 278 -27.51 -1.97 17.00
N VAL C 279 -27.98 -3.20 16.86
CA VAL C 279 -28.03 -3.87 15.56
C VAL C 279 -29.43 -3.87 14.97
N SER C 280 -29.62 -3.13 13.87
CA SER C 280 -30.92 -3.12 13.19
C SER C 280 -30.88 -4.38 12.34
N LEU C 281 -31.51 -5.43 12.85
CA LEU C 281 -31.52 -6.72 12.17
C LEU C 281 -32.65 -6.92 11.18
N GLY C 282 -32.28 -7.05 9.92
CA GLY C 282 -33.25 -7.31 8.88
C GLY C 282 -32.78 -8.62 8.25
N VAL C 283 -33.67 -9.58 8.07
CA VAL C 283 -33.25 -10.84 7.45
C VAL C 283 -33.70 -10.91 6.00
N ASP C 284 -34.02 -9.75 5.41
CA ASP C 284 -34.44 -9.75 4.02
C ASP C 284 -33.26 -9.91 3.08
N THR C 285 -32.07 -10.16 3.64
CA THR C 285 -30.88 -10.38 2.83
C THR C 285 -30.83 -11.86 2.39
N PHE C 286 -31.78 -12.65 2.88
CA PHE C 286 -31.86 -14.07 2.56
C PHE C 286 -32.12 -14.30 1.07
N GLU C 287 -31.37 -15.21 0.46
CA GLU C 287 -31.51 -15.49 -0.96
C GLU C 287 -32.92 -15.86 -1.38
N GLN C 288 -33.71 -16.40 -0.46
CA GLN C 288 -35.08 -16.78 -0.79
C GLN C 288 -36.08 -15.68 -0.47
N ASP C 289 -35.58 -14.51 -0.09
CA ASP C 289 -36.46 -13.38 0.18
C ASP C 289 -36.65 -12.68 -1.16
N PRO C 290 -37.89 -12.62 -1.66
CA PRO C 290 -38.24 -12.00 -2.94
C PRO C 290 -38.10 -10.48 -3.05
N ILE C 291 -37.92 -9.78 -1.93
CA ILE C 291 -37.79 -8.33 -1.99
C ILE C 291 -36.34 -7.85 -2.06
N SER C 292 -35.40 -8.79 -2.07
CA SER C 292 -33.99 -8.42 -2.12
C SER C 292 -33.22 -9.19 -3.18
N PHE C 293 -32.02 -8.71 -3.49
CA PHE C 293 -31.21 -9.37 -4.48
C PHE C 293 -29.86 -9.84 -3.94
N PHE C 294 -29.78 -10.07 -2.64
CA PHE C 294 -28.56 -10.57 -2.01
C PHE C 294 -28.73 -12.09 -1.91
N LYS C 295 -27.62 -12.81 -1.80
CA LYS C 295 -27.70 -14.27 -1.73
C LYS C 295 -27.16 -14.87 -0.45
N LEU C 296 -27.69 -14.44 0.69
CA LEU C 296 -27.24 -14.99 1.97
C LEU C 296 -28.05 -16.24 2.30
N THR C 297 -27.41 -17.22 2.92
CA THR C 297 -28.06 -18.47 3.30
C THR C 297 -28.27 -18.52 4.81
N SER C 298 -29.16 -19.41 5.26
CA SER C 298 -29.46 -19.53 6.68
C SER C 298 -28.23 -19.61 7.59
N PRO C 299 -27.24 -20.43 7.23
CA PRO C 299 -26.01 -20.56 8.03
C PRO C 299 -25.25 -19.24 8.20
N ASP C 300 -25.26 -18.39 7.18
CA ASP C 300 -24.55 -17.12 7.25
C ASP C 300 -25.06 -16.21 8.37
N TYR C 301 -26.28 -16.44 8.84
CA TYR C 301 -26.83 -15.62 9.91
C TYR C 301 -26.19 -15.96 11.25
N ILE C 302 -25.69 -17.18 11.38
CA ILE C 302 -25.02 -17.56 12.61
C ILE C 302 -23.67 -16.84 12.58
N THR C 303 -23.03 -16.85 11.42
CA THR C 303 -21.74 -16.19 11.24
C THR C 303 -21.85 -14.71 11.56
N MET C 304 -22.91 -14.09 11.05
CA MET C 304 -23.18 -12.67 11.26
C MET C 304 -23.27 -12.35 12.74
N GLY C 305 -24.07 -13.15 13.45
CA GLY C 305 -24.23 -12.94 14.88
C GLY C 305 -22.91 -13.04 15.61
N ARG C 306 -22.11 -14.04 15.29
CA ARG C 306 -20.82 -14.22 15.94
C ARG C 306 -19.83 -13.12 15.63
N THR C 307 -19.76 -12.72 14.37
CA THR C 307 -18.83 -11.68 13.97
C THR C 307 -19.11 -10.38 14.72
N ILE C 308 -20.38 -10.01 14.82
CA ILE C 308 -20.75 -8.78 15.50
C ILE C 308 -20.50 -8.90 17.01
N ALA C 309 -20.82 -10.06 17.58
CA ALA C 309 -20.63 -10.28 19.00
C ALA C 309 -19.15 -10.29 19.36
N ALA C 310 -18.32 -10.66 18.40
CA ALA C 310 -16.88 -10.70 18.61
C ALA C 310 -16.28 -9.30 18.73
N SER C 311 -17.14 -8.28 18.63
CA SER C 311 -16.70 -6.90 18.75
C SER C 311 -16.23 -6.64 20.19
N GLY C 312 -16.76 -7.44 21.12
CA GLY C 312 -16.38 -7.28 22.52
C GLY C 312 -17.23 -6.30 23.31
N VAL C 313 -18.27 -5.76 22.70
CA VAL C 313 -19.14 -4.81 23.40
C VAL C 313 -20.59 -5.31 23.44
N PRO C 314 -21.37 -4.84 24.42
CA PRO C 314 -22.77 -5.27 24.54
C PRO C 314 -23.53 -5.04 23.24
N LEU C 315 -24.50 -5.90 22.95
CA LEU C 315 -25.27 -5.78 21.73
C LEU C 315 -26.77 -5.80 21.96
N LEU C 316 -27.48 -4.88 21.32
CA LEU C 316 -28.93 -4.85 21.39
C LEU C 316 -29.37 -5.12 19.95
N VAL C 317 -30.14 -6.19 19.75
CA VAL C 317 -30.61 -6.52 18.42
C VAL C 317 -32.04 -6.01 18.32
N VAL C 318 -32.29 -5.16 17.32
CA VAL C 318 -33.60 -4.57 17.09
C VAL C 318 -34.16 -5.14 15.78
N MET C 319 -35.34 -5.75 15.86
CA MET C 319 -35.93 -6.34 14.67
C MET C 319 -36.32 -5.28 13.65
N GLU C 320 -35.90 -5.48 12.40
CA GLU C 320 -36.23 -4.54 11.33
C GLU C 320 -37.11 -5.24 10.28
N GLY C 321 -36.61 -5.36 9.05
CA GLY C 321 -37.39 -5.99 8.00
C GLY C 321 -37.17 -7.45 7.70
N GLY C 322 -37.62 -7.86 6.52
CA GLY C 322 -37.50 -9.23 6.12
C GLY C 322 -38.87 -9.73 5.73
N TYR C 323 -38.99 -10.20 4.49
CA TYR C 323 -40.24 -10.71 3.97
C TYR C 323 -40.71 -11.87 4.84
N GLY C 324 -42.01 -12.04 4.93
CA GLY C 324 -42.56 -13.09 5.75
C GLY C 324 -42.44 -14.50 5.20
N VAL C 325 -41.28 -14.90 4.71
CA VAL C 325 -41.09 -16.27 4.19
C VAL C 325 -41.07 -17.26 5.35
N PRO C 326 -41.33 -18.55 5.06
CA PRO C 326 -41.33 -19.58 6.11
C PRO C 326 -40.04 -19.65 6.94
N GLU C 327 -38.92 -19.23 6.35
CA GLU C 327 -37.63 -19.26 7.04
C GLU C 327 -37.31 -17.97 7.82
N ILE C 328 -38.21 -17.00 7.80
CA ILE C 328 -37.95 -15.74 8.49
C ILE C 328 -37.53 -15.95 9.94
N GLY C 329 -38.29 -16.74 10.67
CA GLY C 329 -37.98 -17.00 12.07
C GLY C 329 -36.65 -17.69 12.28
N LEU C 330 -36.41 -18.73 11.49
CA LEU C 330 -35.17 -19.49 11.58
C LEU C 330 -33.97 -18.58 11.38
N ASN C 331 -34.08 -17.66 10.43
CA ASN C 331 -32.98 -16.75 10.16
C ASN C 331 -32.70 -15.79 11.30
N VAL C 332 -33.74 -15.24 11.91
CA VAL C 332 -33.55 -14.32 13.03
C VAL C 332 -32.94 -15.13 14.19
N ALA C 333 -33.53 -16.28 14.48
CA ALA C 333 -33.05 -17.14 15.57
C ALA C 333 -31.56 -17.47 15.38
N ASN C 334 -31.16 -17.70 14.14
CA ASN C 334 -29.76 -18.00 13.85
C ASN C 334 -28.81 -16.87 14.26
N VAL C 335 -29.25 -15.63 14.09
CA VAL C 335 -28.42 -14.49 14.46
C VAL C 335 -28.21 -14.47 15.97
N LEU C 336 -29.29 -14.75 16.71
CA LEU C 336 -29.24 -14.77 18.15
C LEU C 336 -28.31 -15.89 18.61
N LYS C 337 -28.40 -17.05 17.95
CA LYS C 337 -27.52 -18.17 18.31
C LYS C 337 -26.08 -17.76 18.11
N GLY C 338 -25.82 -17.10 16.98
CA GLY C 338 -24.46 -16.66 16.69
C GLY C 338 -23.98 -15.68 17.74
N VAL C 339 -24.88 -14.82 18.21
CA VAL C 339 -24.55 -13.83 19.22
C VAL C 339 -24.28 -14.52 20.56
N ALA C 340 -25.15 -15.48 20.91
CA ALA C 340 -25.01 -16.23 22.17
C ALA C 340 -23.69 -17.02 22.18
N GLY C 341 -23.19 -17.35 21.00
CA GLY C 341 -21.95 -18.09 20.91
C GLY C 341 -22.08 -19.55 21.33
N MET D 1 19.91 5.94 -36.90
CA MET D 1 20.98 5.10 -36.29
C MET D 1 21.63 4.23 -37.35
N ARG D 2 22.85 3.79 -37.06
CA ARG D 2 23.60 2.96 -37.98
C ARG D 2 23.15 1.50 -37.83
N VAL D 3 23.17 0.76 -38.93
CA VAL D 3 22.79 -0.65 -38.93
C VAL D 3 24.03 -1.48 -39.24
N ILE D 4 24.38 -2.41 -38.35
CA ILE D 4 25.54 -3.27 -38.58
C ILE D 4 25.02 -4.61 -39.12
N PHE D 5 25.49 -4.99 -40.30
CA PHE D 5 25.04 -6.21 -40.94
C PHE D 5 26.15 -6.91 -41.72
N SER D 6 26.24 -8.23 -41.56
CA SER D 6 27.24 -9.01 -42.26
C SER D 6 26.59 -10.02 -43.21
N GLU D 7 27.11 -10.08 -44.42
CA GLU D 7 26.59 -11.00 -45.44
C GLU D 7 26.97 -12.44 -45.12
N ASP D 8 27.96 -12.65 -44.26
CA ASP D 8 28.36 -14.01 -43.92
C ASP D 8 27.30 -14.75 -43.10
N HIS D 9 26.25 -14.06 -42.69
CA HIS D 9 25.20 -14.70 -41.91
C HIS D 9 24.62 -15.85 -42.73
N LYS D 10 24.65 -15.70 -44.04
CA LYS D 10 24.11 -16.69 -44.95
C LYS D 10 24.91 -18.00 -44.87
N LEU D 11 26.09 -17.96 -44.25
CA LEU D 11 26.90 -19.17 -44.12
C LEU D 11 26.13 -20.18 -43.25
N ARG D 12 25.22 -19.67 -42.43
CA ARG D 12 24.39 -20.51 -41.59
C ARG D 12 23.15 -20.77 -42.44
N ASN D 13 23.12 -21.94 -43.07
CA ASN D 13 22.02 -22.30 -43.95
C ASN D 13 21.82 -23.81 -43.83
N ALA D 14 21.39 -24.22 -42.64
CA ALA D 14 21.14 -25.62 -42.32
C ALA D 14 19.99 -26.16 -43.15
N LYS D 15 19.99 -27.46 -43.41
CA LYS D 15 18.90 -28.04 -44.20
C LYS D 15 17.83 -28.72 -43.38
N THR D 16 18.14 -29.04 -42.12
CA THR D 16 17.17 -29.70 -41.27
C THR D 16 17.00 -29.12 -39.87
N GLU D 17 15.83 -29.36 -39.33
CA GLU D 17 15.47 -28.93 -37.99
C GLU D 17 14.44 -29.93 -37.51
N LEU D 18 14.57 -30.36 -36.26
CA LEU D 18 13.64 -31.32 -35.68
C LEU D 18 12.42 -30.56 -35.16
N TYR D 19 11.26 -30.90 -35.69
CA TYR D 19 10.01 -30.27 -35.31
C TYR D 19 8.87 -31.27 -35.51
N GLY D 20 8.09 -31.51 -34.46
CA GLY D 20 6.97 -32.43 -34.57
C GLY D 20 7.38 -33.85 -34.91
N GLY D 21 8.57 -34.26 -34.47
CA GLY D 21 9.03 -35.61 -34.75
C GLY D 21 9.49 -35.78 -36.17
N GLU D 22 9.67 -34.68 -36.88
CA GLU D 22 10.13 -34.73 -38.26
C GLU D 22 11.26 -33.74 -38.48
N LEU D 23 12.05 -33.99 -39.51
CA LEU D 23 13.16 -33.12 -39.88
C LEU D 23 12.64 -32.26 -41.02
N VAL D 24 12.59 -30.95 -40.80
CA VAL D 24 12.08 -30.02 -41.80
C VAL D 24 13.02 -28.83 -42.04
N PRO D 25 12.74 -28.02 -43.08
CA PRO D 25 13.63 -26.88 -43.32
C PRO D 25 13.57 -25.92 -42.12
N PRO D 26 14.73 -25.51 -41.62
CA PRO D 26 14.83 -24.59 -40.47
C PRO D 26 13.92 -23.37 -40.58
N PHE D 27 13.30 -22.99 -39.47
CA PHE D 27 12.43 -21.83 -39.46
C PHE D 27 13.26 -20.56 -39.42
N GLU D 28 14.49 -20.69 -38.95
CA GLU D 28 15.41 -19.57 -38.85
C GLU D 28 16.25 -19.57 -40.13
N ALA D 29 15.62 -19.17 -41.23
CA ALA D 29 16.27 -19.14 -42.54
C ALA D 29 16.88 -17.79 -42.93
N PRO D 30 17.84 -17.80 -43.86
CA PRO D 30 18.53 -16.60 -44.34
C PRO D 30 17.62 -15.44 -44.76
N PHE D 31 16.50 -15.73 -45.41
CA PHE D 31 15.63 -14.66 -45.88
C PHE D 31 15.14 -13.75 -44.75
N ARG D 32 15.14 -14.25 -43.51
CA ARG D 32 14.70 -13.44 -42.38
C ARG D 32 15.55 -12.16 -42.32
N ALA D 33 16.86 -12.32 -42.42
CA ALA D 33 17.80 -11.19 -42.38
C ALA D 33 17.58 -10.28 -43.56
N GLU D 34 17.41 -10.89 -44.73
CA GLU D 34 17.18 -10.18 -45.97
C GLU D 34 16.01 -9.21 -45.83
N TRP D 35 14.85 -9.73 -45.45
CA TRP D 35 13.65 -8.92 -45.32
C TRP D 35 13.66 -7.88 -44.21
N ILE D 36 14.41 -8.16 -43.14
CA ILE D 36 14.52 -7.21 -42.04
C ILE D 36 15.38 -6.03 -42.54
N LEU D 37 16.46 -6.35 -43.25
CA LEU D 37 17.35 -5.33 -43.79
C LEU D 37 16.60 -4.44 -44.77
N ALA D 38 15.81 -5.05 -45.64
CA ALA D 38 15.04 -4.31 -46.63
C ALA D 38 14.05 -3.35 -45.97
N ALA D 39 13.43 -3.80 -44.88
CA ALA D 39 12.46 -2.98 -44.17
C ALA D 39 13.06 -1.80 -43.44
N VAL D 40 14.19 -2.01 -42.78
CA VAL D 40 14.83 -0.92 -42.03
C VAL D 40 15.34 0.14 -43.02
N LYS D 41 15.86 -0.31 -44.16
CA LYS D 41 16.35 0.62 -45.17
C LYS D 41 15.18 1.47 -45.68
N GLU D 42 14.07 0.80 -45.97
CA GLU D 42 12.88 1.47 -46.46
C GLU D 42 12.32 2.44 -45.44
N ALA D 43 12.64 2.21 -44.16
CA ALA D 43 12.16 3.08 -43.10
C ALA D 43 13.07 4.28 -42.95
N GLY D 44 14.19 4.29 -43.66
CA GLY D 44 15.11 5.40 -43.58
C GLY D 44 16.45 5.07 -42.96
N PHE D 45 16.56 3.89 -42.35
CA PHE D 45 17.80 3.46 -41.73
C PHE D 45 18.62 2.75 -42.81
N ASP D 46 19.14 3.52 -43.75
CA ASP D 46 19.90 2.98 -44.87
C ASP D 46 21.41 3.06 -44.72
N ASP D 47 21.88 3.42 -43.54
CA ASP D 47 23.32 3.50 -43.30
C ASP D 47 23.76 2.14 -42.75
N VAL D 48 23.94 1.20 -43.67
CA VAL D 48 24.34 -0.16 -43.34
C VAL D 48 25.83 -0.33 -43.52
N VAL D 49 26.51 -0.84 -42.50
CA VAL D 49 27.94 -1.06 -42.59
C VAL D 49 28.27 -2.48 -42.14
N ALA D 50 29.23 -3.11 -42.81
CA ALA D 50 29.62 -4.46 -42.46
C ALA D 50 30.56 -4.37 -41.27
N PRO D 51 30.55 -5.39 -40.41
CA PRO D 51 31.41 -5.38 -39.22
C PRO D 51 32.87 -5.67 -39.57
N ALA D 52 33.76 -5.15 -38.74
CA ALA D 52 35.18 -5.36 -38.90
C ALA D 52 35.49 -6.76 -38.36
N ARG D 53 36.77 -7.13 -38.39
CA ARG D 53 37.20 -8.43 -37.88
C ARG D 53 37.57 -8.30 -36.42
N HIS D 54 37.18 -9.28 -35.62
CA HIS D 54 37.48 -9.30 -34.19
C HIS D 54 37.95 -10.68 -33.78
N GLY D 55 38.77 -10.73 -32.73
CA GLY D 55 39.27 -11.99 -32.23
C GLY D 55 38.24 -12.62 -31.30
N LEU D 56 38.66 -13.53 -30.44
CA LEU D 56 37.76 -14.21 -29.52
C LEU D 56 37.86 -13.73 -28.08
N GLU D 57 38.67 -12.70 -27.85
CA GLU D 57 38.86 -12.18 -26.49
C GLU D 57 37.57 -11.76 -25.79
N THR D 58 36.71 -11.05 -26.51
CA THR D 58 35.48 -10.61 -25.91
C THR D 58 34.57 -11.79 -25.62
N VAL D 59 34.40 -12.66 -26.61
CA VAL D 59 33.53 -13.82 -26.45
C VAL D 59 34.04 -14.81 -25.39
N LEU D 60 35.35 -14.86 -25.18
CA LEU D 60 35.90 -15.78 -24.19
C LEU D 60 35.65 -15.32 -22.76
N LYS D 61 35.10 -14.12 -22.62
CA LYS D 61 34.78 -13.55 -21.32
C LYS D 61 33.36 -13.90 -20.90
N VAL D 62 32.57 -14.40 -21.84
CA VAL D 62 31.19 -14.77 -21.52
C VAL D 62 30.87 -16.24 -21.81
N HIS D 63 31.63 -16.86 -22.72
CA HIS D 63 31.42 -18.26 -23.05
C HIS D 63 32.60 -19.12 -22.61
N ASP D 64 32.29 -20.36 -22.23
CA ASP D 64 33.27 -21.36 -21.79
C ASP D 64 34.22 -21.63 -22.97
N ALA D 65 35.51 -21.73 -22.69
CA ALA D 65 36.48 -21.97 -23.77
C ALA D 65 36.31 -23.36 -24.39
N GLY D 66 35.99 -24.35 -23.56
CA GLY D 66 35.79 -25.70 -24.07
C GLY D 66 34.65 -25.73 -25.08
N TYR D 67 33.60 -24.98 -24.77
CA TYR D 67 32.43 -24.87 -25.63
C TYR D 67 32.77 -24.24 -26.97
N LEU D 68 33.50 -23.13 -26.93
CA LEU D 68 33.86 -22.46 -28.18
C LEU D 68 34.73 -23.39 -29.03
N ASN D 69 35.65 -24.10 -28.37
CA ASN D 69 36.52 -25.03 -29.04
C ASN D 69 35.68 -26.12 -29.72
N PHE D 70 34.67 -26.62 -29.04
CA PHE D 70 33.78 -27.65 -29.59
C PHE D 70 33.02 -27.16 -30.82
N LEU D 71 32.52 -25.92 -30.77
CA LEU D 71 31.77 -25.36 -31.89
C LEU D 71 32.60 -25.23 -33.16
N GLU D 72 33.82 -24.74 -33.00
CA GLU D 72 34.70 -24.52 -34.12
C GLU D 72 34.96 -25.79 -34.93
N THR D 73 35.07 -26.93 -34.27
CA THR D 73 35.36 -28.16 -34.99
C THR D 73 34.23 -29.19 -35.00
N ALA D 74 33.07 -28.82 -34.46
CA ALA D 74 31.94 -29.74 -34.40
C ALA D 74 31.60 -30.41 -35.73
N TRP D 75 31.32 -29.61 -36.76
CA TRP D 75 30.95 -30.18 -38.05
C TRP D 75 32.02 -31.10 -38.65
N ASP D 76 33.29 -30.70 -38.55
CA ASP D 76 34.36 -31.52 -39.09
C ASP D 76 34.39 -32.89 -38.42
N ARG D 77 34.39 -32.91 -37.10
CA ARG D 77 34.44 -34.17 -36.37
C ARG D 77 33.22 -35.04 -36.65
N TRP D 78 32.07 -34.39 -36.80
CA TRP D 78 30.82 -35.11 -37.06
C TRP D 78 30.88 -35.82 -38.41
N LYS D 79 31.22 -35.05 -39.45
CA LYS D 79 31.32 -35.58 -40.80
C LYS D 79 32.42 -36.64 -40.86
N ALA D 80 33.50 -36.44 -40.09
CA ALA D 80 34.61 -37.38 -40.06
C ALA D 80 34.20 -38.68 -39.36
N ALA D 81 33.17 -38.61 -38.54
CA ALA D 81 32.69 -39.79 -37.83
C ALA D 81 31.87 -40.66 -38.78
N GLY D 82 31.60 -40.14 -39.97
CA GLY D 82 30.85 -40.91 -40.95
C GLY D 82 29.34 -40.72 -40.98
N TYR D 83 28.82 -39.71 -40.30
CA TYR D 83 27.39 -39.49 -40.30
C TYR D 83 26.91 -38.76 -41.56
N LYS D 84 25.71 -39.14 -42.02
CA LYS D 84 25.11 -38.60 -43.24
C LYS D 84 24.30 -37.32 -43.05
N GLY D 85 23.64 -37.19 -41.91
CA GLY D 85 22.84 -36.00 -41.64
C GLY D 85 23.67 -34.90 -41.02
N GLU D 86 23.01 -33.86 -40.54
CA GLU D 86 23.71 -32.75 -39.90
C GLU D 86 23.96 -33.12 -38.44
N ALA D 87 24.81 -32.36 -37.75
CA ALA D 87 25.12 -32.65 -36.36
C ALA D 87 23.96 -32.37 -35.43
N ILE D 88 23.32 -33.43 -34.93
CA ILE D 88 22.20 -33.31 -34.02
C ILE D 88 22.45 -34.14 -32.75
N ALA D 89 22.29 -33.52 -31.59
CA ALA D 89 22.51 -34.18 -30.31
C ALA D 89 21.32 -35.05 -29.93
N THR D 90 21.59 -36.15 -29.22
CA THR D 90 20.54 -37.06 -28.80
C THR D 90 20.63 -37.37 -27.30
N SER D 91 21.85 -37.58 -26.79
CA SER D 91 22.05 -37.86 -25.37
C SER D 91 22.38 -36.58 -24.63
N PHE D 92 21.71 -36.35 -23.51
CA PHE D 92 21.94 -35.14 -22.74
C PHE D 92 22.26 -35.39 -21.28
N PRO D 93 23.12 -34.54 -20.69
CA PRO D 93 23.49 -34.70 -19.28
C PRO D 93 22.37 -34.09 -18.43
N VAL D 94 21.31 -34.87 -18.23
CA VAL D 94 20.18 -34.38 -17.45
C VAL D 94 20.31 -34.70 -15.97
N ARG D 95 19.19 -34.77 -15.28
CA ARG D 95 19.19 -35.03 -13.84
C ARG D 95 20.03 -36.21 -13.39
N ARG D 96 20.74 -36.00 -12.29
CA ARG D 96 21.54 -37.04 -11.66
C ARG D 96 22.57 -37.72 -12.56
N THR D 97 23.25 -36.96 -13.40
CA THR D 97 24.27 -37.50 -14.26
C THR D 97 25.64 -36.99 -13.83
N SER D 98 26.66 -37.64 -14.35
CA SER D 98 28.04 -37.30 -14.08
C SER D 98 28.36 -35.95 -14.70
N PRO D 99 29.30 -35.21 -14.09
CA PRO D 99 29.70 -33.89 -14.60
C PRO D 99 30.82 -34.02 -15.63
N ARG D 100 31.34 -35.23 -15.80
CA ARG D 100 32.43 -35.46 -16.74
C ARG D 100 32.08 -35.16 -18.20
N ILE D 101 33.07 -34.68 -18.94
CA ILE D 101 32.89 -34.35 -20.35
C ILE D 101 33.36 -35.52 -21.22
N PRO D 102 32.51 -36.02 -22.13
CA PRO D 102 32.91 -37.14 -23.00
C PRO D 102 34.10 -36.72 -23.87
N THR D 103 34.75 -37.71 -24.50
CA THR D 103 35.90 -37.43 -25.35
C THR D 103 35.56 -37.45 -26.84
N ASP D 104 34.54 -38.21 -27.22
CA ASP D 104 34.16 -38.33 -28.63
C ASP D 104 33.10 -37.30 -29.04
N ILE D 105 32.91 -37.14 -30.35
CA ILE D 105 31.96 -36.17 -30.86
C ILE D 105 30.51 -36.51 -30.47
N GLU D 106 30.16 -37.80 -30.45
CA GLU D 106 28.81 -38.20 -30.09
C GLU D 106 28.41 -37.74 -28.69
N GLY D 107 29.32 -37.90 -27.74
CA GLY D 107 29.03 -37.47 -26.38
C GLY D 107 29.10 -35.97 -26.21
N GLN D 108 30.08 -35.33 -26.85
CA GLN D 108 30.24 -33.89 -26.71
C GLN D 108 29.13 -33.05 -27.28
N ILE D 109 28.54 -33.46 -28.40
CA ILE D 109 27.47 -32.65 -28.97
C ILE D 109 26.31 -32.54 -27.99
N GLY D 110 26.05 -33.59 -27.22
CA GLY D 110 24.98 -33.55 -26.25
C GLY D 110 25.39 -32.75 -25.03
N TYR D 111 26.65 -32.90 -24.63
CA TYR D 111 27.18 -32.18 -23.48
C TYR D 111 27.08 -30.68 -23.67
N TYR D 112 27.29 -30.21 -24.90
CA TYR D 112 27.27 -28.79 -25.21
C TYR D 112 25.96 -28.30 -25.85
N CYS D 113 24.89 -29.05 -25.68
CA CYS D 113 23.61 -28.69 -26.27
C CYS D 113 22.48 -28.69 -25.23
N ASN D 114 21.54 -27.74 -25.33
CA ASN D 114 20.41 -27.68 -24.41
C ASN D 114 19.06 -27.89 -25.12
N ALA D 115 19.10 -27.84 -26.44
CA ALA D 115 17.91 -28.01 -27.27
C ALA D 115 18.30 -28.70 -28.58
N ALA D 116 17.81 -29.92 -28.78
CA ALA D 116 18.12 -30.72 -29.95
C ALA D 116 17.47 -30.35 -31.29
N GLU D 117 16.56 -29.39 -31.32
CA GLU D 117 15.96 -29.04 -32.59
C GLU D 117 16.96 -28.27 -33.45
N THR D 118 18.04 -27.85 -32.83
CA THR D 118 19.10 -27.09 -33.49
C THR D 118 20.25 -27.97 -33.96
N ALA D 119 20.48 -27.98 -35.28
CA ALA D 119 21.54 -28.79 -35.87
C ALA D 119 22.71 -27.94 -36.31
N ILE D 120 23.92 -28.44 -36.06
CA ILE D 120 25.13 -27.72 -36.47
C ILE D 120 25.39 -28.15 -37.92
N SER D 121 25.54 -27.17 -38.81
CA SER D 121 25.77 -27.44 -40.22
C SER D 121 27.03 -26.73 -40.71
N PRO D 122 27.53 -27.08 -41.90
CA PRO D 122 28.74 -26.46 -42.45
C PRO D 122 28.58 -24.93 -42.46
N GLY D 123 29.58 -24.20 -41.99
CA GLY D 123 29.45 -22.75 -42.01
C GLY D 123 28.82 -22.11 -40.79
N THR D 124 28.25 -22.92 -39.91
CA THR D 124 27.64 -22.40 -38.70
C THR D 124 28.64 -21.60 -37.85
N TRP D 125 29.81 -22.20 -37.60
CA TRP D 125 30.83 -21.50 -36.82
C TRP D 125 31.16 -20.13 -37.43
N GLU D 126 31.44 -20.12 -38.73
CA GLU D 126 31.77 -18.88 -39.45
C GLU D 126 30.65 -17.84 -39.37
N ALA D 127 29.42 -18.29 -39.57
CA ALA D 127 28.28 -17.37 -39.53
C ALA D 127 28.10 -16.84 -38.11
N ALA D 128 28.26 -17.73 -37.13
CA ALA D 128 28.12 -17.32 -35.74
C ALA D 128 29.13 -16.21 -35.45
N LEU D 129 30.36 -16.37 -35.93
CA LEU D 129 31.39 -15.36 -35.71
C LEU D 129 31.07 -14.04 -36.39
N SER D 130 30.50 -14.08 -37.59
CA SER D 130 30.18 -12.83 -38.29
C SER D 130 29.08 -12.10 -37.51
N SER D 131 28.13 -12.86 -36.97
CA SER D 131 27.01 -12.30 -36.21
C SER D 131 27.54 -11.67 -34.91
N MET D 132 28.49 -12.36 -34.28
CA MET D 132 29.13 -11.88 -33.06
C MET D 132 29.83 -10.56 -33.37
N ALA D 133 30.51 -10.52 -34.52
CA ALA D 133 31.21 -9.31 -34.94
C ALA D 133 30.26 -8.13 -35.11
N SER D 134 29.04 -8.38 -35.60
CA SER D 134 28.06 -7.31 -35.77
C SER D 134 27.66 -6.75 -34.41
N ALA D 135 27.59 -7.62 -33.41
CA ALA D 135 27.22 -7.20 -32.07
C ALA D 135 28.32 -6.32 -31.50
N ILE D 136 29.57 -6.76 -31.62
CA ILE D 136 30.72 -6.02 -31.13
C ILE D 136 30.81 -4.62 -31.75
N ASP D 137 30.68 -4.54 -33.07
CA ASP D 137 30.75 -3.25 -33.75
C ASP D 137 29.60 -2.34 -33.34
N GLY D 138 28.44 -2.94 -33.08
CA GLY D 138 27.31 -2.14 -32.65
C GLY D 138 27.63 -1.55 -31.29
N ALA D 139 28.24 -2.37 -30.43
CA ALA D 139 28.61 -1.91 -29.10
C ALA D 139 29.66 -0.81 -29.17
N ASP D 140 30.57 -0.90 -30.15
CA ASP D 140 31.61 0.12 -30.28
C ASP D 140 31.03 1.50 -30.60
N LEU D 141 29.97 1.54 -31.39
CA LEU D 141 29.33 2.80 -31.75
C LEU D 141 28.74 3.45 -30.50
N ILE D 142 28.15 2.63 -29.65
CA ILE D 142 27.56 3.13 -28.40
C ILE D 142 28.65 3.70 -27.52
N ALA D 143 29.75 2.96 -27.39
CA ALA D 143 30.86 3.42 -26.57
C ALA D 143 31.47 4.68 -27.16
N ALA D 144 31.21 4.94 -28.44
CA ALA D 144 31.75 6.13 -29.09
C ALA D 144 30.84 7.34 -28.96
N GLY D 145 29.68 7.16 -28.33
CA GLY D 145 28.78 8.28 -28.15
C GLY D 145 27.45 8.15 -28.85
N HIS D 146 27.32 7.21 -29.79
CA HIS D 146 26.05 7.02 -30.50
C HIS D 146 24.92 6.72 -29.51
N LYS D 147 23.78 7.38 -29.68
CA LYS D 147 22.65 7.17 -28.78
C LYS D 147 21.91 5.87 -29.08
N ALA D 148 22.07 5.36 -30.30
CA ALA D 148 21.41 4.13 -30.68
C ALA D 148 22.07 3.47 -31.89
N ALA D 149 21.94 2.16 -31.98
CA ALA D 149 22.50 1.42 -33.10
C ALA D 149 21.75 0.10 -33.21
N PHE D 150 21.79 -0.51 -34.39
CA PHE D 150 21.11 -1.77 -34.59
C PHE D 150 22.03 -2.79 -35.22
N SER D 151 22.24 -3.88 -34.48
CA SER D 151 23.08 -4.97 -34.95
C SER D 151 22.14 -6.03 -35.49
N LEU D 152 22.11 -6.16 -36.81
CA LEU D 152 21.24 -7.14 -37.47
C LEU D 152 21.95 -8.49 -37.38
N CYS D 153 21.86 -9.09 -36.20
CA CYS D 153 22.50 -10.39 -35.96
C CYS D 153 21.71 -11.56 -36.49
N ARG D 154 22.45 -12.52 -37.01
CA ARG D 154 21.91 -13.78 -37.52
C ARG D 154 23.11 -14.69 -37.77
N PRO D 155 23.11 -15.88 -37.15
CA PRO D 155 22.07 -16.41 -36.27
C PRO D 155 21.92 -15.63 -34.95
N PRO D 156 20.77 -15.78 -34.29
CA PRO D 156 20.48 -15.11 -33.02
C PRO D 156 21.32 -15.75 -31.91
N GLY D 157 21.21 -15.24 -30.68
CA GLY D 157 22.03 -15.84 -29.65
C GLY D 157 21.51 -15.95 -28.23
N HIS D 158 20.37 -15.36 -27.91
CA HIS D 158 19.92 -15.41 -26.52
C HIS D 158 19.69 -16.79 -25.89
N HIS D 159 19.70 -17.86 -26.69
CA HIS D 159 19.52 -19.20 -26.13
C HIS D 159 20.85 -19.88 -25.87
N ALA D 160 21.93 -19.29 -26.38
CA ALA D 160 23.25 -19.88 -26.16
C ALA D 160 23.69 -19.50 -24.76
N GLY D 161 23.93 -20.51 -23.93
CA GLY D 161 24.36 -20.26 -22.58
C GLY D 161 25.88 -20.25 -22.49
N ILE D 162 26.40 -20.30 -21.27
CA ILE D 162 27.84 -20.28 -21.07
C ILE D 162 28.53 -21.36 -21.88
N ASP D 163 28.05 -22.60 -21.75
CA ASP D 163 28.64 -23.72 -22.45
C ASP D 163 27.66 -24.61 -23.20
N MET D 164 26.67 -24.03 -23.87
CA MET D 164 25.72 -24.83 -24.61
C MET D 164 24.99 -24.04 -25.69
N PHE D 165 24.69 -24.72 -26.80
CA PHE D 165 23.97 -24.07 -27.90
C PHE D 165 22.56 -24.63 -27.92
N GLY D 166 21.67 -23.97 -28.65
CA GLY D 166 20.30 -24.43 -28.74
C GLY D 166 19.39 -23.32 -29.22
N GLY D 167 18.14 -23.67 -29.50
CA GLY D 167 17.19 -22.69 -29.99
C GLY D 167 17.69 -21.82 -31.15
N TYR D 168 18.49 -22.42 -32.03
CA TYR D 168 19.06 -21.77 -33.22
C TYR D 168 20.21 -20.83 -32.91
N CYS D 169 20.66 -20.82 -31.66
CA CYS D 169 21.74 -19.95 -31.22
C CYS D 169 23.02 -20.70 -30.88
N PHE D 170 24.16 -20.08 -31.18
CA PHE D 170 25.46 -20.68 -30.92
C PHE D 170 26.36 -19.73 -30.11
N ILE D 171 26.29 -18.43 -30.40
CA ILE D 171 27.08 -17.47 -29.66
C ILE D 171 26.14 -16.36 -29.22
N ASN D 172 26.10 -16.09 -27.91
CA ASN D 172 25.20 -15.08 -27.39
C ASN D 172 25.63 -13.66 -27.74
N ASN D 173 25.16 -13.20 -28.88
CA ASN D 173 25.47 -11.86 -29.38
C ASN D 173 25.21 -10.73 -28.39
N ALA D 174 24.07 -10.79 -27.71
CA ALA D 174 23.72 -9.77 -26.72
C ALA D 174 24.74 -9.73 -25.57
N ALA D 175 25.11 -10.92 -25.10
CA ALA D 175 26.07 -11.06 -24.03
C ALA D 175 27.41 -10.49 -24.47
N VAL D 176 27.82 -10.85 -25.67
CA VAL D 176 29.07 -10.36 -26.22
C VAL D 176 29.05 -8.83 -26.32
N ALA D 177 27.93 -8.26 -26.77
CA ALA D 177 27.81 -6.82 -26.87
C ALA D 177 27.91 -6.15 -25.50
N ALA D 178 27.18 -6.69 -24.52
CA ALA D 178 27.21 -6.13 -23.18
C ALA D 178 28.63 -6.19 -22.64
N GLN D 179 29.31 -7.32 -22.86
CA GLN D 179 30.68 -7.46 -22.38
C GLN D 179 31.60 -6.46 -23.07
N ARG D 180 31.39 -6.23 -24.37
CA ARG D 180 32.22 -5.28 -25.09
C ARG D 180 32.09 -3.88 -24.45
N LEU D 181 30.86 -3.46 -24.18
CA LEU D 181 30.60 -2.17 -23.57
C LEU D 181 31.32 -2.02 -22.23
N LEU D 182 31.39 -3.11 -21.48
CA LEU D 182 32.09 -3.07 -20.20
C LEU D 182 33.57 -2.87 -20.47
N ASP D 183 34.13 -3.68 -21.36
CA ASP D 183 35.55 -3.58 -21.69
C ASP D 183 35.89 -2.18 -22.22
N LYS D 184 34.91 -1.50 -22.79
CA LYS D 184 35.13 -0.16 -23.33
C LYS D 184 35.04 0.95 -22.30
N GLY D 185 34.68 0.61 -21.07
CA GLY D 185 34.61 1.65 -20.05
C GLY D 185 33.37 1.70 -19.18
N ALA D 186 32.32 0.96 -19.54
CA ALA D 186 31.10 0.96 -18.74
C ALA D 186 31.36 0.08 -17.52
N LYS D 187 30.74 0.40 -16.39
CA LYS D 187 30.90 -0.38 -15.18
C LYS D 187 29.65 -1.22 -14.96
N LYS D 188 28.52 -0.72 -15.45
CA LYS D 188 27.25 -1.41 -15.31
C LYS D 188 26.44 -1.33 -16.60
N ILE D 189 25.95 -2.48 -17.04
CA ILE D 189 25.17 -2.59 -18.28
C ILE D 189 23.96 -3.48 -18.06
N ALA D 190 22.87 -3.20 -18.75
CA ALA D 190 21.68 -4.01 -18.62
C ALA D 190 21.30 -4.57 -19.98
N ILE D 191 20.64 -5.73 -19.96
CA ILE D 191 20.17 -6.37 -21.17
C ILE D 191 18.67 -6.58 -21.01
N LEU D 192 17.91 -6.06 -21.95
CA LEU D 192 16.45 -6.18 -21.95
C LEU D 192 16.03 -7.09 -23.10
N ASP D 193 15.50 -8.25 -22.76
CA ASP D 193 15.09 -9.24 -23.77
C ASP D 193 13.59 -9.17 -24.06
N VAL D 194 13.21 -8.59 -25.18
CA VAL D 194 11.80 -8.44 -25.54
C VAL D 194 11.25 -9.54 -26.44
N ASP D 195 12.14 -10.44 -26.83
CA ASP D 195 11.78 -11.57 -27.67
C ASP D 195 10.73 -12.40 -26.91
N PHE D 196 9.80 -13.02 -27.63
CA PHE D 196 8.74 -13.84 -27.00
C PHE D 196 9.30 -14.89 -26.06
N HIS D 197 10.45 -15.45 -26.44
CA HIS D 197 11.09 -16.49 -25.65
C HIS D 197 12.06 -15.97 -24.61
N HIS D 198 12.17 -16.71 -23.52
CA HIS D 198 13.06 -16.34 -22.45
C HIS D 198 14.50 -16.45 -22.94
N GLY D 199 15.32 -15.45 -22.62
CA GLY D 199 16.71 -15.52 -23.03
C GLY D 199 17.45 -16.33 -21.98
N ASN D 200 17.16 -17.63 -21.94
CA ASN D 200 17.77 -18.52 -20.95
C ASN D 200 19.29 -18.57 -21.04
N GLY D 201 19.82 -18.44 -22.26
CA GLY D 201 21.26 -18.46 -22.42
C GLY D 201 21.88 -17.20 -21.85
N THR D 202 21.21 -16.06 -22.04
CA THR D 202 21.72 -14.80 -21.51
C THR D 202 21.63 -14.78 -19.99
N GLN D 203 20.53 -15.28 -19.45
CA GLN D 203 20.37 -15.30 -18.01
C GLN D 203 21.49 -16.13 -17.40
N ASP D 204 21.71 -17.31 -17.98
CA ASP D 204 22.75 -18.24 -17.53
C ASP D 204 24.13 -17.58 -17.49
N ILE D 205 24.46 -16.83 -18.54
CA ILE D 205 25.76 -16.17 -18.63
C ILE D 205 26.02 -15.11 -17.54
N PHE D 206 25.01 -14.32 -17.20
CA PHE D 206 25.18 -13.26 -16.20
C PHE D 206 24.48 -13.52 -14.87
N TYR D 207 24.01 -14.75 -14.65
CA TYR D 207 23.29 -15.08 -13.42
C TYR D 207 24.09 -14.77 -12.16
N GLU D 208 25.40 -14.96 -12.21
CA GLU D 208 26.25 -14.70 -11.06
C GLU D 208 27.18 -13.50 -11.23
N ARG D 209 26.80 -12.60 -12.13
CA ARG D 209 27.59 -11.40 -12.36
C ARG D 209 26.81 -10.19 -11.90
N GLY D 210 27.39 -9.44 -10.97
CA GLY D 210 26.73 -8.26 -10.43
C GLY D 210 26.87 -7.00 -11.24
N ASP D 211 27.70 -7.03 -12.28
CA ASP D 211 27.89 -5.84 -13.10
C ASP D 211 26.94 -5.77 -14.29
N VAL D 212 26.16 -6.83 -14.49
CA VAL D 212 25.21 -6.89 -15.59
C VAL D 212 23.82 -7.27 -15.07
N PHE D 213 22.80 -6.52 -15.50
CA PHE D 213 21.42 -6.78 -15.08
C PHE D 213 20.68 -7.37 -16.28
N PHE D 214 19.90 -8.42 -16.02
CA PHE D 214 19.15 -9.06 -17.09
C PHE D 214 17.64 -9.08 -16.83
N ALA D 215 16.88 -8.50 -17.75
CA ALA D 215 15.43 -8.45 -17.64
C ALA D 215 14.84 -9.09 -18.88
N SER D 216 13.84 -9.95 -18.69
CA SER D 216 13.22 -10.60 -19.83
C SER D 216 11.72 -10.74 -19.72
N LEU D 217 11.03 -10.36 -20.79
CA LEU D 217 9.58 -10.49 -20.85
C LEU D 217 9.43 -11.68 -21.81
N HIS D 218 8.57 -12.63 -21.48
CA HIS D 218 8.45 -13.81 -22.32
C HIS D 218 7.26 -14.70 -21.96
N GLY D 219 6.95 -15.62 -22.86
CA GLY D 219 5.87 -16.55 -22.60
C GLY D 219 6.30 -17.48 -21.48
N ASP D 220 5.37 -17.75 -20.56
CA ASP D 220 5.60 -18.62 -19.42
C ASP D 220 6.26 -19.92 -19.86
N PRO D 221 7.45 -20.22 -19.31
CA PRO D 221 8.18 -21.45 -19.65
C PRO D 221 7.41 -22.73 -19.30
N ALA D 222 6.39 -22.60 -18.46
CA ALA D 222 5.58 -23.74 -18.07
C ALA D 222 4.91 -24.30 -19.32
N GLU D 223 4.77 -23.44 -20.33
CA GLU D 223 4.14 -23.84 -21.58
C GLU D 223 4.78 -23.15 -22.78
N ALA D 224 6.10 -23.01 -22.76
CA ALA D 224 6.81 -22.36 -23.87
C ALA D 224 8.33 -22.53 -23.79
N PHE D 225 8.92 -22.79 -24.96
CA PHE D 225 10.36 -22.94 -25.10
C PHE D 225 10.92 -21.70 -24.41
N PRO D 226 12.06 -21.81 -23.69
CA PRO D 226 12.91 -22.98 -23.46
C PRO D 226 12.42 -23.99 -22.41
N HIS D 227 11.21 -23.80 -21.89
CA HIS D 227 10.63 -24.73 -20.92
C HIS D 227 11.29 -24.88 -19.56
N PHE D 228 12.61 -24.75 -19.47
CA PHE D 228 13.27 -24.98 -18.19
C PHE D 228 14.00 -23.82 -17.53
N LEU D 229 13.53 -22.62 -17.79
CA LEU D 229 14.12 -21.42 -17.22
C LEU D 229 13.21 -20.29 -17.64
N GLY D 230 13.18 -19.22 -16.85
CA GLY D 230 12.33 -18.09 -17.17
C GLY D 230 11.28 -17.81 -16.12
N TYR D 231 11.35 -18.51 -14.98
CA TYR D 231 10.40 -18.30 -13.90
C TYR D 231 10.74 -17.05 -13.09
N ALA D 232 9.72 -16.39 -12.57
CA ALA D 232 9.89 -15.17 -11.79
C ALA D 232 10.75 -15.31 -10.54
N GLU D 233 10.82 -16.52 -9.99
CA GLU D 233 11.60 -16.81 -8.79
C GLU D 233 13.10 -16.69 -9.02
N GLU D 234 13.52 -16.76 -10.28
CA GLU D 234 14.93 -16.68 -10.65
C GLU D 234 15.43 -15.24 -10.66
N THR D 235 16.03 -14.81 -9.55
CA THR D 235 16.51 -13.44 -9.44
C THR D 235 18.04 -13.26 -9.38
N GLY D 236 18.78 -14.36 -9.43
CA GLY D 236 20.24 -14.25 -9.38
C GLY D 236 20.85 -15.10 -8.29
N LYS D 237 22.16 -15.30 -8.35
CA LYS D 237 22.87 -16.13 -7.39
C LYS D 237 24.25 -15.55 -7.04
N GLY D 238 24.64 -15.67 -5.78
CA GLY D 238 25.94 -15.19 -5.34
C GLY D 238 26.29 -13.76 -5.69
N ALA D 239 27.40 -13.59 -6.40
CA ALA D 239 27.86 -12.27 -6.80
C ALA D 239 26.83 -11.53 -7.64
N GLY D 240 25.91 -12.27 -8.25
CA GLY D 240 24.90 -11.65 -9.08
C GLY D 240 23.50 -11.70 -8.52
N ALA D 241 23.37 -11.93 -7.22
CA ALA D 241 22.06 -12.00 -6.60
C ALA D 241 21.28 -10.72 -6.89
N GLY D 242 20.02 -10.89 -7.29
CA GLY D 242 19.18 -9.74 -7.58
C GLY D 242 19.44 -8.97 -8.87
N THR D 243 20.13 -9.58 -9.83
CA THR D 243 20.38 -8.89 -11.10
C THR D 243 19.65 -9.56 -12.27
N THR D 244 18.67 -10.40 -11.96
CA THR D 244 17.86 -11.08 -12.97
C THR D 244 16.39 -10.83 -12.64
N ALA D 245 15.61 -10.37 -13.61
CA ALA D 245 14.18 -10.13 -13.40
C ALA D 245 13.37 -10.67 -14.57
N ASN D 246 12.66 -11.76 -14.33
CA ASN D 246 11.85 -12.39 -15.37
C ASN D 246 10.37 -12.04 -15.25
N TYR D 247 9.74 -11.85 -16.40
CA TYR D 247 8.32 -11.54 -16.44
C TYR D 247 7.61 -12.55 -17.33
N PRO D 248 7.39 -13.77 -16.82
CA PRO D 248 6.70 -14.78 -17.62
C PRO D 248 5.22 -14.37 -17.72
N MET D 249 4.63 -14.48 -18.91
CA MET D 249 3.23 -14.11 -19.12
C MET D 249 2.49 -15.21 -19.90
N GLY D 250 1.18 -15.31 -19.69
CA GLY D 250 0.36 -16.33 -20.32
C GLY D 250 -0.15 -16.10 -21.73
N ARG D 251 -1.01 -17.02 -22.20
CA ARG D 251 -1.57 -16.94 -23.55
C ARG D 251 -2.57 -15.79 -23.73
N GLY D 252 -2.49 -15.15 -24.89
CA GLY D 252 -3.38 -14.04 -25.20
C GLY D 252 -2.94 -12.71 -24.62
N THR D 253 -1.79 -12.68 -23.96
CA THR D 253 -1.31 -11.45 -23.36
C THR D 253 -1.22 -10.29 -24.35
N PRO D 254 -2.07 -9.26 -24.15
CA PRO D 254 -2.07 -8.10 -25.03
C PRO D 254 -1.00 -7.09 -24.60
N TYR D 255 -0.77 -6.06 -25.41
CA TYR D 255 0.23 -5.08 -25.06
C TYR D 255 -0.12 -4.36 -23.77
N SER D 256 -1.40 -4.28 -23.45
CA SER D 256 -1.83 -3.61 -22.23
C SER D 256 -1.19 -4.25 -21.01
N VAL D 257 -1.00 -5.57 -21.05
CA VAL D 257 -0.39 -6.26 -19.92
C VAL D 257 1.13 -6.29 -20.12
N TRP D 258 1.55 -6.64 -21.33
CA TRP D 258 2.96 -6.72 -21.68
C TRP D 258 3.65 -5.39 -21.34
N GLY D 259 2.98 -4.28 -21.63
CA GLY D 259 3.55 -2.97 -21.36
C GLY D 259 3.83 -2.70 -19.90
N GLU D 260 2.99 -3.22 -19.01
CA GLU D 260 3.19 -3.02 -17.59
C GLU D 260 4.50 -3.67 -17.19
N ALA D 261 4.77 -4.85 -17.76
CA ALA D 261 6.00 -5.58 -17.47
C ALA D 261 7.17 -4.78 -18.02
N LEU D 262 7.02 -4.27 -19.24
CA LEU D 262 8.07 -3.47 -19.86
C LEU D 262 8.38 -2.29 -18.95
N THR D 263 7.34 -1.67 -18.44
CA THR D 263 7.48 -0.50 -17.56
C THR D 263 8.24 -0.85 -16.28
N ASP D 264 7.88 -1.98 -15.66
CA ASP D 264 8.53 -2.37 -14.43
C ASP D 264 10.00 -2.78 -14.64
N SER D 265 10.29 -3.44 -15.75
CA SER D 265 11.66 -3.88 -16.03
C SER D 265 12.58 -2.67 -16.18
N LEU D 266 12.06 -1.61 -16.80
CA LEU D 266 12.83 -0.40 -17.01
C LEU D 266 13.09 0.32 -15.68
N LYS D 267 12.19 0.11 -14.72
CA LYS D 267 12.34 0.71 -13.41
C LYS D 267 13.43 -0.03 -12.69
N ARG D 268 13.50 -1.35 -12.89
CA ARG D 268 14.53 -2.14 -12.24
C ARG D 268 15.88 -1.84 -12.86
N ILE D 269 15.92 -1.69 -14.18
CA ILE D 269 17.15 -1.37 -14.88
C ILE D 269 17.70 -0.03 -14.41
N ALA D 270 16.81 0.95 -14.29
CA ALA D 270 17.19 2.29 -13.84
C ALA D 270 17.72 2.26 -12.40
N ALA D 271 17.03 1.55 -11.51
CA ALA D 271 17.47 1.46 -10.11
C ALA D 271 18.80 0.72 -10.06
N PHE D 272 19.06 -0.10 -11.07
CA PHE D 272 20.30 -0.85 -11.16
C PHE D 272 21.44 0.09 -11.49
N GLY D 273 21.15 1.13 -12.25
CA GLY D 273 22.17 2.09 -12.62
C GLY D 273 22.88 1.74 -13.91
N ALA D 274 22.12 1.19 -14.86
CA ALA D 274 22.69 0.81 -16.16
C ALA D 274 23.14 2.03 -16.95
N GLU D 275 24.35 1.94 -17.51
CA GLU D 275 24.93 3.02 -18.31
C GLU D 275 24.49 2.90 -19.76
N ALA D 276 23.93 1.76 -20.12
CA ALA D 276 23.44 1.52 -21.46
C ALA D 276 22.60 0.26 -21.41
N ILE D 277 21.75 0.08 -22.40
CA ILE D 277 20.91 -1.09 -22.43
C ILE D 277 21.06 -1.83 -23.75
N VAL D 278 21.35 -3.11 -23.66
CA VAL D 278 21.44 -3.94 -24.86
C VAL D 278 20.05 -4.55 -24.98
N VAL D 279 19.35 -4.26 -26.07
CA VAL D 279 18.00 -4.77 -26.29
C VAL D 279 18.00 -6.00 -27.19
N SER D 280 17.63 -7.15 -26.62
CA SER D 280 17.54 -8.39 -27.39
C SER D 280 16.18 -8.32 -28.05
N LEU D 281 16.15 -7.92 -29.31
CA LEU D 281 14.89 -7.76 -30.02
C LEU D 281 14.39 -8.95 -30.82
N GLY D 282 13.23 -9.45 -30.42
CA GLY D 282 12.59 -10.54 -31.12
C GLY D 282 11.21 -10.01 -31.43
N VAL D 283 10.71 -10.22 -32.63
CA VAL D 283 9.37 -9.73 -32.99
C VAL D 283 8.38 -10.87 -33.06
N ASP D 284 8.76 -12.01 -32.50
CA ASP D 284 7.87 -13.16 -32.49
C ASP D 284 6.73 -12.97 -31.48
N THR D 285 6.66 -11.79 -30.88
CA THR D 285 5.57 -11.50 -29.96
C THR D 285 4.36 -11.03 -30.75
N PHE D 286 4.53 -10.88 -32.06
CA PHE D 286 3.46 -10.42 -32.96
C PHE D 286 2.30 -11.42 -32.97
N GLU D 287 1.07 -10.91 -32.94
CA GLU D 287 -0.12 -11.76 -32.92
C GLU D 287 -0.21 -12.73 -34.10
N GLN D 288 0.45 -12.37 -35.21
CA GLN D 288 0.44 -13.22 -36.40
C GLN D 288 1.52 -14.27 -36.41
N ASP D 289 2.56 -14.05 -35.63
CA ASP D 289 3.64 -15.03 -35.58
C ASP D 289 3.07 -16.32 -35.00
N PRO D 290 3.20 -17.44 -35.71
CA PRO D 290 2.68 -18.74 -35.27
C PRO D 290 3.41 -19.46 -34.15
N ILE D 291 4.63 -19.02 -33.82
CA ILE D 291 5.39 -19.70 -32.76
C ILE D 291 5.10 -19.15 -31.36
N SER D 292 4.33 -18.06 -31.28
CA SER D 292 4.01 -17.45 -29.99
C SER D 292 2.53 -17.36 -29.72
N PHE D 293 2.20 -16.98 -28.49
CA PHE D 293 0.82 -16.81 -28.10
C PHE D 293 0.54 -15.42 -27.52
N PHE D 294 1.37 -14.44 -27.85
CA PHE D 294 1.15 -13.07 -27.38
C PHE D 294 0.34 -12.36 -28.46
N LYS D 295 -0.28 -11.23 -28.12
CA LYS D 295 -1.10 -10.53 -29.09
C LYS D 295 -0.70 -9.09 -29.37
N LEU D 296 0.57 -8.88 -29.74
CA LEU D 296 1.03 -7.54 -30.04
C LEU D 296 0.77 -7.19 -31.51
N THR D 297 0.49 -5.92 -31.77
CA THR D 297 0.21 -5.44 -33.13
C THR D 297 1.38 -4.63 -33.63
N SER D 298 1.47 -4.44 -34.95
CA SER D 298 2.59 -3.69 -35.51
C SER D 298 2.83 -2.34 -34.84
N PRO D 299 1.76 -1.57 -34.59
CA PRO D 299 1.93 -0.26 -33.95
C PRO D 299 2.62 -0.34 -32.58
N ASP D 300 2.37 -1.42 -31.85
CA ASP D 300 2.97 -1.58 -30.53
C ASP D 300 4.48 -1.61 -30.55
N TYR D 301 5.04 -2.03 -31.67
CA TYR D 301 6.49 -2.08 -31.81
C TYR D 301 7.05 -0.66 -31.83
N ILE D 302 6.23 0.30 -32.26
CA ILE D 302 6.66 1.68 -32.27
C ILE D 302 6.65 2.15 -30.83
N THR D 303 5.61 1.79 -30.09
CA THR D 303 5.49 2.16 -28.69
C THR D 303 6.63 1.54 -27.88
N MET D 304 6.94 0.28 -28.18
CA MET D 304 8.01 -0.44 -27.50
C MET D 304 9.34 0.31 -27.61
N GLY D 305 9.69 0.69 -28.84
CA GLY D 305 10.92 1.43 -29.06
C GLY D 305 10.96 2.73 -28.29
N ARG D 306 9.89 3.52 -28.37
CA ARG D 306 9.80 4.80 -27.68
C ARG D 306 10.02 4.67 -26.18
N THR D 307 9.27 3.76 -25.56
CA THR D 307 9.34 3.52 -24.13
C THR D 307 10.75 3.18 -23.68
N ILE D 308 11.37 2.24 -24.36
CA ILE D 308 12.71 1.82 -24.02
C ILE D 308 13.71 2.95 -24.21
N ALA D 309 13.57 3.70 -25.30
CA ALA D 309 14.48 4.80 -25.58
C ALA D 309 14.29 5.93 -24.57
N ALA D 310 13.12 5.96 -23.94
CA ALA D 310 12.80 6.98 -22.95
C ALA D 310 13.55 6.73 -21.65
N SER D 311 14.35 5.67 -21.60
CA SER D 311 15.11 5.33 -20.41
C SER D 311 16.18 6.40 -20.17
N GLY D 312 16.59 7.07 -21.23
CA GLY D 312 17.60 8.10 -21.11
C GLY D 312 19.03 7.62 -21.29
N VAL D 313 19.20 6.34 -21.65
CA VAL D 313 20.55 5.82 -21.86
C VAL D 313 20.70 5.24 -23.26
N PRO D 314 21.94 5.19 -23.76
CA PRO D 314 22.22 4.66 -25.11
C PRO D 314 21.66 3.24 -25.28
N LEU D 315 21.20 2.95 -26.49
CA LEU D 315 20.64 1.63 -26.76
C LEU D 315 21.28 0.92 -27.94
N LEU D 316 21.54 -0.36 -27.77
CA LEU D 316 22.08 -1.20 -28.84
C LEU D 316 21.03 -2.29 -29.02
N VAL D 317 20.33 -2.26 -30.15
CA VAL D 317 19.32 -3.25 -30.42
C VAL D 317 20.00 -4.41 -31.14
N VAL D 318 19.81 -5.62 -30.63
CA VAL D 318 20.39 -6.82 -31.22
C VAL D 318 19.27 -7.73 -31.68
N MET D 319 19.30 -8.10 -32.95
CA MET D 319 18.27 -8.96 -33.52
C MET D 319 18.29 -10.35 -32.92
N GLU D 320 17.10 -10.86 -32.60
CA GLU D 320 16.96 -12.20 -32.04
C GLU D 320 15.93 -13.00 -32.85
N GLY D 321 14.86 -13.42 -32.19
CA GLY D 321 13.83 -14.22 -32.84
C GLY D 321 12.81 -13.53 -33.74
N GLY D 322 11.83 -14.31 -34.18
CA GLY D 322 10.81 -13.79 -35.07
C GLY D 322 10.67 -14.69 -36.27
N TYR D 323 9.51 -15.33 -36.38
CA TYR D 323 9.21 -16.23 -37.48
C TYR D 323 9.18 -15.48 -38.80
N GLY D 324 9.46 -16.19 -39.88
CA GLY D 324 9.47 -15.57 -41.19
C GLY D 324 8.11 -15.21 -41.78
N VAL D 325 7.40 -14.27 -41.14
CA VAL D 325 6.10 -13.83 -41.66
C VAL D 325 6.35 -12.56 -42.46
N PRO D 326 5.45 -12.24 -43.40
CA PRO D 326 5.55 -11.06 -44.25
C PRO D 326 5.88 -9.76 -43.51
N GLU D 327 5.32 -9.60 -42.31
CA GLU D 327 5.53 -8.38 -41.53
C GLU D 327 6.77 -8.36 -40.65
N ILE D 328 7.58 -9.42 -40.70
CA ILE D 328 8.77 -9.47 -39.86
C ILE D 328 9.60 -8.20 -39.97
N GLY D 329 9.85 -7.75 -41.19
CA GLY D 329 10.63 -6.54 -41.40
C GLY D 329 9.93 -5.29 -40.90
N LEU D 330 8.63 -5.21 -41.12
CA LEU D 330 7.85 -4.05 -40.71
C LEU D 330 7.91 -3.87 -39.19
N ASN D 331 7.76 -4.96 -38.45
CA ASN D 331 7.78 -4.88 -37.00
C ASN D 331 9.12 -4.45 -36.45
N VAL D 332 10.21 -4.94 -37.03
CA VAL D 332 11.53 -4.55 -36.58
C VAL D 332 11.73 -3.06 -36.89
N ALA D 333 11.40 -2.65 -38.12
CA ALA D 333 11.55 -1.24 -38.49
C ALA D 333 10.78 -0.33 -37.55
N ASN D 334 9.60 -0.78 -37.11
CA ASN D 334 8.79 0.03 -36.21
C ASN D 334 9.49 0.27 -34.88
N VAL D 335 10.18 -0.75 -34.38
CA VAL D 335 10.90 -0.58 -33.12
C VAL D 335 12.00 0.48 -33.29
N LEU D 336 12.67 0.47 -34.44
CA LEU D 336 13.73 1.45 -34.69
C LEU D 336 13.15 2.85 -34.82
N LYS D 337 11.97 2.96 -35.43
CA LYS D 337 11.30 4.25 -35.57
C LYS D 337 10.97 4.81 -34.19
N GLY D 338 10.45 3.95 -33.32
CA GLY D 338 10.09 4.36 -31.99
C GLY D 338 11.32 4.83 -31.22
N VAL D 339 12.42 4.13 -31.41
CA VAL D 339 13.69 4.46 -30.76
C VAL D 339 14.23 5.79 -31.29
N ALA D 340 14.13 6.00 -32.60
CA ALA D 340 14.60 7.23 -33.22
C ALA D 340 13.70 8.40 -32.86
N GLY D 341 12.53 8.10 -32.32
CA GLY D 341 11.58 9.14 -31.95
C GLY D 341 11.15 10.02 -33.11
N MET E 1 23.74 7.47 34.94
CA MET E 1 24.26 6.32 34.15
C MET E 1 25.68 5.99 34.56
N ARG E 2 25.92 4.74 34.93
CA ARG E 2 27.26 4.34 35.34
C ARG E 2 28.16 4.07 34.13
N VAL E 3 29.43 4.44 34.26
CA VAL E 3 30.40 4.27 33.20
C VAL E 3 31.44 3.22 33.59
N ILE E 4 31.55 2.15 32.80
CA ILE E 4 32.53 1.10 33.09
C ILE E 4 33.76 1.38 32.24
N PHE E 5 34.91 1.50 32.90
CA PHE E 5 36.15 1.79 32.20
C PHE E 5 37.38 1.15 32.84
N SER E 6 38.23 0.56 32.02
CA SER E 6 39.45 -0.07 32.51
C SER E 6 40.72 0.61 32.01
N GLU E 7 41.65 0.81 32.92
CA GLU E 7 42.91 1.45 32.58
C GLU E 7 43.82 0.53 31.76
N ASP E 8 43.53 -0.77 31.77
CA ASP E 8 44.35 -1.71 31.01
C ASP E 8 44.18 -1.62 29.50
N HIS E 9 43.30 -0.75 29.03
CA HIS E 9 43.09 -0.58 27.61
C HIS E 9 44.40 -0.09 26.99
N LYS E 10 45.18 0.64 27.79
CA LYS E 10 46.45 1.18 27.35
C LYS E 10 47.47 0.08 27.02
N LEU E 11 47.22 -1.13 27.52
CA LEU E 11 48.13 -2.26 27.25
C LEU E 11 48.19 -2.51 25.75
N ARG E 12 47.13 -2.09 25.06
CA ARG E 12 47.05 -2.22 23.61
C ARG E 12 47.55 -0.90 23.07
N ASN E 13 48.77 -0.88 22.54
CA ASN E 13 49.35 0.34 21.99
C ASN E 13 50.28 -0.03 20.85
N ALA E 14 49.69 -0.60 19.81
CA ALA E 14 50.40 -1.04 18.61
C ALA E 14 51.19 0.11 18.00
N LYS E 15 52.30 -0.20 17.36
CA LYS E 15 53.13 0.83 16.75
C LYS E 15 52.86 1.00 15.26
N THR E 16 52.28 -0.02 14.64
CA THR E 16 52.01 0.03 13.22
C THR E 16 50.63 -0.45 12.78
N GLU E 17 50.19 0.08 11.65
CA GLU E 17 48.92 -0.28 11.03
C GLU E 17 49.16 -0.19 9.53
N LEU E 18 48.61 -1.14 8.77
CA LEU E 18 48.78 -1.12 7.32
C LEU E 18 47.71 -0.21 6.72
N TYR E 19 48.14 0.90 6.12
CA TYR E 19 47.22 1.84 5.49
C TYR E 19 47.86 2.49 4.25
N GLY E 20 47.18 2.39 3.11
CA GLY E 20 47.70 2.96 1.89
C GLY E 20 49.02 2.36 1.47
N GLY E 21 49.24 1.10 1.81
CA GLY E 21 50.47 0.43 1.45
C GLY E 21 51.65 0.87 2.28
N GLU E 22 51.38 1.41 3.46
CA GLU E 22 52.42 1.86 4.37
C GLU E 22 52.10 1.48 5.80
N LEU E 23 53.13 1.37 6.63
CA LEU E 23 52.95 1.04 8.03
C LEU E 23 52.99 2.37 8.79
N VAL E 24 51.82 2.83 9.22
CA VAL E 24 51.70 4.10 9.93
C VAL E 24 51.22 3.87 11.37
N PRO E 25 51.28 4.92 12.21
CA PRO E 25 50.83 4.78 13.60
C PRO E 25 49.34 4.45 13.57
N PRO E 26 48.91 3.45 14.35
CA PRO E 26 47.51 3.04 14.41
C PRO E 26 46.54 4.19 14.67
N PHE E 27 45.36 4.12 14.07
CA PHE E 27 44.33 5.15 14.25
C PHE E 27 43.55 4.90 15.54
N GLU E 28 43.51 3.64 15.95
CA GLU E 28 42.79 3.25 17.17
C GLU E 28 43.81 3.27 18.30
N ALA E 29 44.17 4.47 18.74
CA ALA E 29 45.16 4.67 19.80
C ALA E 29 44.54 5.00 21.16
N PRO E 30 45.31 4.81 22.25
CA PRO E 30 44.89 5.07 23.62
C PRO E 30 44.24 6.43 23.87
N PHE E 31 44.76 7.48 23.26
CA PHE E 31 44.20 8.82 23.47
C PHE E 31 42.70 8.89 23.23
N ARG E 32 42.17 7.98 22.40
CA ARG E 32 40.74 7.96 22.09
C ARG E 32 39.90 7.74 23.36
N ALA E 33 40.32 6.79 24.19
CA ALA E 33 39.63 6.48 25.44
C ALA E 33 39.73 7.67 26.37
N GLU E 34 40.91 8.29 26.40
CA GLU E 34 41.16 9.46 27.24
C GLU E 34 40.21 10.60 26.88
N TRP E 35 40.17 10.96 25.60
CA TRP E 35 39.31 12.03 25.12
C TRP E 35 37.84 11.75 25.38
N ILE E 36 37.43 10.50 25.18
CA ILE E 36 36.03 10.12 25.40
C ILE E 36 35.67 10.11 26.88
N LEU E 37 36.58 9.64 27.73
CA LEU E 37 36.31 9.60 29.16
C LEU E 37 36.21 11.01 29.72
N ALA E 38 37.15 11.87 29.37
CA ALA E 38 37.15 13.25 29.85
C ALA E 38 35.87 13.97 29.45
N ALA E 39 35.39 13.70 28.25
CA ALA E 39 34.18 14.34 27.76
C ALA E 39 32.92 13.86 28.47
N VAL E 40 32.80 12.56 28.67
CA VAL E 40 31.60 12.04 29.33
C VAL E 40 31.51 12.55 30.78
N LYS E 41 32.66 12.70 31.45
CA LYS E 41 32.65 13.22 32.82
C LYS E 41 32.19 14.66 32.82
N GLU E 42 32.75 15.46 31.92
CA GLU E 42 32.40 16.87 31.79
C GLU E 42 30.90 17.02 31.56
N ALA E 43 30.25 15.95 31.08
CA ALA E 43 28.82 15.98 30.81
C ALA E 43 28.01 15.52 32.02
N GLY E 44 28.69 15.29 33.14
CA GLY E 44 27.98 14.85 34.34
C GLY E 44 28.10 13.37 34.63
N PHE E 45 28.58 12.61 33.64
CA PHE E 45 28.74 11.17 33.80
C PHE E 45 30.08 10.90 34.46
N ASP E 46 30.16 11.27 35.74
CA ASP E 46 31.39 11.10 36.50
C ASP E 46 31.42 9.86 37.39
N ASP E 47 30.35 9.07 37.36
CA ASP E 47 30.31 7.84 38.15
C ASP E 47 30.99 6.73 37.36
N VAL E 48 32.32 6.81 37.31
CA VAL E 48 33.12 5.85 36.58
C VAL E 48 33.74 4.79 37.48
N VAL E 49 33.63 3.53 37.08
CA VAL E 49 34.19 2.45 37.89
C VAL E 49 34.90 1.43 37.01
N ALA E 50 35.93 0.79 37.56
CA ALA E 50 36.69 -0.21 36.84
C ALA E 50 35.95 -1.54 36.89
N PRO E 51 36.13 -2.38 35.86
CA PRO E 51 35.46 -3.68 35.83
C PRO E 51 36.10 -4.68 36.78
N ALA E 52 35.31 -5.67 37.20
CA ALA E 52 35.76 -6.72 38.08
C ALA E 52 36.44 -7.83 37.26
N ARG E 53 36.92 -8.85 37.95
CA ARG E 53 37.58 -10.00 37.34
C ARG E 53 36.53 -10.98 36.85
N HIS E 54 36.67 -11.44 35.61
CA HIS E 54 35.73 -12.39 35.02
C HIS E 54 36.46 -13.51 34.31
N GLY E 55 35.84 -14.69 34.29
CA GLY E 55 36.43 -15.83 33.62
C GLY E 55 36.09 -15.79 32.15
N LEU E 56 36.34 -16.90 31.45
CA LEU E 56 36.08 -16.99 30.02
C LEU E 56 34.78 -17.69 29.68
N GLU E 57 34.01 -18.05 30.71
CA GLU E 57 32.74 -18.75 30.47
C GLU E 57 31.81 -17.98 29.53
N THR E 58 31.67 -16.68 29.74
CA THR E 58 30.80 -15.89 28.89
C THR E 58 31.30 -15.82 27.46
N VAL E 59 32.55 -15.41 27.28
CA VAL E 59 33.13 -15.28 25.95
C VAL E 59 33.20 -16.61 25.19
N LEU E 60 33.33 -17.72 25.90
CA LEU E 60 33.39 -19.02 25.25
C LEU E 60 32.05 -19.45 24.65
N LYS E 61 30.99 -18.69 24.92
CA LYS E 61 29.68 -19.01 24.37
C LYS E 61 29.47 -18.29 23.04
N VAL E 62 30.31 -17.31 22.73
CA VAL E 62 30.18 -16.59 21.49
C VAL E 62 31.41 -16.68 20.57
N HIS E 63 32.59 -16.93 21.13
CA HIS E 63 33.82 -17.08 20.35
C HIS E 63 34.34 -18.51 20.37
N ASP E 64 35.00 -18.92 19.28
CA ASP E 64 35.58 -20.24 19.14
C ASP E 64 36.77 -20.39 20.10
N ALA E 65 36.83 -21.54 20.79
CA ALA E 65 37.90 -21.82 21.74
C ALA E 65 39.30 -21.78 21.12
N GLY E 66 39.45 -22.41 19.96
CA GLY E 66 40.74 -22.43 19.30
C GLY E 66 41.20 -21.01 19.03
N TYR E 67 40.26 -20.16 18.58
CA TYR E 67 40.53 -18.76 18.27
C TYR E 67 41.00 -18.02 19.52
N LEU E 68 40.27 -18.21 20.62
CA LEU E 68 40.64 -17.55 21.88
C LEU E 68 42.02 -18.05 22.30
N ASN E 69 42.21 -19.37 22.19
CA ASN E 69 43.48 -19.97 22.56
C ASN E 69 44.61 -19.36 21.72
N PHE E 70 44.33 -19.13 20.43
CA PHE E 70 45.31 -18.55 19.54
C PHE E 70 45.72 -17.12 19.92
N LEU E 71 44.73 -16.30 20.29
CA LEU E 71 45.00 -14.92 20.67
C LEU E 71 45.90 -14.82 21.88
N GLU E 72 45.65 -15.68 22.86
CA GLU E 72 46.43 -15.67 24.09
C GLU E 72 47.94 -15.74 23.87
N THR E 73 48.38 -16.62 22.99
CA THR E 73 49.81 -16.77 22.75
C THR E 73 50.33 -16.30 21.41
N ALA E 74 49.48 -15.64 20.63
CA ALA E 74 49.89 -15.17 19.32
C ALA E 74 51.19 -14.36 19.33
N TRP E 75 51.23 -13.29 20.10
CA TRP E 75 52.42 -12.47 20.15
C TRP E 75 53.67 -13.24 20.55
N ASP E 76 53.59 -14.03 21.61
CA ASP E 76 54.75 -14.81 22.04
C ASP E 76 55.31 -15.68 20.92
N ARG E 77 54.43 -16.39 20.20
CA ARG E 77 54.88 -17.26 19.11
C ARG E 77 55.47 -16.48 17.94
N TRP E 78 54.92 -15.30 17.67
CA TRP E 78 55.42 -14.48 16.58
C TRP E 78 56.84 -14.04 16.92
N LYS E 79 57.00 -13.47 18.10
CA LYS E 79 58.30 -13.03 18.58
C LYS E 79 59.28 -14.19 18.67
N ALA E 80 58.80 -15.34 19.14
CA ALA E 80 59.65 -16.52 19.25
C ALA E 80 60.09 -16.99 17.86
N ALA E 81 59.26 -16.72 16.86
CA ALA E 81 59.59 -17.14 15.50
C ALA E 81 60.73 -16.30 14.92
N GLY E 82 61.09 -15.21 15.59
CA GLY E 82 62.19 -14.37 15.13
C GLY E 82 61.86 -13.18 14.27
N TYR E 83 60.58 -12.80 14.19
CA TYR E 83 60.21 -11.66 13.37
C TYR E 83 60.43 -10.33 14.09
N LYS E 84 60.94 -9.36 13.33
CA LYS E 84 61.26 -8.03 13.85
C LYS E 84 60.07 -7.09 14.09
N GLY E 85 59.05 -7.18 13.24
CA GLY E 85 57.89 -6.32 13.40
C GLY E 85 56.77 -6.97 14.19
N GLU E 86 55.62 -6.31 14.23
CA GLU E 86 54.46 -6.80 14.94
C GLU E 86 53.79 -7.94 14.14
N ALA E 87 52.92 -8.71 14.79
CA ALA E 87 52.25 -9.82 14.13
C ALA E 87 51.19 -9.35 13.14
N ILE E 88 51.49 -9.53 11.86
CA ILE E 88 50.59 -9.14 10.78
C ILE E 88 50.37 -10.33 9.84
N ALA E 89 49.11 -10.69 9.62
CA ALA E 89 48.78 -11.81 8.74
C ALA E 89 49.00 -11.47 7.27
N THR E 90 49.37 -12.46 6.46
CA THR E 90 49.59 -12.25 5.03
C THR E 90 48.80 -13.24 4.18
N SER E 91 48.80 -14.52 4.56
CA SER E 91 48.06 -15.53 3.82
C SER E 91 46.69 -15.74 4.45
N PHE E 92 45.65 -15.73 3.62
CA PHE E 92 44.30 -15.90 4.15
C PHE E 92 43.54 -17.04 3.47
N PRO E 93 42.68 -17.74 4.21
CA PRO E 93 41.92 -18.84 3.61
C PRO E 93 40.76 -18.27 2.80
N VAL E 94 41.06 -17.81 1.60
CA VAL E 94 40.06 -17.22 0.72
C VAL E 94 39.26 -18.27 -0.04
N ARG E 95 38.66 -17.89 -1.17
CA ARG E 95 37.84 -18.80 -1.98
C ARG E 95 38.50 -20.11 -2.39
N ARG E 96 37.74 -21.19 -2.31
CA ARG E 96 38.20 -22.51 -2.73
C ARG E 96 39.51 -22.98 -2.07
N THR E 97 39.62 -22.78 -0.77
CA THR E 97 40.80 -23.22 -0.04
C THR E 97 40.40 -24.33 0.93
N SER E 98 41.39 -25.05 1.44
CA SER E 98 41.14 -26.12 2.40
C SER E 98 40.64 -25.51 3.71
N PRO E 99 39.87 -26.28 4.48
CA PRO E 99 39.32 -25.84 5.76
C PRO E 99 40.24 -26.22 6.92
N ARG E 100 41.34 -26.90 6.62
CA ARG E 100 42.26 -27.32 7.65
C ARG E 100 42.93 -26.12 8.33
N ILE E 101 43.19 -26.27 9.62
CA ILE E 101 43.84 -25.22 10.39
C ILE E 101 45.33 -25.51 10.39
N PRO E 102 46.17 -24.52 10.05
CA PRO E 102 47.63 -24.69 10.03
C PRO E 102 48.16 -24.93 11.43
N THR E 103 49.39 -25.42 11.54
CA THR E 103 49.97 -25.67 12.84
C THR E 103 50.94 -24.61 13.33
N ASP E 104 51.68 -23.98 12.42
CA ASP E 104 52.65 -22.96 12.81
C ASP E 104 52.03 -21.57 12.94
N ILE E 105 52.75 -20.66 13.57
CA ILE E 105 52.26 -19.31 13.78
C ILE E 105 52.00 -18.54 12.48
N GLU E 106 52.83 -18.76 11.46
CA GLU E 106 52.68 -18.08 10.17
C GLU E 106 51.38 -18.41 9.45
N GLY E 107 50.91 -19.64 9.61
CA GLY E 107 49.68 -20.04 8.98
C GLY E 107 48.48 -19.73 9.86
N GLN E 108 48.62 -19.92 11.16
CA GLN E 108 47.50 -19.69 12.06
C GLN E 108 47.06 -18.24 12.17
N ILE E 109 48.01 -17.30 12.10
CA ILE E 109 47.64 -15.90 12.20
C ILE E 109 46.71 -15.52 11.04
N GLY E 110 46.98 -16.06 9.85
CA GLY E 110 46.13 -15.78 8.71
C GLY E 110 44.80 -16.49 8.84
N TYR E 111 44.84 -17.72 9.36
CA TYR E 111 43.62 -18.49 9.52
C TYR E 111 42.61 -17.79 10.43
N TYR E 112 43.12 -17.12 11.47
CA TYR E 112 42.26 -16.42 12.43
C TYR E 112 42.11 -14.92 12.18
N CYS E 113 42.38 -14.47 10.96
CA CYS E 113 42.27 -13.05 10.63
C CYS E 113 41.42 -12.80 9.40
N ASN E 114 40.71 -11.67 9.38
CA ASN E 114 39.86 -11.29 8.25
C ASN E 114 40.27 -9.94 7.68
N ALA E 115 41.15 -9.25 8.40
CA ALA E 115 41.64 -7.94 7.97
C ALA E 115 43.07 -7.75 8.44
N ALA E 116 43.99 -7.69 7.47
CA ALA E 116 45.41 -7.56 7.74
C ALA E 116 45.93 -6.23 8.31
N GLU E 117 45.17 -5.15 8.15
CA GLU E 117 45.64 -3.86 8.65
C GLU E 117 45.78 -3.85 10.17
N THR E 118 45.22 -4.85 10.83
CA THR E 118 45.29 -4.96 12.28
C THR E 118 46.43 -5.85 12.73
N ALA E 119 47.37 -5.26 13.46
CA ALA E 119 48.52 -5.99 13.97
C ALA E 119 48.36 -6.39 15.43
N ILE E 120 48.88 -7.56 15.77
CA ILE E 120 48.81 -8.02 17.14
C ILE E 120 50.12 -7.58 17.79
N SER E 121 50.01 -6.88 18.91
CA SER E 121 51.17 -6.36 19.62
C SER E 121 51.22 -6.82 21.07
N PRO E 122 52.33 -6.55 21.77
CA PRO E 122 52.50 -6.93 23.18
C PRO E 122 51.37 -6.33 24.02
N GLY E 123 50.66 -7.16 24.77
CA GLY E 123 49.58 -6.65 25.61
C GLY E 123 48.21 -6.58 24.95
N THR E 124 48.13 -7.00 23.68
CA THR E 124 46.86 -6.97 22.98
C THR E 124 45.86 -7.91 23.65
N TRP E 125 46.32 -9.11 23.98
CA TRP E 125 45.48 -10.09 24.65
C TRP E 125 44.90 -9.51 25.96
N GLU E 126 45.79 -9.10 26.86
CA GLU E 126 45.40 -8.52 28.15
C GLU E 126 44.46 -7.34 28.02
N ALA E 127 44.73 -6.47 27.06
CA ALA E 127 43.88 -5.32 26.84
C ALA E 127 42.51 -5.78 26.37
N ALA E 128 42.49 -6.75 25.46
CA ALA E 128 41.23 -7.26 24.95
C ALA E 128 40.39 -7.82 26.09
N LEU E 129 41.01 -8.50 27.05
CA LEU E 129 40.28 -9.07 28.17
C LEU E 129 39.68 -7.98 29.06
N SER E 130 40.45 -6.91 29.30
CA SER E 130 39.96 -5.82 30.15
C SER E 130 38.76 -5.14 29.49
N SER E 131 38.81 -5.03 28.17
CA SER E 131 37.73 -4.42 27.43
C SER E 131 36.49 -5.32 27.54
N MET E 132 36.71 -6.63 27.48
CA MET E 132 35.63 -7.61 27.60
C MET E 132 34.99 -7.51 28.99
N ALA E 133 35.85 -7.33 30.00
CA ALA E 133 35.39 -7.21 31.39
C ALA E 133 34.49 -5.99 31.54
N SER E 134 34.87 -4.88 30.90
CA SER E 134 34.05 -3.68 30.98
C SER E 134 32.67 -3.94 30.41
N ALA E 135 32.60 -4.71 29.33
CA ALA E 135 31.33 -5.04 28.69
C ALA E 135 30.48 -5.95 29.57
N ILE E 136 31.12 -6.93 30.20
CA ILE E 136 30.43 -7.86 31.07
C ILE E 136 29.82 -7.13 32.27
N ASP E 137 30.62 -6.25 32.90
CA ASP E 137 30.14 -5.49 34.04
C ASP E 137 29.01 -4.53 33.66
N GLY E 138 29.02 -4.05 32.42
CA GLY E 138 27.96 -3.16 31.99
C GLY E 138 26.66 -3.93 31.88
N ALA E 139 26.74 -5.16 31.37
CA ALA E 139 25.55 -5.99 31.22
C ALA E 139 24.99 -6.36 32.59
N ASP E 140 25.87 -6.56 33.56
CA ASP E 140 25.42 -6.92 34.91
C ASP E 140 24.61 -5.80 35.55
N LEU E 141 24.97 -4.56 35.24
CA LEU E 141 24.24 -3.43 35.78
C LEU E 141 22.84 -3.44 35.18
N ILE E 142 22.76 -3.73 33.88
CA ILE E 142 21.49 -3.79 33.20
C ILE E 142 20.65 -4.93 33.74
N ALA E 143 21.29 -6.06 34.02
CA ALA E 143 20.59 -7.21 34.56
C ALA E 143 20.13 -6.92 35.99
N ALA E 144 20.88 -6.07 36.68
CA ALA E 144 20.54 -5.72 38.06
C ALA E 144 19.41 -4.71 38.14
N GLY E 145 19.05 -4.10 37.01
CA GLY E 145 17.96 -3.14 37.02
C GLY E 145 18.22 -1.75 36.46
N HIS E 146 19.49 -1.41 36.20
CA HIS E 146 19.80 -0.09 35.65
C HIS E 146 19.11 0.07 34.29
N LYS E 147 18.62 1.27 34.02
CA LYS E 147 17.95 1.54 32.76
C LYS E 147 18.96 1.80 31.64
N ALA E 148 20.15 2.22 32.02
CA ALA E 148 21.19 2.51 31.04
C ALA E 148 22.56 2.45 31.68
N ALA E 149 23.54 2.00 30.90
CA ALA E 149 24.91 1.91 31.38
C ALA E 149 25.83 2.10 30.17
N PHE E 150 27.05 2.58 30.43
CA PHE E 150 27.99 2.80 29.35
C PHE E 150 29.32 2.10 29.58
N SER E 151 29.65 1.18 28.68
CA SER E 151 30.92 0.45 28.76
C SER E 151 31.91 1.10 27.79
N LEU E 152 32.91 1.78 28.35
CA LEU E 152 33.93 2.45 27.54
C LEU E 152 34.96 1.39 27.12
N CYS E 153 34.59 0.55 26.16
CA CYS E 153 35.48 -0.50 25.69
C CYS E 153 36.57 -0.04 24.73
N ARG E 154 37.75 -0.63 24.89
CA ARG E 154 38.89 -0.38 24.04
C ARG E 154 39.95 -1.43 24.37
N PRO E 155 40.42 -2.17 23.35
CA PRO E 155 40.03 -2.08 21.94
C PRO E 155 38.58 -2.45 21.68
N PRO E 156 38.00 -1.93 20.58
CA PRO E 156 36.61 -2.21 20.20
C PRO E 156 36.46 -3.67 19.79
N GLY E 157 35.25 -4.09 19.43
CA GLY E 157 35.08 -5.49 19.07
C GLY E 157 34.11 -5.92 17.97
N HIS E 158 33.26 -5.03 17.45
CA HIS E 158 32.30 -5.51 16.46
C HIS E 158 32.85 -6.16 15.19
N HIS E 159 34.13 -5.97 14.89
CA HIS E 159 34.71 -6.61 13.70
C HIS E 159 35.30 -7.98 14.04
N ALA E 160 35.24 -8.37 15.31
CA ALA E 160 35.77 -9.69 15.70
C ALA E 160 34.64 -10.70 15.52
N GLY E 161 34.87 -11.70 14.67
CA GLY E 161 33.87 -12.71 14.40
C GLY E 161 34.05 -13.94 15.26
N ILE E 162 33.24 -14.96 15.02
CA ILE E 162 33.33 -16.17 15.81
C ILE E 162 34.76 -16.65 16.00
N ASP E 163 35.54 -16.69 14.93
CA ASP E 163 36.91 -17.16 15.01
C ASP E 163 37.92 -16.38 14.18
N MET E 164 37.84 -15.05 14.25
CA MET E 164 38.75 -14.22 13.50
C MET E 164 38.78 -12.80 14.07
N PHE E 165 39.96 -12.18 14.02
CA PHE E 165 40.13 -10.81 14.49
C PHE E 165 40.35 -9.92 13.29
N GLY E 166 40.19 -8.61 13.48
CA GLY E 166 40.38 -7.68 12.38
C GLY E 166 39.74 -6.34 12.68
N GLY E 167 40.02 -5.35 11.85
CA GLY E 167 39.45 -4.02 12.07
C GLY E 167 39.65 -3.47 13.47
N TYR E 168 40.83 -3.72 14.04
CA TYR E 168 41.23 -3.30 15.39
C TYR E 168 40.52 -4.03 16.52
N CYS E 169 39.75 -5.07 16.19
CA CYS E 169 38.99 -5.85 17.16
C CYS E 169 39.55 -7.27 17.35
N PHE E 170 39.41 -7.80 18.57
CA PHE E 170 39.91 -9.15 18.85
C PHE E 170 38.85 -9.94 19.62
N ILE E 171 38.14 -9.26 20.51
CA ILE E 171 37.07 -9.91 21.25
C ILE E 171 35.83 -9.03 21.05
N ASN E 172 34.74 -9.65 20.65
CA ASN E 172 33.52 -8.89 20.39
C ASN E 172 32.79 -8.53 21.69
N ASN E 173 33.13 -7.37 22.22
CA ASN E 173 32.55 -6.86 23.46
C ASN E 173 31.02 -6.81 23.49
N ALA E 174 30.41 -6.37 22.38
CA ALA E 174 28.97 -6.29 22.32
C ALA E 174 28.35 -7.68 22.40
N ALA E 175 28.98 -8.63 21.72
CA ALA E 175 28.49 -10.01 21.71
C ALA E 175 28.55 -10.58 23.12
N VAL E 176 29.70 -10.39 23.76
CA VAL E 176 29.86 -10.90 25.12
C VAL E 176 28.81 -10.27 26.04
N ALA E 177 28.61 -8.96 25.89
CA ALA E 177 27.61 -8.28 26.71
C ALA E 177 26.22 -8.86 26.49
N ALA E 178 25.86 -9.08 25.24
CA ALA E 178 24.55 -9.64 24.92
C ALA E 178 24.46 -11.05 25.51
N GLN E 179 25.52 -11.83 25.39
CA GLN E 179 25.51 -13.19 25.92
C GLN E 179 25.34 -13.16 27.44
N ARG E 180 25.99 -12.21 28.08
CA ARG E 180 25.92 -12.07 29.53
C ARG E 180 24.48 -11.81 29.98
N LEU E 181 23.78 -10.93 29.26
CA LEU E 181 22.40 -10.62 29.58
C LEU E 181 21.53 -11.87 29.49
N LEU E 182 21.80 -12.71 28.49
CA LEU E 182 21.04 -13.95 28.36
C LEU E 182 21.32 -14.86 29.55
N ASP E 183 22.58 -14.99 29.93
CA ASP E 183 22.95 -15.84 31.05
C ASP E 183 22.35 -15.35 32.37
N LYS E 184 22.15 -14.04 32.51
CA LYS E 184 21.58 -13.50 33.73
C LYS E 184 20.06 -13.65 33.79
N GLY E 185 19.46 -14.23 32.76
CA GLY E 185 18.02 -14.43 32.76
C GLY E 185 17.23 -14.01 31.54
N ALA E 186 17.79 -13.15 30.69
CA ALA E 186 17.08 -12.73 29.50
C ALA E 186 16.96 -13.88 28.51
N LYS E 187 15.92 -13.85 27.68
CA LYS E 187 15.73 -14.90 26.69
C LYS E 187 15.93 -14.36 25.28
N LYS E 188 15.69 -13.06 25.11
CA LYS E 188 15.83 -12.42 23.81
C LYS E 188 16.52 -11.06 23.96
N ILE E 189 17.63 -10.88 23.25
CA ILE E 189 18.40 -9.64 23.31
C ILE E 189 18.68 -9.13 21.90
N ALA E 190 18.72 -7.82 21.76
CA ALA E 190 19.00 -7.23 20.46
C ALA E 190 20.30 -6.44 20.52
N ILE E 191 21.00 -6.37 19.40
CA ILE E 191 22.21 -5.58 19.34
C ILE E 191 22.01 -4.63 18.18
N LEU E 192 22.16 -3.33 18.45
CA LEU E 192 22.01 -2.31 17.42
C LEU E 192 23.37 -1.66 17.20
N ASP E 193 23.91 -1.82 16.00
CA ASP E 193 25.22 -1.26 15.67
C ASP E 193 25.10 0.04 14.88
N VAL E 194 25.39 1.17 15.54
CA VAL E 194 25.29 2.50 14.93
C VAL E 194 26.63 3.04 14.47
N ASP E 195 27.67 2.24 14.66
CA ASP E 195 29.02 2.62 14.24
C ASP E 195 28.95 2.73 12.72
N PHE E 196 29.75 3.62 12.12
CA PHE E 196 29.73 3.79 10.68
C PHE E 196 29.93 2.49 9.90
N HIS E 197 30.85 1.65 10.36
CA HIS E 197 31.13 0.38 9.69
C HIS E 197 30.18 -0.72 10.11
N HIS E 198 30.03 -1.69 9.23
CA HIS E 198 29.19 -2.83 9.52
C HIS E 198 29.81 -3.68 10.62
N GLY E 199 29.00 -4.15 11.56
CA GLY E 199 29.53 -5.01 12.60
C GLY E 199 29.53 -6.41 12.01
N ASN E 200 30.43 -6.70 11.08
CA ASN E 200 30.47 -8.02 10.45
C ASN E 200 30.80 -9.11 11.48
N GLY E 201 31.63 -8.79 12.46
CA GLY E 201 31.97 -9.75 13.49
C GLY E 201 30.75 -10.12 14.31
N THR E 202 29.96 -9.13 14.67
CA THR E 202 28.75 -9.36 15.47
C THR E 202 27.72 -10.15 14.67
N GLN E 203 27.59 -9.82 13.38
CA GLN E 203 26.64 -10.52 12.54
C GLN E 203 27.01 -12.00 12.46
N ASP E 204 28.29 -12.26 12.22
CA ASP E 204 28.81 -13.62 12.13
C ASP E 204 28.45 -14.44 13.38
N ILE E 205 28.74 -13.91 14.57
CA ILE E 205 28.46 -14.60 15.82
C ILE E 205 27.01 -15.05 16.04
N PHE E 206 26.05 -14.18 15.74
CA PHE E 206 24.65 -14.50 15.96
C PHE E 206 23.84 -14.78 14.70
N TYR E 207 24.51 -14.90 13.56
CA TYR E 207 23.80 -15.15 12.31
C TYR E 207 22.85 -16.34 12.38
N GLU E 208 23.21 -17.36 13.14
CA GLU E 208 22.37 -18.54 13.26
C GLU E 208 21.77 -18.73 14.66
N ARG E 209 21.75 -17.64 15.44
CA ARG E 209 21.18 -17.67 16.80
C ARG E 209 19.81 -17.01 16.76
N GLY E 210 18.76 -17.75 17.11
CA GLY E 210 17.42 -17.18 17.08
C GLY E 210 17.06 -16.36 18.30
N ASP E 211 17.91 -16.42 19.33
CA ASP E 211 17.65 -15.67 20.55
C ASP E 211 18.24 -14.26 20.59
N VAL E 212 19.01 -13.92 19.56
CA VAL E 212 19.62 -12.59 19.49
C VAL E 212 19.33 -11.94 18.14
N PHE E 213 18.93 -10.67 18.16
CA PHE E 213 18.64 -9.94 16.93
C PHE E 213 19.76 -8.93 16.70
N PHE E 214 20.21 -8.83 15.45
CA PHE E 214 21.28 -7.90 15.12
C PHE E 214 20.83 -6.95 14.02
N ALA E 215 20.93 -5.65 14.29
CA ALA E 215 20.55 -4.61 13.35
C ALA E 215 21.77 -3.73 13.16
N SER E 216 22.05 -3.32 11.93
CA SER E 216 23.21 -2.47 11.72
C SER E 216 23.02 -1.42 10.63
N LEU E 217 23.38 -0.18 10.94
CA LEU E 217 23.32 0.92 9.99
C LEU E 217 24.79 1.15 9.63
N HIS E 218 25.10 1.24 8.35
CA HIS E 218 26.51 1.40 7.96
C HIS E 218 26.73 1.80 6.51
N GLY E 219 27.95 2.26 6.23
CA GLY E 219 28.28 2.63 4.87
C GLY E 219 28.23 1.37 4.01
N ASP E 220 27.63 1.51 2.83
CA ASP E 220 27.51 0.41 1.87
C ASP E 220 28.82 -0.36 1.80
N PRO E 221 28.78 -1.67 2.07
CA PRO E 221 29.99 -2.49 2.02
C PRO E 221 30.61 -2.56 0.63
N ALA E 222 29.81 -2.26 -0.39
CA ALA E 222 30.33 -2.27 -1.76
C ALA E 222 31.47 -1.26 -1.87
N GLU E 223 31.44 -0.24 -1.01
CA GLU E 223 32.49 0.78 -1.07
C GLU E 223 32.95 1.21 0.33
N ALA E 224 33.01 0.26 1.26
CA ALA E 224 33.44 0.55 2.62
C ALA E 224 33.80 -0.70 3.42
N PHE E 225 34.81 -0.55 4.28
CA PHE E 225 35.26 -1.63 5.17
C PHE E 225 33.99 -2.02 5.94
N PRO E 226 33.79 -3.31 6.25
CA PRO E 226 34.62 -4.50 6.02
C PRO E 226 34.54 -5.09 4.60
N HIS E 227 33.85 -4.40 3.69
CA HIS E 227 33.76 -4.83 2.30
C HIS E 227 33.06 -6.13 1.93
N PHE E 228 33.13 -7.16 2.78
CA PHE E 228 32.53 -8.45 2.42
C PHE E 228 31.36 -8.91 3.27
N LEU E 229 30.62 -7.99 3.86
CA LEU E 229 29.46 -8.32 4.66
C LEU E 229 28.77 -6.99 4.98
N GLY E 230 27.45 -7.04 5.14
CA GLY E 230 26.70 -5.82 5.44
C GLY E 230 25.62 -5.51 4.44
N TYR E 231 25.43 -6.42 3.48
CA TYR E 231 24.39 -6.24 2.47
C TYR E 231 23.02 -6.52 3.05
N ALA E 232 22.01 -5.83 2.53
CA ALA E 232 20.64 -5.97 3.02
C ALA E 232 20.06 -7.36 2.82
N GLU E 233 20.56 -8.10 1.85
CA GLU E 233 20.06 -9.45 1.58
C GLU E 233 20.36 -10.44 2.70
N GLU E 234 21.30 -10.08 3.57
CA GLU E 234 21.70 -10.95 4.68
C GLU E 234 20.72 -10.81 5.85
N THR E 235 19.76 -11.74 5.96
CA THR E 235 18.77 -11.67 7.01
C THR E 235 18.84 -12.76 8.08
N GLY E 236 19.84 -13.63 7.96
CA GLY E 236 19.97 -14.70 8.94
C GLY E 236 19.98 -16.06 8.29
N LYS E 237 20.17 -17.11 9.08
CA LYS E 237 20.22 -18.45 8.52
C LYS E 237 19.90 -19.54 9.52
N GLY E 238 19.26 -20.60 9.02
CA GLY E 238 18.91 -21.72 9.87
C GLY E 238 18.14 -21.29 11.10
N ALA E 239 18.61 -21.70 12.26
CA ALA E 239 17.93 -21.34 13.50
C ALA E 239 17.84 -19.83 13.73
N GLY E 240 18.69 -19.06 13.06
CA GLY E 240 18.66 -17.62 13.22
C GLY E 240 18.08 -16.88 12.03
N ALA E 241 17.38 -17.62 11.17
CA ALA E 241 16.77 -17.01 10.00
C ALA E 241 15.89 -15.85 10.45
N GLY E 242 15.98 -14.73 9.75
CA GLY E 242 15.19 -13.56 10.10
C GLY E 242 15.68 -12.73 11.28
N THR E 243 16.88 -12.98 11.83
CA THR E 243 17.34 -12.17 12.96
C THR E 243 18.46 -11.17 12.68
N THR E 244 18.65 -10.85 11.40
CA THR E 244 19.67 -9.87 11.00
C THR E 244 19.02 -8.85 10.05
N ALA E 245 19.20 -7.57 10.34
CA ALA E 245 18.66 -6.50 9.50
C ALA E 245 19.79 -5.50 9.23
N ASN E 246 20.25 -5.46 7.99
CA ASN E 246 21.31 -4.56 7.60
C ASN E 246 20.75 -3.36 6.83
N TYR E 247 21.31 -2.19 7.10
CA TYR E 247 20.89 -0.97 6.45
C TYR E 247 22.10 -0.27 5.87
N PRO E 248 22.62 -0.78 4.75
CA PRO E 248 23.79 -0.14 4.13
C PRO E 248 23.35 1.17 3.47
N MET E 249 24.12 2.24 3.64
CA MET E 249 23.77 3.52 3.05
C MET E 249 24.97 4.16 2.32
N GLY E 250 24.68 4.91 1.27
CA GLY E 250 25.72 5.54 0.45
C GLY E 250 26.43 6.77 0.99
N ARG E 251 27.33 7.31 0.17
CA ARG E 251 28.11 8.49 0.51
C ARG E 251 27.25 9.75 0.68
N GLY E 252 27.54 10.52 1.71
CA GLY E 252 26.81 11.76 1.96
C GLY E 252 25.53 11.63 2.77
N THR E 253 25.11 10.40 3.04
CA THR E 253 23.89 10.15 3.81
C THR E 253 23.75 11.05 5.04
N PRO E 254 22.72 11.91 5.06
CA PRO E 254 22.46 12.83 6.18
C PRO E 254 21.55 12.17 7.22
N TYR E 255 21.49 12.73 8.42
CA TYR E 255 20.64 12.16 9.45
C TYR E 255 19.21 11.93 8.96
N SER E 256 18.81 12.70 7.95
CA SER E 256 17.46 12.59 7.37
C SER E 256 17.18 11.15 6.95
N VAL E 257 18.14 10.55 6.26
CA VAL E 257 18.00 9.17 5.77
C VAL E 257 18.41 8.17 6.85
N TRP E 258 19.50 8.48 7.55
CA TRP E 258 20.01 7.62 8.60
C TRP E 258 18.95 7.41 9.68
N GLY E 259 18.28 8.49 10.08
CA GLY E 259 17.25 8.40 11.09
C GLY E 259 16.11 7.47 10.70
N GLU E 260 15.78 7.44 9.41
CA GLU E 260 14.71 6.58 8.94
C GLU E 260 15.11 5.13 9.11
N ALA E 261 16.39 4.83 8.86
CA ALA E 261 16.88 3.47 8.99
C ALA E 261 16.89 3.12 10.48
N LEU E 262 17.27 4.08 11.30
CA LEU E 262 17.30 3.86 12.74
C LEU E 262 15.91 3.50 13.25
N THR E 263 14.91 4.26 12.83
CA THR E 263 13.54 4.02 13.24
C THR E 263 13.02 2.67 12.80
N ASP E 264 13.37 2.26 11.58
CA ASP E 264 12.93 0.96 11.08
C ASP E 264 13.62 -0.17 11.84
N SER E 265 14.89 -0.01 12.16
CA SER E 265 15.61 -1.05 12.87
C SER E 265 15.02 -1.26 14.27
N LEU E 266 14.61 -0.16 14.90
CA LEU E 266 14.02 -0.26 16.22
C LEU E 266 12.64 -0.91 16.15
N LYS E 267 12.01 -0.81 14.99
CA LYS E 267 10.70 -1.41 14.81
C LYS E 267 10.86 -2.92 14.66
N ARG E 268 11.94 -3.35 14.02
CA ARG E 268 12.21 -4.78 13.84
C ARG E 268 12.59 -5.37 15.18
N ILE E 269 13.34 -4.61 15.97
CA ILE E 269 13.79 -5.04 17.28
C ILE E 269 12.61 -5.21 18.23
N ALA E 270 11.65 -4.30 18.14
CA ALA E 270 10.46 -4.34 18.99
C ALA E 270 9.62 -5.56 18.63
N ALA E 271 9.46 -5.82 17.33
CA ALA E 271 8.68 -6.97 16.87
C ALA E 271 9.39 -8.26 17.25
N PHE E 272 10.70 -8.17 17.46
CA PHE E 272 11.49 -9.32 17.86
C PHE E 272 11.21 -9.64 19.32
N GLY E 273 10.93 -8.61 20.10
CA GLY E 273 10.65 -8.80 21.51
C GLY E 273 11.87 -8.75 22.40
N ALA E 274 12.90 -8.01 21.99
CA ALA E 274 14.12 -7.88 22.78
C ALA E 274 13.79 -7.36 24.17
N GLU E 275 14.42 -7.92 25.19
CA GLU E 275 14.19 -7.50 26.57
C GLU E 275 15.16 -6.38 26.92
N ALA E 276 16.18 -6.21 26.08
CA ALA E 276 17.17 -5.17 26.28
C ALA E 276 17.91 -5.02 24.98
N ILE E 277 18.60 -3.89 24.84
CA ILE E 277 19.34 -3.59 23.63
C ILE E 277 20.79 -3.21 23.92
N VAL E 278 21.72 -3.91 23.29
CA VAL E 278 23.14 -3.60 23.46
C VAL E 278 23.47 -2.73 22.23
N VAL E 279 23.89 -1.51 22.48
CA VAL E 279 24.22 -0.58 21.40
C VAL E 279 25.71 -0.47 21.14
N SER E 280 26.14 -0.90 19.95
CA SER E 280 27.54 -0.78 19.57
C SER E 280 27.66 0.64 19.06
N LEU E 281 28.09 1.54 19.94
CA LEU E 281 28.22 2.95 19.61
C LEU E 281 29.52 3.33 18.93
N GLY E 282 29.39 3.80 17.69
CA GLY E 282 30.55 4.25 16.95
C GLY E 282 30.25 5.69 16.60
N VAL E 283 31.24 6.58 16.72
CA VAL E 283 31.00 7.97 16.36
C VAL E 283 31.71 8.34 15.06
N ASP E 284 32.11 7.35 14.29
CA ASP E 284 32.76 7.61 13.02
C ASP E 284 31.73 8.00 11.97
N THR E 285 30.49 8.16 12.39
CA THR E 285 29.45 8.57 11.45
C THR E 285 29.45 10.09 11.36
N PHE E 286 30.29 10.71 12.18
CA PHE E 286 30.41 12.17 12.22
C PHE E 286 30.91 12.73 10.88
N GLU E 287 30.27 13.82 10.42
CA GLU E 287 30.65 14.44 9.16
C GLU E 287 32.14 14.80 9.08
N GLN E 288 32.72 15.20 10.20
CA GLN E 288 34.12 15.57 10.22
C GLN E 288 35.06 14.41 10.43
N ASP E 289 34.52 13.21 10.61
CA ASP E 289 35.37 12.03 10.79
C ASP E 289 35.94 11.72 9.40
N PRO E 290 37.27 11.63 9.29
CA PRO E 290 37.99 11.36 8.02
C PRO E 290 37.86 9.95 7.44
N ILE E 291 37.56 8.97 8.28
CA ILE E 291 37.44 7.60 7.81
C ILE E 291 36.07 7.24 7.24
N SER E 292 35.08 8.11 7.44
CA SER E 292 33.73 7.82 6.96
C SER E 292 33.19 8.81 5.94
N PHE E 293 32.07 8.44 5.33
CA PHE E 293 31.45 9.31 4.34
C PHE E 293 30.00 9.68 4.67
N PHE E 294 29.62 9.55 5.95
CA PHE E 294 28.27 9.92 6.38
C PHE E 294 28.33 11.37 6.85
N LYS E 295 27.18 12.01 6.98
CA LYS E 295 27.13 13.41 7.39
C LYS E 295 26.23 13.73 8.57
N LEU E 296 26.63 13.26 9.75
CA LEU E 296 25.88 13.52 10.97
C LEU E 296 26.59 14.60 11.77
N THR E 297 25.83 15.44 12.45
CA THR E 297 26.40 16.52 13.26
C THR E 297 26.29 16.19 14.74
N SER E 298 27.04 16.89 15.57
CA SER E 298 27.02 16.63 17.02
C SER E 298 25.61 16.50 17.60
N PRO E 299 24.69 17.42 17.23
CA PRO E 299 23.31 17.40 17.74
C PRO E 299 22.58 16.10 17.42
N ASP E 300 22.84 15.54 16.24
CA ASP E 300 22.20 14.29 15.83
C ASP E 300 22.48 13.14 16.79
N TYR E 301 23.61 13.18 17.49
CA TYR E 301 23.95 12.11 18.43
C TYR E 301 23.06 12.16 19.67
N ILE E 302 22.49 13.32 19.95
CA ILE E 302 21.59 13.46 21.08
C ILE E 302 20.26 12.85 20.67
N THR E 303 19.85 13.12 19.43
CA THR E 303 18.62 12.59 18.87
C THR E 303 18.71 11.06 18.84
N MET E 304 19.87 10.56 18.47
CA MET E 304 20.14 9.12 18.38
C MET E 304 19.93 8.47 19.73
N GLY E 305 20.53 9.05 20.76
CA GLY E 305 20.39 8.52 22.10
C GLY E 305 18.94 8.51 22.54
N ARG E 306 18.21 9.58 22.23
CA ARG E 306 16.80 9.71 22.60
C ARG E 306 15.92 8.71 21.90
N THR E 307 16.09 8.58 20.59
CA THR E 307 15.30 7.66 19.80
C THR E 307 15.49 6.23 20.29
N ILE E 308 16.75 5.82 20.49
CA ILE E 308 17.02 4.47 20.95
C ILE E 308 16.45 4.24 22.35
N ALA E 309 16.65 5.21 23.25
CA ALA E 309 16.14 5.08 24.60
C ALA E 309 14.62 5.00 24.61
N ALA E 310 13.98 5.59 23.61
CA ALA E 310 12.53 5.56 23.52
C ALA E 310 12.02 4.17 23.17
N SER E 311 12.90 3.19 23.13
CA SER E 311 12.49 1.82 22.82
C SER E 311 11.73 1.29 24.03
N GLY E 312 12.05 1.82 25.21
CA GLY E 312 11.39 1.39 26.42
C GLY E 312 12.12 0.29 27.18
N VAL E 313 13.13 -0.31 26.56
CA VAL E 313 13.88 -1.37 27.22
C VAL E 313 15.25 -0.88 27.69
N PRO E 314 15.86 -1.58 28.66
CA PRO E 314 17.17 -1.17 29.17
C PRO E 314 18.23 -1.09 28.07
N LEU E 315 19.20 -0.20 28.24
CA LEU E 315 20.23 -0.03 27.23
C LEU E 315 21.65 -0.09 27.74
N LEU E 316 22.49 -0.85 27.04
CA LEU E 316 23.89 -0.94 27.39
C LEU E 316 24.65 -0.38 26.20
N VAL E 317 25.31 0.76 26.38
CA VAL E 317 26.08 1.35 25.29
C VAL E 317 27.50 0.85 25.37
N VAL E 318 27.98 0.26 24.27
CA VAL E 318 29.34 -0.29 24.18
C VAL E 318 30.15 0.50 23.14
N MET E 319 31.23 1.14 23.60
CA MET E 319 32.08 1.94 22.73
C MET E 319 32.74 1.14 21.61
N GLU E 320 32.65 1.66 20.38
CA GLU E 320 33.24 1.02 19.21
C GLU E 320 34.22 1.96 18.50
N GLY E 321 33.94 2.30 17.24
CA GLY E 321 34.82 3.15 16.47
C GLY E 321 34.67 4.65 16.64
N GLY E 322 35.45 5.39 15.86
CA GLY E 322 35.42 6.84 15.95
C GLY E 322 36.84 7.36 15.89
N TYR E 323 37.16 8.04 14.79
CA TYR E 323 38.49 8.59 14.59
C TYR E 323 38.86 9.55 15.70
N GLY E 324 40.15 9.89 15.77
CA GLY E 324 40.65 10.77 16.79
C GLY E 324 40.44 12.26 16.58
N VAL E 325 39.21 12.66 16.25
CA VAL E 325 38.90 14.06 16.07
C VAL E 325 38.53 14.62 17.45
N PRO E 326 38.83 15.91 17.70
CA PRO E 326 38.52 16.53 19.00
C PRO E 326 37.08 16.30 19.49
N GLU E 327 36.13 16.25 18.56
CA GLU E 327 34.72 16.05 18.90
C GLU E 327 34.35 14.61 19.24
N ILE E 328 35.30 13.68 19.17
CA ILE E 328 35.00 12.29 19.46
C ILE E 328 34.31 12.12 20.82
N GLY E 329 34.85 12.79 21.84
CA GLY E 329 34.27 12.71 23.16
C GLY E 329 32.94 13.44 23.28
N LEU E 330 32.84 14.60 22.64
CA LEU E 330 31.61 15.38 22.67
C LEU E 330 30.45 14.57 22.11
N ASN E 331 30.68 13.92 20.96
CA ASN E 331 29.63 13.13 20.32
C ASN E 331 29.21 11.92 21.13
N VAL E 332 30.16 11.26 21.77
CA VAL E 332 29.83 10.11 22.61
C VAL E 332 29.00 10.58 23.79
N ALA E 333 29.40 11.70 24.39
CA ALA E 333 28.66 12.24 25.53
C ALA E 333 27.25 12.67 25.09
N ASN E 334 27.14 13.19 23.87
CA ASN E 334 25.86 13.62 23.36
C ASN E 334 24.87 12.46 23.28
N VAL E 335 25.37 11.26 22.96
CA VAL E 335 24.51 10.08 22.88
C VAL E 335 24.01 9.69 24.27
N LEU E 336 24.89 9.75 25.25
CA LEU E 336 24.52 9.40 26.61
C LEU E 336 23.53 10.41 27.19
N LYS E 337 23.63 11.67 26.74
CA LYS E 337 22.72 12.70 27.21
C LYS E 337 21.32 12.42 26.66
N GLY E 338 21.27 12.04 25.39
CA GLY E 338 20.00 11.74 24.76
C GLY E 338 19.35 10.54 25.43
N VAL E 339 20.18 9.56 25.77
CA VAL E 339 19.71 8.34 26.44
C VAL E 339 19.21 8.70 27.85
N ALA E 340 20.03 9.45 28.59
CA ALA E 340 19.67 9.86 29.94
C ALA E 340 18.30 10.55 29.98
N GLY E 341 17.90 11.10 28.84
CA GLY E 341 16.61 11.75 28.76
C GLY E 341 16.56 13.19 29.24
N MET F 1 -56.05 37.13 39.26
CA MET F 1 -55.43 36.00 38.52
C MET F 1 -54.55 35.21 39.47
N ARG F 2 -54.33 33.94 39.16
CA ARG F 2 -53.51 33.09 40.00
C ARG F 2 -52.02 33.31 39.77
N VAL F 3 -51.25 33.24 40.85
CA VAL F 3 -49.80 33.42 40.77
C VAL F 3 -49.10 32.08 40.98
N ILE F 4 -48.32 31.64 40.00
CA ILE F 4 -47.58 30.39 40.12
C ILE F 4 -46.17 30.72 40.55
N PHE F 5 -45.75 30.12 41.65
CA PHE F 5 -44.42 30.41 42.19
C PHE F 5 -43.82 29.22 42.93
N SER F 6 -42.55 28.94 42.65
CA SER F 6 -41.84 27.83 43.28
C SER F 6 -40.74 28.32 44.20
N GLU F 7 -40.71 27.79 45.41
CA GLU F 7 -39.70 28.17 46.37
C GLU F 7 -38.33 27.64 45.96
N ASP F 8 -38.30 26.65 45.07
CA ASP F 8 -37.02 26.10 44.65
C ASP F 8 -36.19 27.03 43.76
N HIS F 9 -36.72 28.21 43.48
CA HIS F 9 -35.98 29.17 42.68
C HIS F 9 -34.69 29.48 43.42
N LYS F 10 -34.74 29.43 44.74
CA LYS F 10 -33.57 29.73 45.57
C LYS F 10 -32.41 28.76 45.37
N LEU F 11 -32.66 27.63 44.72
CA LEU F 11 -31.59 26.67 44.46
C LEU F 11 -30.60 27.32 43.49
N ARG F 12 -31.07 28.34 42.78
CA ARG F 12 -30.22 29.08 41.87
C ARG F 12 -29.65 30.18 42.76
N ASN F 13 -28.41 29.95 43.21
CA ASN F 13 -27.74 30.86 44.11
C ASN F 13 -26.27 31.00 43.74
N ALA F 14 -26.03 31.56 42.57
CA ALA F 14 -24.68 31.78 42.05
C ALA F 14 -23.99 32.88 42.85
N LYS F 15 -22.73 32.67 43.19
CA LYS F 15 -21.99 33.64 43.98
C LYS F 15 -21.23 34.65 43.13
N THR F 16 -20.96 34.31 41.87
CA THR F 16 -20.21 35.22 41.02
C THR F 16 -20.83 35.51 39.66
N GLU F 17 -20.57 36.74 39.20
CA GLU F 17 -21.02 37.21 37.91
C GLU F 17 -19.90 38.07 37.38
N LEU F 18 -19.62 37.92 36.08
CA LEU F 18 -18.56 38.70 35.47
C LEU F 18 -19.12 40.03 34.99
N TYR F 19 -18.68 41.11 35.62
CA TYR F 19 -19.13 42.46 35.29
C TYR F 19 -18.01 43.49 35.44
N GLY F 20 -17.81 44.29 34.40
CA GLY F 20 -16.78 45.31 34.43
C GLY F 20 -15.41 44.73 34.62
N GLY F 21 -15.22 43.49 34.20
CA GLY F 21 -13.91 42.86 34.35
C GLY F 21 -13.66 42.32 35.75
N GLU F 22 -14.71 42.24 36.57
CA GLU F 22 -14.59 41.71 37.92
C GLU F 22 -15.66 40.68 38.21
N LEU F 23 -15.39 39.85 39.21
CA LEU F 23 -16.33 38.81 39.63
C LEU F 23 -17.08 39.36 40.83
N VAL F 24 -18.33 39.76 40.61
CA VAL F 24 -19.16 40.33 41.68
C VAL F 24 -20.38 39.45 41.96
N PRO F 25 -21.10 39.74 43.06
CA PRO F 25 -22.29 38.94 43.37
C PRO F 25 -23.35 39.14 42.30
N PRO F 26 -23.90 38.05 41.76
CA PRO F 26 -24.93 38.11 40.72
C PRO F 26 -26.03 39.15 40.97
N PHE F 27 -26.40 39.87 39.92
CA PHE F 27 -27.45 40.88 40.00
C PHE F 27 -28.81 40.20 39.99
N GLU F 28 -28.84 38.97 39.47
CA GLU F 28 -30.08 38.21 39.41
C GLU F 28 -30.10 37.34 40.68
N ALA F 29 -30.39 37.98 41.81
CA ALA F 29 -30.42 37.27 43.09
C ALA F 29 -31.82 36.92 43.56
N PRO F 30 -31.92 35.93 44.48
CA PRO F 30 -33.20 35.46 45.03
C PRO F 30 -34.11 36.56 45.58
N PHE F 31 -33.54 37.60 46.20
CA PHE F 31 -34.39 38.65 46.75
C PHE F 31 -35.34 39.23 45.72
N ARG F 32 -34.97 39.15 44.44
CA ARG F 32 -35.83 39.65 43.36
C ARG F 32 -37.19 38.94 43.38
N ALA F 33 -37.16 37.63 43.61
CA ALA F 33 -38.39 36.85 43.65
C ALA F 33 -39.26 37.29 44.82
N GLU F 34 -38.64 37.45 46.00
CA GLU F 34 -39.35 37.87 47.20
C GLU F 34 -40.03 39.23 47.09
N TRP F 35 -39.29 40.22 46.62
CA TRP F 35 -39.82 41.57 46.47
C TRP F 35 -41.01 41.58 45.52
N ILE F 36 -40.87 40.86 44.41
CA ILE F 36 -41.95 40.79 43.44
C ILE F 36 -43.15 40.05 44.02
N LEU F 37 -42.91 38.94 44.71
CA LEU F 37 -43.99 38.18 45.30
C LEU F 37 -44.75 39.02 46.33
N ALA F 38 -44.00 39.70 47.20
CA ALA F 38 -44.60 40.53 48.24
C ALA F 38 -45.46 41.66 47.66
N ALA F 39 -44.96 42.29 46.61
CA ALA F 39 -45.67 43.39 45.97
C ALA F 39 -46.93 42.93 45.25
N VAL F 40 -46.89 41.76 44.62
CA VAL F 40 -48.10 41.29 43.93
C VAL F 40 -49.17 40.89 44.93
N LYS F 41 -48.76 40.33 46.06
CA LYS F 41 -49.72 39.93 47.09
C LYS F 41 -50.35 41.17 47.69
N GLU F 42 -49.52 42.16 47.96
CA GLU F 42 -49.98 43.41 48.54
C GLU F 42 -50.99 44.10 47.63
N ALA F 43 -50.80 43.95 46.32
CA ALA F 43 -51.71 44.56 45.35
C ALA F 43 -53.01 43.78 45.26
N GLY F 44 -53.09 42.67 46.00
CA GLY F 44 -54.30 41.88 45.98
C GLY F 44 -54.18 40.50 45.34
N PHE F 45 -53.08 40.25 44.63
CA PHE F 45 -52.89 38.96 43.99
C PHE F 45 -52.26 38.02 45.00
N ASP F 46 -53.06 37.56 45.97
CA ASP F 46 -52.57 36.68 47.01
C ASP F 46 -52.93 35.20 46.80
N ASP F 47 -53.33 34.85 45.60
CA ASP F 47 -53.66 33.46 45.29
C ASP F 47 -52.40 32.83 44.66
N VAL F 48 -51.41 32.58 45.51
CA VAL F 48 -50.15 32.01 45.09
C VAL F 48 -50.14 30.49 45.27
N VAL F 49 -49.72 29.78 44.23
CA VAL F 49 -49.67 28.33 44.31
C VAL F 49 -48.34 27.80 43.74
N ALA F 50 -47.85 26.72 44.33
CA ALA F 50 -46.61 26.12 43.87
C ALA F 50 -46.90 25.28 42.64
N PRO F 51 -45.96 25.22 41.69
CA PRO F 51 -46.17 24.42 40.48
C PRO F 51 -46.14 22.93 40.77
N ALA F 52 -46.86 22.17 39.96
CA ALA F 52 -46.89 20.71 40.12
C ALA F 52 -45.61 20.15 39.53
N ARG F 53 -45.47 18.84 39.56
CA ARG F 53 -44.28 18.18 39.02
C ARG F 53 -44.49 17.92 37.54
N HIS F 54 -43.45 18.19 36.74
CA HIS F 54 -43.53 17.98 35.29
C HIS F 54 -42.29 17.34 34.69
N GLY F 55 -42.49 16.52 33.67
CA GLY F 55 -41.37 15.86 33.01
C GLY F 55 -40.64 16.80 32.05
N LEU F 56 -39.82 16.24 31.17
CA LEU F 56 -39.06 17.03 30.23
C LEU F 56 -39.61 17.01 28.82
N GLU F 57 -40.79 16.42 28.64
CA GLU F 57 -41.38 16.34 27.30
C GLU F 57 -41.58 17.71 26.63
N THR F 58 -42.16 18.65 27.36
CA THR F 58 -42.42 19.95 26.77
C THR F 58 -41.16 20.72 26.43
N VAL F 59 -40.21 20.70 27.36
CA VAL F 59 -38.96 21.42 27.14
C VAL F 59 -38.14 20.79 26.01
N LEU F 60 -38.27 19.48 25.83
CA LEU F 60 -37.54 18.80 24.76
C LEU F 60 -38.05 19.17 23.37
N LYS F 61 -39.16 19.91 23.31
CA LYS F 61 -39.72 20.32 22.03
C LYS F 61 -39.24 21.70 21.57
N VAL F 62 -38.54 22.41 22.45
CA VAL F 62 -38.02 23.74 22.12
C VAL F 62 -36.52 23.89 22.34
N HIS F 63 -35.92 23.02 23.16
CA HIS F 63 -34.48 23.05 23.42
C HIS F 63 -33.80 21.78 22.94
N ASP F 64 -32.55 21.92 22.51
CA ASP F 64 -31.74 20.80 22.05
C ASP F 64 -31.51 19.79 23.17
N ALA F 65 -31.60 18.51 22.85
CA ALA F 65 -31.41 17.44 23.82
C ALA F 65 -30.00 17.41 24.39
N GLY F 66 -29.00 17.63 23.53
CA GLY F 66 -27.62 17.63 23.97
C GLY F 66 -27.35 18.79 24.90
N TYR F 67 -28.07 19.89 24.69
CA TYR F 67 -27.92 21.09 25.52
C TYR F 67 -28.46 20.84 26.92
N LEU F 68 -29.66 20.24 26.98
CA LEU F 68 -30.28 19.96 28.28
C LEU F 68 -29.46 18.94 29.06
N ASN F 69 -28.94 17.94 28.38
CA ASN F 69 -28.11 16.93 29.03
C ASN F 69 -26.87 17.60 29.63
N PHE F 70 -26.30 18.56 28.89
CA PHE F 70 -25.12 19.27 29.36
C PHE F 70 -25.44 20.07 30.63
N LEU F 71 -26.58 20.75 30.65
CA LEU F 71 -26.97 21.55 31.80
C LEU F 71 -27.12 20.73 33.08
N GLU F 72 -27.61 19.50 32.92
CA GLU F 72 -27.84 18.65 34.08
C GLU F 72 -26.59 18.20 34.80
N THR F 73 -25.51 17.99 34.07
CA THR F 73 -24.27 17.51 34.68
C THR F 73 -23.11 18.49 34.62
N ALA F 74 -23.36 19.68 34.09
CA ALA F 74 -22.33 20.71 33.96
C ALA F 74 -21.55 20.99 35.24
N TRP F 75 -22.27 21.27 36.31
CA TRP F 75 -21.63 21.56 37.60
C TRP F 75 -20.78 20.41 38.10
N ASP F 76 -21.36 19.20 38.14
CA ASP F 76 -20.62 18.04 38.61
C ASP F 76 -19.31 17.88 37.85
N ARG F 77 -19.37 17.95 36.53
CA ARG F 77 -18.17 17.78 35.72
C ARG F 77 -17.14 18.89 35.93
N TRP F 78 -17.61 20.12 36.05
CA TRP F 78 -16.72 21.25 36.25
C TRP F 78 -15.97 21.06 37.56
N LYS F 79 -16.69 20.67 38.60
CA LYS F 79 -16.09 20.45 39.89
C LYS F 79 -15.18 19.22 39.85
N ALA F 80 -15.59 18.21 39.11
CA ALA F 80 -14.80 16.98 38.98
C ALA F 80 -13.47 17.24 38.29
N ALA F 81 -13.42 18.30 37.50
CA ALA F 81 -12.20 18.65 36.78
C ALA F 81 -11.22 19.36 37.72
N GLY F 82 -11.66 19.64 38.94
CA GLY F 82 -10.80 20.28 39.92
C GLY F 82 -10.78 21.79 39.92
N TYR F 83 -11.83 22.41 39.40
CA TYR F 83 -11.88 23.87 39.37
C TYR F 83 -12.41 24.44 40.67
N LYS F 84 -11.83 25.56 41.09
CA LYS F 84 -12.18 26.23 42.33
C LYS F 84 -13.39 27.14 42.26
N GLY F 85 -13.50 27.91 41.19
CA GLY F 85 -14.62 28.83 41.05
C GLY F 85 -15.83 28.18 40.43
N GLU F 86 -16.81 28.99 40.06
CA GLU F 86 -18.03 28.50 39.43
C GLU F 86 -17.75 28.22 37.95
N ALA F 87 -18.65 27.48 37.30
CA ALA F 87 -18.45 27.15 35.89
C ALA F 87 -18.74 28.38 35.03
N ILE F 88 -17.68 28.92 34.44
CA ILE F 88 -17.78 30.09 33.58
C ILE F 88 -17.05 29.79 32.28
N ALA F 89 -17.71 30.03 31.16
CA ALA F 89 -17.14 29.78 29.84
C ALA F 89 -16.15 30.87 29.44
N THR F 90 -15.11 30.48 28.70
CA THR F 90 -14.11 31.44 28.23
C THR F 90 -13.91 31.36 26.72
N SER F 91 -13.86 30.14 26.19
CA SER F 91 -13.67 29.95 24.74
C SER F 91 -15.03 29.72 24.08
N PHE F 92 -15.30 30.46 23.01
CA PHE F 92 -16.58 30.35 22.31
C PHE F 92 -16.47 30.03 20.81
N PRO F 93 -17.48 29.36 20.25
CA PRO F 93 -17.48 29.02 18.82
C PRO F 93 -18.01 30.20 18.02
N VAL F 94 -17.15 31.18 17.81
CA VAL F 94 -17.52 32.38 17.08
C VAL F 94 -17.34 32.20 15.57
N ARG F 95 -17.15 33.31 14.87
CA ARG F 95 -16.98 33.33 13.41
C ARG F 95 -15.93 32.36 12.87
N ARG F 96 -16.28 31.68 11.79
CA ARG F 96 -15.37 30.77 11.10
C ARG F 96 -14.72 29.68 11.95
N THR F 97 -15.50 29.09 12.85
CA THR F 97 -15.00 28.00 13.69
C THR F 97 -15.71 26.71 13.30
N SER F 98 -15.15 25.60 13.75
CA SER F 98 -15.69 24.28 13.48
C SER F 98 -17.04 24.08 14.15
N PRO F 99 -17.91 23.25 13.55
CA PRO F 99 -19.24 22.98 14.12
C PRO F 99 -19.18 21.83 15.13
N ARG F 100 -18.01 21.22 15.28
CA ARG F 100 -17.88 20.10 16.21
C ARG F 100 -18.06 20.49 17.67
N ILE F 101 -18.58 19.53 18.43
CA ILE F 101 -18.81 19.73 19.85
C ILE F 101 -17.63 19.10 20.59
N PRO F 102 -16.98 19.87 21.49
CA PRO F 102 -15.84 19.29 22.23
C PRO F 102 -16.31 18.15 23.14
N THR F 103 -15.39 17.37 23.68
CA THR F 103 -15.79 16.26 24.54
C THR F 103 -15.66 16.57 26.04
N ASP F 104 -14.68 17.39 26.41
CA ASP F 104 -14.47 17.72 27.82
C ASP F 104 -15.36 18.88 28.28
N ILE F 105 -15.41 19.06 29.60
CA ILE F 105 -16.23 20.11 30.17
C ILE F 105 -15.74 21.51 29.78
N GLU F 106 -14.43 21.73 29.79
CA GLU F 106 -13.88 23.03 29.42
C GLU F 106 -14.38 23.51 28.05
N GLY F 107 -14.39 22.61 27.07
CA GLY F 107 -14.84 22.98 25.74
C GLY F 107 -16.35 23.04 25.57
N GLN F 108 -17.08 22.16 26.25
CA GLN F 108 -18.53 22.15 26.12
C GLN F 108 -19.23 23.34 26.75
N ILE F 109 -18.71 23.85 27.85
CA ILE F 109 -19.36 24.99 28.48
C ILE F 109 -19.38 26.20 27.55
N GLY F 110 -18.33 26.34 26.74
CA GLY F 110 -18.29 27.47 25.81
C GLY F 110 -19.20 27.20 24.62
N TYR F 111 -19.26 25.95 24.19
CA TYR F 111 -20.09 25.53 23.06
C TYR F 111 -21.56 25.82 23.32
N TYR F 112 -22.01 25.56 24.55
CA TYR F 112 -23.41 25.78 24.94
C TYR F 112 -23.71 27.12 25.61
N CYS F 113 -22.81 28.09 25.47
CA CYS F 113 -22.97 29.39 26.09
C CYS F 113 -22.87 30.56 25.09
N ASN F 114 -23.67 31.60 25.31
CA ASN F 114 -23.62 32.79 24.44
C ASN F 114 -23.19 34.05 25.21
N ALA F 115 -23.21 33.97 26.53
CA ALA F 115 -22.82 35.08 27.39
C ALA F 115 -22.11 34.58 28.65
N ALA F 116 -20.81 34.89 28.73
CA ALA F 116 -19.95 34.46 29.84
C ALA F 116 -20.19 35.10 31.21
N GLU F 117 -21.02 36.13 31.29
CA GLU F 117 -21.25 36.75 32.60
C GLU F 117 -22.14 35.85 33.45
N THR F 118 -22.67 34.80 32.84
CA THR F 118 -23.54 33.86 33.53
C THR F 118 -22.79 32.58 33.91
N ALA F 119 -22.68 32.34 35.21
CA ALA F 119 -21.98 31.16 35.71
C ALA F 119 -22.97 30.09 36.15
N ILE F 120 -22.57 28.82 35.97
CA ILE F 120 -23.39 27.70 36.39
C ILE F 120 -22.84 27.30 37.75
N SER F 121 -23.74 27.01 38.69
CA SER F 121 -23.33 26.63 40.04
C SER F 121 -24.31 25.59 40.58
N PRO F 122 -24.05 25.03 41.79
CA PRO F 122 -24.92 24.02 42.39
C PRO F 122 -26.38 24.45 42.45
N GLY F 123 -27.27 23.59 42.01
CA GLY F 123 -28.69 23.89 42.06
C GLY F 123 -29.21 24.67 40.87
N THR F 124 -28.33 25.14 40.02
CA THR F 124 -28.78 25.89 38.86
C THR F 124 -29.76 25.05 38.05
N TRP F 125 -29.37 23.82 37.74
CA TRP F 125 -30.23 22.94 36.98
C TRP F 125 -31.59 22.70 37.63
N GLU F 126 -31.60 22.39 38.92
CA GLU F 126 -32.83 22.15 39.66
C GLU F 126 -33.70 23.41 39.69
N ALA F 127 -33.07 24.56 39.86
CA ALA F 127 -33.82 25.80 39.91
C ALA F 127 -34.48 26.05 38.57
N ALA F 128 -33.72 25.91 37.48
CA ALA F 128 -34.24 26.12 36.15
C ALA F 128 -35.46 25.22 35.90
N LEU F 129 -35.41 23.99 36.40
CA LEU F 129 -36.53 23.07 36.22
C LEU F 129 -37.76 23.56 36.99
N SER F 130 -37.57 24.10 38.19
CA SER F 130 -38.73 24.56 38.95
C SER F 130 -39.34 25.79 38.28
N SER F 131 -38.49 26.61 37.66
CA SER F 131 -38.95 27.82 36.98
C SER F 131 -39.74 27.43 35.72
N MET F 132 -39.30 26.38 35.05
CA MET F 132 -39.97 25.86 33.85
C MET F 132 -41.35 25.33 34.29
N ALA F 133 -41.37 24.63 35.41
CA ALA F 133 -42.59 24.06 35.95
C ALA F 133 -43.64 25.14 36.22
N SER F 134 -43.19 26.30 36.69
CA SER F 134 -44.08 27.43 36.97
C SER F 134 -44.71 27.93 35.68
N ALA F 135 -43.91 27.93 34.62
CA ALA F 135 -44.37 28.38 33.31
C ALA F 135 -45.36 27.38 32.72
N ILE F 136 -45.09 26.10 32.91
CA ILE F 136 -45.96 25.04 32.42
C ILE F 136 -47.30 25.08 33.14
N ASP F 137 -47.30 25.22 34.46
CA ASP F 137 -48.55 25.29 35.21
C ASP F 137 -49.32 26.56 34.88
N GLY F 138 -48.58 27.62 34.57
CA GLY F 138 -49.23 28.86 34.21
C GLY F 138 -49.94 28.65 32.89
N ALA F 139 -49.31 27.90 31.99
CA ALA F 139 -49.90 27.62 30.68
C ALA F 139 -51.15 26.75 30.83
N ASP F 140 -51.11 25.78 31.73
CA ASP F 140 -52.26 24.92 31.94
C ASP F 140 -53.50 25.69 32.42
N LEU F 141 -53.28 26.78 33.16
CA LEU F 141 -54.40 27.59 33.63
C LEU F 141 -55.07 28.30 32.44
N ILE F 142 -54.24 28.78 31.52
CA ILE F 142 -54.72 29.47 30.33
C ILE F 142 -55.47 28.47 29.46
N ALA F 143 -54.95 27.25 29.38
CA ALA F 143 -55.59 26.22 28.57
C ALA F 143 -56.89 25.78 29.22
N ALA F 144 -57.02 26.00 30.53
CA ALA F 144 -58.23 25.61 31.24
C ALA F 144 -59.32 26.69 31.17
N GLY F 145 -59.01 27.81 30.52
CA GLY F 145 -60.01 28.85 30.42
C GLY F 145 -59.70 30.17 31.12
N HIS F 146 -58.70 30.19 31.98
CA HIS F 146 -58.35 31.44 32.68
C HIS F 146 -57.96 32.51 31.66
N LYS F 147 -58.38 33.74 31.92
CA LYS F 147 -58.07 34.84 31.02
C LYS F 147 -56.68 35.42 31.25
N ALA F 148 -56.13 35.16 32.44
CA ALA F 148 -54.82 35.65 32.77
C ALA F 148 -54.21 34.87 33.93
N ALA F 149 -52.89 34.81 33.94
CA ALA F 149 -52.17 34.11 34.99
C ALA F 149 -50.76 34.70 35.03
N PHE F 150 -50.08 34.54 36.16
CA PHE F 150 -48.74 35.05 36.31
C PHE F 150 -47.79 33.99 36.84
N SER F 151 -46.79 33.66 36.02
CA SER F 151 -45.79 32.68 36.42
C SER F 151 -44.58 33.48 36.86
N LEU F 152 -44.29 33.45 38.16
CA LEU F 152 -43.17 34.19 38.73
C LEU F 152 -41.94 33.31 38.56
N CYS F 153 -41.38 33.34 37.35
CA CYS F 153 -40.22 32.53 37.04
C CYS F 153 -38.90 33.14 37.45
N ARG F 154 -38.01 32.26 37.91
CA ARG F 154 -36.66 32.60 38.30
C ARG F 154 -35.92 31.29 38.49
N PRO F 155 -34.78 31.12 37.79
CA PRO F 155 -34.20 32.12 36.88
C PRO F 155 -35.05 32.43 35.66
N PRO F 156 -34.77 33.57 35.02
CA PRO F 156 -35.50 34.00 33.83
C PRO F 156 -35.14 33.08 32.66
N GLY F 157 -35.65 33.37 31.48
CA GLY F 157 -35.34 32.49 30.36
C GLY F 157 -35.22 32.99 28.93
N HIS F 158 -35.67 34.21 28.63
CA HIS F 158 -35.64 34.66 27.24
C HIS F 158 -34.29 34.76 26.52
N HIS F 159 -33.18 34.67 27.24
CA HIS F 159 -31.87 34.70 26.60
C HIS F 159 -31.38 33.28 26.36
N ALA F 160 -32.11 32.28 26.84
CA ALA F 160 -31.70 30.90 26.63
C ALA F 160 -32.19 30.48 25.24
N GLY F 161 -31.24 30.21 24.35
CA GLY F 161 -31.59 29.83 23.00
C GLY F 161 -31.83 28.33 22.86
N ILE F 162 -32.00 27.87 21.64
CA ILE F 162 -32.25 26.46 21.39
C ILE F 162 -31.22 25.58 22.09
N ASP F 163 -29.94 25.89 21.91
CA ASP F 163 -28.86 25.09 22.49
C ASP F 163 -27.79 25.87 23.24
N MET F 164 -28.18 26.96 23.90
CA MET F 164 -27.19 27.75 24.66
C MET F 164 -27.80 28.58 25.79
N PHE F 165 -27.03 28.75 26.86
CA PHE F 165 -27.48 29.55 28.00
C PHE F 165 -26.73 30.88 28.02
N GLY F 166 -27.28 31.85 28.76
CA GLY F 166 -26.66 33.16 28.85
C GLY F 166 -27.62 34.17 29.43
N GLY F 167 -27.11 35.37 29.74
CA GLY F 167 -27.97 36.40 30.31
C GLY F 167 -28.80 35.96 31.51
N TYR F 168 -28.22 35.10 32.34
CA TYR F 168 -28.87 34.59 33.54
C TYR F 168 -29.95 33.56 33.24
N CYS F 169 -30.06 33.16 31.98
CA CYS F 169 -31.11 32.21 31.59
C CYS F 169 -30.54 30.86 31.16
N PHE F 170 -31.29 29.79 31.45
CA PHE F 170 -30.88 28.43 31.12
C PHE F 170 -31.96 27.66 30.36
N ILE F 171 -33.21 27.85 30.77
CA ILE F 171 -34.33 27.23 30.12
C ILE F 171 -35.31 28.34 29.76
N ASN F 172 -35.73 28.38 28.51
CA ASN F 172 -36.62 29.44 28.07
C ASN F 172 -38.06 29.20 28.50
N ASN F 173 -38.37 29.70 29.69
CA ASN F 173 -39.70 29.55 30.28
C ASN F 173 -40.84 29.99 29.35
N ALA F 174 -40.70 31.14 28.71
CA ALA F 174 -41.73 31.64 27.80
C ALA F 174 -41.94 30.70 26.62
N ALA F 175 -40.85 30.09 26.15
CA ALA F 175 -40.94 29.17 25.02
C ALA F 175 -41.65 27.90 25.48
N VAL F 176 -41.31 27.45 26.67
CA VAL F 176 -41.93 26.25 27.20
C VAL F 176 -43.44 26.46 27.41
N ALA F 177 -43.82 27.63 27.90
CA ALA F 177 -45.23 27.97 28.13
C ALA F 177 -45.98 27.99 26.80
N ALA F 178 -45.37 28.58 25.78
CA ALA F 178 -45.99 28.67 24.48
C ALA F 178 -46.17 27.28 23.89
N GLN F 179 -45.14 26.44 24.06
CA GLN F 179 -45.21 25.08 23.56
C GLN F 179 -46.30 24.30 24.30
N ARG F 180 -46.39 24.51 25.60
CA ARG F 180 -47.41 23.82 26.39
C ARG F 180 -48.82 24.15 25.86
N LEU F 181 -49.05 25.42 25.55
CA LEU F 181 -50.35 25.84 25.02
C LEU F 181 -50.67 25.14 23.69
N LEU F 182 -49.67 24.98 22.84
CA LEU F 182 -49.89 24.30 21.56
C LEU F 182 -50.23 22.84 21.81
N ASP F 183 -49.53 22.23 22.77
CA ASP F 183 -49.78 20.84 23.09
C ASP F 183 -51.15 20.64 23.70
N LYS F 184 -51.65 21.67 24.38
CA LYS F 184 -52.95 21.60 25.01
C LYS F 184 -54.09 21.78 24.03
N GLY F 185 -53.79 22.25 22.82
CA GLY F 185 -54.84 22.42 21.85
C GLY F 185 -54.79 23.65 20.94
N ALA F 186 -53.91 24.59 21.25
CA ALA F 186 -53.80 25.78 20.40
C ALA F 186 -53.01 25.44 19.14
N LYS F 187 -53.32 26.15 18.05
CA LYS F 187 -52.62 25.95 16.78
C LYS F 187 -51.67 27.12 16.55
N LYS F 188 -52.02 28.27 17.13
CA LYS F 188 -51.21 29.47 17.00
C LYS F 188 -51.09 30.21 18.33
N ILE F 189 -49.87 30.62 18.66
CA ILE F 189 -49.59 31.33 19.90
C ILE F 189 -48.57 32.43 19.66
N ALA F 190 -48.66 33.50 20.43
CA ALA F 190 -47.71 34.60 20.26
C ALA F 190 -46.99 34.84 21.55
N ILE F 191 -45.76 35.32 21.45
CA ILE F 191 -44.98 35.67 22.63
C ILE F 191 -44.62 37.13 22.43
N LEU F 192 -44.91 37.95 23.45
CA LEU F 192 -44.61 39.38 23.42
C LEU F 192 -43.60 39.62 24.54
N ASP F 193 -42.40 40.03 24.15
CA ASP F 193 -41.31 40.28 25.09
C ASP F 193 -41.18 41.77 25.38
N VAL F 194 -41.68 42.22 26.53
CA VAL F 194 -41.62 43.64 26.87
C VAL F 194 -40.42 44.00 27.75
N ASP F 195 -39.60 43.00 28.07
CA ASP F 195 -38.40 43.21 28.86
C ASP F 195 -37.47 44.13 28.07
N PHE F 196 -36.71 44.97 28.76
CA PHE F 196 -35.80 45.90 28.11
C PHE F 196 -34.88 45.26 27.09
N HIS F 197 -34.35 44.08 27.41
CA HIS F 197 -33.44 43.39 26.50
C HIS F 197 -34.18 42.54 25.48
N HIS F 198 -33.57 42.36 24.31
CA HIS F 198 -34.14 41.54 23.25
C HIS F 198 -34.21 40.09 23.73
N GLY F 199 -35.27 39.39 23.35
CA GLY F 199 -35.38 37.99 23.74
C GLY F 199 -34.74 37.16 22.65
N ASN F 200 -33.41 37.19 22.59
CA ASN F 200 -32.68 36.47 21.55
C ASN F 200 -32.87 34.95 21.59
N GLY F 201 -33.03 34.40 22.78
CA GLY F 201 -33.23 32.97 22.91
C GLY F 201 -34.59 32.54 22.45
N THR F 202 -35.60 33.36 22.70
CA THR F 202 -36.96 33.04 22.28
C THR F 202 -37.07 33.18 20.77
N GLN F 203 -36.40 34.21 20.23
CA GLN F 203 -36.41 34.42 18.79
C GLN F 203 -35.75 33.24 18.10
N ASP F 204 -34.62 32.81 18.65
CA ASP F 204 -33.85 31.69 18.12
C ASP F 204 -34.70 30.41 18.11
N ILE F 205 -35.39 30.14 19.22
CA ILE F 205 -36.22 28.95 19.31
C ILE F 205 -37.33 28.90 18.24
N PHE F 206 -38.06 29.98 18.04
CA PHE F 206 -39.15 30.02 17.08
C PHE F 206 -38.90 30.69 15.72
N TYR F 207 -37.65 31.02 15.42
CA TYR F 207 -37.35 31.69 14.16
C TYR F 207 -37.88 30.94 12.93
N GLU F 208 -37.84 29.61 12.97
CA GLU F 208 -38.33 28.82 11.83
C GLU F 208 -39.62 28.06 12.08
N ARG F 209 -40.41 28.50 13.07
CA ARG F 209 -41.68 27.87 13.34
C ARG F 209 -42.80 28.81 12.92
N GLY F 210 -43.73 28.29 12.13
CA GLY F 210 -44.83 29.11 11.65
C GLY F 210 -46.01 29.17 12.60
N ASP F 211 -46.01 28.30 13.60
CA ASP F 211 -47.10 28.24 14.57
C ASP F 211 -46.96 29.18 15.77
N VAL F 212 -45.80 29.81 15.90
CA VAL F 212 -45.58 30.74 16.99
C VAL F 212 -45.06 32.05 16.40
N PHE F 213 -45.56 33.16 16.92
CA PHE F 213 -45.16 34.50 16.48
C PHE F 213 -44.39 35.16 17.62
N PHE F 214 -43.24 35.77 17.31
CA PHE F 214 -42.47 36.43 18.36
C PHE F 214 -42.32 37.92 18.12
N ALA F 215 -42.72 38.72 19.10
CA ALA F 215 -42.62 40.17 19.02
C ALA F 215 -41.79 40.68 20.19
N SER F 216 -40.86 41.57 19.92
CA SER F 216 -40.03 42.09 20.98
C SER F 216 -39.76 43.59 20.90
N LEU F 217 -39.87 44.25 22.05
CA LEU F 217 -39.57 45.69 22.12
C LEU F 217 -38.34 45.71 22.99
N HIS F 218 -37.30 46.41 22.55
CA HIS F 218 -36.07 46.39 23.33
C HIS F 218 -35.06 47.47 22.91
N GLY F 219 -34.04 47.64 23.73
CA GLY F 219 -33.01 48.61 23.42
C GLY F 219 -32.28 48.15 22.17
N ASP F 220 -31.87 49.12 21.34
CA ASP F 220 -31.15 48.84 20.12
C ASP F 220 -29.96 47.95 20.48
N PRO F 221 -29.87 46.77 19.86
CA PRO F 221 -28.78 45.82 20.11
C PRO F 221 -27.42 46.36 19.70
N ALA F 222 -27.42 47.42 18.90
CA ALA F 222 -26.19 48.04 18.47
C ALA F 222 -25.48 48.58 19.71
N GLU F 223 -26.25 48.84 20.76
CA GLU F 223 -25.69 49.34 22.00
C GLU F 223 -26.34 48.78 23.27
N ALA F 224 -26.74 47.52 23.20
CA ALA F 224 -27.37 46.85 24.34
C ALA F 224 -27.31 45.33 24.22
N PHE F 225 -27.16 44.68 25.36
CA PHE F 225 -27.11 43.22 25.44
C PHE F 225 -28.48 42.82 24.83
N PRO F 226 -28.56 41.67 24.13
CA PRO F 226 -27.50 40.71 23.83
C PRO F 226 -26.53 41.12 22.70
N HIS F 227 -26.67 42.35 22.19
CA HIS F 227 -25.77 42.87 21.16
C HIS F 227 -25.75 42.25 19.76
N PHE F 228 -25.98 40.94 19.66
CA PHE F 228 -25.89 40.27 18.37
C PHE F 228 -27.20 39.71 17.79
N LEU F 229 -28.31 40.31 18.17
CA LEU F 229 -29.62 39.89 17.67
C LEU F 229 -30.59 40.96 18.11
N GLY F 230 -31.74 41.02 17.46
CA GLY F 230 -32.74 42.01 17.82
C GLY F 230 -32.92 43.12 16.81
N TYR F 231 -32.28 43.02 15.65
CA TYR F 231 -32.41 44.05 14.62
C TYR F 231 -33.76 43.90 13.93
N ALA F 232 -34.31 45.01 13.47
CA ALA F 232 -35.61 45.02 12.81
C ALA F 232 -35.67 44.18 11.55
N GLU F 233 -34.52 44.02 10.88
CA GLU F 233 -34.46 43.26 9.65
C GLU F 233 -34.74 41.77 9.86
N GLU F 234 -34.64 41.31 11.12
CA GLU F 234 -34.89 39.90 11.44
C GLU F 234 -36.38 39.60 11.50
N THR F 235 -36.93 39.03 10.43
CA THR F 235 -38.36 38.75 10.39
C THR F 235 -38.76 37.29 10.33
N GLY F 236 -37.77 36.40 10.38
CA GLY F 236 -38.08 34.98 10.31
C GLY F 236 -37.35 34.29 9.17
N LYS F 237 -37.40 32.97 9.14
CA LYS F 237 -36.71 32.20 8.12
C LYS F 237 -37.45 30.91 7.74
N GLY F 238 -37.37 30.54 6.46
CA GLY F 238 -38.00 29.32 5.98
C GLY F 238 -39.44 29.10 6.40
N ALA F 239 -39.67 28.01 7.14
CA ALA F 239 -41.02 27.66 7.60
C ALA F 239 -41.61 28.70 8.55
N GLY F 240 -40.75 29.57 9.09
CA GLY F 240 -41.22 30.58 10.00
C GLY F 240 -41.06 32.00 9.47
N ALA F 241 -40.82 32.13 8.17
CA ALA F 241 -40.65 33.47 7.60
C ALA F 241 -41.85 34.36 7.95
N GLY F 242 -41.55 35.56 8.43
CA GLY F 242 -42.60 36.51 8.76
C GLY F 242 -43.22 36.35 10.14
N THR F 243 -42.62 35.56 11.03
CA THR F 243 -43.21 35.38 12.34
C THR F 243 -42.38 36.01 13.44
N THR F 244 -41.48 36.91 13.07
CA THR F 244 -40.65 37.63 14.05
C THR F 244 -40.75 39.12 13.77
N ALA F 245 -41.03 39.91 14.80
CA ALA F 245 -41.11 41.36 14.67
C ALA F 245 -40.35 42.04 15.80
N ASN F 246 -39.22 42.65 15.44
CA ASN F 246 -38.38 43.34 16.40
C ASN F 246 -38.55 44.85 16.39
N TYR F 247 -38.61 45.45 17.58
CA TYR F 247 -38.74 46.88 17.70
C TYR F 247 -37.63 47.46 18.57
N PRO F 248 -36.42 47.58 18.01
CA PRO F 248 -35.28 48.14 18.74
C PRO F 248 -35.49 49.64 18.87
N MET F 249 -35.16 50.21 20.03
CA MET F 249 -35.33 51.64 20.25
C MET F 249 -34.11 52.23 20.97
N GLY F 250 -33.88 53.53 20.78
CA GLY F 250 -32.72 54.18 21.38
C GLY F 250 -32.84 54.69 22.81
N ARG F 251 -31.76 55.29 23.29
CA ARG F 251 -31.69 55.83 24.67
C ARG F 251 -32.69 56.96 24.90
N GLY F 252 -33.24 57.01 26.10
CA GLY F 252 -34.19 58.06 26.45
C GLY F 252 -35.62 57.80 26.03
N THR F 253 -35.86 56.67 25.38
CA THR F 253 -37.20 56.34 24.91
C THR F 253 -38.25 56.40 26.02
N PRO F 254 -39.24 57.31 25.87
CA PRO F 254 -40.32 57.45 26.85
C PRO F 254 -41.47 56.54 26.44
N TYR F 255 -42.46 56.39 27.33
CA TYR F 255 -43.59 55.53 27.01
C TYR F 255 -44.34 56.02 25.77
N SER F 256 -44.33 57.33 25.53
CA SER F 256 -45.03 57.85 24.36
C SER F 256 -44.52 57.22 23.07
N VAL F 257 -43.24 56.87 23.03
CA VAL F 257 -42.67 56.25 21.83
C VAL F 257 -42.76 54.73 21.95
N TRP F 258 -42.36 54.21 23.10
CA TRP F 258 -42.38 52.78 23.39
C TRP F 258 -43.77 52.20 23.17
N GLY F 259 -44.79 52.94 23.60
CA GLY F 259 -46.17 52.51 23.46
C GLY F 259 -46.62 52.35 22.01
N GLU F 260 -46.08 53.17 21.12
CA GLU F 260 -46.45 53.08 19.70
C GLU F 260 -45.94 51.76 19.15
N ALA F 261 -44.80 51.33 19.64
CA ALA F 261 -44.21 50.07 19.20
C ALA F 261 -45.10 48.94 19.71
N LEU F 262 -45.59 49.08 20.94
CA LEU F 262 -46.45 48.06 21.53
C LEU F 262 -47.73 47.91 20.72
N THR F 263 -48.30 49.04 20.30
CA THR F 263 -49.53 49.01 19.52
C THR F 263 -49.33 48.27 18.20
N ASP F 264 -48.23 48.55 17.52
CA ASP F 264 -47.94 47.89 16.24
C ASP F 264 -47.72 46.40 16.42
N SER F 265 -46.98 46.04 17.47
CA SER F 265 -46.71 44.63 17.72
C SER F 265 -48.01 43.86 18.02
N LEU F 266 -48.92 44.48 18.78
CA LEU F 266 -50.18 43.84 19.11
C LEU F 266 -51.01 43.69 17.84
N LYS F 267 -50.89 44.66 16.94
CA LYS F 267 -51.62 44.61 15.68
C LYS F 267 -51.10 43.43 14.84
N ARG F 268 -49.78 43.22 14.81
CA ARG F 268 -49.21 42.12 14.05
C ARG F 268 -49.60 40.78 14.67
N ILE F 269 -49.73 40.76 16.00
CA ILE F 269 -50.12 39.55 16.71
C ILE F 269 -51.55 39.13 16.35
N ALA F 270 -52.45 40.12 16.26
CA ALA F 270 -53.84 39.86 15.91
C ALA F 270 -53.90 39.35 14.47
N ALA F 271 -53.17 40.01 13.58
CA ALA F 271 -53.16 39.61 12.18
C ALA F 271 -52.65 38.17 12.06
N PHE F 272 -51.69 37.81 12.92
CA PHE F 272 -51.14 36.46 12.94
C PHE F 272 -52.22 35.47 13.35
N GLY F 273 -53.12 35.92 14.23
CA GLY F 273 -54.21 35.06 14.70
C GLY F 273 -53.90 34.26 15.95
N ALA F 274 -53.11 34.84 16.85
CA ALA F 274 -52.75 34.16 18.09
C ALA F 274 -53.99 33.86 18.96
N GLU F 275 -54.04 32.65 19.50
CA GLU F 275 -55.14 32.23 20.35
C GLU F 275 -54.86 32.63 21.80
N ALA F 276 -53.66 33.09 22.05
CA ALA F 276 -53.25 33.53 23.38
C ALA F 276 -51.89 34.18 23.25
N ILE F 277 -51.51 34.96 24.25
CA ILE F 277 -50.23 35.64 24.23
C ILE F 277 -49.46 35.36 25.51
N VAL F 278 -48.22 34.92 25.36
CA VAL F 278 -47.37 34.67 26.51
C VAL F 278 -46.56 35.97 26.58
N VAL F 279 -46.63 36.66 27.71
CA VAL F 279 -45.90 37.92 27.85
C VAL F 279 -44.63 37.76 28.69
N SER F 280 -43.47 37.96 28.06
CA SER F 280 -42.21 37.88 28.79
C SER F 280 -42.10 39.26 29.41
N LEU F 281 -42.42 39.34 30.70
CA LEU F 281 -42.42 40.60 31.43
C LEU F 281 -41.13 40.90 32.17
N GLY F 282 -40.45 41.94 31.70
CA GLY F 282 -39.23 42.37 32.34
C GLY F 282 -39.53 43.82 32.69
N VAL F 283 -39.11 44.26 33.87
CA VAL F 283 -39.36 45.63 34.24
C VAL F 283 -38.09 46.46 34.20
N ASP F 284 -37.06 45.96 33.50
CA ASP F 284 -35.83 46.72 33.41
C ASP F 284 -35.97 47.94 32.51
N THR F 285 -37.18 48.18 32.02
CA THR F 285 -37.44 49.32 31.16
C THR F 285 -37.68 50.56 32.04
N PHE F 286 -37.74 50.31 33.34
CA PHE F 286 -37.97 51.37 34.32
C PHE F 286 -36.88 52.44 34.30
N GLU F 287 -37.30 53.69 34.33
CA GLU F 287 -36.38 54.83 34.31
C GLU F 287 -35.26 54.73 35.35
N GLN F 288 -35.57 54.22 36.54
CA GLN F 288 -34.59 54.08 37.61
C GLN F 288 -33.72 52.84 37.50
N ASP F 289 -34.14 51.87 36.70
CA ASP F 289 -33.34 50.66 36.54
C ASP F 289 -32.03 51.07 35.85
N PRO F 290 -30.88 50.85 36.52
CA PRO F 290 -29.56 51.21 35.98
C PRO F 290 -29.00 50.39 34.83
N ILE F 291 -29.66 49.28 34.47
CA ILE F 291 -29.16 48.46 33.38
C ILE F 291 -29.77 48.84 32.02
N SER F 292 -30.78 49.71 32.05
CA SER F 292 -31.44 50.12 30.82
C SER F 292 -31.38 51.62 30.55
N PHE F 293 -31.72 52.00 29.32
CA PHE F 293 -31.72 53.40 28.96
C PHE F 293 -33.08 53.91 28.49
N PHE F 294 -34.14 53.25 28.92
CA PHE F 294 -35.50 53.67 28.58
C PHE F 294 -36.01 54.43 29.79
N LYS F 295 -37.01 55.27 29.59
CA LYS F 295 -37.55 56.05 30.69
C LYS F 295 -39.03 55.84 30.95
N LEU F 296 -39.39 54.59 31.30
CA LEU F 296 -40.77 54.29 31.63
C LEU F 296 -40.93 54.51 33.12
N THR F 297 -42.13 54.95 33.53
CA THR F 297 -42.44 55.21 34.93
C THR F 297 -43.35 54.12 35.46
N SER F 298 -43.46 54.02 36.78
CA SER F 298 -44.31 53.00 37.39
C SER F 298 -45.74 52.97 36.84
N PRO F 299 -46.36 54.15 36.68
CA PRO F 299 -47.73 54.23 36.15
C PRO F 299 -47.84 53.67 34.72
N ASP F 300 -46.75 53.76 33.96
CA ASP F 300 -46.77 53.25 32.59
C ASP F 300 -47.00 51.74 32.55
N TYR F 301 -46.61 51.05 33.62
CA TYR F 301 -46.79 49.61 33.69
C TYR F 301 -48.26 49.23 33.77
N ILE F 302 -49.07 50.09 34.35
CA ILE F 302 -50.50 49.83 34.44
C ILE F 302 -51.08 49.98 33.03
N THR F 303 -50.65 51.02 32.32
CA THR F 303 -51.11 51.27 30.95
C THR F 303 -50.70 50.10 30.04
N MET F 304 -49.49 49.62 30.23
CA MET F 304 -48.94 48.51 29.44
C MET F 304 -49.83 47.27 29.57
N GLY F 305 -50.09 46.86 30.81
CA GLY F 305 -50.92 45.69 31.04
C GLY F 305 -52.32 45.83 30.50
N ARG F 306 -52.89 47.02 30.62
CA ARG F 306 -54.23 47.29 30.14
C ARG F 306 -54.27 47.16 28.62
N THR F 307 -53.26 47.72 27.96
CA THR F 307 -53.17 47.66 26.51
C THR F 307 -53.04 46.25 25.97
N ILE F 308 -52.22 45.43 26.62
CA ILE F 308 -52.02 44.06 26.20
C ILE F 308 -53.28 43.24 26.42
N ALA F 309 -53.92 43.45 27.56
CA ALA F 309 -55.15 42.73 27.89
C ALA F 309 -56.26 43.07 26.91
N ALA F 310 -56.21 44.27 26.36
CA ALA F 310 -57.22 44.71 25.40
C ALA F 310 -57.13 43.93 24.08
N SER F 311 -56.14 43.05 23.97
CA SER F 311 -55.98 42.22 22.79
C SER F 311 -57.16 41.28 22.70
N GLY F 312 -57.83 41.07 23.84
CA GLY F 312 -58.97 40.19 23.88
C GLY F 312 -58.64 38.72 23.95
N VAL F 313 -57.36 38.37 23.99
CA VAL F 313 -57.00 36.95 24.08
C VAL F 313 -56.38 36.63 25.44
N PRO F 314 -56.46 35.36 25.87
CA PRO F 314 -55.89 34.99 27.17
C PRO F 314 -54.42 35.39 27.26
N LEU F 315 -53.99 35.84 28.44
CA LEU F 315 -52.61 36.26 28.66
C LEU F 315 -51.93 35.47 29.76
N LEU F 316 -50.68 35.07 29.50
CA LEU F 316 -49.88 34.38 30.50
C LEU F 316 -48.64 35.25 30.67
N VAL F 317 -48.50 35.86 31.84
CA VAL F 317 -47.37 36.71 32.10
C VAL F 317 -46.26 35.86 32.69
N VAL F 318 -45.07 35.94 32.09
CA VAL F 318 -43.92 35.17 32.55
C VAL F 318 -42.84 36.18 32.96
N MET F 319 -42.38 36.06 34.20
CA MET F 319 -41.37 36.96 34.72
C MET F 319 -40.01 36.77 34.05
N GLU F 320 -39.44 37.88 33.61
CA GLU F 320 -38.14 37.87 32.97
C GLU F 320 -37.16 38.70 33.83
N GLY F 321 -36.59 39.72 33.22
CA GLY F 321 -35.63 40.55 33.91
C GLY F 321 -36.08 41.73 34.74
N GLY F 322 -35.09 42.50 35.17
CA GLY F 322 -35.35 43.65 36.00
C GLY F 322 -34.36 43.70 37.15
N TYR F 323 -33.70 44.84 37.29
CA TYR F 323 -32.73 45.05 38.34
C TYR F 323 -33.45 45.10 39.69
N GLY F 324 -32.70 44.80 40.75
CA GLY F 324 -33.27 44.79 42.09
C GLY F 324 -33.59 46.13 42.71
N VAL F 325 -34.06 47.10 41.93
CA VAL F 325 -34.40 48.40 42.48
C VAL F 325 -35.58 48.20 43.44
N PRO F 326 -35.73 49.10 44.42
CA PRO F 326 -36.82 49.01 45.41
C PRO F 326 -38.20 48.91 44.77
N GLU F 327 -38.42 49.63 43.67
CA GLU F 327 -39.71 49.64 42.99
C GLU F 327 -39.95 48.44 42.06
N ILE F 328 -39.04 47.48 42.02
CA ILE F 328 -39.21 46.34 41.14
C ILE F 328 -40.53 45.62 41.33
N GLY F 329 -40.93 45.40 42.57
CA GLY F 329 -42.18 44.71 42.84
C GLY F 329 -43.39 45.53 42.42
N LEU F 330 -43.39 46.81 42.77
CA LEU F 330 -44.51 47.68 42.43
C LEU F 330 -44.79 47.67 40.93
N ASN F 331 -43.72 47.78 40.14
CA ASN F 331 -43.88 47.81 38.69
C ASN F 331 -44.47 46.53 38.11
N VAL F 332 -44.06 45.39 38.65
CA VAL F 332 -44.60 44.12 38.17
C VAL F 332 -46.08 44.06 38.53
N ALA F 333 -46.40 44.42 39.77
CA ALA F 333 -47.78 44.39 40.22
C ALA F 333 -48.64 45.34 39.38
N ASN F 334 -48.08 46.50 39.02
CA ASN F 334 -48.82 47.46 38.23
C ASN F 334 -49.26 46.88 36.89
N VAL F 335 -48.39 46.08 36.27
CA VAL F 335 -48.72 45.46 34.99
C VAL F 335 -49.90 44.50 35.19
N LEU F 336 -49.82 43.71 36.25
CA LEU F 336 -50.87 42.75 36.56
C LEU F 336 -52.20 43.44 36.84
N LYS F 337 -52.12 44.61 37.46
CA LYS F 337 -53.33 45.39 37.76
C LYS F 337 -53.95 45.91 36.47
N GLY F 338 -53.10 46.25 35.51
CA GLY F 338 -53.59 46.73 34.23
C GLY F 338 -54.29 45.59 33.51
N VAL F 339 -53.66 44.41 33.53
CA VAL F 339 -54.22 43.22 32.90
C VAL F 339 -55.54 42.84 33.57
N ALA F 340 -55.55 42.78 34.90
CA ALA F 340 -56.74 42.42 35.65
C ALA F 340 -57.88 43.40 35.39
N GLY F 341 -57.53 44.67 35.17
CA GLY F 341 -58.55 45.66 34.92
C GLY F 341 -59.48 45.87 36.12
N MET G 1 -11.04 3.75 -40.99
CA MET G 1 -12.28 4.32 -40.39
C MET G 1 -12.82 5.46 -41.25
N ARG G 2 -14.08 5.82 -41.02
CA ARG G 2 -14.71 6.87 -41.78
C ARG G 2 -14.40 8.25 -41.20
N VAL G 3 -14.18 9.22 -42.08
CA VAL G 3 -13.88 10.58 -41.71
C VAL G 3 -15.02 11.53 -42.06
N ILE G 4 -15.56 12.21 -41.06
CA ILE G 4 -16.64 13.16 -41.28
C ILE G 4 -16.02 14.55 -41.35
N PHE G 5 -16.32 15.28 -42.42
CA PHE G 5 -15.76 16.61 -42.62
C PHE G 5 -16.69 17.51 -43.42
N SER G 6 -16.80 18.76 -43.00
CA SER G 6 -17.64 19.74 -43.66
C SER G 6 -16.85 20.93 -44.21
N GLU G 7 -17.13 21.30 -45.45
CA GLU G 7 -16.46 22.42 -46.08
C GLU G 7 -16.89 23.75 -45.48
N ASP G 8 -18.06 23.77 -44.85
CA ASP G 8 -18.56 24.99 -44.24
C ASP G 8 -17.72 25.48 -43.06
N HIS G 9 -16.71 24.71 -42.67
CA HIS G 9 -15.85 25.10 -41.58
C HIS G 9 -15.21 26.43 -41.96
N LYS G 10 -14.97 26.59 -43.27
CA LYS G 10 -14.35 27.80 -43.80
C LYS G 10 -15.19 29.06 -43.55
N LEU G 11 -16.48 28.87 -43.29
CA LEU G 11 -17.36 30.01 -43.01
C LEU G 11 -16.79 30.80 -41.82
N ARG G 12 -16.04 30.10 -40.99
CA ARG G 12 -15.39 30.68 -39.83
C ARG G 12 -13.98 31.09 -40.28
N ASN G 13 -13.78 32.38 -40.54
CA ASN G 13 -12.48 32.88 -40.97
C ASN G 13 -12.28 34.29 -40.40
N ALA G 14 -12.19 34.35 -39.07
CA ALA G 14 -12.00 35.60 -38.35
C ALA G 14 -10.71 36.29 -38.78
N LYS G 15 -10.73 37.61 -38.74
CA LYS G 15 -9.57 38.39 -39.13
C LYS G 15 -8.69 38.79 -37.96
N THR G 16 -9.27 38.78 -36.75
CA THR G 16 -8.52 39.18 -35.56
C THR G 16 -8.69 38.30 -34.32
N GLU G 17 -7.62 38.24 -33.53
CA GLU G 17 -7.60 37.49 -32.29
C GLU G 17 -6.80 38.37 -31.33
N LEU G 18 -7.24 38.48 -30.08
CA LEU G 18 -6.51 39.30 -29.13
C LEU G 18 -5.41 38.45 -28.50
N TYR G 19 -4.16 38.83 -28.77
CA TYR G 19 -3.00 38.13 -28.24
C TYR G 19 -1.86 39.09 -27.90
N GLY G 20 -1.33 38.97 -26.69
CA GLY G 20 -0.24 39.83 -26.26
C GLY G 20 -0.56 41.30 -26.30
N GLY G 21 -1.85 41.64 -26.15
CA GLY G 21 -2.25 43.03 -26.18
C GLY G 21 -2.39 43.57 -27.60
N GLU G 22 -2.40 42.68 -28.59
CA GLU G 22 -2.56 43.10 -29.98
C GLU G 22 -3.58 42.25 -30.71
N LEU G 23 -4.12 42.78 -31.80
CA LEU G 23 -5.08 42.06 -32.60
C LEU G 23 -4.28 41.46 -33.76
N VAL G 24 -4.15 40.14 -33.76
CA VAL G 24 -3.38 39.45 -34.79
C VAL G 24 -4.24 38.41 -35.52
N PRO G 25 -3.73 37.85 -36.63
CA PRO G 25 -4.50 36.84 -37.36
C PRO G 25 -4.71 35.65 -36.44
N PRO G 26 -5.94 35.12 -36.39
CA PRO G 26 -6.26 33.98 -35.54
C PRO G 26 -5.38 32.76 -35.79
N PHE G 27 -5.00 32.08 -34.71
CA PHE G 27 -4.16 30.89 -34.79
C PHE G 27 -5.02 29.71 -35.24
N GLU G 28 -6.31 29.79 -34.93
CA GLU G 28 -7.26 28.74 -35.31
C GLU G 28 -7.84 29.13 -36.66
N ALA G 29 -7.05 28.90 -37.71
CA ALA G 29 -7.42 29.25 -39.08
C ALA G 29 -7.80 28.05 -39.94
N PRO G 30 -8.52 28.31 -41.06
CA PRO G 30 -8.97 27.28 -42.01
C PRO G 30 -7.91 26.28 -42.48
N PHE G 31 -6.70 26.75 -42.75
CA PHE G 31 -5.64 25.85 -43.24
C PHE G 31 -5.45 24.61 -42.35
N ARG G 32 -5.75 24.75 -41.05
CA ARG G 32 -5.62 23.64 -40.11
C ARG G 32 -6.45 22.43 -40.57
N ALA G 33 -7.70 22.68 -40.95
CA ALA G 33 -8.58 21.61 -41.41
C ALA G 33 -8.02 20.97 -42.66
N GLU G 34 -7.56 21.81 -43.58
CA GLU G 34 -7.00 21.36 -44.85
C GLU G 34 -5.76 20.48 -44.63
N TRP G 35 -4.84 20.94 -43.79
CA TRP G 35 -3.62 20.19 -43.51
C TRP G 35 -3.94 18.83 -42.88
N ILE G 36 -4.80 18.83 -41.87
CA ILE G 36 -5.17 17.60 -41.20
C ILE G 36 -5.89 16.64 -42.14
N LEU G 37 -6.79 17.17 -42.96
CA LEU G 37 -7.53 16.32 -43.89
C LEU G 37 -6.58 15.66 -44.89
N ALA G 38 -5.60 16.41 -45.40
CA ALA G 38 -4.65 15.86 -46.36
C ALA G 38 -3.80 14.77 -45.73
N ALA G 39 -3.38 14.99 -44.49
CA ALA G 39 -2.55 14.01 -43.78
C ALA G 39 -3.29 12.71 -43.49
N VAL G 40 -4.55 12.82 -43.08
CA VAL G 40 -5.33 11.62 -42.77
C VAL G 40 -5.63 10.82 -44.03
N LYS G 41 -5.99 11.50 -45.11
CA LYS G 41 -6.28 10.81 -46.37
C LYS G 41 -5.04 10.08 -46.83
N GLU G 42 -3.88 10.67 -46.55
CA GLU G 42 -2.62 10.08 -46.95
C GLU G 42 -2.23 8.89 -46.08
N ALA G 43 -2.87 8.79 -44.92
CA ALA G 43 -2.59 7.70 -43.99
C ALA G 43 -3.46 6.49 -44.35
N GLY G 44 -4.31 6.65 -45.36
CA GLY G 44 -5.17 5.56 -45.78
C GLY G 44 -6.60 5.74 -45.34
N PHE G 45 -6.90 6.90 -44.76
CA PHE G 45 -8.24 7.22 -44.31
C PHE G 45 -8.84 8.18 -45.33
N ASP G 46 -9.16 7.64 -46.50
CA ASP G 46 -9.72 8.42 -47.59
C ASP G 46 -11.23 8.35 -47.71
N ASP G 47 -11.86 7.61 -46.81
CA ASP G 47 -13.32 7.51 -46.82
C ASP G 47 -13.87 8.73 -46.08
N VAL G 48 -13.83 9.87 -46.77
CA VAL G 48 -14.30 11.13 -46.23
C VAL G 48 -15.68 11.46 -46.76
N VAL G 49 -16.59 11.82 -45.86
CA VAL G 49 -17.95 12.17 -46.25
C VAL G 49 -18.43 13.40 -45.51
N ALA G 50 -19.34 14.15 -46.14
CA ALA G 50 -19.90 15.34 -45.53
C ALA G 50 -21.06 14.92 -44.63
N PRO G 51 -21.30 15.68 -43.56
CA PRO G 51 -22.39 15.36 -42.64
C PRO G 51 -23.74 15.76 -43.20
N ALA G 52 -24.79 15.09 -42.75
CA ALA G 52 -26.14 15.38 -43.18
C ALA G 52 -26.65 16.56 -42.35
N ARG G 53 -27.86 17.04 -42.65
CA ARG G 53 -28.43 18.16 -41.91
C ARG G 53 -28.98 17.63 -40.59
N HIS G 54 -28.99 18.49 -39.57
CA HIS G 54 -29.48 18.13 -38.25
C HIS G 54 -30.15 19.32 -37.57
N GLY G 55 -31.07 19.01 -36.65
CA GLY G 55 -31.76 20.05 -35.92
C GLY G 55 -30.98 20.42 -34.68
N LEU G 56 -31.62 21.13 -33.76
CA LEU G 56 -30.98 21.55 -32.53
C LEU G 56 -31.35 20.68 -31.34
N GLU G 57 -32.18 19.68 -31.57
CA GLU G 57 -32.59 18.81 -30.48
C GLU G 57 -31.41 18.28 -29.67
N THR G 58 -30.42 17.72 -30.34
CA THR G 58 -29.27 17.20 -29.62
C THR G 58 -28.51 18.27 -28.85
N VAL G 59 -28.17 19.36 -29.52
CA VAL G 59 -27.41 20.42 -28.88
C VAL G 59 -28.17 21.10 -27.72
N LEU G 60 -29.50 21.21 -27.83
CA LEU G 60 -30.29 21.82 -26.77
C LEU G 60 -30.33 21.00 -25.46
N LYS G 61 -29.71 19.82 -25.48
CA LYS G 61 -29.66 18.98 -24.29
C LYS G 61 -28.38 19.23 -23.51
N VAL G 62 -27.42 19.90 -24.13
CA VAL G 62 -26.15 20.18 -23.46
C VAL G 62 -25.87 21.68 -23.34
N HIS G 63 -26.48 22.49 -24.20
CA HIS G 63 -26.30 23.94 -24.18
C HIS G 63 -27.57 24.70 -23.83
N ASP G 64 -27.38 25.82 -23.13
CA ASP G 64 -28.48 26.70 -22.73
C ASP G 64 -29.13 27.27 -24.00
N ALA G 65 -30.46 27.34 -24.02
CA ALA G 65 -31.17 27.86 -25.18
C ALA G 65 -30.92 29.35 -25.38
N GLY G 66 -30.79 30.08 -24.28
CA GLY G 66 -30.54 31.51 -24.37
C GLY G 66 -29.20 31.73 -25.05
N TYR G 67 -28.22 30.93 -24.66
CA TYR G 67 -26.88 31.00 -25.22
C TYR G 67 -26.92 30.75 -26.73
N LEU G 68 -27.53 29.64 -27.14
CA LEU G 68 -27.60 29.32 -28.57
C LEU G 68 -28.29 30.43 -29.33
N ASN G 69 -29.40 30.90 -28.78
CA ASN G 69 -30.17 31.99 -29.40
C ASN G 69 -29.24 33.19 -29.58
N PHE G 70 -28.43 33.47 -28.56
CA PHE G 70 -27.49 34.59 -28.63
C PHE G 70 -26.46 34.46 -29.75
N LEU G 71 -25.93 33.26 -29.94
CA LEU G 71 -24.93 33.03 -30.99
C LEU G 71 -25.51 33.24 -32.38
N GLU G 72 -26.69 32.70 -32.62
CA GLU G 72 -27.32 32.82 -33.92
C GLU G 72 -27.33 34.26 -34.47
N THR G 73 -27.64 35.23 -33.63
CA THR G 73 -27.70 36.62 -34.08
C THR G 73 -26.63 37.57 -33.56
N ALA G 74 -25.65 37.02 -32.84
CA ALA G 74 -24.59 37.84 -32.28
C ALA G 74 -23.98 38.80 -33.30
N TRP G 75 -23.41 38.27 -34.37
CA TRP G 75 -22.79 39.12 -35.37
C TRP G 75 -23.72 40.18 -35.93
N ASP G 76 -24.95 39.80 -36.27
CA ASP G 76 -25.91 40.75 -36.80
C ASP G 76 -26.14 41.95 -35.89
N ARG G 77 -26.41 41.69 -34.61
CA ARG G 77 -26.65 42.75 -33.65
C ARG G 77 -25.40 43.62 -33.43
N TRP G 78 -24.23 43.01 -33.43
CA TRP G 78 -22.98 43.74 -33.23
C TRP G 78 -22.76 44.71 -34.38
N LYS G 79 -22.87 44.19 -35.59
CA LYS G 79 -22.71 44.99 -36.80
C LYS G 79 -23.77 46.08 -36.85
N ALA G 80 -25.01 45.72 -36.55
CA ALA G 80 -26.09 46.69 -36.57
C ALA G 80 -25.89 47.76 -35.50
N ALA G 81 -25.09 47.45 -34.48
CA ALA G 81 -24.83 48.41 -33.41
C ALA G 81 -23.89 49.51 -33.90
N GLY G 82 -23.24 49.29 -35.05
CA GLY G 82 -22.35 50.28 -35.61
C GLY G 82 -20.86 50.09 -35.37
N TYR G 83 -20.45 48.95 -34.82
CA TYR G 83 -19.03 48.72 -34.55
C TYR G 83 -18.23 48.33 -35.79
N LYS G 84 -17.01 48.86 -35.86
CA LYS G 84 -16.11 48.62 -36.98
C LYS G 84 -15.38 47.27 -36.97
N GLY G 85 -14.97 46.82 -35.79
CA GLY G 85 -14.25 45.56 -35.70
C GLY G 85 -15.17 44.36 -35.51
N GLU G 86 -14.60 43.23 -35.13
CA GLU G 86 -15.37 42.03 -34.91
C GLU G 86 -15.96 42.04 -33.51
N ALA G 87 -16.90 41.14 -33.24
CA ALA G 87 -17.56 41.06 -31.95
C ALA G 87 -16.61 40.53 -30.88
N ILE G 88 -16.11 41.44 -30.04
CA ILE G 88 -15.21 41.07 -28.95
C ILE G 88 -15.76 41.59 -27.62
N ALA G 89 -15.92 40.68 -26.66
CA ALA G 89 -16.44 41.03 -25.34
C ALA G 89 -15.39 41.74 -24.51
N THR G 90 -15.81 42.62 -23.62
CA THR G 90 -14.88 43.35 -22.77
C THR G 90 -15.32 43.36 -21.30
N SER G 91 -16.63 43.42 -21.09
CA SER G 91 -17.20 43.43 -19.75
C SER G 91 -17.67 42.02 -19.38
N PHE G 92 -17.20 41.50 -18.25
CA PHE G 92 -17.57 40.14 -17.82
C PHE G 92 -18.16 40.03 -16.41
N PRO G 93 -19.12 39.11 -16.21
CA PRO G 93 -19.75 38.91 -14.90
C PRO G 93 -18.83 38.07 -14.01
N VAL G 94 -17.88 38.74 -13.39
CA VAL G 94 -16.89 38.07 -12.53
C VAL G 94 -17.38 37.95 -11.09
N ARG G 95 -16.46 37.86 -10.14
CA ARG G 95 -16.83 37.73 -8.74
C ARG G 95 -17.80 38.79 -8.22
N ARG G 96 -18.76 38.34 -7.41
CA ARG G 96 -19.72 39.21 -6.76
C ARG G 96 -20.52 40.15 -7.67
N THR G 97 -20.99 39.64 -8.79
CA THR G 97 -21.79 40.43 -9.70
C THR G 97 -23.22 39.89 -9.70
N SER G 98 -24.13 40.67 -10.27
CA SER G 98 -25.53 40.31 -10.38
C SER G 98 -25.63 39.14 -11.34
N PRO G 99 -26.66 38.30 -11.16
CA PRO G 99 -26.89 37.14 -12.02
C PRO G 99 -27.78 37.49 -13.22
N ARG G 100 -28.27 38.72 -13.28
CA ARG G 100 -29.14 39.12 -14.37
C ARG G 100 -28.46 39.18 -15.73
N ILE G 101 -29.25 38.88 -16.77
CA ILE G 101 -28.77 38.90 -18.13
C ILE G 101 -29.08 40.25 -18.77
N PRO G 102 -28.06 40.94 -19.30
CA PRO G 102 -28.27 42.24 -19.94
C PRO G 102 -29.21 42.11 -21.13
N THR G 103 -29.70 43.24 -21.63
CA THR G 103 -30.60 43.22 -22.76
C THR G 103 -29.92 43.58 -24.09
N ASP G 104 -28.96 44.51 -24.06
CA ASP G 104 -28.26 44.94 -25.27
C ASP G 104 -27.12 44.02 -25.68
N ILE G 105 -26.64 44.18 -26.91
CA ILE G 105 -25.57 43.34 -27.40
C ILE G 105 -24.25 43.54 -26.65
N GLU G 106 -23.97 44.78 -26.23
CA GLU G 106 -22.75 45.09 -25.51
C GLU G 106 -22.64 44.32 -24.20
N GLY G 107 -23.78 44.09 -23.56
CA GLY G 107 -23.79 43.36 -22.31
C GLY G 107 -23.90 41.87 -22.49
N GLN G 108 -24.75 41.44 -23.42
CA GLN G 108 -24.93 40.01 -23.64
C GLN G 108 -23.69 39.30 -24.14
N ILE G 109 -22.90 39.96 -24.99
CA ILE G 109 -21.72 39.31 -25.51
C ILE G 109 -20.77 38.94 -24.36
N GLY G 110 -20.65 39.82 -23.36
CA GLY G 110 -19.79 39.52 -22.23
C GLY G 110 -20.41 38.45 -21.35
N TYR G 111 -21.73 38.52 -21.20
CA TYR G 111 -22.45 37.55 -20.38
C TYR G 111 -22.23 36.12 -20.85
N TYR G 112 -22.21 35.94 -22.17
CA TYR G 112 -22.04 34.62 -22.78
C TYR G 112 -20.61 34.29 -23.23
N CYS G 113 -19.63 34.97 -22.66
CA CYS G 113 -18.23 34.73 -23.02
C CYS G 113 -17.37 34.47 -21.78
N ASN G 114 -16.41 33.56 -21.91
CA ASN G 114 -15.49 33.23 -20.81
C ASN G 114 -14.06 33.64 -21.16
N ALA G 115 -13.80 33.93 -22.42
CA ALA G 115 -12.48 34.34 -22.88
C ALA G 115 -12.61 35.36 -24.02
N ALA G 116 -12.08 36.57 -23.81
CA ALA G 116 -12.19 37.63 -24.81
C ALA G 116 -11.28 37.53 -26.04
N GLU G 117 -10.31 36.62 -26.05
CA GLU G 117 -9.43 36.53 -27.22
C GLU G 117 -10.15 35.94 -28.44
N THR G 118 -11.35 35.42 -28.22
CA THR G 118 -12.14 34.85 -29.30
C THR G 118 -13.17 35.85 -29.79
N ALA G 119 -13.08 36.20 -31.08
CA ALA G 119 -14.01 37.16 -31.67
C ALA G 119 -15.09 36.46 -32.48
N ILE G 120 -16.30 37.02 -32.46
CA ILE G 120 -17.35 36.42 -33.27
C ILE G 120 -17.33 37.21 -34.58
N SER G 121 -17.25 36.47 -35.69
CA SER G 121 -17.20 37.09 -37.02
C SER G 121 -18.29 36.51 -37.92
N PRO G 122 -18.49 37.11 -39.12
CA PRO G 122 -19.51 36.65 -40.07
C PRO G 122 -19.32 35.17 -40.39
N GLY G 123 -20.39 34.39 -40.32
CA GLY G 123 -20.26 32.96 -40.63
C GLY G 123 -19.88 32.06 -39.47
N THR G 124 -19.60 32.64 -38.30
CA THR G 124 -19.23 31.84 -37.15
C THR G 124 -20.35 30.89 -36.74
N TRP G 125 -21.58 31.40 -36.70
CA TRP G 125 -22.73 30.57 -36.33
C TRP G 125 -22.87 29.37 -37.29
N GLU G 126 -22.88 29.65 -38.60
CA GLU G 126 -22.99 28.60 -39.61
C GLU G 126 -21.85 27.59 -39.53
N ALA G 127 -20.64 28.08 -39.30
CA ALA G 127 -19.48 27.21 -39.20
C ALA G 127 -19.65 26.29 -37.98
N ALA G 128 -20.01 26.88 -36.85
CA ALA G 128 -20.21 26.12 -35.62
C ALA G 128 -21.25 25.02 -35.82
N LEU G 129 -22.30 25.33 -36.57
CA LEU G 129 -23.35 24.35 -36.82
C LEU G 129 -22.86 23.22 -37.71
N SER G 130 -22.01 23.54 -38.69
CA SER G 130 -21.48 22.50 -39.58
C SER G 130 -20.54 21.60 -38.78
N SER G 131 -19.76 22.20 -37.89
CA SER G 131 -18.84 21.41 -37.08
C SER G 131 -19.64 20.49 -36.16
N MET G 132 -20.74 21.00 -35.62
CA MET G 132 -21.61 20.23 -34.76
C MET G 132 -22.22 19.06 -35.53
N ALA G 133 -22.56 19.30 -36.79
CA ALA G 133 -23.14 18.25 -37.63
C ALA G 133 -22.13 17.12 -37.84
N SER G 134 -20.86 17.47 -38.02
CA SER G 134 -19.84 16.45 -38.22
C SER G 134 -19.72 15.57 -36.98
N ALA G 135 -19.83 16.19 -35.80
CA ALA G 135 -19.74 15.46 -34.54
C ALA G 135 -20.93 14.50 -34.41
N ILE G 136 -22.12 14.99 -34.73
CA ILE G 136 -23.34 14.18 -34.66
C ILE G 136 -23.28 12.99 -35.62
N ASP G 137 -22.94 13.26 -36.88
CA ASP G 137 -22.86 12.18 -37.88
C ASP G 137 -21.84 11.14 -37.43
N GLY G 138 -20.77 11.58 -36.77
CA GLY G 138 -19.75 10.66 -36.31
C GLY G 138 -20.31 9.76 -35.23
N ALA G 139 -21.05 10.35 -34.30
CA ALA G 139 -21.66 9.58 -33.22
C ALA G 139 -22.60 8.53 -33.81
N ASP G 140 -23.32 8.90 -34.87
CA ASP G 140 -24.26 7.97 -35.49
C ASP G 140 -23.58 6.74 -36.07
N LEU G 141 -22.36 6.90 -36.56
CA LEU G 141 -21.63 5.76 -37.10
C LEU G 141 -21.34 4.81 -35.95
N ILE G 142 -20.88 5.35 -34.83
CA ILE G 142 -20.56 4.53 -33.68
C ILE G 142 -21.81 3.82 -33.19
N ALA G 143 -22.93 4.52 -33.23
CA ALA G 143 -24.21 3.96 -32.79
C ALA G 143 -24.65 2.86 -33.75
N ALA G 144 -24.19 2.91 -35.00
CA ALA G 144 -24.56 1.91 -35.98
C ALA G 144 -23.69 0.65 -35.88
N GLY G 145 -22.57 0.75 -35.15
CA GLY G 145 -21.71 -0.41 -35.00
C GLY G 145 -20.25 -0.18 -35.32
N HIS G 146 -19.91 0.96 -35.91
CA HIS G 146 -18.52 1.24 -36.22
C HIS G 146 -17.68 1.26 -34.94
N LYS G 147 -16.48 0.68 -35.02
CA LYS G 147 -15.59 0.61 -33.88
C LYS G 147 -14.87 1.95 -33.66
N ALA G 148 -14.71 2.71 -34.73
CA ALA G 148 -14.03 4.00 -34.64
C ALA G 148 -14.46 4.91 -35.78
N ALA G 149 -14.36 6.21 -35.54
CA ALA G 149 -14.72 7.22 -36.54
C ALA G 149 -14.03 8.52 -36.16
N PHE G 150 -13.71 9.35 -37.15
CA PHE G 150 -13.06 10.63 -36.89
C PHE G 150 -13.88 11.79 -37.42
N SER G 151 -14.28 12.67 -36.51
CA SER G 151 -15.04 13.87 -36.87
C SER G 151 -14.03 15.00 -36.92
N LEU G 152 -13.74 15.47 -38.13
CA LEU G 152 -12.79 16.56 -38.33
C LEU G 152 -13.52 17.87 -38.06
N CYS G 153 -13.75 18.15 -36.79
CA CYS G 153 -14.45 19.37 -36.40
C CYS G 153 -13.62 20.64 -36.42
N ARG G 154 -14.28 21.72 -36.83
CA ARG G 154 -13.70 23.05 -36.87
C ARG G 154 -14.81 24.05 -37.16
N PRO G 155 -14.97 25.07 -36.29
CA PRO G 155 -14.17 25.31 -35.09
C PRO G 155 -14.29 24.20 -34.05
N PRO G 156 -13.32 24.14 -33.12
CA PRO G 156 -13.30 23.14 -32.06
C PRO G 156 -14.37 23.51 -31.03
N GLY G 157 -14.52 22.73 -29.97
CA GLY G 157 -15.56 23.09 -29.02
C GLY G 157 -15.39 22.79 -27.55
N HIS G 158 -14.28 22.20 -27.12
CA HIS G 158 -14.19 21.87 -25.70
C HIS G 158 -14.13 23.04 -24.73
N HIS G 159 -13.95 24.27 -25.24
CA HIS G 159 -13.91 25.42 -24.35
C HIS G 159 -15.30 26.08 -24.23
N ALA G 160 -16.24 25.62 -25.04
CA ALA G 160 -17.61 26.14 -24.98
C ALA G 160 -18.35 25.43 -23.84
N GLY G 161 -18.80 26.23 -22.87
CA GLY G 161 -19.51 25.68 -21.73
C GLY G 161 -21.01 25.70 -21.96
N ILE G 162 -21.76 25.45 -20.89
CA ILE G 162 -23.20 25.41 -21.01
C ILE G 162 -23.78 26.67 -21.65
N ASP G 163 -23.31 27.83 -21.20
CA ASP G 163 -23.83 29.08 -21.73
C ASP G 163 -22.74 30.13 -21.97
N MET G 164 -21.64 29.72 -22.60
CA MET G 164 -20.55 30.65 -22.88
C MET G 164 -19.54 30.12 -23.89
N PHE G 165 -19.05 31.02 -24.75
CA PHE G 165 -18.04 30.67 -25.74
C PHE G 165 -16.68 31.20 -25.32
N GLY G 166 -15.64 30.73 -25.99
CA GLY G 166 -14.27 31.15 -25.68
C GLY G 166 -13.27 30.12 -26.19
N GLY G 167 -12.00 30.51 -26.20
CA GLY G 167 -10.96 29.61 -26.68
C GLY G 167 -11.21 29.07 -28.07
N TYR G 168 -11.79 29.92 -28.92
CA TYR G 168 -12.14 29.60 -30.32
C TYR G 168 -13.28 28.61 -30.47
N CYS G 169 -13.97 28.31 -29.37
CA CYS G 169 -15.09 27.37 -29.38
C CYS G 169 -16.42 28.08 -29.15
N PHE G 170 -17.48 27.59 -29.80
CA PHE G 170 -18.82 28.17 -29.67
C PHE G 170 -19.85 27.08 -29.35
N ILE G 171 -19.68 25.91 -29.97
CA ILE G 171 -20.58 24.79 -29.72
C ILE G 171 -19.66 23.62 -29.37
N ASN G 172 -19.94 22.98 -28.24
CA ASN G 172 -19.11 21.87 -27.78
C ASN G 172 -19.39 20.56 -28.52
N ASN G 173 -18.73 20.40 -29.66
CA ASN G 173 -18.87 19.25 -30.52
C ASN G 173 -18.78 17.92 -29.77
N ALA G 174 -17.77 17.78 -28.92
CA ALA G 174 -17.60 16.56 -28.15
C ALA G 174 -18.81 16.30 -27.26
N ALA G 175 -19.32 17.38 -26.66
CA ALA G 175 -20.48 17.27 -25.77
C ALA G 175 -21.72 16.86 -26.54
N VAL G 176 -21.83 17.38 -27.75
CA VAL G 176 -22.97 17.04 -28.58
C VAL G 176 -22.89 15.58 -29.02
N ALA G 177 -21.67 15.13 -29.33
CA ALA G 177 -21.45 13.74 -29.74
C ALA G 177 -21.83 12.76 -28.64
N ALA G 178 -21.35 13.02 -27.41
CA ALA G 178 -21.66 12.15 -26.29
C ALA G 178 -23.16 12.06 -26.08
N GLN G 179 -23.85 13.21 -26.16
CA GLN G 179 -25.29 13.26 -25.98
C GLN G 179 -26.03 12.51 -27.08
N ARG G 180 -25.52 12.59 -28.30
CA ARG G 180 -26.14 11.89 -29.42
C ARG G 180 -26.10 10.39 -29.16
N LEU G 181 -24.96 9.91 -28.68
CA LEU G 181 -24.79 8.50 -28.38
C LEU G 181 -25.76 8.06 -27.30
N LEU G 182 -26.02 8.93 -26.33
CA LEU G 182 -26.96 8.58 -25.28
C LEU G 182 -28.36 8.49 -25.87
N ASP G 183 -28.71 9.44 -26.72
CA ASP G 183 -30.04 9.41 -27.35
C ASP G 183 -30.24 8.19 -28.23
N LYS G 184 -29.18 7.70 -28.86
CA LYS G 184 -29.29 6.54 -29.73
C LYS G 184 -29.37 5.21 -28.98
N GLY G 185 -29.25 5.25 -27.65
CA GLY G 185 -29.36 4.01 -26.90
C GLY G 185 -28.35 3.77 -25.80
N ALA G 186 -27.27 4.56 -25.76
CA ALA G 186 -26.27 4.39 -24.72
C ALA G 186 -26.77 4.95 -23.39
N LYS G 187 -26.29 4.39 -22.29
CA LYS G 187 -26.68 4.84 -20.95
C LYS G 187 -25.52 5.54 -20.25
N LYS G 188 -24.31 5.06 -20.53
CA LYS G 188 -23.08 5.60 -19.94
C LYS G 188 -22.07 5.93 -21.02
N ILE G 189 -21.63 7.19 -21.07
CA ILE G 189 -20.66 7.62 -22.08
C ILE G 189 -19.53 8.38 -21.40
N ALA G 190 -18.32 8.21 -21.92
CA ALA G 190 -17.18 8.89 -21.36
C ALA G 190 -16.56 9.78 -22.43
N ILE G 191 -16.02 10.91 -21.99
CA ILE G 191 -15.35 11.82 -22.88
C ILE G 191 -13.92 11.91 -22.33
N LEU G 192 -12.93 11.73 -23.20
CA LEU G 192 -11.53 11.79 -22.81
C LEU G 192 -10.88 12.91 -23.59
N ASP G 193 -10.47 13.95 -22.88
CA ASP G 193 -9.86 15.13 -23.50
C ASP G 193 -8.33 15.08 -23.42
N VAL G 194 -7.68 14.79 -24.56
CA VAL G 194 -6.22 14.67 -24.61
C VAL G 194 -5.54 15.94 -25.14
N ASP G 195 -6.36 16.92 -25.50
CA ASP G 195 -5.88 18.20 -26.01
C ASP G 195 -5.04 18.82 -24.88
N PHE G 196 -3.99 19.57 -25.23
CA PHE G 196 -3.14 20.20 -24.23
C PHE G 196 -3.88 21.01 -23.18
N HIS G 197 -4.92 21.72 -23.60
CA HIS G 197 -5.71 22.57 -22.72
C HIS G 197 -6.90 21.85 -22.07
N HIS G 198 -7.20 22.20 -20.83
CA HIS G 198 -8.34 21.61 -20.13
C HIS G 198 -9.63 21.86 -20.91
N GLY G 199 -10.50 20.86 -20.96
CA GLY G 199 -11.76 21.05 -21.65
C GLY G 199 -12.73 21.59 -20.62
N ASN G 200 -12.56 22.85 -20.23
CA ASN G 200 -13.43 23.44 -19.21
C ASN G 200 -14.88 23.51 -19.67
N GLY G 201 -15.08 23.76 -20.96
CA GLY G 201 -16.44 23.81 -21.48
C GLY G 201 -17.13 22.47 -21.26
N THR G 202 -16.42 21.40 -21.63
CA THR G 202 -16.96 20.05 -21.49
C THR G 202 -17.20 19.67 -20.04
N GLN G 203 -16.30 20.10 -19.17
CA GLN G 203 -16.44 19.78 -17.74
C GLN G 203 -17.66 20.46 -17.17
N ASP G 204 -17.86 21.71 -17.56
CA ASP G 204 -19.00 22.49 -17.11
C ASP G 204 -20.32 21.83 -17.52
N ILE G 205 -20.40 21.39 -18.77
CA ILE G 205 -21.61 20.76 -19.29
C ILE G 205 -22.06 19.49 -18.56
N PHE G 206 -21.12 18.59 -18.27
CA PHE G 206 -21.45 17.34 -17.61
C PHE G 206 -21.08 17.26 -16.12
N TYR G 207 -20.70 18.38 -15.52
CA TYR G 207 -20.30 18.39 -14.11
C TYR G 207 -21.34 17.78 -13.16
N GLU G 208 -22.62 18.02 -13.43
CA GLU G 208 -23.66 17.46 -12.58
C GLU G 208 -24.45 16.37 -13.27
N ARG G 209 -23.91 15.86 -14.37
CA ARG G 209 -24.57 14.78 -15.10
C ARG G 209 -23.92 13.48 -14.63
N GLY G 210 -24.73 12.52 -14.19
CA GLY G 210 -24.17 11.27 -13.72
C GLY G 210 -24.01 10.21 -14.79
N ASP G 211 -24.58 10.47 -15.96
CA ASP G 211 -24.51 9.50 -17.07
C ASP G 211 -23.33 9.69 -18.03
N VAL G 212 -22.56 10.74 -17.81
CA VAL G 212 -21.41 11.04 -18.64
C VAL G 212 -20.18 11.24 -17.76
N PHE G 213 -19.08 10.63 -18.15
CA PHE G 213 -17.85 10.76 -17.39
C PHE G 213 -16.90 11.64 -18.19
N PHE G 214 -16.17 12.50 -17.51
CA PHE G 214 -15.24 13.38 -18.19
C PHE G 214 -13.84 13.29 -17.60
N ALA G 215 -12.87 12.93 -18.43
CA ALA G 215 -11.48 12.81 -17.99
C ALA G 215 -10.67 13.74 -18.87
N SER G 216 -9.72 14.46 -18.26
CA SER G 216 -8.91 15.39 -19.04
C SER G 216 -7.45 15.51 -18.58
N LEU G 217 -6.53 15.44 -19.55
CA LEU G 217 -5.12 15.59 -19.30
C LEU G 217 -4.78 16.97 -19.89
N HIS G 218 -4.07 17.81 -19.14
CA HIS G 218 -3.79 19.15 -19.66
C HIS G 218 -2.69 19.89 -18.89
N GLY G 219 -2.24 21.01 -19.43
CA GLY G 219 -1.23 21.79 -18.74
C GLY G 219 -1.89 22.36 -17.50
N ASP G 220 -1.17 22.37 -16.38
CA ASP G 220 -1.70 22.90 -15.12
C ASP G 220 -2.35 24.27 -15.35
N PRO G 221 -3.62 24.42 -14.94
CA PRO G 221 -4.37 25.67 -15.10
C PRO G 221 -3.77 26.85 -14.35
N ALA G 222 -2.94 26.54 -13.35
CA ALA G 222 -2.28 27.58 -12.58
C ALA G 222 -1.40 28.41 -13.50
N GLU G 223 -0.96 27.81 -14.60
CA GLU G 223 -0.09 28.54 -15.52
C GLU G 223 -0.39 28.30 -17.00
N ALA G 224 -1.65 28.02 -17.32
CA ALA G 224 -2.07 27.79 -18.69
C ALA G 224 -3.57 27.97 -18.89
N PHE G 225 -3.94 28.44 -20.08
CA PHE G 225 -5.34 28.66 -20.46
C PHE G 225 -5.99 27.29 -20.26
N PRO G 226 -7.27 27.24 -19.82
CA PRO G 226 -8.21 28.31 -19.47
C PRO G 226 -7.99 29.05 -18.14
N HIS G 227 -6.97 28.65 -17.37
CA HIS G 227 -6.63 29.31 -16.11
C HIS G 227 -7.55 29.16 -14.91
N PHE G 228 -8.85 29.08 -15.14
CA PHE G 228 -9.80 29.00 -14.03
C PHE G 228 -10.61 27.71 -13.90
N LEU G 229 -10.01 26.60 -14.31
CA LEU G 229 -10.66 25.31 -14.20
C LEU G 229 -9.68 24.27 -14.69
N GLY G 230 -9.77 23.05 -14.14
CA GLY G 230 -8.88 21.98 -14.53
C GLY G 230 -8.06 21.44 -13.38
N TYR G 231 -8.36 21.89 -12.17
CA TYR G 231 -7.65 21.43 -10.99
C TYR G 231 -8.11 20.02 -10.63
N ALA G 232 -7.22 19.25 -10.01
CA ALA G 232 -7.53 17.86 -9.64
C ALA G 232 -8.68 17.72 -8.63
N GLU G 233 -8.89 18.75 -7.82
CA GLU G 233 -9.94 18.75 -6.79
C GLU G 233 -11.36 18.74 -7.35
N GLU G 234 -11.49 19.13 -8.62
CA GLU G 234 -12.80 19.18 -9.27
C GLU G 234 -13.16 17.78 -9.75
N THR G 235 -13.99 17.07 -8.97
CA THR G 235 -14.37 15.72 -9.33
C THR G 235 -15.85 15.49 -9.60
N GLY G 236 -16.63 16.56 -9.65
CA GLY G 236 -18.04 16.43 -9.91
C GLY G 236 -18.86 17.08 -8.82
N LYS G 237 -20.16 17.19 -9.04
CA LYS G 237 -21.05 17.84 -8.08
C LYS G 237 -22.46 17.27 -8.15
N GLY G 238 -23.10 17.17 -6.99
CA GLY G 238 -24.46 16.66 -6.93
C GLY G 238 -24.67 15.34 -7.64
N ALA G 239 -25.62 15.33 -8.58
CA ALA G 239 -25.97 14.14 -9.34
C ALA G 239 -24.77 13.62 -10.15
N GLY G 240 -23.79 14.48 -10.38
CA GLY G 240 -22.62 14.08 -11.14
C GLY G 240 -21.38 13.93 -10.29
N ALA G 241 -21.56 13.88 -8.97
CA ALA G 241 -20.42 13.72 -8.06
C ALA G 241 -19.60 12.52 -8.51
N GLY G 242 -18.28 12.66 -8.53
CA GLY G 242 -17.42 11.58 -8.94
C GLY G 242 -17.27 11.26 -10.42
N THR G 243 -17.81 12.10 -11.32
CA THR G 243 -17.68 11.81 -12.75
C THR G 243 -16.72 12.69 -13.54
N THR G 244 -15.86 13.43 -12.83
CA THR G 244 -14.83 14.28 -13.46
C THR G 244 -13.47 13.90 -12.88
N ALA G 245 -12.51 13.66 -13.77
CA ALA G 245 -11.14 13.31 -13.37
C ALA G 245 -10.20 14.23 -14.14
N ASN G 246 -9.53 15.12 -13.43
CA ASN G 246 -8.61 16.03 -14.10
C ASN G 246 -7.18 15.64 -13.79
N TYR G 247 -6.32 15.74 -14.80
CA TYR G 247 -4.92 15.41 -14.62
C TYR G 247 -4.06 16.58 -15.06
N PRO G 248 -3.96 17.61 -14.22
CA PRO G 248 -3.12 18.78 -14.58
C PRO G 248 -1.64 18.40 -14.49
N MET G 249 -0.85 18.82 -15.47
CA MET G 249 0.57 18.50 -15.46
C MET G 249 1.45 19.71 -15.80
N GLY G 250 2.67 19.72 -15.26
CA GLY G 250 3.59 20.84 -15.47
C GLY G 250 4.33 20.94 -16.79
N ARG G 251 5.18 21.96 -16.85
CA ARG G 251 5.99 22.24 -18.04
C ARG G 251 7.01 21.15 -18.32
N GLY G 252 7.17 20.82 -19.60
CA GLY G 252 8.13 19.81 -20.01
C GLY G 252 7.73 18.37 -19.79
N THR G 253 6.46 18.13 -19.47
CA THR G 253 5.96 16.78 -19.24
C THR G 253 6.08 15.91 -20.48
N PRO G 254 6.92 14.86 -20.42
CA PRO G 254 7.11 13.94 -21.55
C PRO G 254 6.06 12.84 -21.54
N TYR G 255 6.00 12.05 -22.60
CA TYR G 255 5.02 10.98 -22.64
C TYR G 255 5.19 10.02 -21.47
N SER G 256 6.37 10.04 -20.84
CA SER G 256 6.65 9.17 -19.70
C SER G 256 5.67 9.42 -18.58
N VAL G 257 5.41 10.70 -18.29
CA VAL G 257 4.49 11.07 -17.22
C VAL G 257 3.06 11.20 -17.75
N TRP G 258 2.93 11.78 -18.94
CA TRP G 258 1.63 11.95 -19.56
C TRP G 258 0.93 10.58 -19.72
N GLY G 259 1.70 9.58 -20.16
CA GLY G 259 1.13 8.25 -20.35
C GLY G 259 0.57 7.63 -19.08
N GLU G 260 1.20 7.90 -17.94
CA GLU G 260 0.73 7.37 -16.67
C GLU G 260 -0.67 7.91 -16.37
N ALA G 261 -0.89 9.19 -16.68
CA ALA G 261 -2.18 9.81 -16.45
C ALA G 261 -3.20 9.21 -17.39
N LEU G 262 -2.80 8.97 -18.64
CA LEU G 262 -3.69 8.38 -19.62
C LEU G 262 -4.18 7.03 -19.11
N THR G 263 -3.25 6.24 -18.58
CA THR G 263 -3.58 4.92 -18.05
C THR G 263 -4.57 5.00 -16.89
N ASP G 264 -4.34 5.95 -15.99
CA ASP G 264 -5.25 6.07 -14.85
C ASP G 264 -6.63 6.55 -15.30
N SER G 265 -6.67 7.48 -16.24
CA SER G 265 -7.96 7.99 -16.70
C SER G 265 -8.78 6.88 -17.36
N LEU G 266 -8.12 6.02 -18.13
CA LEU G 266 -8.82 4.93 -18.81
C LEU G 266 -9.28 3.90 -17.77
N LYS G 267 -8.52 3.78 -16.69
CA LYS G 267 -8.89 2.84 -15.64
C LYS G 267 -10.19 3.32 -15.01
N ARG G 268 -10.28 4.62 -14.77
CA ARG G 268 -11.48 5.20 -14.17
C ARG G 268 -12.68 5.16 -15.11
N ILE G 269 -12.43 5.32 -16.41
CA ILE G 269 -13.47 5.27 -17.41
C ILE G 269 -14.07 3.87 -17.48
N ALA G 270 -13.21 2.87 -17.33
CA ALA G 270 -13.64 1.48 -17.35
C ALA G 270 -14.47 1.15 -16.12
N ALA G 271 -14.05 1.66 -14.96
CA ALA G 271 -14.78 1.41 -13.73
C ALA G 271 -16.10 2.17 -13.75
N PHE G 272 -16.21 3.16 -14.64
CA PHE G 272 -17.42 3.94 -14.79
C PHE G 272 -18.49 3.16 -15.54
N GLY G 273 -18.04 2.32 -16.47
CA GLY G 273 -18.96 1.51 -17.24
C GLY G 273 -19.34 2.18 -18.56
N ALA G 274 -18.42 2.98 -19.09
CA ALA G 274 -18.67 3.69 -20.35
C ALA G 274 -18.85 2.70 -21.50
N GLU G 275 -19.90 2.91 -22.29
CA GLU G 275 -20.21 2.05 -23.43
C GLU G 275 -19.45 2.48 -24.66
N ALA G 276 -18.97 3.72 -24.65
CA ALA G 276 -18.21 4.26 -25.76
C ALA G 276 -17.44 5.44 -25.22
N ILE G 277 -16.44 5.89 -25.97
CA ILE G 277 -15.61 6.99 -25.56
C ILE G 277 -15.45 8.02 -26.67
N VAL G 278 -15.77 9.27 -26.35
CA VAL G 278 -15.62 10.37 -27.30
C VAL G 278 -14.28 10.98 -26.91
N VAL G 279 -13.34 11.00 -27.85
CA VAL G 279 -12.01 11.54 -27.58
C VAL G 279 -11.81 12.93 -28.17
N SER G 280 -11.71 13.94 -27.33
CA SER G 280 -11.47 15.29 -27.82
C SER G 280 -9.98 15.33 -28.13
N LEU G 281 -9.64 15.16 -29.41
CA LEU G 281 -8.25 15.14 -29.84
C LEU G 281 -7.65 16.49 -30.18
N GLY G 282 -6.60 16.84 -29.44
CA GLY G 282 -5.88 18.07 -29.68
C GLY G 282 -4.42 17.63 -29.81
N VAL G 283 -3.74 18.08 -30.84
CA VAL G 283 -2.34 17.70 -31.00
C VAL G 283 -1.41 18.79 -30.56
N ASP G 284 -1.93 19.75 -29.80
CA ASP G 284 -1.11 20.85 -29.30
C ASP G 284 -0.20 20.37 -28.18
N THR G 285 -0.21 19.07 -27.89
CA THR G 285 0.67 18.53 -26.86
C THR G 285 2.03 18.25 -27.48
N PHE G 286 2.12 18.41 -28.80
CA PHE G 286 3.36 18.19 -29.55
C PHE G 286 4.47 19.10 -29.02
N GLU G 287 5.66 18.54 -28.85
CA GLU G 287 6.80 19.29 -28.36
C GLU G 287 7.09 20.56 -29.15
N GLN G 288 6.82 20.53 -30.45
CA GLN G 288 7.06 21.69 -31.29
C GLN G 288 5.92 22.69 -31.37
N ASP G 289 4.81 22.40 -30.67
CA ASP G 289 3.69 23.32 -30.68
C ASP G 289 4.07 24.51 -29.79
N PRO G 290 3.95 25.73 -30.32
CA PRO G 290 4.28 26.97 -29.60
C PRO G 290 3.36 27.37 -28.46
N ILE G 291 2.09 26.97 -28.54
CA ILE G 291 1.13 27.34 -27.51
C ILE G 291 1.17 26.45 -26.27
N SER G 292 1.86 25.31 -26.37
CA SER G 292 1.93 24.38 -25.24
C SER G 292 3.35 24.21 -24.71
N PHE G 293 3.44 23.51 -23.59
CA PHE G 293 4.72 23.23 -22.96
C PHE G 293 4.92 21.76 -22.60
N PHE G 294 4.20 20.88 -23.29
CA PHE G 294 4.36 19.44 -23.05
C PHE G 294 5.40 18.97 -24.05
N LYS G 295 5.85 17.73 -23.89
CA LYS G 295 6.88 17.22 -24.78
C LYS G 295 6.57 15.89 -25.45
N LEU G 296 5.46 15.82 -26.18
CA LEU G 296 5.10 14.60 -26.89
C LEU G 296 5.72 14.61 -28.28
N THR G 297 6.14 13.44 -28.74
CA THR G 297 6.73 13.32 -30.06
C THR G 297 5.72 12.65 -31.00
N SER G 298 5.93 12.82 -32.30
CA SER G 298 5.01 12.26 -33.29
C SER G 298 4.67 10.79 -33.05
N PRO G 299 5.68 9.97 -32.70
CA PRO G 299 5.46 8.55 -32.44
C PRO G 299 4.48 8.31 -31.28
N ASP G 300 4.56 9.16 -30.26
CA ASP G 300 3.69 9.02 -29.11
C ASP G 300 2.20 9.07 -29.45
N TYR G 301 1.86 9.73 -30.56
CA TYR G 301 0.46 9.83 -30.96
C TYR G 301 -0.10 8.49 -31.41
N ILE G 302 0.77 7.62 -31.91
CA ILE G 302 0.36 6.30 -32.34
C ILE G 302 0.09 5.51 -31.06
N THR G 303 1.00 5.64 -30.10
CA THR G 303 0.86 4.95 -28.81
C THR G 303 -0.45 5.38 -28.13
N MET G 304 -0.76 6.66 -28.22
CA MET G 304 -1.97 7.22 -27.62
C MET G 304 -3.20 6.53 -28.21
N GLY G 305 -3.26 6.47 -29.54
CA GLY G 305 -4.37 5.81 -30.19
C GLY G 305 -4.53 4.37 -29.77
N ARG G 306 -3.42 3.64 -29.68
CA ARG G 306 -3.44 2.22 -29.30
C ARG G 306 -3.99 2.05 -27.90
N THR G 307 -3.42 2.80 -26.96
CA THR G 307 -3.82 2.72 -25.56
C THR G 307 -5.32 2.96 -25.44
N ILE G 308 -5.81 4.06 -26.01
CA ILE G 308 -7.23 4.35 -25.92
C ILE G 308 -8.06 3.25 -26.57
N ALA G 309 -7.62 2.74 -27.71
CA ALA G 309 -8.34 1.68 -28.41
C ALA G 309 -8.42 0.40 -27.59
N ALA G 310 -7.35 0.12 -26.85
CA ALA G 310 -7.29 -1.08 -26.01
C ALA G 310 -8.35 -1.05 -24.91
N SER G 311 -9.18 -0.02 -24.90
CA SER G 311 -10.23 0.08 -23.90
C SER G 311 -11.30 -0.97 -24.20
N GLY G 312 -11.37 -1.41 -25.45
CA GLY G 312 -12.35 -2.40 -25.82
C GLY G 312 -13.73 -1.83 -26.09
N VAL G 313 -13.84 -0.50 -26.20
CA VAL G 313 -15.13 0.13 -26.49
C VAL G 313 -15.01 1.01 -27.72
N PRO G 314 -16.12 1.24 -28.43
CA PRO G 314 -16.11 2.08 -29.64
C PRO G 314 -15.55 3.48 -29.34
N LEU G 315 -14.90 4.07 -30.34
CA LEU G 315 -14.33 5.38 -30.16
C LEU G 315 -14.72 6.38 -31.24
N LEU G 316 -14.97 7.61 -30.82
CA LEU G 316 -15.27 8.68 -31.74
C LEU G 316 -14.24 9.77 -31.46
N VAL G 317 -13.37 10.03 -32.43
CA VAL G 317 -12.34 11.06 -32.26
C VAL G 317 -12.89 12.38 -32.80
N VAL G 318 -12.91 13.40 -31.94
CA VAL G 318 -13.38 14.74 -32.31
C VAL G 318 -12.18 15.69 -32.33
N MET G 319 -11.95 16.34 -33.46
CA MET G 319 -10.84 17.26 -33.62
C MET G 319 -11.01 18.50 -32.75
N GLU G 320 -9.94 18.89 -32.06
CA GLU G 320 -9.94 20.06 -31.19
C GLU G 320 -8.80 21.00 -31.54
N GLY G 321 -7.86 21.19 -30.61
CA GLY G 321 -6.74 22.09 -30.83
C GLY G 321 -5.54 21.56 -31.59
N GLY G 322 -4.57 22.44 -31.81
CA GLY G 322 -3.38 22.08 -32.55
C GLY G 322 -2.94 23.24 -33.40
N TYR G 323 -1.83 23.88 -33.00
CA TYR G 323 -1.27 25.03 -33.70
C TYR G 323 -0.93 24.68 -35.14
N GLY G 324 -0.73 25.70 -35.96
CA GLY G 324 -0.42 25.49 -37.36
C GLY G 324 0.99 25.05 -37.71
N VAL G 325 1.47 23.99 -37.07
CA VAL G 325 2.80 23.47 -37.38
C VAL G 325 2.64 22.41 -38.47
N PRO G 326 3.62 22.29 -39.35
CA PRO G 326 3.56 21.30 -40.43
C PRO G 326 3.12 19.90 -40.01
N GLU G 327 3.55 19.47 -38.82
CA GLU G 327 3.23 18.15 -38.28
C GLU G 327 1.80 18.00 -37.75
N ILE G 328 1.05 19.09 -37.71
CA ILE G 328 -0.31 19.02 -37.19
C ILE G 328 -1.09 17.85 -37.80
N GLY G 329 -1.00 17.72 -39.13
CA GLY G 329 -1.69 16.65 -39.81
C GLY G 329 -1.10 15.27 -39.53
N LEU G 330 0.22 15.17 -39.52
CA LEU G 330 0.88 13.90 -39.26
C LEU G 330 0.50 13.38 -37.88
N ASN G 331 0.57 14.25 -36.88
CA ASN G 331 0.24 13.84 -35.52
C ASN G 331 -1.19 13.34 -35.37
N VAL G 332 -2.13 13.97 -36.05
CA VAL G 332 -3.52 13.55 -36.00
C VAL G 332 -3.65 12.18 -36.67
N ALA G 333 -3.06 12.04 -37.86
CA ALA G 333 -3.11 10.78 -38.60
C ALA G 333 -2.50 9.65 -37.77
N ASN G 334 -1.46 9.96 -37.01
CA ASN G 334 -0.79 8.97 -36.17
C ASN G 334 -1.74 8.40 -35.11
N VAL G 335 -2.64 9.24 -34.59
CA VAL G 335 -3.59 8.78 -33.58
C VAL G 335 -4.57 7.79 -34.22
N LEU G 336 -5.02 8.11 -35.43
CA LEU G 336 -5.95 7.24 -36.14
C LEU G 336 -5.29 5.91 -36.48
N LYS G 337 -4.01 5.95 -36.83
CA LYS G 337 -3.28 4.71 -37.15
C LYS G 337 -3.20 3.87 -35.88
N GLY G 338 -2.92 4.53 -34.76
CA GLY G 338 -2.83 3.81 -33.51
C GLY G 338 -4.18 3.19 -33.19
N VAL G 339 -5.24 3.97 -33.37
CA VAL G 339 -6.58 3.48 -33.11
C VAL G 339 -6.92 2.31 -34.04
N ALA G 340 -6.69 2.49 -35.34
CA ALA G 340 -6.97 1.47 -36.32
C ALA G 340 -6.23 0.17 -35.98
N GLY G 341 -5.17 0.29 -35.19
CA GLY G 341 -4.40 -0.89 -34.81
C GLY G 341 -3.67 -1.54 -35.96
N MET H 1 68.64 -26.84 -25.45
CA MET H 1 67.24 -26.41 -25.67
C MET H 1 67.18 -24.90 -25.75
N ARG H 2 66.19 -24.40 -26.48
CA ARG H 2 66.02 -22.95 -26.63
C ARG H 2 65.49 -22.32 -25.35
N VAL H 3 65.93 -21.10 -25.09
CA VAL H 3 65.53 -20.35 -23.91
C VAL H 3 64.73 -19.12 -24.31
N ILE H 4 63.49 -19.03 -23.81
CA ILE H 4 62.62 -17.90 -24.11
C ILE H 4 62.79 -16.91 -22.97
N PHE H 5 63.15 -15.67 -23.28
CA PHE H 5 63.35 -14.67 -22.24
C PHE H 5 62.99 -13.25 -22.69
N SER H 6 62.29 -12.52 -21.82
CA SER H 6 61.89 -11.15 -22.11
C SER H 6 62.50 -10.17 -21.12
N GLU H 7 63.07 -9.09 -21.63
CA GLU H 7 63.67 -8.07 -20.79
C GLU H 7 62.61 -7.26 -20.05
N ASP H 8 61.35 -7.36 -20.50
CA ASP H 8 60.30 -6.60 -19.84
C ASP H 8 59.94 -7.13 -18.45
N HIS H 9 60.66 -8.15 -18.02
CA HIS H 9 60.44 -8.73 -16.70
C HIS H 9 60.80 -7.65 -15.68
N LYS H 10 61.77 -6.81 -16.04
CA LYS H 10 62.21 -5.74 -15.15
C LYS H 10 61.12 -4.72 -14.83
N LEU H 11 60.07 -4.64 -15.64
CA LEU H 11 58.98 -3.71 -15.37
C LEU H 11 58.33 -4.06 -14.02
N ARG H 12 58.54 -5.30 -13.59
CA ARG H 12 58.05 -5.74 -12.30
C ARG H 12 59.21 -5.47 -11.36
N ASN H 13 59.09 -4.40 -10.58
CA ASN H 13 60.14 -4.02 -9.66
C ASN H 13 59.51 -3.26 -8.52
N ALA H 14 58.73 -4.01 -7.73
CA ALA H 14 58.05 -3.43 -6.58
C ALA H 14 59.12 -3.06 -5.57
N LYS H 15 58.89 -2.00 -4.82
CA LYS H 15 59.86 -1.58 -3.84
C LYS H 15 59.56 -2.08 -2.43
N THR H 16 58.37 -2.63 -2.22
CA THR H 16 58.03 -3.14 -0.89
C THR H 16 57.35 -4.52 -0.85
N GLU H 17 57.55 -5.19 0.27
CA GLU H 17 56.97 -6.50 0.51
C GLU H 17 56.74 -6.64 2.01
N LEU H 18 55.61 -7.24 2.39
CA LEU H 18 55.30 -7.46 3.79
C LEU H 18 55.96 -8.72 4.29
N TYR H 19 56.84 -8.57 5.26
CA TYR H 19 57.55 -9.71 5.83
C TYR H 19 57.91 -9.45 7.29
N GLY H 20 57.53 -10.38 8.15
CA GLY H 20 57.83 -10.24 9.56
C GLY H 20 57.24 -8.97 10.11
N GLY H 21 56.15 -8.51 9.49
CA GLY H 21 55.49 -7.31 9.94
C GLY H 21 56.15 -6.01 9.52
N GLU H 22 57.03 -6.08 8.54
CA GLU H 22 57.72 -4.88 8.05
C GLU H 22 57.65 -4.82 6.53
N LEU H 23 57.81 -3.61 5.99
CA LEU H 23 57.81 -3.41 4.55
C LEU H 23 59.27 -3.39 4.12
N VAL H 24 59.70 -4.44 3.43
CA VAL H 24 61.08 -4.54 2.98
C VAL H 24 61.14 -4.74 1.48
N PRO H 25 62.33 -4.57 0.88
CA PRO H 25 62.48 -4.75 -0.57
C PRO H 25 62.12 -6.19 -0.94
N PRO H 26 61.28 -6.36 -1.97
CA PRO H 26 60.84 -7.68 -2.42
C PRO H 26 61.99 -8.68 -2.60
N PHE H 27 61.75 -9.92 -2.19
CA PHE H 27 62.77 -10.96 -2.31
C PHE H 27 62.78 -11.50 -3.74
N GLU H 28 61.70 -11.24 -4.47
CA GLU H 28 61.58 -11.68 -5.86
C GLU H 28 61.97 -10.47 -6.71
N ALA H 29 63.26 -10.15 -6.71
CA ALA H 29 63.79 -9.01 -7.44
C ALA H 29 64.29 -9.33 -8.85
N PRO H 30 64.32 -8.31 -9.73
CA PRO H 30 64.77 -8.47 -11.12
C PRO H 30 66.10 -9.19 -11.32
N PHE H 31 67.03 -9.06 -10.37
CA PHE H 31 68.33 -9.69 -10.54
C PHE H 31 68.26 -11.22 -10.63
N ARG H 32 67.17 -11.81 -10.11
CA ARG H 32 66.99 -13.26 -10.15
C ARG H 32 67.00 -13.76 -11.59
N ALA H 33 66.31 -13.04 -12.47
CA ALA H 33 66.27 -13.41 -13.88
C ALA H 33 67.68 -13.31 -14.45
N GLU H 34 68.30 -12.17 -14.21
CA GLU H 34 69.66 -11.90 -14.68
C GLU H 34 70.63 -13.02 -14.34
N TRP H 35 70.71 -13.40 -13.07
CA TRP H 35 71.64 -14.45 -12.66
C TRP H 35 71.28 -15.84 -13.16
N ILE H 36 70.00 -16.07 -13.40
CA ILE H 36 69.57 -17.37 -13.91
C ILE H 36 69.93 -17.42 -15.39
N LEU H 37 69.71 -16.31 -16.10
CA LEU H 37 70.03 -16.23 -17.51
C LEU H 37 71.52 -16.46 -17.75
N ALA H 38 72.36 -15.86 -16.92
CA ALA H 38 73.81 -16.00 -17.09
C ALA H 38 74.28 -17.42 -16.87
N ALA H 39 73.73 -18.07 -15.86
CA ALA H 39 74.11 -19.45 -15.56
C ALA H 39 73.71 -20.43 -16.66
N VAL H 40 72.54 -20.23 -17.28
CA VAL H 40 72.11 -21.13 -18.34
C VAL H 40 72.99 -20.95 -19.56
N LYS H 41 73.41 -19.71 -19.81
CA LYS H 41 74.28 -19.41 -20.94
C LYS H 41 75.64 -20.05 -20.73
N GLU H 42 76.26 -19.81 -19.57
CA GLU H 42 77.57 -20.38 -19.31
C GLU H 42 77.48 -21.91 -19.27
N ALA H 43 76.27 -22.42 -19.16
CA ALA H 43 76.08 -23.86 -19.12
C ALA H 43 75.92 -24.42 -20.53
N GLY H 44 75.88 -23.54 -21.53
CA GLY H 44 75.75 -23.99 -22.90
C GLY H 44 74.45 -23.61 -23.58
N PHE H 45 73.48 -23.14 -22.79
CA PHE H 45 72.19 -22.74 -23.31
C PHE H 45 72.20 -21.26 -23.65
N ASP H 46 72.93 -20.89 -24.69
CA ASP H 46 73.04 -19.49 -25.09
C ASP H 46 72.11 -19.12 -26.23
N ASP H 47 71.20 -20.01 -26.58
CA ASP H 47 70.25 -19.73 -27.64
C ASP H 47 69.03 -19.06 -26.99
N VAL H 48 69.19 -17.78 -26.64
CA VAL H 48 68.13 -17.03 -25.99
C VAL H 48 67.32 -16.24 -27.02
N VAL H 49 66.00 -16.32 -26.95
CA VAL H 49 65.16 -15.58 -27.87
C VAL H 49 64.04 -14.87 -27.11
N ALA H 50 63.72 -13.66 -27.54
CA ALA H 50 62.65 -12.89 -26.89
C ALA H 50 61.34 -13.41 -27.45
N PRO H 51 60.30 -13.45 -26.62
CA PRO H 51 58.98 -13.94 -27.05
C PRO H 51 58.27 -12.97 -27.99
N ALA H 52 57.44 -13.51 -28.87
CA ALA H 52 56.70 -12.68 -29.80
C ALA H 52 55.51 -12.08 -29.06
N ARG H 53 54.80 -11.16 -29.72
CA ARG H 53 53.63 -10.51 -29.14
C ARG H 53 52.46 -11.50 -29.10
N HIS H 54 51.69 -11.46 -28.02
CA HIS H 54 50.54 -12.37 -27.87
C HIS H 54 49.33 -11.67 -27.28
N GLY H 55 48.15 -12.06 -27.73
CA GLY H 55 46.93 -11.48 -27.21
C GLY H 55 46.53 -12.13 -25.89
N LEU H 56 45.29 -11.88 -25.45
CA LEU H 56 44.80 -12.43 -24.20
C LEU H 56 43.90 -13.64 -24.36
N GLU H 57 43.77 -14.15 -25.59
CA GLU H 57 42.90 -15.31 -25.80
C GLU H 57 43.30 -16.49 -24.92
N THR H 58 44.57 -16.86 -24.93
CA THR H 58 45.00 -18.00 -24.13
C THR H 58 44.75 -17.83 -22.63
N VAL H 59 45.26 -16.74 -22.05
CA VAL H 59 45.10 -16.51 -20.63
C VAL H 59 43.63 -16.40 -20.22
N LEU H 60 42.77 -15.95 -21.14
CA LEU H 60 41.36 -15.84 -20.83
C LEU H 60 40.70 -17.21 -20.69
N LYS H 61 41.43 -18.25 -21.07
CA LYS H 61 40.90 -19.61 -20.96
C LYS H 61 41.20 -20.24 -19.60
N VAL H 62 42.10 -19.63 -18.84
CA VAL H 62 42.44 -20.17 -17.53
C VAL H 62 42.22 -19.19 -16.37
N HIS H 63 42.12 -17.90 -16.68
CA HIS H 63 41.88 -16.87 -15.66
C HIS H 63 40.54 -16.19 -15.84
N ASP H 64 39.96 -15.75 -14.73
CA ASP H 64 38.67 -15.06 -14.74
C ASP H 64 38.86 -13.67 -15.40
N ALA H 65 37.95 -13.29 -16.29
CA ALA H 65 38.04 -12.02 -16.98
C ALA H 65 38.04 -10.78 -16.06
N GLY H 66 37.24 -10.82 -15.00
CA GLY H 66 37.18 -9.70 -14.08
C GLY H 66 38.50 -9.54 -13.34
N TYR H 67 39.13 -10.67 -13.04
CA TYR H 67 40.41 -10.69 -12.36
C TYR H 67 41.47 -10.00 -13.24
N LEU H 68 41.56 -10.43 -14.49
CA LEU H 68 42.51 -9.84 -15.42
C LEU H 68 42.21 -8.35 -15.63
N ASN H 69 40.93 -8.02 -15.75
CA ASN H 69 40.52 -6.63 -15.93
C ASN H 69 40.98 -5.80 -14.74
N PHE H 70 40.86 -6.38 -13.55
CA PHE H 70 41.26 -5.70 -12.32
C PHE H 70 42.77 -5.47 -12.30
N LEU H 71 43.53 -6.47 -12.74
CA LEU H 71 44.98 -6.38 -12.76
C LEU H 71 45.51 -5.28 -13.66
N GLU H 72 44.90 -5.10 -14.82
CA GLU H 72 45.36 -4.10 -15.77
C GLU H 72 45.27 -2.67 -15.25
N THR H 73 44.24 -2.36 -14.47
CA THR H 73 44.09 -1.01 -13.97
C THR H 73 44.26 -0.86 -12.46
N ALA H 74 44.71 -1.93 -11.81
CA ALA H 74 44.88 -1.90 -10.36
C ALA H 74 45.75 -0.75 -9.86
N TRP H 75 46.94 -0.58 -10.42
CA TRP H 75 47.82 0.49 -9.97
C TRP H 75 47.23 1.88 -10.18
N ASP H 76 46.70 2.13 -11.37
CA ASP H 76 46.12 3.43 -11.66
C ASP H 76 45.06 3.81 -10.64
N ARG H 77 44.09 2.92 -10.42
CA ARG H 77 43.03 3.18 -9.46
C ARG H 77 43.58 3.37 -8.06
N TRP H 78 44.60 2.59 -7.71
CA TRP H 78 45.17 2.73 -6.38
C TRP H 78 45.78 4.12 -6.20
N LYS H 79 46.55 4.58 -7.19
CA LYS H 79 47.16 5.90 -7.12
C LYS H 79 46.10 6.98 -7.19
N ALA H 80 45.12 6.79 -8.06
CA ALA H 80 44.05 7.76 -8.23
C ALA H 80 43.26 7.88 -6.93
N ALA H 81 43.27 6.83 -6.12
CA ALA H 81 42.54 6.85 -4.86
C ALA H 81 43.29 7.69 -3.83
N GLY H 82 44.50 8.13 -4.20
CA GLY H 82 45.29 8.96 -3.32
C GLY H 82 46.23 8.31 -2.32
N TYR H 83 46.53 7.02 -2.51
CA TYR H 83 47.42 6.30 -1.60
C TYR H 83 48.90 6.53 -1.91
N LYS H 84 49.71 6.58 -0.86
CA LYS H 84 51.15 6.82 -1.01
C LYS H 84 52.03 5.60 -1.25
N GLY H 85 51.68 4.48 -0.65
CA GLY H 85 52.48 3.27 -0.81
C GLY H 85 52.01 2.46 -2.00
N GLU H 86 52.53 1.25 -2.14
CA GLU H 86 52.13 0.40 -3.25
C GLU H 86 50.77 -0.22 -2.93
N ALA H 87 50.12 -0.80 -3.93
CA ALA H 87 48.81 -1.41 -3.74
C ALA H 87 48.92 -2.72 -2.96
N ILE H 88 48.50 -2.67 -1.70
CA ILE H 88 48.54 -3.83 -0.83
C ILE H 88 47.16 -4.07 -0.23
N ALA H 89 46.70 -5.32 -0.29
CA ALA H 89 45.39 -5.70 0.23
C ALA H 89 45.39 -5.91 1.74
N THR H 90 44.30 -5.48 2.38
CA THR H 90 44.16 -5.64 3.83
C THR H 90 42.94 -6.50 4.18
N SER H 91 41.80 -6.26 3.54
CA SER H 91 40.60 -7.04 3.81
C SER H 91 40.44 -8.18 2.81
N PHE H 92 40.09 -9.36 3.32
CA PHE H 92 39.92 -10.53 2.46
C PHE H 92 38.60 -11.24 2.67
N PRO H 93 38.03 -11.79 1.59
CA PRO H 93 36.76 -12.51 1.71
C PRO H 93 37.00 -13.91 2.25
N VAL H 94 37.10 -14.04 3.57
CA VAL H 94 37.35 -15.33 4.20
C VAL H 94 36.07 -16.09 4.55
N ARG H 95 36.15 -16.97 5.55
CA ARG H 95 35.01 -17.79 5.98
C ARG H 95 33.72 -17.02 6.26
N ARG H 96 32.61 -17.57 5.79
CA ARG H 96 31.29 -16.99 6.02
C ARG H 96 31.09 -15.53 5.61
N THR H 97 31.67 -15.14 4.48
CA THR H 97 31.51 -13.78 4.00
C THR H 97 30.65 -13.80 2.75
N SER H 98 30.21 -12.63 2.32
CA SER H 98 29.41 -12.49 1.12
C SER H 98 30.26 -12.79 -0.11
N PRO H 99 29.62 -13.26 -1.20
CA PRO H 99 30.29 -13.60 -2.45
C PRO H 99 30.32 -12.40 -3.41
N ARG H 100 29.70 -11.30 -3.00
CA ARG H 100 29.64 -10.09 -3.81
C ARG H 100 31.01 -9.43 -4.01
N ILE H 101 31.16 -8.76 -5.14
CA ILE H 101 32.41 -8.06 -5.45
C ILE H 101 32.25 -6.58 -5.16
N PRO H 102 33.17 -6.00 -4.38
CA PRO H 102 33.11 -4.56 -4.05
C PRO H 102 33.27 -3.74 -5.32
N THR H 103 32.88 -2.48 -5.28
CA THR H 103 33.01 -1.61 -6.44
C THR H 103 34.29 -0.77 -6.42
N ASP H 104 34.74 -0.38 -5.23
CA ASP H 104 35.94 0.44 -5.13
C ASP H 104 37.24 -0.35 -5.17
N ILE H 105 38.34 0.36 -5.35
CA ILE H 105 39.65 -0.27 -5.42
C ILE H 105 40.05 -0.89 -4.08
N GLU H 106 39.61 -0.27 -2.99
CA GLU H 106 39.96 -0.79 -1.66
C GLU H 106 39.41 -2.20 -1.42
N GLY H 107 38.16 -2.42 -1.82
CA GLY H 107 37.56 -3.74 -1.63
C GLY H 107 37.98 -4.77 -2.66
N GLN H 108 38.18 -4.31 -3.89
CA GLN H 108 38.57 -5.23 -4.95
C GLN H 108 39.95 -5.84 -4.78
N ILE H 109 40.93 -5.04 -4.37
CA ILE H 109 42.28 -5.57 -4.20
C ILE H 109 42.28 -6.75 -3.21
N GLY H 110 41.40 -6.71 -2.20
CA GLY H 110 41.35 -7.82 -1.25
C GLY H 110 40.61 -9.01 -1.84
N TYR H 111 39.55 -8.71 -2.56
CA TYR H 111 38.72 -9.72 -3.21
C TYR H 111 39.55 -10.58 -4.18
N TYR H 112 40.45 -9.93 -4.92
CA TYR H 112 41.28 -10.62 -5.89
C TYR H 112 42.67 -11.05 -5.38
N CYS H 113 42.86 -11.07 -4.07
CA CYS H 113 44.15 -11.45 -3.50
C CYS H 113 44.04 -12.59 -2.50
N ASN H 114 45.10 -13.38 -2.37
CA ASN H 114 45.10 -14.48 -1.41
C ASN H 114 46.28 -14.39 -0.46
N ALA H 115 47.25 -13.55 -0.81
CA ALA H 115 48.45 -13.37 0.02
C ALA H 115 48.84 -11.90 0.02
N ALA H 116 48.70 -11.23 1.15
CA ALA H 116 49.01 -9.81 1.26
C ALA H 116 50.48 -9.40 1.21
N GLU H 117 51.41 -10.35 1.09
CA GLU H 117 52.81 -9.98 1.03
C GLU H 117 53.20 -9.49 -0.36
N THR H 118 52.35 -9.76 -1.33
CA THR H 118 52.61 -9.34 -2.70
C THR H 118 51.91 -8.02 -2.96
N ALA H 119 52.68 -7.00 -3.33
CA ALA H 119 52.13 -5.69 -3.61
C ALA H 119 52.09 -5.45 -5.11
N ILE H 120 51.07 -4.73 -5.56
CA ILE H 120 50.97 -4.41 -6.98
C ILE H 120 51.61 -3.04 -7.15
N SER H 121 52.51 -2.94 -8.11
CA SER H 121 53.25 -1.71 -8.38
C SER H 121 53.24 -1.38 -9.86
N PRO H 122 53.81 -0.23 -10.25
CA PRO H 122 53.85 0.18 -11.66
C PRO H 122 54.64 -0.81 -12.51
N GLY H 123 54.05 -1.26 -13.62
CA GLY H 123 54.73 -2.19 -14.50
C GLY H 123 54.41 -3.64 -14.23
N THR H 124 53.70 -3.93 -13.15
CA THR H 124 53.38 -5.33 -12.84
C THR H 124 52.56 -5.97 -13.93
N TRP H 125 51.55 -5.25 -14.41
CA TRP H 125 50.68 -5.77 -15.46
C TRP H 125 51.49 -6.07 -16.72
N GLU H 126 52.26 -5.09 -17.17
CA GLU H 126 53.08 -5.25 -18.37
C GLU H 126 54.06 -6.41 -18.20
N ALA H 127 54.77 -6.41 -17.07
CA ALA H 127 55.73 -7.47 -16.79
C ALA H 127 55.02 -8.84 -16.84
N ALA H 128 53.90 -8.95 -16.15
CA ALA H 128 53.13 -10.20 -16.14
C ALA H 128 52.84 -10.69 -17.56
N LEU H 129 52.41 -9.78 -18.43
CA LEU H 129 52.12 -10.14 -19.80
C LEU H 129 53.35 -10.67 -20.54
N SER H 130 54.51 -10.08 -20.31
CA SER H 130 55.71 -10.51 -21.00
C SER H 130 56.12 -11.89 -20.52
N SER H 131 55.92 -12.15 -19.22
CA SER H 131 56.25 -13.43 -18.63
C SER H 131 55.31 -14.46 -19.23
N MET H 132 54.04 -14.08 -19.40
CA MET H 132 53.05 -14.98 -19.99
C MET H 132 53.44 -15.28 -21.44
N ALA H 133 53.94 -14.26 -22.15
CA ALA H 133 54.36 -14.42 -23.53
C ALA H 133 55.49 -15.44 -23.62
N SER H 134 56.41 -15.39 -22.65
CA SER H 134 57.51 -16.35 -22.64
C SER H 134 56.97 -17.77 -22.53
N ALA H 135 56.00 -17.96 -21.64
CA ALA H 135 55.39 -19.28 -21.43
C ALA H 135 54.71 -19.77 -22.70
N ILE H 136 54.01 -18.87 -23.38
CA ILE H 136 53.32 -19.21 -24.62
C ILE H 136 54.31 -19.62 -25.70
N ASP H 137 55.37 -18.82 -25.86
CA ASP H 137 56.39 -19.13 -26.85
C ASP H 137 57.04 -20.47 -26.55
N GLY H 138 57.33 -20.72 -25.28
CA GLY H 138 57.93 -21.98 -24.90
C GLY H 138 57.04 -23.13 -25.32
N ALA H 139 55.74 -22.99 -25.09
CA ALA H 139 54.77 -24.02 -25.44
C ALA H 139 54.73 -24.25 -26.94
N ASP H 140 54.81 -23.18 -27.71
CA ASP H 140 54.80 -23.29 -29.17
C ASP H 140 55.97 -24.15 -29.69
N LEU H 141 57.13 -24.03 -29.04
CA LEU H 141 58.29 -24.81 -29.45
C LEU H 141 58.01 -26.29 -29.24
N ILE H 142 57.31 -26.59 -28.16
CA ILE H 142 56.96 -27.96 -27.83
C ILE H 142 55.95 -28.49 -28.84
N ALA H 143 54.95 -27.66 -29.14
CA ALA H 143 53.91 -28.03 -30.10
C ALA H 143 54.53 -28.25 -31.48
N ALA H 144 55.63 -27.55 -31.74
CA ALA H 144 56.33 -27.64 -33.03
C ALA H 144 57.13 -28.94 -33.19
N GLY H 145 57.59 -29.50 -32.07
CA GLY H 145 58.34 -30.74 -32.16
C GLY H 145 59.55 -30.80 -31.24
N HIS H 146 59.85 -29.69 -30.57
CA HIS H 146 60.98 -29.65 -29.65
C HIS H 146 60.74 -30.57 -28.46
N LYS H 147 61.78 -31.31 -28.07
CA LYS H 147 61.68 -32.24 -26.96
C LYS H 147 61.77 -31.52 -25.62
N ALA H 148 62.35 -30.33 -25.63
CA ALA H 148 62.49 -29.55 -24.42
C ALA H 148 62.71 -28.08 -24.74
N ALA H 149 62.31 -27.22 -23.81
CA ALA H 149 62.48 -25.79 -23.97
C ALA H 149 62.41 -25.18 -22.57
N PHE H 150 62.97 -23.99 -22.41
CA PHE H 150 62.96 -23.34 -21.12
C PHE H 150 62.42 -21.92 -21.20
N SER H 151 61.37 -21.66 -20.44
CA SER H 151 60.77 -20.34 -20.40
C SER H 151 61.18 -19.65 -19.10
N LEU H 152 62.12 -18.72 -19.21
CA LEU H 152 62.61 -17.98 -18.05
C LEU H 152 61.52 -16.96 -17.67
N CYS H 153 60.51 -17.44 -16.96
CA CYS H 153 59.42 -16.60 -16.54
C CYS H 153 59.68 -15.81 -15.27
N ARG H 154 59.26 -14.55 -15.31
CA ARG H 154 59.36 -13.63 -14.19
C ARG H 154 58.48 -12.42 -14.51
N PRO H 155 57.55 -12.06 -13.60
CA PRO H 155 57.33 -12.76 -12.32
C PRO H 155 56.83 -14.20 -12.47
N PRO H 156 56.93 -14.99 -11.40
CA PRO H 156 56.47 -16.38 -11.44
C PRO H 156 54.93 -16.42 -11.48
N GLY H 157 54.36 -17.62 -11.45
CA GLY H 157 52.91 -17.67 -11.52
C GLY H 157 52.09 -18.76 -10.83
N HIS H 158 52.71 -19.84 -10.38
CA HIS H 158 51.92 -20.91 -9.79
C HIS H 158 51.07 -20.60 -8.55
N HIS H 159 51.21 -19.42 -7.97
CA HIS H 159 50.39 -19.04 -6.83
C HIS H 159 49.20 -18.23 -7.31
N ALA H 160 49.23 -17.85 -8.58
CA ALA H 160 48.12 -17.09 -9.17
C ALA H 160 47.00 -18.06 -9.51
N GLY H 161 45.86 -17.90 -8.86
CA GLY H 161 44.73 -18.78 -9.09
C GLY H 161 43.78 -18.26 -10.14
N ILE H 162 42.62 -18.91 -10.26
CA ILE H 162 41.64 -18.49 -11.25
C ILE H 162 41.34 -17.00 -11.24
N ASP H 163 41.04 -16.46 -10.06
CA ASP H 163 40.72 -15.04 -9.91
C ASP H 163 41.37 -14.39 -8.71
N MET H 164 42.65 -14.67 -8.49
CA MET H 164 43.37 -14.10 -7.37
C MET H 164 44.88 -14.14 -7.55
N PHE H 165 45.55 -13.10 -7.06
CA PHE H 165 47.00 -13.00 -7.14
C PHE H 165 47.57 -13.18 -5.74
N GLY H 166 48.86 -13.50 -5.67
CA GLY H 166 49.53 -13.71 -4.40
C GLY H 166 50.86 -14.42 -4.59
N GLY H 167 51.68 -14.43 -3.55
CA GLY H 167 52.98 -15.08 -3.64
C GLY H 167 53.86 -14.63 -4.80
N TYR H 168 53.83 -13.33 -5.09
CA TYR H 168 54.62 -12.73 -6.18
C TYR H 168 54.11 -13.09 -7.56
N CYS H 169 52.97 -13.78 -7.61
CA CYS H 169 52.39 -14.23 -8.89
C CYS H 169 51.10 -13.48 -9.26
N PHE H 170 50.92 -13.23 -10.55
CA PHE H 170 49.74 -12.53 -11.03
C PHE H 170 49.09 -13.33 -12.15
N ILE H 171 49.90 -13.86 -13.05
CA ILE H 171 49.36 -14.69 -14.14
C ILE H 171 50.04 -16.04 -14.10
N ASN H 172 49.25 -17.10 -14.05
CA ASN H 172 49.80 -18.43 -13.98
C ASN H 172 50.41 -18.86 -15.31
N ASN H 173 51.71 -18.60 -15.46
CA ASN H 173 52.41 -18.95 -16.67
C ASN H 173 52.27 -20.43 -17.04
N ALA H 174 52.54 -21.32 -16.09
CA ALA H 174 52.44 -22.76 -16.35
C ALA H 174 51.04 -23.12 -16.86
N ALA H 175 50.01 -22.58 -16.23
CA ALA H 175 48.65 -22.87 -16.66
C ALA H 175 48.44 -22.40 -18.09
N VAL H 176 48.97 -21.22 -18.41
CA VAL H 176 48.85 -20.65 -19.75
C VAL H 176 49.58 -21.51 -20.81
N ALA H 177 50.72 -22.07 -20.44
CA ALA H 177 51.49 -22.91 -21.35
C ALA H 177 50.71 -24.19 -21.58
N ALA H 178 50.19 -24.77 -20.51
CA ALA H 178 49.42 -26.00 -20.60
C ALA H 178 48.23 -25.81 -21.53
N GLN H 179 47.51 -24.69 -21.36
CA GLN H 179 46.36 -24.41 -22.20
C GLN H 179 46.82 -24.22 -23.65
N ARG H 180 47.94 -23.54 -23.82
CA ARG H 180 48.47 -23.30 -25.16
C ARG H 180 48.79 -24.64 -25.89
N LEU H 181 49.31 -25.63 -25.18
CA LEU H 181 49.62 -26.92 -25.78
C LEU H 181 48.34 -27.62 -26.24
N LEU H 182 47.26 -27.43 -25.49
CA LEU H 182 45.99 -28.03 -25.83
C LEU H 182 45.40 -27.38 -27.09
N ASP H 183 45.48 -26.07 -27.21
CA ASP H 183 44.95 -25.37 -28.37
C ASP H 183 45.75 -25.66 -29.63
N LYS H 184 46.98 -26.12 -29.43
CA LYS H 184 47.86 -26.45 -30.54
C LYS H 184 47.68 -27.89 -30.98
N GLY H 185 46.76 -28.61 -30.35
CA GLY H 185 46.51 -29.97 -30.75
C GLY H 185 46.56 -31.05 -29.68
N ALA H 186 47.18 -30.76 -28.54
CA ALA H 186 47.25 -31.76 -27.48
C ALA H 186 45.87 -31.95 -26.85
N LYS H 187 45.58 -33.17 -26.40
CA LYS H 187 44.30 -33.49 -25.78
C LYS H 187 44.48 -33.62 -24.26
N LYS H 188 45.65 -34.10 -23.85
CA LYS H 188 45.95 -34.27 -22.44
C LYS H 188 47.36 -33.76 -22.12
N ILE H 189 47.45 -32.91 -21.11
CA ILE H 189 48.72 -32.31 -20.69
C ILE H 189 48.87 -32.39 -19.16
N ALA H 190 50.11 -32.54 -18.71
CA ALA H 190 50.37 -32.61 -17.28
C ALA H 190 51.32 -31.50 -16.85
N ILE H 191 51.08 -31.00 -15.64
CA ILE H 191 51.92 -29.98 -15.06
C ILE H 191 52.53 -30.63 -13.83
N LEU H 192 53.83 -30.45 -13.67
CA LEU H 192 54.56 -31.03 -12.54
C LEU H 192 55.29 -29.89 -11.81
N ASP H 193 54.83 -29.59 -10.61
CA ASP H 193 55.37 -28.51 -9.79
C ASP H 193 56.46 -28.97 -8.81
N VAL H 194 57.73 -28.71 -9.10
CA VAL H 194 58.83 -29.12 -8.23
C VAL H 194 59.30 -28.01 -7.30
N ASP H 195 58.69 -26.84 -7.43
CA ASP H 195 59.01 -25.70 -6.59
C ASP H 195 58.70 -26.12 -5.15
N PHE H 196 59.46 -25.61 -4.19
CA PHE H 196 59.24 -25.96 -2.79
C PHE H 196 57.81 -25.73 -2.30
N HIS H 197 57.21 -24.63 -2.73
CA HIS H 197 55.85 -24.29 -2.31
C HIS H 197 54.81 -24.96 -3.19
N HIS H 198 53.66 -25.25 -2.60
CA HIS H 198 52.58 -25.85 -3.34
C HIS H 198 52.14 -24.87 -4.42
N GLY H 199 51.80 -25.38 -5.60
CA GLY H 199 51.34 -24.49 -6.65
C GLY H 199 49.83 -24.41 -6.51
N ASN H 200 49.37 -23.69 -5.48
CA ASN H 200 47.93 -23.57 -5.21
C ASN H 200 47.11 -22.90 -6.30
N GLY H 201 47.71 -21.94 -6.99
CA GLY H 201 46.99 -21.28 -8.06
C GLY H 201 46.80 -22.23 -9.22
N THR H 202 47.82 -23.03 -9.50
CA THR H 202 47.74 -23.97 -10.60
C THR H 202 46.72 -25.05 -10.30
N GLN H 203 46.74 -25.56 -9.07
CA GLN H 203 45.78 -26.58 -8.68
C GLN H 203 44.37 -26.04 -8.83
N ASP H 204 44.18 -24.82 -8.34
CA ASP H 204 42.88 -24.15 -8.41
C ASP H 204 42.36 -24.08 -9.84
N ILE H 205 43.22 -23.68 -10.77
CA ILE H 205 42.83 -23.54 -12.17
C ILE H 205 42.33 -24.82 -12.85
N PHE H 206 43.01 -25.93 -12.61
CA PHE H 206 42.67 -27.21 -13.22
C PHE H 206 42.01 -28.23 -12.31
N TYR H 207 41.58 -27.81 -11.13
CA TYR H 207 40.97 -28.74 -10.20
C TYR H 207 39.77 -29.47 -10.80
N GLU H 208 39.01 -28.76 -11.61
CA GLU H 208 37.83 -29.37 -12.22
C GLU H 208 37.95 -29.63 -13.72
N ARG H 209 39.17 -29.73 -14.20
CA ARG H 209 39.41 -30.02 -15.61
C ARG H 209 40.03 -31.39 -15.78
N GLY H 210 39.35 -32.25 -16.54
CA GLY H 210 39.85 -33.60 -16.75
C GLY H 210 40.89 -33.73 -17.85
N ASP H 211 41.19 -32.64 -18.54
CA ASP H 211 42.18 -32.67 -19.62
C ASP H 211 43.58 -32.28 -19.18
N VAL H 212 43.70 -31.76 -17.96
CA VAL H 212 45.00 -31.39 -17.43
C VAL H 212 45.21 -32.05 -16.08
N PHE H 213 46.36 -32.70 -15.91
CA PHE H 213 46.69 -33.37 -14.66
C PHE H 213 47.71 -32.51 -13.92
N PHE H 214 47.50 -32.27 -12.63
CA PHE H 214 48.42 -31.46 -11.84
C PHE H 214 49.04 -32.28 -10.70
N ALA H 215 50.36 -32.29 -10.64
CA ALA H 215 51.08 -33.01 -9.59
C ALA H 215 52.04 -32.01 -8.97
N SER H 216 52.15 -32.04 -7.64
CA SER H 216 53.02 -31.11 -6.96
C SER H 216 53.74 -31.68 -5.74
N LEU H 217 55.03 -31.41 -5.63
CA LEU H 217 55.83 -31.85 -4.48
C LEU H 217 56.10 -30.56 -3.72
N HIS H 218 55.87 -30.54 -2.41
CA HIS H 218 56.06 -29.31 -1.67
C HIS H 218 56.14 -29.52 -0.16
N GLY H 219 56.48 -28.45 0.54
CA GLY H 219 56.55 -28.53 2.00
C GLY H 219 55.12 -28.58 2.51
N ASP H 220 54.89 -29.38 3.55
CA ASP H 220 53.56 -29.54 4.16
C ASP H 220 52.92 -28.17 4.40
N PRO H 221 51.74 -27.94 3.80
CA PRO H 221 51.04 -26.66 3.96
C PRO H 221 50.71 -26.37 5.42
N ALA H 222 50.70 -27.40 6.25
CA ALA H 222 50.42 -27.22 7.66
C ALA H 222 51.46 -26.31 8.30
N GLU H 223 52.61 -26.15 7.65
CA GLU H 223 53.67 -25.31 8.19
C GLU H 223 54.47 -24.62 7.10
N ALA H 224 53.80 -24.24 6.02
CA ALA H 224 54.46 -23.57 4.91
C ALA H 224 53.48 -22.92 3.94
N PHE H 225 53.91 -21.80 3.37
CA PHE H 225 53.12 -21.05 2.40
C PHE H 225 52.79 -22.08 1.31
N PRO H 226 51.60 -22.01 0.67
CA PRO H 226 50.51 -21.05 0.87
C PRO H 226 49.59 -21.34 2.06
N HIS H 227 49.93 -22.36 2.83
CA HIS H 227 49.18 -22.73 4.05
C HIS H 227 47.77 -23.31 3.93
N PHE H 228 47.00 -22.90 2.94
CA PHE H 228 45.62 -23.36 2.84
C PHE H 228 45.25 -24.24 1.65
N LEU H 229 46.22 -24.95 1.11
CA LEU H 229 45.99 -25.84 0.00
C LEU H 229 47.27 -26.66 -0.16
N GLY H 230 47.15 -27.86 -0.73
CA GLY H 230 48.34 -28.68 -0.90
C GLY H 230 48.30 -30.01 -0.18
N TYR H 231 47.21 -30.30 0.52
CA TYR H 231 47.07 -31.56 1.23
C TYR H 231 46.83 -32.72 0.28
N ALA H 232 47.35 -33.88 0.66
CA ALA H 232 47.23 -35.09 -0.14
C ALA H 232 45.80 -35.55 -0.41
N GLU H 233 44.87 -35.14 0.45
CA GLU H 233 43.47 -35.52 0.31
C GLU H 233 42.81 -34.83 -0.89
N GLU H 234 43.42 -33.75 -1.37
CA GLU H 234 42.89 -33.01 -2.51
C GLU H 234 43.25 -33.68 -3.83
N THR H 235 42.31 -34.44 -4.38
CA THR H 235 42.56 -35.16 -5.63
C THR H 235 41.74 -34.68 -6.83
N GLY H 236 40.99 -33.60 -6.67
CA GLY H 236 40.21 -33.09 -7.77
C GLY H 236 38.72 -33.10 -7.51
N LYS H 237 37.94 -32.47 -8.37
CA LYS H 237 36.50 -32.42 -8.19
C LYS H 237 35.72 -32.43 -9.49
N GLY H 238 34.53 -33.03 -9.45
CA GLY H 238 33.67 -33.08 -10.62
C GLY H 238 34.31 -33.59 -11.90
N ALA H 239 34.25 -32.78 -12.95
CA ALA H 239 34.79 -33.14 -14.26
C ALA H 239 36.30 -33.39 -14.25
N GLY H 240 36.96 -32.96 -13.17
CA GLY H 240 38.39 -33.15 -13.07
C GLY H 240 38.78 -34.02 -11.90
N ALA H 241 37.81 -34.74 -11.33
CA ALA H 241 38.09 -35.61 -10.19
C ALA H 241 39.23 -36.58 -10.54
N GLY H 242 40.17 -36.74 -9.63
CA GLY H 242 41.28 -37.64 -9.83
C GLY H 242 42.46 -37.09 -10.65
N THR H 243 42.45 -35.80 -10.96
CA THR H 243 43.56 -35.23 -11.73
C THR H 243 44.51 -34.35 -10.96
N THR H 244 44.54 -34.51 -9.64
CA THR H 244 45.43 -33.73 -8.80
C THR H 244 46.13 -34.66 -7.81
N ALA H 245 47.45 -34.58 -7.74
CA ALA H 245 48.22 -35.41 -6.82
C ALA H 245 49.23 -34.55 -6.07
N ASN H 246 48.95 -34.33 -4.80
CA ASN H 246 49.82 -33.54 -3.95
C ASN H 246 50.73 -34.41 -3.08
N TYR H 247 52.00 -34.01 -2.98
CA TYR H 247 52.94 -34.76 -2.17
C TYR H 247 53.58 -33.84 -1.12
N PRO H 248 52.85 -33.56 -0.04
CA PRO H 248 53.37 -32.69 1.02
C PRO H 248 54.46 -33.42 1.81
N MET H 249 55.55 -32.72 2.15
CA MET H 249 56.65 -33.33 2.91
C MET H 249 57.16 -32.42 4.03
N GLY H 250 57.68 -33.03 5.09
CA GLY H 250 58.16 -32.29 6.25
C GLY H 250 59.54 -31.67 6.19
N ARG H 251 59.92 -31.01 7.29
CA ARG H 251 61.21 -30.34 7.37
C ARG H 251 62.38 -31.32 7.30
N GLY H 252 63.41 -30.93 6.56
CA GLY H 252 64.60 -31.77 6.45
C GLY H 252 64.60 -32.80 5.34
N THR H 253 63.50 -32.88 4.59
CA THR H 253 63.42 -33.86 3.53
C THR H 253 64.59 -33.82 2.56
N PRO H 254 65.33 -34.93 2.45
CA PRO H 254 66.49 -35.06 1.55
C PRO H 254 66.00 -35.58 0.20
N TYR H 255 66.89 -35.56 -0.80
CA TYR H 255 66.51 -36.03 -2.13
C TYR H 255 66.08 -37.50 -2.13
N SER H 256 66.61 -38.29 -1.19
CA SER H 256 66.26 -39.70 -1.11
C SER H 256 64.75 -39.85 -0.92
N VAL H 257 64.17 -39.00 -0.09
CA VAL H 257 62.73 -39.06 0.15
C VAL H 257 61.99 -38.31 -0.95
N TRP H 258 62.43 -37.08 -1.25
CA TRP H 258 61.82 -36.25 -2.27
C TRP H 258 61.76 -36.98 -3.61
N GLY H 259 62.83 -37.68 -3.96
CA GLY H 259 62.87 -38.41 -5.21
C GLY H 259 61.82 -39.51 -5.28
N GLU H 260 61.42 -40.07 -4.15
CA GLU H 260 60.41 -41.12 -4.14
C GLU H 260 59.09 -40.53 -4.58
N ALA H 261 58.82 -39.31 -4.11
CA ALA H 261 57.59 -38.62 -4.45
C ALA H 261 57.61 -38.28 -5.94
N LEU H 262 58.77 -37.84 -6.43
CA LEU H 262 58.94 -37.49 -7.83
C LEU H 262 58.57 -38.65 -8.74
N THR H 263 59.09 -39.82 -8.38
CA THR H 263 58.85 -41.05 -9.12
C THR H 263 57.38 -41.42 -9.17
N ASP H 264 56.73 -41.38 -8.02
CA ASP H 264 55.32 -41.72 -7.94
C ASP H 264 54.49 -40.73 -8.76
N SER H 265 54.88 -39.46 -8.73
CA SER H 265 54.13 -38.45 -9.48
C SER H 265 54.25 -38.66 -10.99
N LEU H 266 55.42 -39.11 -11.45
CA LEU H 266 55.65 -39.34 -12.86
C LEU H 266 54.88 -40.58 -13.30
N LYS H 267 54.69 -41.51 -12.37
CA LYS H 267 53.94 -42.71 -12.65
C LYS H 267 52.47 -42.35 -12.83
N ARG H 268 51.97 -41.40 -12.05
CA ARG H 268 50.57 -41.00 -12.18
C ARG H 268 50.36 -40.24 -13.49
N ILE H 269 51.34 -39.41 -13.86
CA ILE H 269 51.27 -38.63 -15.10
C ILE H 269 51.22 -39.55 -16.32
N ALA H 270 52.00 -40.63 -16.30
CA ALA H 270 52.03 -41.59 -17.39
C ALA H 270 50.68 -42.29 -17.51
N ALA H 271 50.15 -42.73 -16.38
CA ALA H 271 48.85 -43.42 -16.36
C ALA H 271 47.76 -42.47 -16.87
N PHE H 272 48.01 -41.18 -16.71
CA PHE H 272 47.10 -40.15 -17.15
C PHE H 272 47.17 -40.05 -18.67
N GLY H 273 48.36 -40.30 -19.22
CA GLY H 273 48.54 -40.25 -20.66
C GLY H 273 48.89 -38.86 -21.16
N ALA H 274 49.65 -38.12 -20.37
CA ALA H 274 50.05 -36.78 -20.78
C ALA H 274 50.92 -36.85 -22.02
N GLU H 275 50.66 -35.93 -22.95
CA GLU H 275 51.41 -35.85 -24.20
C GLU H 275 52.62 -34.96 -24.04
N ALA H 276 52.62 -34.17 -22.97
CA ALA H 276 53.73 -33.28 -22.68
C ALA H 276 53.65 -32.93 -21.21
N ILE H 277 54.74 -32.42 -20.65
CA ILE H 277 54.74 -32.07 -19.25
C ILE H 277 55.28 -30.68 -19.05
N VAL H 278 54.49 -29.83 -18.40
CA VAL H 278 54.94 -28.49 -18.10
C VAL H 278 55.48 -28.57 -16.70
N VAL H 279 56.76 -28.24 -16.55
CA VAL H 279 57.42 -28.30 -15.25
C VAL H 279 57.55 -26.93 -14.60
N SER H 280 56.85 -26.73 -13.48
CA SER H 280 56.95 -25.48 -12.75
C SER H 280 58.22 -25.65 -11.92
N LEU H 281 59.32 -25.12 -12.42
CA LEU H 281 60.61 -25.25 -11.76
C LEU H 281 60.93 -24.16 -10.75
N GLY H 282 61.07 -24.57 -9.50
CA GLY H 282 61.44 -23.65 -8.45
C GLY H 282 62.65 -24.30 -7.79
N VAL H 283 63.70 -23.53 -7.53
CA VAL H 283 64.86 -24.12 -6.90
C VAL H 283 64.95 -23.72 -5.43
N ASP H 284 63.83 -23.27 -4.88
CA ASP H 284 63.81 -22.91 -3.47
C ASP H 284 63.78 -24.16 -2.59
N THR H 285 64.02 -25.31 -3.21
CA THR H 285 64.06 -26.56 -2.44
C THR H 285 65.51 -26.79 -2.01
N PHE H 286 66.40 -25.93 -2.51
CA PHE H 286 67.82 -25.98 -2.21
C PHE H 286 68.09 -25.80 -0.70
N GLU H 287 68.89 -26.69 -0.13
CA GLU H 287 69.23 -26.65 1.29
C GLU H 287 69.68 -25.28 1.79
N GLN H 288 70.44 -24.55 0.99
CA GLN H 288 70.92 -23.23 1.38
C GLN H 288 69.92 -22.11 1.12
N ASP H 289 68.72 -22.45 0.65
CA ASP H 289 67.71 -21.42 0.41
C ASP H 289 66.99 -21.21 1.75
N PRO H 290 67.01 -19.98 2.26
CA PRO H 290 66.37 -19.61 3.53
C PRO H 290 64.85 -19.62 3.62
N ILE H 291 64.16 -19.83 2.51
CA ILE H 291 62.69 -19.82 2.57
C ILE H 291 62.09 -21.22 2.69
N SER H 292 62.92 -22.25 2.58
CA SER H 292 62.40 -23.62 2.65
C SER H 292 63.06 -24.46 3.72
N PHE H 293 62.55 -25.67 3.90
CA PHE H 293 63.11 -26.58 4.87
C PHE H 293 63.45 -27.93 4.28
N PHE H 294 63.65 -27.98 2.96
CA PHE H 294 64.04 -29.21 2.29
C PHE H 294 65.56 -29.16 2.17
N LYS H 295 66.19 -30.30 1.92
CA LYS H 295 67.64 -30.30 1.82
C LYS H 295 68.24 -30.92 0.56
N LEU H 296 67.87 -30.37 -0.59
CA LEU H 296 68.40 -30.86 -1.85
C LEU H 296 69.73 -30.15 -2.13
N THR H 297 70.64 -30.85 -2.81
CA THR H 297 71.95 -30.30 -3.14
C THR H 297 71.97 -29.95 -4.62
N SER H 298 72.92 -29.13 -5.02
CA SER H 298 73.04 -28.72 -6.42
C SER H 298 73.03 -29.91 -7.39
N PRO H 299 73.76 -30.99 -7.07
CA PRO H 299 73.82 -32.19 -7.93
C PRO H 299 72.46 -32.89 -8.08
N ASP H 300 71.59 -32.73 -7.08
CA ASP H 300 70.27 -33.37 -7.14
C ASP H 300 69.45 -32.81 -8.29
N TYR H 301 69.68 -31.56 -8.65
CA TYR H 301 68.93 -30.93 -9.72
C TYR H 301 69.26 -31.56 -11.06
N ILE H 302 70.45 -32.12 -11.18
CA ILE H 302 70.83 -32.78 -12.41
C ILE H 302 70.05 -34.10 -12.46
N THR H 303 70.00 -34.77 -11.32
CA THR H 303 69.26 -36.04 -11.19
C THR H 303 67.79 -35.81 -11.49
N MET H 304 67.27 -34.69 -10.98
CA MET H 304 65.88 -34.30 -11.15
C MET H 304 65.53 -34.14 -12.62
N GLY H 305 66.34 -33.37 -13.34
CA GLY H 305 66.10 -33.12 -14.75
C GLY H 305 66.12 -34.41 -15.56
N ARG H 306 67.11 -35.24 -15.30
CA ARG H 306 67.25 -36.52 -15.99
C ARG H 306 66.00 -37.37 -15.79
N THR H 307 65.62 -37.53 -14.52
CA THR H 307 64.45 -38.34 -14.18
C THR H 307 63.17 -37.88 -14.87
N ILE H 308 62.92 -36.58 -14.86
CA ILE H 308 61.73 -36.06 -15.48
C ILE H 308 61.76 -36.28 -17.00
N ALA H 309 62.93 -36.07 -17.61
CA ALA H 309 63.06 -36.28 -19.06
C ALA H 309 62.84 -37.74 -19.42
N ALA H 310 63.20 -38.63 -18.50
CA ALA H 310 63.04 -40.07 -18.70
C ALA H 310 61.57 -40.49 -18.88
N SER H 311 60.66 -39.53 -18.76
CA SER H 311 59.24 -39.81 -18.93
C SER H 311 58.98 -40.10 -20.41
N GLY H 312 59.92 -39.70 -21.25
CA GLY H 312 59.77 -39.95 -22.68
C GLY H 312 58.86 -38.98 -23.41
N VAL H 313 58.30 -38.00 -22.71
CA VAL H 313 57.41 -37.03 -23.35
C VAL H 313 58.06 -35.65 -23.35
N PRO H 314 57.67 -34.80 -24.32
CA PRO H 314 58.25 -33.44 -24.39
C PRO H 314 58.08 -32.66 -23.09
N LEU H 315 59.08 -31.85 -22.75
CA LEU H 315 59.04 -31.06 -21.52
C LEU H 315 59.20 -29.57 -21.77
N LEU H 316 58.40 -28.79 -21.04
CA LEU H 316 58.50 -27.33 -21.12
C LEU H 316 58.80 -26.91 -19.69
N VAL H 317 59.98 -26.34 -19.46
CA VAL H 317 60.36 -25.91 -18.13
C VAL H 317 59.97 -24.45 -17.97
N VAL H 318 59.24 -24.17 -16.90
CA VAL H 318 58.78 -22.81 -16.61
C VAL H 318 59.35 -22.37 -15.26
N MET H 319 60.05 -21.25 -15.26
CA MET H 319 60.65 -20.74 -14.04
C MET H 319 59.62 -20.30 -13.03
N GLU H 320 59.76 -20.76 -11.80
CA GLU H 320 58.84 -20.35 -10.74
C GLU H 320 59.67 -19.60 -9.69
N GLY H 321 59.71 -20.12 -8.46
CA GLY H 321 60.43 -19.46 -7.39
C GLY H 321 61.87 -19.87 -7.10
N GLY H 322 62.34 -19.40 -5.95
CA GLY H 322 63.71 -19.67 -5.55
C GLY H 322 64.33 -18.35 -5.10
N TYR H 323 64.75 -18.32 -3.83
CA TYR H 323 65.36 -17.12 -3.25
C TYR H 323 66.59 -16.73 -4.04
N GLY H 324 66.95 -15.46 -3.99
CA GLY H 324 68.11 -14.98 -4.70
C GLY H 324 69.43 -15.28 -4.02
N VAL H 325 69.88 -16.53 -4.09
CA VAL H 325 71.16 -16.91 -3.52
C VAL H 325 72.11 -17.04 -4.69
N PRO H 326 73.41 -16.97 -4.45
CA PRO H 326 74.41 -17.08 -5.53
C PRO H 326 74.28 -18.33 -6.40
N GLU H 327 73.80 -19.43 -5.82
CA GLU H 327 73.67 -20.67 -6.56
C GLU H 327 72.35 -20.85 -7.28
N ILE H 328 71.49 -19.83 -7.27
CA ILE H 328 70.19 -19.96 -7.92
C ILE H 328 70.34 -20.32 -9.40
N GLY H 329 71.22 -19.63 -10.11
CA GLY H 329 71.44 -19.91 -11.51
C GLY H 329 72.01 -21.30 -11.76
N LEU H 330 72.99 -21.70 -10.98
CA LEU H 330 73.59 -23.02 -11.14
C LEU H 330 72.58 -24.14 -10.96
N ASN H 331 71.73 -24.01 -9.94
CA ASN H 331 70.71 -25.02 -9.68
C ASN H 331 69.73 -25.12 -10.85
N VAL H 332 69.37 -23.99 -11.44
CA VAL H 332 68.46 -24.00 -12.58
C VAL H 332 69.14 -24.67 -13.76
N ALA H 333 70.36 -24.24 -14.05
CA ALA H 333 71.14 -24.77 -15.16
C ALA H 333 71.36 -26.28 -14.99
N ASN H 334 71.47 -26.72 -13.74
CA ASN H 334 71.66 -28.12 -13.46
C ASN H 334 70.44 -28.95 -13.88
N VAL H 335 69.26 -28.38 -13.72
CA VAL H 335 68.04 -29.08 -14.11
C VAL H 335 68.01 -29.23 -15.63
N LEU H 336 68.34 -28.15 -16.33
CA LEU H 336 68.35 -28.14 -17.79
C LEU H 336 69.38 -29.12 -18.35
N LYS H 337 70.51 -29.24 -17.65
CA LYS H 337 71.56 -30.17 -18.07
C LYS H 337 71.08 -31.60 -17.93
N GLY H 338 70.36 -31.88 -16.86
CA GLY H 338 69.84 -33.22 -16.63
C GLY H 338 68.79 -33.55 -17.68
N VAL H 339 67.99 -32.54 -18.02
CA VAL H 339 66.95 -32.69 -19.03
C VAL H 339 67.58 -32.85 -20.41
N ALA H 340 68.54 -31.99 -20.73
CA ALA H 340 69.20 -32.06 -22.03
C ALA H 340 69.91 -33.39 -22.23
N GLY H 341 70.48 -33.91 -21.15
CA GLY H 341 71.18 -35.18 -21.23
C GLY H 341 72.47 -35.09 -22.02
N MET I 1 47.38 -46.78 40.32
CA MET I 1 46.88 -45.49 39.74
C MET I 1 45.76 -44.95 40.60
N ARG I 2 45.65 -43.63 40.67
CA ARG I 2 44.61 -42.99 41.47
C ARG I 2 43.23 -43.10 40.83
N VAL I 3 42.22 -43.21 41.69
CA VAL I 3 40.83 -43.32 41.25
C VAL I 3 40.06 -42.08 41.68
N ILE I 4 39.43 -41.41 40.71
CA ILE I 4 38.64 -40.21 40.97
C ILE I 4 37.17 -40.60 40.96
N PHE I 5 36.50 -40.37 42.08
CA PHE I 5 35.11 -40.74 42.23
C PHE I 5 34.31 -39.71 43.03
N SER I 6 33.09 -39.45 42.59
CA SER I 6 32.22 -38.50 43.28
C SER I 6 30.98 -39.20 43.83
N GLU I 7 30.63 -38.86 45.06
CA GLU I 7 29.47 -39.43 45.71
C GLU I 7 28.19 -38.84 45.13
N ASP I 8 28.30 -37.66 44.54
CA ASP I 8 27.12 -36.99 43.97
C ASP I 8 26.51 -37.68 42.76
N HIS I 9 27.17 -38.74 42.29
CA HIS I 9 26.67 -39.48 41.15
C HIS I 9 25.31 -40.04 41.52
N LYS I 10 25.10 -40.24 42.82
CA LYS I 10 23.85 -40.79 43.31
C LYS I 10 22.68 -39.83 43.09
N LEU I 11 22.98 -38.55 42.84
CA LEU I 11 21.93 -37.55 42.60
C LEU I 11 21.12 -37.97 41.37
N ARG I 12 21.77 -38.73 40.50
CA ARG I 12 21.14 -39.26 39.30
C ARG I 12 20.58 -40.62 39.65
N ASN I 13 19.29 -40.67 39.94
CA ASN I 13 18.63 -41.92 40.31
C ASN I 13 17.24 -41.94 39.70
N ALA I 14 17.19 -41.96 38.36
CA ALA I 14 15.94 -41.98 37.62
C ALA I 14 15.09 -43.18 38.00
N LYS I 15 13.78 -42.98 38.03
CA LYS I 15 12.86 -44.05 38.41
C LYS I 15 12.40 -44.86 37.20
N THR I 16 12.44 -44.26 36.01
CA THR I 16 12.00 -44.96 34.82
C THR I 16 12.92 -44.85 33.61
N GLU I 17 12.74 -45.80 32.69
CA GLU I 17 13.48 -45.87 31.44
C GLU I 17 12.58 -46.57 30.45
N LEU I 18 12.54 -46.07 29.23
CA LEU I 18 11.69 -46.67 28.20
C LEU I 18 12.40 -47.81 27.48
N TYR I 19 11.93 -49.04 27.71
CA TYR I 19 12.51 -50.22 27.07
C TYR I 19 11.46 -51.27 26.73
N GLY I 20 11.49 -51.75 25.48
CA GLY I 20 10.54 -52.75 25.04
C GLY I 20 9.11 -52.26 25.10
N GLY I 21 8.91 -50.95 24.96
CA GLY I 21 7.57 -50.40 25.00
C GLY I 21 7.03 -50.19 26.40
N GLU I 22 7.87 -50.42 27.41
CA GLU I 22 7.42 -50.24 28.79
C GLU I 22 8.38 -49.32 29.54
N LEU I 23 7.92 -48.81 30.66
CA LEU I 23 8.75 -47.96 31.50
C LEU I 23 9.26 -48.89 32.61
N VAL I 24 10.53 -49.25 32.52
CA VAL I 24 11.14 -50.14 33.50
C VAL I 24 12.19 -49.36 34.29
N PRO I 25 12.67 -49.94 35.41
CA PRO I 25 13.69 -49.27 36.23
C PRO I 25 14.96 -49.12 35.41
N PRO I 26 15.60 -47.94 35.47
CA PRO I 26 16.84 -47.70 34.71
C PRO I 26 17.95 -48.73 34.89
N PHE I 27 18.60 -49.09 33.79
CA PHE I 27 19.69 -50.06 33.82
C PHE I 27 20.95 -49.37 34.31
N GLU I 28 21.05 -48.08 34.04
CA GLU I 28 22.20 -47.30 34.49
C GLU I 28 21.86 -46.80 35.88
N ALA I 29 21.86 -47.71 36.85
CA ALA I 29 21.53 -47.38 38.24
C ALA I 29 22.77 -47.13 39.10
N PRO I 30 22.61 -46.37 40.19
CA PRO I 30 23.70 -46.05 41.12
C PRO I 30 24.55 -47.23 41.60
N PHE I 31 23.93 -48.39 41.76
CA PHE I 31 24.67 -49.56 42.24
C PHE I 31 25.85 -49.94 41.35
N ARG I 32 25.82 -49.52 40.09
CA ARG I 32 26.92 -49.81 39.17
C ARG I 32 28.19 -49.16 39.70
N ALA I 33 28.08 -47.91 40.14
CA ALA I 33 29.25 -47.19 40.66
C ALA I 33 29.77 -47.86 41.92
N GLU I 34 28.85 -48.29 42.78
CA GLU I 34 29.21 -48.94 44.03
C GLU I 34 29.98 -50.22 43.75
N TRP I 35 29.38 -51.10 42.95
CA TRP I 35 30.01 -52.37 42.60
C TRP I 35 31.39 -52.20 41.97
N ILE I 36 31.49 -51.25 41.04
CA ILE I 36 32.76 -51.02 40.37
C ILE I 36 33.80 -50.48 41.35
N LEU I 37 33.42 -49.50 42.17
CA LEU I 37 34.35 -48.92 43.14
C LEU I 37 34.89 -49.98 44.09
N ALA I 38 34.00 -50.81 44.63
CA ALA I 38 34.38 -51.86 45.57
C ALA I 38 35.36 -52.84 44.95
N ALA I 39 35.17 -53.12 43.66
CA ALA I 39 36.03 -54.04 42.94
C ALA I 39 37.43 -53.49 42.68
N VAL I 40 37.54 -52.23 42.30
CA VAL I 40 38.86 -51.67 42.04
C VAL I 40 39.67 -51.59 43.32
N LYS I 41 39.01 -51.22 44.42
CA LYS I 41 39.68 -51.14 45.71
C LYS I 41 40.16 -52.55 46.07
N GLU I 42 39.26 -53.52 45.91
CA GLU I 42 39.55 -54.90 46.20
C GLU I 42 40.76 -55.36 45.39
N ALA I 43 40.92 -54.80 44.21
CA ALA I 43 42.05 -55.16 43.35
C ALA I 43 43.31 -54.39 43.71
N GLY I 44 43.25 -53.59 44.76
CA GLY I 44 44.42 -52.83 45.18
C GLY I 44 44.37 -51.34 44.87
N PHE I 45 43.39 -50.94 44.08
CA PHE I 45 43.24 -49.53 43.71
C PHE I 45 42.38 -48.83 44.76
N ASP I 46 42.95 -48.64 45.95
CA ASP I 46 42.23 -48.03 47.06
C ASP I 46 42.51 -46.54 47.25
N ASP I 47 43.31 -45.94 46.38
CA ASP I 47 43.61 -44.51 46.48
C ASP I 47 42.49 -43.78 45.73
N VAL I 48 41.39 -43.55 46.45
CA VAL I 48 40.22 -42.89 45.90
C VAL I 48 40.05 -41.48 46.45
N VAL I 49 40.02 -40.51 45.54
CA VAL I 49 39.85 -39.12 45.94
C VAL I 49 38.66 -38.50 45.20
N ALA I 50 38.01 -37.53 45.85
CA ALA I 50 36.86 -36.86 45.25
C ALA I 50 37.37 -35.69 44.43
N PRO I 51 36.68 -35.35 43.34
CA PRO I 51 37.08 -34.25 42.47
C PRO I 51 36.85 -32.88 43.09
N ALA I 52 37.69 -31.92 42.73
CA ALA I 52 37.57 -30.55 43.22
C ALA I 52 36.48 -29.86 42.41
N ARG I 53 36.04 -28.70 42.85
CA ARG I 53 35.01 -27.95 42.13
C ARG I 53 35.63 -27.38 40.85
N HIS I 54 34.88 -27.44 39.74
CA HIS I 54 35.35 -26.93 38.47
C HIS I 54 34.27 -26.08 37.81
N GLY I 55 34.70 -25.18 36.94
CA GLY I 55 33.75 -24.34 36.23
C GLY I 55 33.31 -24.98 34.93
N LEU I 56 32.58 -24.23 34.10
CA LEU I 56 32.08 -24.73 32.83
C LEU I 56 32.98 -24.40 31.66
N GLU I 57 34.11 -23.74 31.92
CA GLU I 57 35.04 -23.35 30.87
C GLU I 57 35.44 -24.51 29.95
N THR I 58 35.85 -25.63 30.53
CA THR I 58 36.27 -26.77 29.73
C THR I 58 35.14 -27.38 28.91
N VAL I 59 34.01 -27.66 29.57
CA VAL I 59 32.88 -28.27 28.88
C VAL I 59 32.27 -27.37 27.81
N LEU I 60 32.42 -26.05 27.97
CA LEU I 60 31.87 -25.12 26.99
C LEU I 60 32.68 -25.15 25.70
N LYS I 61 33.80 -25.89 25.71
CA LYS I 61 34.62 -25.98 24.51
C LYS I 61 34.27 -27.19 23.65
N VAL I 62 33.44 -28.09 24.16
CA VAL I 62 33.06 -29.27 23.38
C VAL I 62 31.55 -29.39 23.23
N HIS I 63 30.81 -28.79 24.17
CA HIS I 63 29.37 -28.81 24.13
C HIS I 63 28.78 -27.45 23.77
N ASP I 64 27.60 -27.47 23.16
CA ASP I 64 26.91 -26.26 22.78
C ASP I 64 26.38 -25.57 24.04
N ALA I 65 26.53 -24.26 24.10
CA ALA I 65 26.09 -23.47 25.24
C ALA I 65 24.57 -23.54 25.47
N GLY I 66 23.79 -23.48 24.41
CA GLY I 66 22.35 -23.56 24.57
C GLY I 66 21.97 -24.90 25.17
N TYR I 67 22.62 -25.94 24.68
CA TYR I 67 22.40 -27.30 25.17
C TYR I 67 22.64 -27.37 26.67
N LEU I 68 23.78 -26.88 27.14
CA LEU I 68 24.08 -26.92 28.58
C LEU I 68 23.06 -26.11 29.37
N ASN I 69 22.69 -24.95 28.84
CA ASN I 69 21.72 -24.09 29.49
C ASN I 69 20.40 -24.86 29.63
N PHE I 70 20.04 -25.59 28.58
CA PHE I 70 18.82 -26.38 28.58
C PHE I 70 18.81 -27.45 29.67
N LEU I 71 19.97 -28.09 29.87
CA LEU I 71 20.11 -29.14 30.88
C LEU I 71 19.94 -28.65 32.31
N GLU I 72 20.52 -27.52 32.63
CA GLU I 72 20.44 -26.99 33.98
C GLU I 72 19.02 -26.86 34.51
N THR I 73 18.11 -26.40 33.67
CA THR I 73 16.74 -26.21 34.12
C THR I 73 15.68 -27.11 33.48
N ALA I 74 16.13 -28.12 32.74
CA ALA I 74 15.20 -29.02 32.09
C ALA I 74 14.18 -29.61 33.07
N TRP I 75 14.66 -30.14 34.20
CA TRP I 75 13.75 -30.74 35.15
C TRP I 75 12.73 -29.76 35.71
N ASP I 76 13.20 -28.59 36.15
CA ASP I 76 12.32 -27.56 36.70
C ASP I 76 11.18 -27.18 35.76
N ARG I 77 11.53 -26.88 34.52
CA ARG I 77 10.53 -26.48 33.54
C ARG I 77 9.55 -27.63 33.29
N TRP I 78 10.06 -28.86 33.27
CA TRP I 78 9.19 -30.01 33.04
C TRP I 78 8.15 -30.10 34.12
N LYS I 79 8.60 -30.13 35.37
CA LYS I 79 7.69 -30.23 36.49
C LYS I 79 6.75 -29.00 36.53
N ALA I 80 7.30 -27.81 36.31
CA ALA I 80 6.50 -26.59 36.31
C ALA I 80 5.43 -26.62 35.23
N ALA I 81 5.66 -27.43 34.19
CA ALA I 81 4.68 -27.52 33.11
C ALA I 81 3.51 -28.41 33.54
N GLY I 82 3.65 -29.05 34.70
CA GLY I 82 2.57 -29.88 35.21
C GLY I 82 2.56 -31.35 34.84
N TYR I 83 3.71 -31.90 34.41
CA TYR I 83 3.73 -33.32 34.05
C TYR I 83 4.00 -34.21 35.25
N LYS I 84 3.44 -35.41 35.20
CA LYS I 84 3.55 -36.36 36.30
C LYS I 84 4.76 -37.29 36.27
N GLY I 85 5.24 -37.61 35.07
CA GLY I 85 6.39 -38.49 34.97
C GLY I 85 7.70 -37.75 34.86
N GLU I 86 8.74 -38.47 34.46
CA GLU I 86 10.05 -37.88 34.30
C GLU I 86 10.14 -37.23 32.91
N ALA I 87 11.10 -36.35 32.74
CA ALA I 87 11.27 -35.64 31.48
C ALA I 87 11.74 -36.59 30.38
N ILE I 88 10.80 -36.97 29.53
CA ILE I 88 11.06 -37.87 28.41
C ILE I 88 10.58 -37.20 27.11
N ALA I 89 11.48 -37.08 26.14
CA ALA I 89 11.18 -36.46 24.85
C ALA I 89 10.39 -37.38 23.92
N THR I 90 9.48 -36.81 23.14
CA THR I 90 8.67 -37.59 22.21
C THR I 90 8.80 -37.12 20.75
N SER I 91 8.88 -35.81 20.53
CA SER I 91 9.03 -35.28 19.18
C SER I 91 10.49 -35.02 18.88
N PHE I 92 10.91 -35.41 17.68
CA PHE I 92 12.31 -35.24 17.32
C PHE I 92 12.54 -34.58 15.96
N PRO I 93 13.56 -33.75 15.86
CA PRO I 93 13.85 -33.09 14.58
C PRO I 93 14.56 -34.05 13.64
N VAL I 94 13.79 -34.90 12.96
CA VAL I 94 14.37 -35.87 12.05
C VAL I 94 14.52 -35.33 10.63
N ARG I 95 14.53 -36.26 9.67
CA ARG I 95 14.67 -35.92 8.26
C ARG I 95 13.76 -34.79 7.80
N ARG I 96 14.29 -33.90 6.96
CA ARG I 96 13.52 -32.81 6.38
C ARG I 96 12.69 -31.93 7.31
N THR I 97 13.25 -31.60 8.48
CA THR I 97 12.56 -30.72 9.41
C THR I 97 13.31 -29.39 9.49
N SER I 98 12.68 -28.41 10.13
CA SER I 98 13.22 -27.08 10.32
C SER I 98 14.39 -27.10 11.29
N PRO I 99 15.36 -26.20 11.12
CA PRO I 99 16.51 -26.14 12.03
C PRO I 99 16.22 -25.25 13.23
N ARG I 100 15.03 -24.66 13.27
CA ARG I 100 14.67 -23.77 14.37
C ARG I 100 14.52 -24.49 15.71
N ILE I 101 14.82 -23.78 16.78
CA ILE I 101 14.72 -24.31 18.13
C ILE I 101 13.40 -23.87 18.75
N PRO I 102 12.58 -24.82 19.24
CA PRO I 102 11.31 -24.45 19.86
C PRO I 102 11.58 -23.59 21.10
N THR I 103 10.54 -22.96 21.63
CA THR I 103 10.72 -22.10 22.80
C THR I 103 10.25 -22.76 24.12
N ASP I 104 9.28 -23.67 24.03
CA ASP I 104 8.75 -24.33 25.21
C ASP I 104 9.53 -25.60 25.58
N ILE I 105 9.33 -26.07 26.80
CA ILE I 105 10.02 -27.26 27.27
C ILE I 105 9.66 -28.49 26.43
N GLU I 106 8.39 -28.61 26.05
CA GLU I 106 7.95 -29.76 25.27
C GLU I 106 8.78 -29.89 24.00
N GLY I 107 8.97 -28.79 23.30
CA GLY I 107 9.72 -28.82 22.06
C GLY I 107 11.23 -28.85 22.24
N GLN I 108 11.73 -28.17 23.26
CA GLN I 108 13.17 -28.15 23.45
C GLN I 108 13.74 -29.50 23.91
N ILE I 109 12.99 -30.23 24.74
CA ILE I 109 13.51 -31.50 25.21
C ILE I 109 13.76 -32.45 24.02
N GLY I 110 12.91 -32.37 23.00
CA GLY I 110 13.08 -33.22 21.84
C GLY I 110 14.23 -32.71 20.98
N TYR I 111 14.28 -31.39 20.86
CA TYR I 111 15.33 -30.77 20.08
C TYR I 111 16.72 -31.19 20.60
N TYR I 112 16.87 -31.24 21.92
CA TYR I 112 18.15 -31.59 22.53
C TYR I 112 18.33 -33.07 22.89
N CYS I 113 17.53 -33.94 22.28
CA CYS I 113 17.61 -35.37 22.56
C CYS I 113 17.81 -36.22 21.31
N ASN I 114 18.54 -37.33 21.46
CA ASN I 114 18.75 -38.24 20.33
C ASN I 114 18.21 -39.63 20.64
N ALA I 115 17.87 -39.87 21.90
CA ALA I 115 17.36 -41.18 22.31
C ALA I 115 16.31 -40.99 23.42
N ALA I 116 15.09 -41.44 23.17
CA ALA I 116 14.00 -41.29 24.13
C ALA I 116 14.00 -42.22 25.34
N GLU I 117 14.86 -43.23 25.36
CA GLU I 117 14.88 -44.13 26.52
C GLU I 117 15.46 -43.44 27.76
N THR I 118 16.20 -42.36 27.55
CA THR I 118 16.81 -41.62 28.66
C THR I 118 15.92 -40.52 29.20
N ALA I 119 15.56 -40.62 30.47
CA ALA I 119 14.72 -39.62 31.10
C ALA I 119 15.52 -38.69 31.99
N ILE I 120 15.16 -37.41 31.99
CA ILE I 120 15.85 -36.43 32.83
C ILE I 120 15.04 -36.40 34.14
N SER I 121 15.75 -36.57 35.25
CA SER I 121 15.09 -36.59 36.55
C SER I 121 15.74 -35.58 37.50
N PRO I 122 15.17 -35.42 38.71
CA PRO I 122 15.72 -34.47 39.69
C PRO I 122 17.15 -34.88 40.03
N GLY I 123 18.07 -33.92 39.98
CA GLY I 123 19.45 -34.22 40.31
C GLY I 123 20.31 -34.66 39.14
N THR I 124 19.69 -34.88 37.97
CA THR I 124 20.45 -35.30 36.80
C THR I 124 21.54 -34.31 36.43
N TRP I 125 21.21 -33.03 36.44
CA TRP I 125 22.17 -31.99 36.10
C TRP I 125 23.35 -31.97 37.08
N GLU I 126 23.04 -31.97 38.37
CA GLU I 126 24.06 -31.96 39.40
C GLU I 126 24.96 -33.20 39.30
N ALA I 127 24.33 -34.36 39.07
CA ALA I 127 25.07 -35.60 38.96
C ALA I 127 26.03 -35.54 37.77
N ALA I 128 25.52 -35.06 36.63
CA ALA I 128 26.33 -34.94 35.43
C ALA I 128 27.53 -34.02 35.63
N LEU I 129 27.36 -32.96 36.42
CA LEU I 129 28.47 -32.03 36.67
C LEU I 129 29.54 -32.71 37.52
N SER I 130 29.10 -33.49 38.51
CA SER I 130 30.05 -34.18 39.39
C SER I 130 30.83 -35.17 38.55
N SER I 131 30.14 -35.86 37.65
CA SER I 131 30.79 -36.84 36.79
C SER I 131 31.82 -36.12 35.90
N MET I 132 31.45 -34.94 35.40
CA MET I 132 32.34 -34.15 34.54
C MET I 132 33.59 -33.77 35.36
N ALA I 133 33.38 -33.39 36.62
CA ALA I 133 34.46 -33.02 37.51
C ALA I 133 35.47 -34.15 37.67
N SER I 134 34.98 -35.38 37.77
CA SER I 134 35.85 -36.55 37.92
C SER I 134 36.71 -36.73 36.67
N ALA I 135 36.14 -36.45 35.50
CA ALA I 135 36.90 -36.58 34.27
C ALA I 135 37.98 -35.50 34.21
N ILE I 136 37.61 -34.28 34.60
CA ILE I 136 38.56 -33.18 34.60
C ILE I 136 39.75 -33.45 35.53
N ASP I 137 39.48 -33.90 36.76
CA ASP I 137 40.56 -34.21 37.70
C ASP I 137 41.45 -35.35 37.22
N GLY I 138 40.82 -36.35 36.59
CA GLY I 138 41.58 -37.46 36.07
C GLY I 138 42.54 -36.92 35.04
N ALA I 139 42.05 -36.00 34.22
CA ALA I 139 42.87 -35.39 33.18
C ALA I 139 44.01 -34.57 33.78
N ASP I 140 43.76 -33.92 34.92
CA ASP I 140 44.81 -33.12 35.54
C ASP I 140 45.96 -34.01 36.01
N LEU I 141 45.64 -35.21 36.48
CA LEU I 141 46.69 -36.11 36.94
C LEU I 141 47.62 -36.45 35.78
N ILE I 142 47.02 -36.77 34.64
CA ILE I 142 47.79 -37.10 33.44
C ILE I 142 48.63 -35.91 33.00
N ALA I 143 48.07 -34.71 33.13
CA ALA I 143 48.79 -33.50 32.73
C ALA I 143 49.95 -33.24 33.69
N ALA I 144 49.81 -33.70 34.92
CA ALA I 144 50.84 -33.51 35.93
C ALA I 144 51.96 -34.54 35.81
N GLY I 145 51.71 -35.66 35.12
CA GLY I 145 52.76 -36.65 34.96
C GLY I 145 52.37 -38.10 35.19
N HIS I 146 51.20 -38.34 35.77
CA HIS I 146 50.77 -39.72 36.00
C HIS I 146 50.67 -40.45 34.67
N LYS I 147 51.10 -41.71 34.66
CA LYS I 147 51.08 -42.52 33.45
C LYS I 147 49.69 -43.10 33.22
N ALA I 148 48.86 -43.09 34.26
CA ALA I 148 47.51 -43.62 34.15
C ALA I 148 46.67 -43.13 35.31
N ALA I 149 45.35 -43.14 35.10
CA ALA I 149 44.42 -42.70 36.12
C ALA I 149 43.04 -43.21 35.73
N PHE I 150 42.15 -43.34 36.69
CA PHE I 150 40.81 -43.84 36.41
C PHE I 150 39.71 -42.95 36.94
N SER I 151 38.90 -42.43 36.02
CA SER I 151 37.78 -41.59 36.40
C SER I 151 36.50 -42.42 36.42
N LEU I 152 36.07 -42.77 37.63
CA LEU I 152 34.86 -43.56 37.79
C LEU I 152 33.68 -42.65 37.51
N CYS I 153 33.38 -42.43 36.24
CA CYS I 153 32.29 -41.53 35.89
C CYS I 153 30.91 -42.18 35.87
N ARG I 154 29.93 -41.41 36.34
CA ARG I 154 28.53 -41.82 36.35
C ARG I 154 27.71 -40.56 36.65
N PRO I 155 26.72 -40.26 35.79
CA PRO I 155 26.37 -41.00 34.57
C PRO I 155 27.46 -41.01 33.51
N PRO I 156 27.38 -41.95 32.56
CA PRO I 156 28.35 -42.07 31.46
C PRO I 156 28.22 -40.89 30.50
N GLY I 157 28.99 -40.88 29.41
CA GLY I 157 28.86 -39.74 28.52
C GLY I 157 29.10 -39.83 27.03
N HIS I 158 29.59 -40.96 26.52
CA HIS I 158 29.89 -41.01 25.10
C HIS I 158 28.72 -40.88 24.11
N HIS I 159 27.48 -40.90 24.58
CA HIS I 159 26.34 -40.74 23.68
C HIS I 159 25.87 -39.29 23.66
N ALA I 160 26.46 -38.47 24.53
CA ALA I 160 26.10 -37.06 24.58
C ALA I 160 26.88 -36.38 23.44
N GLY I 161 26.15 -35.85 22.47
CA GLY I 161 26.78 -35.19 21.34
C GLY I 161 26.96 -33.71 21.59
N ILE I 162 27.33 -32.97 20.56
CA ILE I 162 27.54 -31.54 20.73
C ILE I 162 26.37 -30.85 21.42
N ASP I 163 25.16 -31.10 20.93
CA ASP I 163 23.98 -30.47 21.50
C ASP I 163 22.80 -31.42 21.74
N MET I 164 23.09 -32.63 22.22
CA MET I 164 22.03 -33.58 22.46
C MET I 164 22.43 -34.61 23.51
N PHE I 165 21.45 -35.05 24.29
CA PHE I 165 21.66 -36.06 25.32
C PHE I 165 20.97 -37.34 24.88
N GLY I 166 21.32 -38.46 25.52
CA GLY I 166 20.72 -39.74 25.17
C GLY I 166 21.59 -40.88 25.61
N GLY I 167 21.08 -42.11 25.50
CA GLY I 167 21.86 -43.27 25.91
C GLY I 167 22.40 -43.15 27.32
N TYR I 168 21.59 -42.58 28.21
CA TYR I 168 21.94 -42.37 29.61
C TYR I 168 23.08 -41.38 29.83
N CYS I 169 23.42 -40.61 28.80
CA CYS I 169 24.50 -39.63 28.89
C CYS I 169 24.01 -38.20 28.72
N PHE I 170 24.64 -37.26 29.42
CA PHE I 170 24.26 -35.85 29.35
C PHE I 170 25.43 -34.92 29.04
N ILE I 171 26.57 -35.19 29.67
CA ILE I 171 27.75 -34.40 29.44
C ILE I 171 28.81 -35.40 29.02
N ASN I 172 29.51 -35.15 27.91
CA ASN I 172 30.50 -36.10 27.42
C ASN I 172 31.81 -36.05 28.19
N ASN I 173 31.88 -36.85 29.24
CA ASN I 173 33.06 -36.91 30.11
C ASN I 173 34.38 -37.14 29.35
N ALA I 174 34.42 -38.10 28.44
CA ALA I 174 35.66 -38.36 27.70
C ALA I 174 36.07 -37.12 26.93
N ALA I 175 35.13 -36.51 26.21
CA ALA I 175 35.43 -35.31 25.43
C ALA I 175 35.97 -34.21 26.32
N VAL I 176 35.34 -34.02 27.46
CA VAL I 176 35.78 -32.98 28.40
C VAL I 176 37.20 -33.26 28.88
N ALA I 177 37.50 -34.53 29.16
CA ALA I 177 38.83 -34.92 29.61
C ALA I 177 39.85 -34.62 28.52
N ALA I 178 39.55 -35.02 27.29
CA ALA I 178 40.46 -34.79 26.19
C ALA I 178 40.70 -33.29 26.01
N GLN I 179 39.63 -32.49 26.10
CA GLN I 179 39.76 -31.05 25.94
C GLN I 179 40.64 -30.50 27.04
N ARG I 180 40.48 -31.02 28.25
CA ARG I 180 41.26 -30.58 29.40
C ARG I 180 42.76 -30.80 29.17
N LEU I 181 43.12 -31.94 28.59
CA LEU I 181 44.51 -32.25 28.31
C LEU I 181 45.10 -31.31 27.29
N LEU I 182 44.26 -30.84 26.37
CA LEU I 182 44.73 -29.90 25.37
C LEU I 182 45.00 -28.57 26.03
N ASP I 183 44.09 -28.13 26.90
CA ASP I 183 44.24 -26.86 27.59
C ASP I 183 45.44 -26.86 28.53
N LYS I 184 45.91 -28.04 28.90
CA LYS I 184 47.05 -28.15 29.79
C LYS I 184 48.39 -28.13 29.07
N GLY I 185 48.37 -28.36 27.76
CA GLY I 185 49.62 -28.33 27.02
C GLY I 185 49.74 -29.27 25.84
N ALA I 186 48.87 -30.28 25.79
CA ALA I 186 48.91 -31.23 24.69
C ALA I 186 48.41 -30.56 23.41
N LYS I 187 48.92 -31.00 22.28
CA LYS I 187 48.49 -30.45 21.00
C LYS I 187 47.63 -31.50 20.29
N LYS I 188 47.87 -32.76 20.60
CA LYS I 188 47.12 -33.86 20.01
C LYS I 188 46.74 -34.88 21.06
N ILE I 189 45.47 -35.28 21.04
CA ILE I 189 44.94 -36.26 21.98
C ILE I 189 44.05 -37.25 21.23
N ALA I 190 43.99 -38.48 21.72
CA ALA I 190 43.16 -39.49 21.08
C ALA I 190 42.19 -40.06 22.10
N ILE I 191 41.00 -40.43 21.63
CA ILE I 191 40.03 -41.05 22.51
C ILE I 191 39.76 -42.42 21.92
N LEU I 192 39.87 -43.46 22.74
CA LEU I 192 39.63 -44.83 22.30
C LEU I 192 38.39 -45.32 23.06
N ASP I 193 37.32 -45.59 22.31
CA ASP I 193 36.04 -46.04 22.87
C ASP I 193 35.88 -47.57 22.73
N VAL I 194 36.12 -48.30 23.83
CA VAL I 194 36.04 -49.76 23.84
C VAL I 194 34.69 -50.28 24.36
N ASP I 195 33.82 -49.35 24.72
CA ASP I 195 32.49 -49.66 25.22
C ASP I 195 31.79 -50.39 24.05
N PHE I 196 30.84 -51.28 24.34
CA PHE I 196 30.19 -52.02 23.27
C PHE I 196 29.50 -51.14 22.24
N HIS I 197 28.87 -50.07 22.71
CA HIS I 197 28.15 -49.13 21.84
C HIS I 197 29.06 -48.10 21.20
N HIS I 198 28.70 -47.66 20.00
CA HIS I 198 29.49 -46.63 19.33
C HIS I 198 29.40 -45.33 20.12
N GLY I 199 30.52 -44.63 20.27
CA GLY I 199 30.52 -43.37 20.99
C GLY I 199 30.10 -42.27 20.02
N ASN I 200 28.84 -42.33 19.60
CA ASN I 200 28.31 -41.35 18.64
C ASN I 200 28.40 -39.91 19.10
N GLY I 201 28.22 -39.66 20.40
CA GLY I 201 28.31 -38.31 20.89
C GLY I 201 29.75 -37.81 20.81
N THR I 202 30.69 -38.66 21.20
CA THR I 202 32.09 -38.29 21.17
C THR I 202 32.53 -38.01 19.73
N GLN I 203 32.07 -38.85 18.80
CA GLN I 203 32.44 -38.69 17.39
C GLN I 203 31.91 -37.37 16.85
N ASP I 204 30.65 -37.07 17.19
CA ASP I 204 29.98 -35.85 16.77
C ASP I 204 30.78 -34.63 17.22
N ILE I 205 31.26 -34.66 18.46
CA ILE I 205 32.02 -33.54 19.00
C ILE I 205 33.35 -33.24 18.28
N PHE I 206 34.11 -34.28 17.96
CA PHE I 206 35.41 -34.09 17.33
C PHE I 206 35.47 -34.40 15.85
N TYR I 207 34.31 -34.58 15.22
CA TYR I 207 34.27 -34.93 13.80
C TYR I 207 34.98 -33.91 12.92
N GLU I 208 34.93 -32.64 13.31
CA GLU I 208 35.59 -31.62 12.51
C GLU I 208 36.79 -31.00 13.19
N ARG I 209 37.39 -31.72 14.13
CA ARG I 209 38.56 -31.23 14.81
C ARG I 209 39.78 -32.05 14.45
N GLY I 210 40.79 -31.38 13.91
CA GLY I 210 42.00 -32.07 13.50
C GLY I 210 42.95 -32.33 14.65
N ASP I 211 42.65 -31.79 15.83
CA ASP I 211 43.53 -31.97 16.98
C ASP I 211 43.17 -33.14 17.89
N VAL I 212 42.04 -33.79 17.63
CA VAL I 212 41.64 -34.93 18.44
C VAL I 212 41.27 -36.09 17.53
N PHE I 213 41.79 -37.27 17.82
CA PHE I 213 41.51 -38.48 17.02
C PHE I 213 40.53 -39.35 17.82
N PHE I 214 39.51 -39.86 17.14
CA PHE I 214 38.52 -40.70 17.78
C PHE I 214 38.44 -42.09 17.14
N ALA I 215 38.72 -43.13 17.93
CA ALA I 215 38.63 -44.50 17.43
C ALA I 215 37.61 -45.25 18.26
N SER I 216 36.72 -45.99 17.60
CA SER I 216 35.71 -46.73 18.34
C SER I 216 35.50 -48.15 17.83
N LEU I 217 35.39 -49.09 18.77
CA LEU I 217 35.12 -50.49 18.47
C LEU I 217 33.70 -50.69 19.02
N HIS I 218 32.81 -51.29 18.25
CA HIS I 218 31.43 -51.43 18.71
C HIS I 218 30.57 -52.36 17.85
N GLY I 219 29.40 -52.69 18.37
CA GLY I 219 28.47 -53.53 17.65
C GLY I 219 27.99 -52.77 16.43
N ASP I 220 27.90 -53.46 15.30
CA ASP I 220 27.45 -52.86 14.06
C ASP I 220 26.20 -52.03 14.29
N PRO I 221 26.22 -50.74 13.91
CA PRO I 221 25.04 -49.90 14.12
C PRO I 221 23.82 -50.35 13.33
N ALA I 222 24.03 -51.17 12.30
CA ALA I 222 22.93 -51.67 11.50
C ALA I 222 21.96 -52.47 12.36
N GLU I 223 22.45 -52.99 13.49
CA GLU I 223 21.61 -53.76 14.39
C GLU I 223 21.96 -53.53 15.86
N ALA I 224 22.40 -52.31 16.18
CA ALA I 224 22.75 -51.98 17.56
C ALA I 224 22.68 -50.48 17.84
N PHE I 225 22.23 -50.14 19.04
CA PHE I 225 22.13 -48.76 19.50
C PHE I 225 23.55 -48.19 19.35
N PRO I 226 23.69 -46.92 18.93
CA PRO I 226 22.69 -45.90 18.60
C PRO I 226 22.04 -46.00 17.22
N HIS I 227 22.37 -47.06 16.47
CA HIS I 227 21.77 -47.29 15.16
C HIS I 227 22.06 -46.31 14.03
N PHE I 228 22.25 -45.03 14.34
CA PHE I 228 22.44 -44.07 13.27
C PHE I 228 23.80 -43.42 13.09
N LEU I 229 24.84 -44.10 13.56
CA LEU I 229 26.20 -43.60 13.42
C LEU I 229 27.14 -44.72 13.88
N GLY I 230 28.36 -44.72 13.35
CA GLY I 230 29.31 -45.75 13.75
C GLY I 230 29.75 -46.62 12.60
N TYR I 231 29.38 -46.22 11.38
CA TYR I 231 29.75 -46.98 10.19
C TYR I 231 31.19 -46.67 9.82
N ALA I 232 31.89 -47.68 9.32
CA ALA I 232 33.29 -47.57 8.93
C ALA I 232 33.59 -46.41 7.97
N GLU I 233 32.61 -46.05 7.14
CA GLU I 233 32.75 -44.96 6.17
C GLU I 233 32.93 -43.58 6.81
N GLU I 234 32.55 -43.45 8.07
CA GLU I 234 32.68 -42.17 8.77
C GLU I 234 34.13 -41.99 9.23
N THR I 235 34.89 -41.20 8.49
CA THR I 235 36.29 -40.97 8.81
C THR I 235 36.64 -39.52 9.16
N GLY I 236 35.63 -38.67 9.19
CA GLY I 236 35.88 -37.27 9.52
C GLY I 236 35.41 -36.30 8.44
N LYS I 237 35.44 -35.02 8.77
CA LYS I 237 34.97 -34.02 7.83
C LYS I 237 35.68 -32.67 7.99
N GLY I 238 35.89 -32.00 6.86
CA GLY I 238 36.55 -30.71 6.86
C GLY I 238 37.85 -30.64 7.62
N ALA I 239 37.92 -29.72 8.57
CA ALA I 239 39.14 -29.55 9.36
C ALA I 239 39.53 -30.83 10.10
N GLY I 240 38.57 -31.74 10.28
CA GLY I 240 38.86 -32.98 10.98
C GLY I 240 38.86 -34.23 10.12
N ALA I 241 38.92 -34.07 8.81
CA ALA I 241 38.95 -35.22 7.90
C ALA I 241 40.07 -36.18 8.29
N GLY I 242 39.77 -37.48 8.29
CA GLY I 242 40.78 -38.47 8.63
C GLY I 242 41.03 -38.69 10.11
N THR I 243 40.23 -38.09 10.98
CA THR I 243 40.45 -38.28 12.42
C THR I 243 39.41 -39.12 13.15
N THR I 244 38.69 -39.96 12.41
CA THR I 244 37.71 -40.87 13.01
C THR I 244 37.89 -42.26 12.37
N ALA I 245 37.98 -43.28 13.22
CA ALA I 245 38.13 -44.65 12.76
C ALA I 245 37.12 -45.50 13.53
N ASN I 246 36.11 -45.99 12.82
CA ASN I 246 35.08 -46.83 13.42
C ASN I 246 35.32 -48.27 13.05
N TYR I 247 35.12 -49.16 14.02
CA TYR I 247 35.29 -50.58 13.79
C TYR I 247 34.03 -51.31 14.23
N PRO I 248 33.01 -51.35 13.37
CA PRO I 248 31.75 -52.03 13.68
C PRO I 248 31.92 -53.53 13.50
N MET I 249 31.43 -54.31 14.46
CA MET I 249 31.55 -55.77 14.38
C MET I 249 30.23 -56.47 14.65
N GLY I 250 30.08 -57.67 14.12
CA GLY I 250 28.85 -58.43 14.27
C GLY I 250 28.60 -59.19 15.56
N ARG I 251 27.50 -59.92 15.59
CA ARG I 251 27.10 -60.70 16.76
C ARG I 251 28.01 -61.89 17.03
N GLY I 252 28.33 -62.11 18.29
CA GLY I 252 29.19 -63.21 18.67
C GLY I 252 30.67 -62.92 18.59
N THR I 253 31.03 -61.67 18.28
CA THR I 253 32.43 -61.29 18.17
C THR I 253 33.24 -61.59 19.43
N PRO I 254 34.25 -62.47 19.33
CA PRO I 254 35.11 -62.82 20.46
C PRO I 254 36.38 -61.95 20.43
N TYR I 255 37.19 -62.04 21.48
CA TYR I 255 38.42 -61.25 21.53
C TYR I 255 39.34 -61.53 20.36
N SER I 256 39.24 -62.74 19.82
CA SER I 256 40.07 -63.14 18.68
C SER I 256 39.92 -62.15 17.54
N VAL I 257 38.70 -61.66 17.35
CA VAL I 257 38.42 -60.70 16.29
C VAL I 257 38.49 -59.27 16.80
N TRP I 258 37.96 -59.05 18.00
CA TRP I 258 37.93 -57.75 18.63
C TRP I 258 39.36 -57.22 18.82
N GLY I 259 40.23 -58.07 19.35
CA GLY I 259 41.61 -57.69 19.58
C GLY I 259 42.29 -57.24 18.30
N GLU I 260 41.91 -57.83 17.18
CA GLU I 260 42.53 -57.43 15.92
C GLU I 260 42.16 -55.97 15.62
N ALA I 261 40.90 -55.60 15.87
CA ALA I 261 40.46 -54.24 15.61
C ALA I 261 41.14 -53.28 16.59
N LEU I 262 41.38 -53.74 17.82
CA LEU I 262 42.03 -52.91 18.81
C LEU I 262 43.43 -52.54 18.32
N THR I 263 44.19 -53.55 17.89
CA THR I 263 45.54 -53.35 17.40
C THR I 263 45.56 -52.30 16.29
N ASP I 264 44.66 -52.43 15.33
CA ASP I 264 44.63 -51.46 14.24
C ASP I 264 44.28 -50.06 14.72
N SER I 265 43.32 -49.94 15.64
CA SER I 265 42.93 -48.64 16.16
C SER I 265 44.12 -47.96 16.84
N LEU I 266 44.92 -48.76 17.54
CA LEU I 266 46.09 -48.25 18.24
C LEU I 266 47.16 -47.80 17.23
N LYS I 267 47.26 -48.54 16.13
CA LYS I 267 48.22 -48.21 15.09
C LYS I 267 47.87 -46.85 14.50
N ARG I 268 46.58 -46.58 14.31
CA ARG I 268 46.15 -45.31 13.77
C ARG I 268 46.35 -44.18 14.76
N ILE I 269 46.15 -44.48 16.04
CA ILE I 269 46.35 -43.49 17.08
C ILE I 269 47.81 -43.05 17.12
N ALA I 270 48.72 -44.02 17.03
CA ALA I 270 50.15 -43.72 17.04
C ALA I 270 50.54 -42.88 15.82
N ALA I 271 50.05 -43.27 14.65
CA ALA I 271 50.33 -42.55 13.42
C ALA I 271 49.84 -41.11 13.54
N PHE I 272 48.70 -40.93 14.22
CA PHE I 272 48.11 -39.62 14.42
C PHE I 272 49.03 -38.74 15.26
N GLY I 273 49.75 -39.38 16.18
CA GLY I 273 50.66 -38.66 17.05
C GLY I 273 50.06 -38.24 18.37
N ALA I 274 49.16 -39.06 18.93
CA ALA I 274 48.54 -38.71 20.20
C ALA I 274 49.55 -38.65 21.34
N GLU I 275 49.42 -37.63 22.17
CA GLU I 275 50.30 -37.44 23.32
C GLU I 275 49.75 -38.16 24.54
N ALA I 276 48.48 -38.54 24.46
CA ALA I 276 47.84 -39.25 25.54
C ALA I 276 46.57 -39.86 24.96
N ILE I 277 46.03 -40.86 25.64
CA ILE I 277 44.83 -41.51 25.18
C ILE I 277 43.76 -41.55 26.25
N VAL I 278 42.59 -41.02 25.92
CA VAL I 278 41.47 -41.07 26.86
C VAL I 278 40.72 -42.32 26.44
N VAL I 279 40.59 -43.26 27.36
CA VAL I 279 39.91 -44.52 27.09
C VAL I 279 38.48 -44.51 27.63
N SER I 280 37.50 -44.56 26.73
CA SER I 280 36.11 -44.62 27.16
C SER I 280 35.87 -46.12 27.37
N LEU I 281 35.91 -46.53 28.63
CA LEU I 281 35.75 -47.93 28.99
C LEU I 281 34.35 -48.36 29.36
N GLY I 282 33.83 -49.31 28.60
CA GLY I 282 32.53 -49.86 28.88
C GLY I 282 32.80 -51.35 28.95
N VAL I 283 32.32 -52.01 29.99
CA VAL I 283 32.56 -53.43 30.06
C VAL I 283 31.32 -54.19 29.60
N ASP I 284 30.44 -53.50 28.89
CA ASP I 284 29.24 -54.16 28.40
C ASP I 284 29.52 -55.04 27.18
N THR I 285 30.80 -55.25 26.88
CA THR I 285 31.21 -56.13 25.79
C THR I 285 31.36 -57.55 26.33
N PHE I 286 31.18 -57.68 27.65
CA PHE I 286 31.27 -58.96 28.36
C PHE I 286 30.26 -59.95 27.79
N GLU I 287 30.64 -61.22 27.73
CA GLU I 287 29.78 -62.27 27.19
C GLU I 287 28.48 -62.49 27.97
N GLN I 288 28.48 -62.13 29.24
CA GLN I 288 27.27 -62.30 30.04
C GLN I 288 26.45 -61.03 30.17
N ASP I 289 26.88 -59.97 29.49
CA ASP I 289 26.14 -58.72 29.55
C ASP I 289 24.90 -58.86 28.64
N PRO I 290 23.71 -58.67 29.21
CA PRO I 290 22.44 -58.78 28.49
C PRO I 290 22.16 -57.76 27.37
N ILE I 291 22.74 -56.57 27.47
CA ILE I 291 22.49 -55.54 26.45
C ILE I 291 23.43 -55.57 25.24
N SER I 292 24.40 -56.48 25.22
CA SER I 292 25.32 -56.56 24.09
C SER I 292 25.37 -57.94 23.47
N PHE I 293 25.98 -58.04 22.29
CA PHE I 293 26.10 -59.32 21.61
C PHE I 293 27.55 -59.74 21.31
N PHE I 294 28.50 -59.18 22.07
CA PHE I 294 29.90 -59.55 21.90
C PHE I 294 30.20 -60.62 22.94
N LYS I 295 31.33 -61.31 22.80
CA LYS I 295 31.64 -62.36 23.76
C LYS I 295 33.03 -62.29 24.39
N LEU I 296 33.34 -61.19 25.05
CA LEU I 296 34.62 -61.07 25.73
C LEU I 296 34.52 -61.73 27.10
N THR I 297 35.63 -62.28 27.59
CA THR I 297 35.68 -62.94 28.89
C THR I 297 36.37 -62.02 29.88
N SER I 298 36.21 -62.29 31.18
CA SER I 298 36.84 -61.44 32.18
C SER I 298 38.35 -61.31 31.99
N PRO I 299 39.03 -62.42 31.63
CA PRO I 299 40.48 -62.33 31.43
C PRO I 299 40.86 -61.45 30.22
N ASP I 300 39.98 -61.39 29.23
CA ASP I 300 40.25 -60.57 28.05
C ASP I 300 40.46 -59.10 28.43
N TYR I 301 39.84 -58.66 29.51
CA TYR I 301 39.97 -57.27 29.96
C TYR I 301 41.37 -56.97 30.44
N ILE I 302 42.09 -58.00 30.89
CA ILE I 302 43.46 -57.79 31.35
C ILE I 302 44.34 -57.62 30.12
N THR I 303 44.09 -58.44 29.10
CA THR I 303 44.87 -58.36 27.86
C THR I 303 44.63 -56.98 27.24
N MET I 304 43.35 -56.60 27.14
CA MET I 304 42.94 -55.31 26.57
C MET I 304 43.67 -54.15 27.22
N GLY I 305 43.62 -54.11 28.55
CA GLY I 305 44.27 -53.03 29.27
C GLY I 305 45.77 -52.98 29.03
N ARG I 306 46.38 -54.16 28.95
CA ARG I 306 47.82 -54.27 28.73
C ARG I 306 48.18 -53.79 27.33
N THR I 307 47.39 -54.22 26.34
CA THR I 307 47.64 -53.83 24.97
C THR I 307 47.52 -52.32 24.80
N ILE I 308 46.52 -51.73 25.44
CA ILE I 308 46.33 -50.28 25.33
C ILE I 308 47.48 -49.54 26.00
N ALA I 309 47.91 -50.02 27.16
CA ALA I 309 49.01 -49.37 27.88
C ALA I 309 50.31 -49.51 27.08
N ALA I 310 50.40 -50.56 26.27
CA ALA I 310 51.60 -50.79 25.46
C ALA I 310 51.78 -49.70 24.40
N SER I 311 50.81 -48.80 24.31
CA SER I 311 50.88 -47.71 23.34
C SER I 311 52.08 -46.83 23.69
N GLY I 312 52.37 -46.74 24.99
CA GLY I 312 53.50 -45.95 25.42
C GLY I 312 53.16 -44.53 25.82
N VAL I 313 51.90 -44.15 25.73
CA VAL I 313 51.50 -42.80 26.11
C VAL I 313 50.59 -42.88 27.34
N PRO I 314 50.49 -41.78 28.10
CA PRO I 314 49.66 -41.74 29.30
C PRO I 314 48.22 -42.11 28.94
N LEU I 315 47.53 -42.75 29.87
CA LEU I 315 46.16 -43.17 29.64
C LEU I 315 45.24 -42.69 30.77
N LEU I 316 44.08 -42.18 30.38
CA LEU I 316 43.07 -41.77 31.34
C LEU I 316 41.87 -42.64 31.01
N VAL I 317 41.48 -43.52 31.93
CA VAL I 317 40.35 -44.40 31.71
C VAL I 317 39.10 -43.73 32.29
N VAL I 318 38.08 -43.60 31.45
CA VAL I 318 36.82 -42.97 31.84
C VAL I 318 35.69 -44.01 31.74
N MET I 319 35.00 -44.23 32.84
CA MET I 319 33.92 -45.21 32.88
C MET I 319 32.75 -44.87 31.97
N GLU I 320 32.30 -45.85 31.20
CA GLU I 320 31.15 -45.65 30.31
C GLU I 320 30.08 -46.66 30.70
N GLY I 321 29.75 -47.58 29.79
CA GLY I 321 28.72 -48.56 30.05
C GLY I 321 29.09 -49.86 30.76
N GLY I 322 28.14 -50.79 30.76
CA GLY I 322 28.33 -52.08 31.42
C GLY I 322 27.21 -52.17 32.42
N TYR I 323 26.33 -53.15 32.28
CA TYR I 323 25.21 -53.25 33.18
C TYR I 323 24.91 -54.64 33.69
N GLY I 324 23.99 -54.68 34.67
CA GLY I 324 23.55 -55.95 35.24
C GLY I 324 24.53 -56.79 36.03
N VAL I 325 25.07 -57.80 35.37
CA VAL I 325 26.00 -58.76 35.96
C VAL I 325 26.90 -58.22 37.06
N PRO I 326 27.10 -59.01 38.13
CA PRO I 326 27.95 -58.57 39.23
C PRO I 326 29.43 -58.55 38.83
N GLU I 327 29.73 -59.11 37.67
CA GLU I 327 31.10 -59.14 37.17
C GLU I 327 31.52 -57.79 36.57
N ILE I 328 30.63 -56.81 36.64
CA ILE I 328 30.93 -55.50 36.09
C ILE I 328 32.17 -54.88 36.74
N GLY I 329 32.28 -54.99 38.05
CA GLY I 329 33.43 -54.43 38.75
C GLY I 329 34.69 -55.22 38.48
N LEU I 330 34.56 -56.54 38.48
CA LEU I 330 35.69 -57.42 38.23
C LEU I 330 36.32 -57.11 36.88
N ASN I 331 35.46 -56.93 35.87
CA ASN I 331 35.93 -56.64 34.53
C ASN I 331 36.63 -55.28 34.41
N VAL I 332 36.12 -54.29 35.14
CA VAL I 332 36.75 -52.96 35.10
C VAL I 332 38.10 -53.02 35.78
N ALA I 333 38.16 -53.71 36.93
CA ALA I 333 39.40 -53.84 37.67
C ALA I 333 40.43 -54.58 36.81
N ASN I 334 40.00 -55.57 36.05
CA ASN I 334 40.91 -56.32 35.20
C ASN I 334 41.58 -55.40 34.17
N VAL I 335 40.81 -54.49 33.57
CA VAL I 335 41.36 -53.56 32.59
C VAL I 335 42.45 -52.71 33.27
N LEU I 336 42.15 -52.24 34.47
CA LEU I 336 43.11 -51.42 35.23
C LEU I 336 44.35 -52.22 35.64
N LYS I 337 44.18 -53.52 35.87
CA LYS I 337 45.31 -54.37 36.24
C LYS I 337 46.24 -54.50 35.03
N GLY I 338 45.63 -54.68 33.85
CA GLY I 338 46.41 -54.82 32.64
C GLY I 338 47.17 -53.54 32.35
N VAL I 339 46.52 -52.41 32.55
CA VAL I 339 47.13 -51.11 32.32
C VAL I 339 48.24 -50.85 33.34
N ALA I 340 47.96 -51.11 34.61
CA ALA I 340 48.92 -50.90 35.68
C ALA I 340 50.17 -51.79 35.49
N GLY I 341 49.96 -52.97 34.93
CA GLY I 341 51.07 -53.87 34.70
C GLY I 341 51.72 -54.37 35.98
N MET J 1 15.22 -74.08 -18.44
CA MET J 1 14.55 -72.98 -17.70
C MET J 1 13.37 -72.45 -18.50
N ARG J 2 12.32 -72.05 -17.80
CA ARG J 2 11.15 -71.51 -18.45
C ARG J 2 11.45 -70.17 -19.09
N VAL J 3 10.74 -69.85 -20.16
CA VAL J 3 10.91 -68.60 -20.89
C VAL J 3 9.62 -67.80 -20.89
N ILE J 4 9.65 -66.61 -20.30
CA ILE J 4 8.48 -65.74 -20.24
C ILE J 4 8.55 -64.79 -21.44
N PHE J 5 7.52 -64.83 -22.28
CA PHE J 5 7.51 -64.00 -23.49
C PHE J 5 6.09 -63.56 -23.85
N SER J 6 5.93 -62.26 -24.09
CA SER J 6 4.62 -61.72 -24.46
C SER J 6 4.64 -61.30 -25.92
N GLU J 7 3.60 -61.67 -26.64
CA GLU J 7 3.49 -61.30 -28.06
C GLU J 7 3.11 -59.83 -28.19
N ASP J 8 2.72 -59.20 -27.08
CA ASP J 8 2.35 -57.79 -27.11
C ASP J 8 3.54 -56.85 -27.26
N HIS J 9 4.73 -57.40 -27.38
CA HIS J 9 5.91 -56.58 -27.54
C HIS J 9 5.78 -55.90 -28.90
N LYS J 10 5.14 -56.59 -29.84
CA LYS J 10 4.94 -56.08 -31.20
C LYS J 10 4.22 -54.74 -31.22
N LEU J 11 3.46 -54.44 -30.17
CA LEU J 11 2.74 -53.17 -30.09
C LEU J 11 3.75 -52.02 -30.19
N ARG J 12 4.98 -52.29 -29.79
CA ARG J 12 6.04 -51.31 -29.87
C ARG J 12 6.72 -51.50 -31.22
N ASN J 13 6.37 -50.67 -32.20
CA ASN J 13 6.94 -50.77 -33.53
C ASN J 13 7.09 -49.37 -34.13
N ALA J 14 7.95 -48.57 -33.52
CA ALA J 14 8.19 -47.20 -33.95
C ALA J 14 8.70 -47.14 -35.38
N LYS J 15 8.31 -46.09 -36.10
CA LYS J 15 8.71 -45.93 -37.50
C LYS J 15 10.03 -45.19 -37.64
N THR J 16 10.39 -44.39 -36.64
CA THR J 16 11.62 -43.62 -36.73
C THR J 16 12.52 -43.62 -35.52
N GLU J 17 13.78 -43.28 -35.78
CA GLU J 17 14.80 -43.20 -34.75
C GLU J 17 15.79 -42.15 -35.26
N LEU J 18 16.20 -41.25 -34.37
CA LEU J 18 17.15 -40.22 -34.76
C LEU J 18 18.56 -40.81 -34.65
N TYR J 19 19.22 -40.97 -35.79
CA TYR J 19 20.58 -41.53 -35.84
C TYR J 19 21.40 -40.85 -36.93
N GLY J 20 22.57 -40.34 -36.56
CA GLY J 20 23.44 -39.69 -37.53
C GLY J 20 22.80 -38.47 -38.16
N GLY J 21 21.89 -37.81 -37.43
CA GLY J 21 21.25 -36.62 -37.96
C GLY J 21 20.11 -36.93 -38.92
N GLU J 22 19.59 -38.15 -38.88
CA GLU J 22 18.50 -38.54 -39.76
C GLU J 22 17.48 -39.41 -39.03
N LEU J 23 16.27 -39.45 -39.58
CA LEU J 23 15.21 -40.28 -39.01
C LEU J 23 15.23 -41.59 -39.81
N VAL J 24 15.85 -42.61 -39.23
CA VAL J 24 15.96 -43.90 -39.88
C VAL J 24 15.10 -44.95 -39.16
N PRO J 25 14.87 -46.11 -39.81
CA PRO J 25 14.06 -47.16 -39.18
C PRO J 25 14.71 -47.61 -37.88
N PRO J 26 13.92 -47.71 -36.80
CA PRO J 26 14.43 -48.13 -35.49
C PRO J 26 15.25 -49.42 -35.50
N PHE J 27 16.39 -49.38 -34.79
CA PHE J 27 17.27 -50.54 -34.71
C PHE J 27 16.68 -51.55 -33.72
N GLU J 28 15.87 -51.07 -32.79
CA GLU J 28 15.24 -51.95 -31.82
C GLU J 28 13.87 -52.35 -32.39
N ALA J 29 13.88 -53.22 -33.39
CA ALA J 29 12.66 -53.66 -34.04
C ALA J 29 12.12 -54.99 -33.52
N PRO J 30 10.82 -55.25 -33.74
CA PRO J 30 10.15 -56.48 -33.30
C PRO J 30 10.85 -57.78 -33.69
N PHE J 31 11.43 -57.85 -34.90
CA PHE J 31 12.08 -59.08 -35.32
C PHE J 31 13.14 -59.60 -34.33
N ARG J 32 13.75 -58.70 -33.57
CA ARG J 32 14.78 -59.10 -32.60
C ARG J 32 14.21 -60.14 -31.64
N ALA J 33 12.99 -59.90 -31.15
CA ALA J 33 12.35 -60.82 -30.23
C ALA J 33 12.08 -62.15 -30.93
N GLU J 34 11.62 -62.09 -32.18
CA GLU J 34 11.33 -63.31 -32.94
C GLU J 34 12.57 -64.16 -33.12
N TRP J 35 13.65 -63.54 -33.60
CA TRP J 35 14.89 -64.25 -33.82
C TRP J 35 15.39 -64.88 -32.53
N ILE J 36 15.32 -64.14 -31.43
CA ILE J 36 15.77 -64.64 -30.14
C ILE J 36 14.89 -65.80 -29.66
N LEU J 37 13.59 -65.63 -29.77
CA LEU J 37 12.64 -66.65 -29.35
C LEU J 37 12.89 -67.97 -30.08
N ALA J 38 13.05 -67.89 -31.40
CA ALA J 38 13.27 -69.08 -32.21
C ALA J 38 14.60 -69.76 -31.86
N ALA J 39 15.61 -68.97 -31.54
CA ALA J 39 16.91 -69.51 -31.19
C ALA J 39 16.90 -70.27 -29.87
N VAL J 40 16.25 -69.72 -28.85
CA VAL J 40 16.23 -70.40 -27.56
C VAL J 40 15.44 -71.70 -27.66
N LYS J 41 14.37 -71.70 -28.46
CA LYS J 41 13.55 -72.91 -28.61
C LYS J 41 14.37 -74.04 -29.24
N GLU J 42 15.04 -73.73 -30.34
CA GLU J 42 15.85 -74.73 -31.03
C GLU J 42 16.99 -75.20 -30.15
N ALA J 43 17.26 -74.44 -29.10
CA ALA J 43 18.33 -74.78 -28.18
C ALA J 43 17.82 -75.73 -27.09
N GLY J 44 16.50 -75.92 -27.05
CA GLY J 44 15.92 -76.82 -26.06
C GLY J 44 14.96 -76.12 -25.11
N PHE J 45 15.03 -74.80 -25.04
CA PHE J 45 14.16 -74.04 -24.16
C PHE J 45 12.84 -73.78 -24.87
N ASP J 46 12.03 -74.83 -25.00
CA ASP J 46 10.75 -74.73 -25.68
C ASP J 46 9.56 -74.54 -24.76
N ASP J 47 9.82 -74.30 -23.47
CA ASP J 47 8.73 -74.08 -22.53
C ASP J 47 8.51 -72.57 -22.38
N VAL J 48 7.82 -72.01 -23.37
CA VAL J 48 7.54 -70.58 -23.42
C VAL J 48 6.13 -70.28 -22.93
N VAL J 49 6.02 -69.46 -21.90
CA VAL J 49 4.70 -69.11 -21.38
C VAL J 49 4.51 -67.60 -21.43
N ALA J 50 3.27 -67.17 -21.64
CA ALA J 50 2.97 -65.76 -21.70
C ALA J 50 2.79 -65.23 -20.27
N PRO J 51 3.15 -63.95 -20.03
CA PRO J 51 3.03 -63.33 -18.72
C PRO J 51 1.58 -63.22 -18.28
N ALA J 52 1.35 -63.22 -16.96
CA ALA J 52 0.01 -63.08 -16.42
C ALA J 52 -0.28 -61.58 -16.30
N ARG J 53 -1.51 -61.24 -15.95
CA ARG J 53 -1.88 -59.83 -15.80
C ARG J 53 -1.29 -59.31 -14.49
N HIS J 54 -0.70 -58.12 -14.52
CA HIS J 54 -0.09 -57.51 -13.34
C HIS J 54 -0.40 -56.03 -13.19
N GLY J 55 -0.53 -55.58 -11.94
CA GLY J 55 -0.83 -54.17 -11.69
C GLY J 55 0.44 -53.32 -11.68
N LEU J 56 0.33 -52.09 -11.18
CA LEU J 56 1.46 -51.17 -11.15
C LEU J 56 2.14 -51.04 -9.80
N GLU J 57 1.69 -51.80 -8.80
CA GLU J 57 2.29 -51.73 -7.47
C GLU J 57 3.81 -51.89 -7.49
N THR J 58 4.29 -52.92 -8.17
CA THR J 58 5.74 -53.15 -8.20
C THR J 58 6.52 -52.03 -8.88
N VAL J 59 6.12 -51.68 -10.09
CA VAL J 59 6.82 -50.64 -10.83
C VAL J 59 6.78 -49.29 -10.12
N LEU J 60 5.70 -49.03 -9.38
CA LEU J 60 5.58 -47.76 -8.66
C LEU J 60 6.56 -47.67 -7.48
N LYS J 61 7.31 -48.73 -7.23
CA LYS J 61 8.30 -48.71 -6.15
C LYS J 61 9.69 -48.38 -6.66
N VAL J 62 9.84 -48.34 -7.97
CA VAL J 62 11.15 -48.03 -8.57
C VAL J 62 11.10 -46.83 -9.52
N HIS J 63 9.92 -46.54 -10.09
CA HIS J 63 9.77 -45.42 -11.00
C HIS J 63 8.88 -44.34 -10.41
N ASP J 64 9.15 -43.09 -10.78
CA ASP J 64 8.38 -41.95 -10.33
C ASP J 64 6.96 -42.05 -10.89
N ALA J 65 5.96 -41.75 -10.07
CA ALA J 65 4.56 -41.81 -10.49
C ALA J 65 4.23 -40.81 -11.60
N GLY J 66 4.82 -39.63 -11.53
CA GLY J 66 4.59 -38.61 -12.54
C GLY J 66 5.12 -39.08 -13.88
N TYR J 67 6.25 -39.77 -13.84
CA TYR J 67 6.88 -40.31 -15.05
C TYR J 67 5.97 -41.34 -15.70
N LEU J 68 5.46 -42.27 -14.90
CA LEU J 68 4.57 -43.31 -15.42
C LEU J 68 3.28 -42.71 -15.97
N ASN J 69 2.74 -41.73 -15.26
CA ASN J 69 1.52 -41.07 -15.69
C ASN J 69 1.78 -40.42 -17.06
N PHE J 70 2.94 -39.81 -17.20
CA PHE J 70 3.33 -39.17 -18.46
C PHE J 70 3.43 -40.19 -19.61
N LEU J 71 4.03 -41.34 -19.33
CA LEU J 71 4.17 -42.37 -20.34
C LEU J 71 2.85 -42.92 -20.87
N GLU J 72 1.87 -43.05 -20.00
CA GLU J 72 0.59 -43.59 -20.40
C GLU J 72 -0.15 -42.74 -21.43
N THR J 73 -0.05 -41.42 -21.30
CA THR J 73 -0.75 -40.56 -22.23
C THR J 73 0.14 -39.72 -23.15
N ALA J 74 1.43 -39.99 -23.14
CA ALA J 74 2.36 -39.24 -23.96
C ALA J 74 1.95 -39.20 -25.43
N TRP J 75 1.75 -40.36 -26.04
CA TRP J 75 1.36 -40.40 -27.44
C TRP J 75 0.06 -39.65 -27.73
N ASP J 76 -0.97 -39.88 -26.91
CA ASP J 76 -2.23 -39.20 -27.13
C ASP J 76 -2.07 -37.68 -27.12
N ARG J 77 -1.41 -37.14 -26.09
CA ARG J 77 -1.24 -35.70 -26.02
C ARG J 77 -0.45 -35.16 -27.22
N TRP J 78 0.60 -35.86 -27.62
CA TRP J 78 1.41 -35.44 -28.76
C TRP J 78 0.58 -35.36 -30.03
N LYS J 79 -0.29 -36.35 -30.21
CA LYS J 79 -1.16 -36.39 -31.37
C LYS J 79 -2.18 -35.26 -31.29
N ALA J 80 -2.79 -35.08 -30.13
CA ALA J 80 -3.79 -34.02 -29.93
C ALA J 80 -3.19 -32.63 -30.14
N ALA J 81 -1.86 -32.53 -30.01
CA ALA J 81 -1.18 -31.26 -30.18
C ALA J 81 -1.13 -30.91 -31.67
N GLY J 82 -1.24 -31.93 -32.53
CA GLY J 82 -1.23 -31.71 -33.95
C GLY J 82 0.08 -32.03 -34.67
N TYR J 83 1.01 -32.67 -33.98
CA TYR J 83 2.28 -33.01 -34.62
C TYR J 83 2.11 -34.22 -35.53
N LYS J 84 2.80 -34.19 -36.66
CA LYS J 84 2.72 -35.25 -37.67
C LYS J 84 3.70 -36.41 -37.50
N GLY J 85 4.81 -36.19 -36.81
CA GLY J 85 5.77 -37.26 -36.62
C GLY J 85 5.57 -37.95 -35.29
N GLU J 86 6.50 -38.83 -34.93
CA GLU J 86 6.41 -39.55 -33.66
C GLU J 86 6.89 -38.63 -32.54
N ALA J 87 6.52 -38.93 -31.29
CA ALA J 87 6.90 -38.10 -30.15
C ALA J 87 8.39 -38.13 -29.84
N ILE J 88 9.07 -37.05 -30.22
CA ILE J 88 10.51 -36.94 -30.01
C ILE J 88 10.85 -35.68 -29.23
N ALA J 89 11.55 -35.85 -28.12
CA ALA J 89 11.95 -34.73 -27.26
C ALA J 89 13.06 -33.90 -27.89
N THR J 90 13.00 -32.59 -27.70
CA THR J 90 14.02 -31.69 -28.24
C THR J 90 14.66 -30.82 -27.15
N SER J 91 13.86 -30.37 -26.19
CA SER J 91 14.37 -29.53 -25.10
C SER J 91 14.56 -30.34 -23.82
N PHE J 92 15.75 -30.27 -23.23
CA PHE J 92 16.04 -31.03 -22.01
C PHE J 92 16.52 -30.17 -20.84
N PRO J 93 16.22 -30.61 -19.60
CA PRO J 93 16.65 -29.85 -18.41
C PRO J 93 18.08 -30.21 -18.07
N VAL J 94 19.02 -29.54 -18.73
CA VAL J 94 20.43 -29.80 -18.52
C VAL J 94 21.01 -28.93 -17.40
N ARG J 95 22.31 -28.69 -17.48
CA ARG J 95 23.03 -27.89 -16.49
C ARG J 95 22.40 -26.55 -16.16
N ARG J 96 22.36 -26.23 -14.87
CA ARG J 96 21.87 -24.96 -14.38
C ARG J 96 20.47 -24.53 -14.87
N THR J 97 19.54 -25.46 -14.92
CA THR J 97 18.18 -25.17 -15.32
C THR J 97 17.27 -25.33 -14.10
N SER J 98 16.03 -24.88 -14.24
CA SER J 98 15.06 -24.97 -13.17
C SER J 98 14.61 -26.42 -12.99
N PRO J 99 14.24 -26.80 -11.76
CA PRO J 99 13.79 -28.16 -11.45
C PRO J 99 12.28 -28.29 -11.68
N ARG J 100 11.63 -27.19 -12.05
CA ARG J 100 10.18 -27.21 -12.28
C ARG J 100 9.79 -28.07 -13.48
N ILE J 101 8.59 -28.63 -13.40
CA ILE J 101 8.07 -29.48 -14.46
C ILE J 101 7.09 -28.68 -15.35
N PRO J 102 7.30 -28.70 -16.68
CA PRO J 102 6.42 -27.97 -17.60
C PRO J 102 5.00 -28.54 -17.54
N THR J 103 4.02 -27.80 -18.02
CA THR J 103 2.64 -28.26 -17.98
C THR J 103 2.14 -28.86 -19.30
N ASP J 104 2.77 -28.50 -20.42
CA ASP J 104 2.35 -29.01 -21.72
C ASP J 104 3.20 -30.19 -22.21
N ILE J 105 2.66 -30.90 -23.21
CA ILE J 105 3.34 -32.07 -23.77
C ILE J 105 4.74 -31.72 -24.28
N GLU J 106 4.86 -30.58 -24.97
CA GLU J 106 6.14 -30.16 -25.52
C GLU J 106 7.25 -30.11 -24.47
N GLY J 107 6.95 -29.50 -23.33
CA GLY J 107 7.93 -29.40 -22.26
C GLY J 107 8.11 -30.67 -21.45
N GLN J 108 7.03 -31.43 -21.26
CA GLN J 108 7.16 -32.65 -20.46
C GLN J 108 7.93 -33.76 -21.14
N ILE J 109 7.80 -33.89 -22.46
CA ILE J 109 8.53 -34.96 -23.13
C ILE J 109 10.03 -34.81 -22.92
N GLY J 110 10.51 -33.56 -22.88
CA GLY J 110 11.92 -33.32 -22.66
C GLY J 110 12.27 -33.57 -21.21
N TYR J 111 11.41 -33.12 -20.32
CA TYR J 111 11.63 -33.29 -18.89
C TYR J 111 11.82 -34.77 -18.52
N TYR J 112 10.98 -35.63 -19.09
CA TYR J 112 11.02 -37.06 -18.80
C TYR J 112 11.90 -37.91 -19.73
N CYS J 113 12.81 -37.26 -20.46
CA CYS J 113 13.67 -37.96 -21.40
C CYS J 113 15.15 -37.65 -21.21
N ASN J 114 16.01 -38.64 -21.45
CA ASN J 114 17.46 -38.44 -21.32
C ASN J 114 18.19 -38.68 -22.66
N ALA J 115 17.47 -39.20 -23.65
CA ALA J 115 18.05 -39.47 -24.97
C ALA J 115 16.99 -39.30 -26.07
N ALA J 116 17.17 -38.31 -26.93
CA ALA J 116 16.22 -38.01 -27.99
C ALA J 116 16.14 -38.96 -29.18
N GLU J 117 17.02 -39.97 -29.22
CA GLU J 117 16.97 -40.92 -30.32
C GLU J 117 15.79 -41.85 -30.19
N THR J 118 15.21 -41.91 -28.99
CA THR J 118 14.08 -42.77 -28.73
C THR J 118 12.76 -42.00 -28.85
N ALA J 119 11.91 -42.44 -29.78
CA ALA J 119 10.61 -41.80 -29.98
C ALA J 119 9.50 -42.63 -29.38
N ILE J 120 8.42 -41.96 -28.97
CA ILE J 120 7.26 -42.65 -28.40
C ILE J 120 6.25 -42.76 -29.54
N SER J 121 5.64 -43.92 -29.68
CA SER J 121 4.70 -44.16 -30.75
C SER J 121 3.48 -44.92 -30.24
N PRO J 122 2.44 -45.06 -31.08
CA PRO J 122 1.23 -45.79 -30.65
C PRO J 122 1.65 -47.16 -30.16
N GLY J 123 1.07 -47.61 -29.04
CA GLY J 123 1.39 -48.92 -28.51
C GLY J 123 2.65 -49.05 -27.67
N THR J 124 3.42 -47.97 -27.52
CA THR J 124 4.64 -48.04 -26.72
C THR J 124 4.32 -48.34 -25.27
N TRP J 125 3.36 -47.61 -24.70
CA TRP J 125 2.98 -47.81 -23.32
C TRP J 125 2.49 -49.25 -23.10
N GLU J 126 1.50 -49.67 -23.87
CA GLU J 126 0.96 -51.02 -23.75
C GLU J 126 2.08 -52.07 -23.85
N ALA J 127 2.99 -51.88 -24.81
CA ALA J 127 4.09 -52.79 -25.02
C ALA J 127 5.05 -52.82 -23.83
N ALA J 128 5.36 -51.66 -23.28
CA ALA J 128 6.26 -51.59 -22.13
C ALA J 128 5.65 -52.32 -20.94
N LEU J 129 4.34 -52.29 -20.82
CA LEU J 129 3.69 -52.99 -19.70
C LEU J 129 3.80 -54.50 -19.87
N SER J 130 3.72 -54.98 -21.11
CA SER J 130 3.82 -56.42 -21.35
C SER J 130 5.24 -56.89 -21.06
N SER J 131 6.22 -56.05 -21.39
CA SER J 131 7.62 -56.39 -21.15
C SER J 131 7.87 -56.44 -19.64
N MET J 132 7.26 -55.51 -18.91
CA MET J 132 7.39 -55.46 -17.45
C MET J 132 6.78 -56.73 -16.86
N ALA J 133 5.61 -57.10 -17.40
CA ALA J 133 4.90 -58.30 -16.96
C ALA J 133 5.79 -59.54 -17.08
N SER J 134 6.54 -59.64 -18.17
CA SER J 134 7.43 -60.78 -18.37
C SER J 134 8.51 -60.77 -17.29
N ALA J 135 8.98 -59.57 -16.93
CA ALA J 135 10.00 -59.45 -15.90
C ALA J 135 9.43 -59.91 -14.57
N ILE J 136 8.23 -59.45 -14.26
CA ILE J 136 7.57 -59.81 -13.00
C ILE J 136 7.32 -61.32 -12.90
N ASP J 137 6.78 -61.92 -13.96
CA ASP J 137 6.51 -63.36 -13.95
C ASP J 137 7.80 -64.17 -13.78
N GLY J 138 8.82 -63.75 -14.50
CA GLY J 138 10.10 -64.42 -14.40
C GLY J 138 10.59 -64.35 -12.98
N ALA J 139 10.37 -63.21 -12.33
CA ALA J 139 10.80 -63.02 -10.95
C ALA J 139 10.02 -63.94 -10.00
N ASP J 140 8.74 -64.14 -10.29
CA ASP J 140 7.92 -65.01 -9.46
C ASP J 140 8.36 -66.46 -9.53
N LEU J 141 9.00 -66.85 -10.62
CA LEU J 141 9.48 -68.23 -10.77
C LEU J 141 10.66 -68.44 -9.84
N ILE J 142 11.56 -67.45 -9.82
CA ILE J 142 12.73 -67.51 -8.96
C ILE J 142 12.29 -67.53 -7.50
N ALA J 143 11.25 -66.77 -7.19
CA ALA J 143 10.73 -66.72 -5.83
C ALA J 143 10.00 -68.01 -5.47
N ALA J 144 9.68 -68.80 -6.49
CA ALA J 144 8.98 -70.07 -6.28
C ALA J 144 9.97 -71.23 -6.15
N GLY J 145 11.26 -70.95 -6.26
CA GLY J 145 12.24 -72.00 -6.13
C GLY J 145 13.05 -72.36 -7.37
N HIS J 146 12.69 -71.81 -8.52
CA HIS J 146 13.42 -72.09 -9.75
C HIS J 146 14.83 -71.54 -9.68
N LYS J 147 15.80 -72.33 -10.15
CA LYS J 147 17.20 -71.92 -10.14
C LYS J 147 17.49 -70.88 -11.22
N ALA J 148 16.65 -70.83 -12.24
CA ALA J 148 16.85 -69.89 -13.31
C ALA J 148 15.60 -69.73 -14.17
N ALA J 149 15.55 -68.63 -14.90
CA ALA J 149 14.43 -68.33 -15.78
C ALA J 149 14.84 -67.21 -16.73
N PHE J 150 14.21 -67.16 -17.90
CA PHE J 150 14.52 -66.14 -18.88
C PHE J 150 13.28 -65.36 -19.27
N SER J 151 13.34 -64.05 -19.08
CA SER J 151 12.26 -63.15 -19.44
C SER J 151 12.67 -62.46 -20.75
N LEU J 152 12.03 -62.84 -21.86
CA LEU J 152 12.35 -62.25 -23.15
C LEU J 152 11.69 -60.88 -23.21
N CYS J 153 12.30 -59.91 -22.54
CA CYS J 153 11.76 -58.56 -22.49
C CYS J 153 12.06 -57.73 -23.71
N ARG J 154 11.04 -57.04 -24.18
CA ARG J 154 11.12 -56.12 -25.31
C ARG J 154 9.87 -55.26 -25.22
N PRO J 155 10.02 -53.92 -25.23
CA PRO J 155 11.30 -53.21 -25.29
C PRO J 155 12.19 -53.41 -24.06
N PRO J 156 13.49 -53.12 -24.21
CA PRO J 156 14.46 -53.26 -23.12
C PRO J 156 14.15 -52.21 -22.05
N GLY J 157 14.95 -52.18 -20.99
CA GLY J 157 14.67 -51.21 -19.94
C GLY J 157 15.80 -50.61 -19.13
N HIS J 158 17.01 -51.15 -19.22
CA HIS J 158 18.08 -50.61 -18.39
C HIS J 158 18.49 -49.13 -18.55
N HIS J 159 18.03 -48.47 -19.61
CA HIS J 159 18.35 -47.04 -19.78
C HIS J 159 17.24 -46.18 -19.18
N ALA J 160 16.13 -46.81 -18.80
CA ALA J 160 15.03 -46.06 -18.20
C ALA J 160 15.37 -45.78 -16.74
N GLY J 161 15.47 -44.51 -16.38
CA GLY J 161 15.79 -44.16 -15.01
C GLY J 161 14.56 -43.96 -14.14
N ILE J 162 14.77 -43.47 -12.93
CA ILE J 162 13.65 -43.24 -12.02
C ILE J 162 12.52 -42.47 -12.69
N ASP J 163 12.85 -41.36 -13.35
CA ASP J 163 11.84 -40.54 -13.99
C ASP J 163 12.12 -40.10 -15.42
N MET J 164 12.72 -40.99 -16.21
CA MET J 164 13.03 -40.65 -17.60
C MET J 164 13.21 -41.87 -18.51
N PHE J 165 12.84 -41.71 -19.78
CA PHE J 165 12.98 -42.78 -20.76
C PHE J 165 14.14 -42.45 -21.69
N GLY J 166 14.59 -43.44 -22.45
CA GLY J 166 15.69 -43.22 -23.37
C GLY J 166 16.42 -44.49 -23.70
N GLY J 167 17.19 -44.46 -24.79
CA GLY J 167 17.93 -45.64 -25.20
C GLY J 167 17.01 -46.81 -25.49
N TYR J 168 15.85 -46.51 -26.07
CA TYR J 168 14.83 -47.48 -26.43
C TYR J 168 14.13 -48.09 -25.22
N CYS J 169 14.35 -47.54 -24.03
CA CYS J 169 13.75 -48.08 -22.81
C CYS J 169 12.76 -47.11 -22.18
N PHE J 170 11.71 -47.65 -21.57
CA PHE J 170 10.71 -46.82 -20.92
C PHE J 170 10.44 -47.31 -19.50
N ILE J 171 10.42 -48.62 -19.29
CA ILE J 171 10.22 -49.18 -17.97
C ILE J 171 11.40 -50.11 -17.71
N ASN J 172 12.07 -49.90 -16.58
CA ASN J 172 13.22 -50.70 -16.24
C ASN J 172 12.80 -52.09 -15.76
N ASN J 173 12.71 -53.03 -16.69
CA ASN J 173 12.29 -54.39 -16.41
C ASN J 173 13.16 -55.08 -15.36
N ALA J 174 14.47 -54.89 -15.48
CA ALA J 174 15.40 -55.49 -14.53
C ALA J 174 15.20 -54.93 -13.12
N ALA J 175 14.86 -53.65 -13.04
CA ALA J 175 14.64 -53.04 -11.73
C ALA J 175 13.33 -53.54 -11.13
N VAL J 176 12.32 -53.71 -11.97
CA VAL J 176 11.02 -54.21 -11.52
C VAL J 176 11.15 -55.65 -11.02
N ALA J 177 11.87 -56.47 -11.77
CA ALA J 177 12.07 -57.86 -11.41
C ALA J 177 12.76 -57.92 -10.05
N ALA J 178 13.79 -57.12 -9.89
CA ALA J 178 14.53 -57.09 -8.63
C ALA J 178 13.60 -56.69 -7.49
N GLN J 179 12.80 -55.65 -7.70
CA GLN J 179 11.87 -55.19 -6.68
C GLN J 179 10.87 -56.30 -6.33
N ARG J 180 10.41 -57.02 -7.34
CA ARG J 180 9.44 -58.09 -7.11
C ARG J 180 10.05 -59.16 -6.21
N LEU J 181 11.33 -59.46 -6.40
CA LEU J 181 11.99 -60.45 -5.56
C LEU J 181 12.05 -59.99 -4.11
N LEU J 182 12.26 -58.71 -3.88
CA LEU J 182 12.30 -58.22 -2.51
C LEU J 182 10.92 -58.34 -1.89
N ASP J 183 9.89 -57.97 -2.65
CA ASP J 183 8.51 -58.05 -2.15
C ASP J 183 8.08 -59.49 -1.88
N LYS J 184 8.72 -60.44 -2.57
CA LYS J 184 8.40 -61.84 -2.41
C LYS J 184 9.07 -62.44 -1.17
N GLY J 185 9.95 -61.68 -0.55
CA GLY J 185 10.62 -62.18 0.64
C GLY J 185 12.12 -62.01 0.72
N ALA J 186 12.75 -61.60 -0.38
CA ALA J 186 14.20 -61.41 -0.35
C ALA J 186 14.52 -60.12 0.38
N LYS J 187 15.73 -60.04 0.93
CA LYS J 187 16.17 -58.85 1.65
C LYS J 187 17.25 -58.16 0.83
N LYS J 188 18.07 -58.95 0.16
CA LYS J 188 19.15 -58.43 -0.66
C LYS J 188 19.17 -59.05 -2.04
N ILE J 189 19.09 -58.19 -3.06
CA ILE J 189 19.10 -58.62 -4.45
C ILE J 189 20.19 -57.85 -5.19
N ALA J 190 20.75 -58.48 -6.21
CA ALA J 190 21.78 -57.84 -7.00
C ALA J 190 21.40 -57.90 -8.48
N ILE J 191 21.82 -56.88 -9.22
CA ILE J 191 21.57 -56.83 -10.64
C ILE J 191 22.95 -56.79 -11.31
N LEU J 192 23.15 -57.67 -12.27
CA LEU J 192 24.41 -57.75 -13.01
C LEU J 192 24.08 -57.40 -14.46
N ASP J 193 24.57 -56.25 -14.91
CA ASP J 193 24.31 -55.76 -16.27
C ASP J 193 25.45 -56.08 -17.25
N VAL J 194 25.29 -57.15 -18.02
CA VAL J 194 26.31 -57.58 -18.97
C VAL J 194 26.18 -57.01 -20.39
N ASP J 195 25.11 -56.25 -20.61
CA ASP J 195 24.84 -55.61 -21.90
C ASP J 195 26.02 -54.67 -22.17
N PHE J 196 26.35 -54.46 -23.44
CA PHE J 196 27.47 -53.59 -23.79
C PHE J 196 27.43 -52.18 -23.19
N HIS J 197 26.24 -51.58 -23.16
CA HIS J 197 26.10 -50.24 -22.62
C HIS J 197 25.83 -50.26 -21.13
N HIS J 198 26.20 -49.17 -20.48
CA HIS J 198 25.98 -49.01 -19.06
C HIS J 198 24.48 -48.96 -18.79
N GLY J 199 24.05 -49.55 -17.68
CA GLY J 199 22.64 -49.51 -17.34
C GLY J 199 22.45 -48.28 -16.47
N ASN J 200 22.54 -47.11 -17.09
CA ASN J 200 22.42 -45.85 -16.36
C ASN J 200 21.09 -45.73 -15.64
N GLY J 201 20.03 -46.19 -16.30
CA GLY J 201 18.71 -46.15 -15.70
C GLY J 201 18.62 -47.03 -14.47
N THR J 202 19.25 -48.20 -14.52
CA THR J 202 19.19 -49.09 -13.37
C THR J 202 20.02 -48.54 -12.21
N GLN J 203 21.21 -48.02 -12.52
CA GLN J 203 22.06 -47.45 -11.48
C GLN J 203 21.31 -46.34 -10.77
N ASP J 204 20.69 -45.46 -11.55
CA ASP J 204 19.92 -44.32 -11.04
C ASP J 204 18.86 -44.76 -10.03
N ILE J 205 18.09 -45.76 -10.41
CA ILE J 205 17.03 -46.27 -9.53
C ILE J 205 17.49 -46.79 -8.16
N PHE J 206 18.59 -47.53 -8.12
CA PHE J 206 19.07 -48.10 -6.87
C PHE J 206 20.32 -47.42 -6.28
N TYR J 207 20.69 -46.26 -6.82
CA TYR J 207 21.89 -45.57 -6.35
C TYR J 207 21.88 -45.26 -4.86
N GLU J 208 20.70 -44.97 -4.31
CA GLU J 208 20.59 -44.66 -2.89
C GLU J 208 19.85 -45.70 -2.08
N ARG J 209 19.79 -46.93 -2.60
CA ARG J 209 19.12 -48.00 -1.89
C ARG J 209 20.19 -48.99 -1.45
N GLY J 210 20.14 -49.37 -0.18
CA GLY J 210 21.12 -50.29 0.35
C GLY J 210 20.75 -51.75 0.24
N ASP J 211 19.50 -52.04 -0.12
CA ASP J 211 19.06 -53.42 -0.24
C ASP J 211 19.29 -54.05 -1.62
N VAL J 212 19.74 -53.23 -2.57
CA VAL J 212 20.00 -53.73 -3.92
C VAL J 212 21.39 -53.32 -4.40
N PHE J 213 22.15 -54.29 -4.93
CA PHE J 213 23.49 -54.05 -5.45
C PHE J 213 23.46 -54.01 -6.98
N PHE J 214 24.18 -53.06 -7.57
CA PHE J 214 24.21 -52.95 -9.04
C PHE J 214 25.63 -53.03 -9.58
N ALA J 215 25.86 -53.98 -10.48
CA ALA J 215 27.17 -54.16 -11.09
C ALA J 215 27.01 -54.12 -12.59
N SER J 216 27.85 -53.35 -13.27
CA SER J 216 27.77 -53.26 -14.72
C SER J 216 29.10 -53.29 -15.44
N LEU J 217 29.14 -54.02 -16.55
CA LEU J 217 30.32 -54.11 -17.39
C LEU J 217 29.90 -53.41 -18.68
N HIS J 218 30.70 -52.48 -19.18
CA HIS J 218 30.29 -51.74 -20.38
C HIS J 218 31.41 -50.95 -21.04
N GLY J 219 31.12 -50.39 -22.21
CA GLY J 219 32.10 -49.58 -22.91
C GLY J 219 32.25 -48.25 -22.20
N ASP J 220 33.50 -47.78 -22.07
CA ASP J 220 33.80 -46.51 -21.42
C ASP J 220 32.79 -45.44 -21.85
N PRO J 221 32.07 -44.84 -20.89
CA PRO J 221 31.08 -43.80 -21.18
C PRO J 221 31.69 -42.57 -21.84
N ALA J 222 33.00 -42.42 -21.68
CA ALA J 222 33.71 -41.29 -22.28
C ALA J 222 33.63 -41.36 -23.80
N GLU J 223 33.30 -42.53 -24.33
CA GLU J 223 33.19 -42.70 -25.77
C GLU J 223 32.09 -43.68 -26.17
N ALA J 224 31.01 -43.71 -25.39
CA ALA J 224 29.89 -44.60 -25.68
C ALA J 224 28.62 -44.23 -24.92
N PHE J 225 27.47 -44.49 -25.56
CA PHE J 225 26.16 -44.24 -24.98
C PHE J 225 26.14 -45.02 -23.66
N PRO J 226 25.49 -44.48 -22.61
CA PRO J 226 24.75 -43.22 -22.51
C PRO J 226 25.61 -41.97 -22.29
N HIS J 227 26.93 -42.13 -22.36
CA HIS J 227 27.86 -41.00 -22.23
C HIS J 227 27.97 -40.30 -20.88
N PHE J 228 26.89 -40.18 -20.12
CA PHE J 228 26.98 -39.42 -18.88
C PHE J 228 26.84 -40.14 -17.55
N LEU J 229 27.15 -41.43 -17.54
CA LEU J 229 27.09 -42.22 -16.33
C LEU J 229 27.84 -43.51 -16.63
N GLY J 230 28.29 -44.22 -15.61
CA GLY J 230 29.00 -45.47 -15.83
C GLY J 230 30.48 -45.44 -15.48
N TYR J 231 30.95 -44.35 -14.90
CA TYR J 231 32.34 -44.23 -14.51
C TYR J 231 32.60 -45.07 -13.27
N ALA J 232 33.83 -45.56 -13.12
CA ALA J 232 34.17 -46.40 -11.98
C ALA J 232 34.03 -45.69 -10.63
N GLU J 233 34.22 -44.38 -10.62
CA GLU J 233 34.13 -43.55 -9.41
C GLU J 233 32.74 -43.54 -8.79
N GLU J 234 31.73 -43.94 -9.55
CA GLU J 234 30.35 -43.95 -9.07
C GLU J 234 30.09 -45.21 -8.25
N THR J 235 30.16 -45.09 -6.92
CA THR J 235 29.98 -46.25 -6.06
C THR J 235 28.71 -46.25 -5.20
N GLY J 236 27.88 -45.23 -5.34
CA GLY J 236 26.67 -45.19 -4.54
C GLY J 236 26.58 -43.91 -3.74
N LYS J 237 25.41 -43.66 -3.16
CA LYS J 237 25.20 -42.44 -2.40
C LYS J 237 24.26 -42.65 -1.22
N GLY J 238 24.53 -41.90 -0.15
CA GLY J 238 23.69 -41.98 1.04
C GLY J 238 23.46 -43.37 1.58
N ALA J 239 22.19 -43.75 1.69
CA ALA J 239 21.80 -45.05 2.23
C ALA J 239 22.25 -46.18 1.31
N GLY J 240 22.70 -45.84 0.12
CA GLY J 240 23.16 -46.85 -0.81
C GLY J 240 24.64 -46.78 -1.08
N ALA J 241 25.37 -45.99 -0.29
CA ALA J 241 26.82 -45.88 -0.51
C ALA J 241 27.41 -47.29 -0.59
N GLY J 242 28.25 -47.51 -1.58
CA GLY J 242 28.91 -48.80 -1.74
C GLY J 242 28.11 -49.91 -2.40
N THR J 243 26.99 -49.60 -3.05
CA THR J 243 26.23 -50.67 -3.67
C THR J 243 26.24 -50.60 -5.20
N THR J 244 27.16 -49.82 -5.75
CA THR J 244 27.29 -49.70 -7.21
C THR J 244 28.73 -49.98 -7.64
N ALA J 245 28.90 -50.86 -8.62
CA ALA J 245 30.24 -51.18 -9.11
C ALA J 245 30.28 -51.17 -10.65
N ASN J 246 30.91 -50.17 -11.23
CA ASN J 246 31.00 -50.04 -12.67
C ASN J 246 32.35 -50.47 -13.23
N TYR J 247 32.32 -51.18 -14.35
CA TYR J 247 33.53 -51.62 -15.01
C TYR J 247 33.58 -51.16 -16.45
N PRO J 248 33.92 -49.88 -16.68
CA PRO J 248 34.02 -49.33 -18.04
C PRO J 248 35.29 -49.86 -18.69
N MET J 249 35.19 -50.27 -19.95
CA MET J 249 36.34 -50.80 -20.68
C MET J 249 36.42 -50.20 -22.08
N GLY J 250 37.63 -50.15 -22.64
CA GLY J 250 37.85 -49.56 -23.94
C GLY J 250 37.59 -50.41 -25.18
N ARG J 251 37.81 -49.82 -26.35
CA ARG J 251 37.58 -50.50 -27.62
C ARG J 251 38.47 -51.72 -27.82
N GLY J 252 37.91 -52.74 -28.46
CA GLY J 252 38.65 -53.95 -28.74
C GLY J 252 38.80 -54.90 -27.56
N THR J 253 38.07 -54.66 -26.48
CA THR J 253 38.16 -55.52 -25.31
C THR J 253 37.68 -56.95 -25.61
N PRO J 254 38.57 -57.95 -25.40
CA PRO J 254 38.26 -59.37 -25.63
C PRO J 254 37.75 -60.00 -24.34
N TYR J 255 37.25 -61.22 -24.43
CA TYR J 255 36.72 -61.89 -23.25
C TYR J 255 37.77 -62.08 -22.15
N SER J 256 39.04 -62.20 -22.53
CA SER J 256 40.09 -62.38 -21.54
C SER J 256 40.11 -61.22 -20.55
N VAL J 257 39.83 -60.02 -21.04
CA VAL J 257 39.83 -58.85 -20.16
C VAL J 257 38.44 -58.66 -19.57
N TRP J 258 37.41 -58.76 -20.42
CA TRP J 258 36.03 -58.61 -20.00
C TRP J 258 35.70 -59.60 -18.88
N GLY J 259 36.20 -60.83 -19.04
CA GLY J 259 35.96 -61.87 -18.06
C GLY J 259 36.53 -61.56 -16.68
N GLU J 260 37.61 -60.79 -16.63
CA GLU J 260 38.21 -60.44 -15.35
C GLU J 260 37.28 -59.52 -14.59
N ALA J 261 36.62 -58.62 -15.33
CA ALA J 261 35.69 -57.68 -14.72
C ALA J 261 34.48 -58.47 -14.22
N LEU J 262 34.07 -59.47 -14.99
CA LEU J 262 32.93 -60.28 -14.61
C LEU J 262 33.21 -60.97 -13.28
N THR J 263 34.39 -61.57 -13.18
CA THR J 263 34.79 -62.26 -11.97
C THR J 263 34.78 -61.33 -10.76
N ASP J 264 35.37 -60.14 -10.91
CA ASP J 264 35.40 -59.18 -9.80
C ASP J 264 33.99 -58.74 -9.39
N SER J 265 33.11 -58.51 -10.35
CA SER J 265 31.75 -58.09 -10.03
C SER J 265 31.03 -59.19 -9.25
N LEU J 266 31.22 -60.43 -9.67
CA LEU J 266 30.60 -61.56 -9.00
C LEU J 266 31.11 -61.68 -7.57
N LYS J 267 32.36 -61.30 -7.36
CA LYS J 267 32.96 -61.34 -6.04
C LYS J 267 32.31 -60.28 -5.14
N ARG J 268 32.03 -59.11 -5.71
CA ARG J 268 31.39 -58.05 -4.94
C ARG J 268 29.95 -58.38 -4.64
N ILE J 269 29.29 -59.06 -5.58
CA ILE J 269 27.91 -59.45 -5.39
C ILE J 269 27.82 -60.44 -4.24
N ALA J 270 28.72 -61.41 -4.22
CA ALA J 270 28.73 -62.40 -3.14
C ALA J 270 29.02 -61.74 -1.79
N ALA J 271 29.92 -60.76 -1.77
CA ALA J 271 30.25 -60.08 -0.54
C ALA J 271 29.05 -59.26 -0.05
N PHE J 272 28.24 -58.78 -1.01
CA PHE J 272 27.05 -58.01 -0.71
C PHE J 272 26.06 -58.94 0.00
N GLY J 273 26.01 -60.19 -0.44
CA GLY J 273 25.12 -61.16 0.16
C GLY J 273 23.82 -61.32 -0.60
N ALA J 274 23.88 -61.13 -1.92
CA ALA J 274 22.68 -61.24 -2.75
C ALA J 274 22.05 -62.62 -2.64
N GLU J 275 20.74 -62.66 -2.51
CA GLU J 275 20.01 -63.92 -2.42
C GLU J 275 19.69 -64.43 -3.81
N ALA J 276 19.78 -63.55 -4.80
CA ALA J 276 19.54 -63.90 -6.18
C ALA J 276 20.13 -62.80 -7.04
N ILE J 277 20.33 -63.11 -8.31
CA ILE J 277 20.90 -62.14 -9.25
C ILE J 277 20.02 -61.99 -10.47
N VAL J 278 19.70 -60.74 -10.78
CA VAL J 278 18.90 -60.39 -11.95
C VAL J 278 19.96 -60.00 -12.98
N VAL J 279 20.03 -60.78 -14.07
CA VAL J 279 21.01 -60.53 -15.11
C VAL J 279 20.42 -59.78 -16.29
N SER J 280 20.88 -58.55 -16.49
CA SER J 280 20.43 -57.74 -17.63
C SER J 280 21.33 -58.17 -18.77
N LEU J 281 20.82 -59.09 -19.59
CA LEU J 281 21.58 -59.64 -20.70
C LEU J 281 21.43 -58.89 -22.00
N GLY J 282 22.55 -58.38 -22.49
CA GLY J 282 22.56 -57.68 -23.76
C GLY J 282 23.66 -58.38 -24.52
N VAL J 283 23.37 -58.84 -25.74
CA VAL J 283 24.38 -59.53 -26.51
C VAL J 283 25.05 -58.59 -27.49
N ASP J 284 24.86 -57.29 -27.30
CA ASP J 284 25.49 -56.33 -28.19
C ASP J 284 26.99 -56.19 -27.93
N THR J 285 27.53 -57.07 -27.11
CA THR J 285 28.96 -57.08 -26.81
C THR J 285 29.64 -57.95 -27.87
N PHE J 286 28.83 -58.62 -28.69
CA PHE J 286 29.32 -59.50 -29.75
C PHE J 286 30.25 -58.76 -30.71
N GLU J 287 31.37 -59.38 -31.04
CA GLU J 287 32.35 -58.79 -31.93
C GLU J 287 31.79 -58.28 -33.26
N GLN J 288 30.74 -58.93 -33.75
CA GLN J 288 30.13 -58.52 -35.02
C GLN J 288 29.02 -57.50 -34.89
N ASP J 289 28.67 -57.13 -33.67
CA ASP J 289 27.62 -56.13 -33.44
C ASP J 289 28.21 -54.78 -33.83
N PRO J 290 27.56 -54.08 -34.77
CA PRO J 290 28.01 -52.77 -35.26
C PRO J 290 27.91 -51.59 -34.30
N ILE J 291 27.13 -51.73 -33.22
CA ILE J 291 26.98 -50.62 -32.28
C ILE J 291 27.99 -50.64 -31.14
N SER J 292 28.70 -51.75 -30.98
CA SER J 292 29.66 -51.86 -29.90
C SER J 292 31.09 -52.05 -30.41
N PHE J 293 32.04 -51.92 -29.50
CA PHE J 293 33.44 -52.10 -29.85
C PHE J 293 34.12 -53.17 -29.00
N PHE J 294 33.34 -54.15 -28.56
CA PHE J 294 33.88 -55.26 -27.76
C PHE J 294 34.10 -56.42 -28.72
N LYS J 295 35.08 -57.27 -28.40
CA LYS J 295 35.42 -58.40 -29.25
C LYS J 295 35.07 -59.76 -28.65
N LEU J 296 33.80 -59.96 -28.32
CA LEU J 296 33.38 -61.25 -27.76
C LEU J 296 32.79 -62.15 -28.84
N THR J 297 33.07 -63.45 -28.75
CA THR J 297 32.59 -64.44 -29.72
C THR J 297 31.41 -65.24 -29.18
N SER J 298 30.72 -65.95 -30.05
CA SER J 298 29.56 -66.72 -29.62
C SER J 298 29.83 -67.69 -28.47
N PRO J 299 30.97 -68.40 -28.52
CA PRO J 299 31.33 -69.35 -27.46
C PRO J 299 31.52 -68.69 -26.08
N ASP J 300 31.92 -67.43 -26.08
CA ASP J 300 32.12 -66.72 -24.83
C ASP J 300 30.83 -66.58 -24.03
N TYR J 301 29.71 -66.49 -24.73
CA TYR J 301 28.42 -66.36 -24.05
C TYR J 301 28.08 -67.60 -23.24
N ILE J 302 28.72 -68.72 -23.54
CA ILE J 302 28.48 -69.95 -22.80
C ILE J 302 29.29 -69.89 -21.51
N THR J 303 30.52 -69.40 -21.64
CA THR J 303 31.42 -69.26 -20.49
C THR J 303 30.82 -68.25 -19.52
N MET J 304 30.25 -67.18 -20.06
CA MET J 304 29.63 -66.13 -19.25
C MET J 304 28.50 -66.69 -18.39
N GLY J 305 27.56 -67.37 -19.02
CA GLY J 305 26.44 -67.95 -18.30
C GLY J 305 26.90 -68.96 -17.26
N ARG J 306 27.92 -69.73 -17.61
CA ARG J 306 28.45 -70.74 -16.71
C ARG J 306 29.03 -70.04 -15.47
N THR J 307 29.88 -69.05 -15.72
CA THR J 307 30.52 -68.29 -14.65
C THR J 307 29.51 -67.61 -13.71
N ILE J 308 28.47 -67.02 -14.29
CA ILE J 308 27.47 -66.37 -13.48
C ILE J 308 26.65 -67.37 -12.68
N ALA J 309 26.28 -68.49 -13.31
CA ALA J 309 25.51 -69.51 -12.65
C ALA J 309 26.32 -70.16 -11.52
N ALA J 310 27.65 -70.10 -11.64
CA ALA J 310 28.54 -70.67 -10.62
C ALA J 310 28.48 -69.91 -9.30
N SER J 311 27.76 -68.80 -9.29
CA SER J 311 27.61 -68.00 -8.09
C SER J 311 26.79 -68.79 -7.08
N GLY J 312 26.10 -69.82 -7.57
CA GLY J 312 25.29 -70.65 -6.68
C GLY J 312 23.99 -70.02 -6.21
N VAL J 313 23.62 -68.89 -6.79
CA VAL J 313 22.38 -68.23 -6.40
C VAL J 313 21.42 -68.26 -7.56
N PRO J 314 20.11 -68.17 -7.28
CA PRO J 314 19.09 -68.18 -8.34
C PRO J 314 19.31 -67.02 -9.32
N LEU J 315 19.20 -67.30 -10.61
CA LEU J 315 19.39 -66.29 -11.64
C LEU J 315 18.17 -66.03 -12.51
N LEU J 316 17.87 -64.76 -12.76
CA LEU J 316 16.77 -64.38 -13.63
C LEU J 316 17.43 -63.58 -14.74
N VAL J 317 17.35 -64.07 -15.98
CA VAL J 317 17.93 -63.39 -17.11
C VAL J 317 16.88 -62.52 -17.78
N VAL J 318 17.15 -61.22 -17.86
CA VAL J 318 16.25 -60.24 -18.46
C VAL J 318 16.90 -59.74 -19.76
N MET J 319 16.18 -59.86 -20.86
CA MET J 319 16.69 -59.45 -22.16
C MET J 319 16.82 -57.93 -22.29
N GLU J 320 17.96 -57.48 -22.81
CA GLU J 320 18.19 -56.05 -23.00
C GLU J 320 18.52 -55.74 -24.46
N GLY J 321 19.73 -55.26 -24.71
CA GLY J 321 20.14 -54.89 -26.04
C GLY J 321 20.74 -55.96 -26.93
N GLY J 322 21.08 -55.56 -28.15
CA GLY J 322 21.64 -56.49 -29.12
C GLY J 322 21.13 -56.14 -30.52
N TYR J 323 22.03 -55.61 -31.35
CA TYR J 323 21.73 -55.22 -32.72
C TYR J 323 21.15 -56.38 -33.51
N GLY J 324 20.50 -56.07 -34.62
CA GLY J 324 19.88 -57.08 -35.44
C GLY J 324 20.77 -57.97 -36.30
N VAL J 325 21.77 -58.59 -35.70
CA VAL J 325 22.66 -59.48 -36.43
C VAL J 325 22.07 -60.90 -36.36
N PRO J 326 22.34 -61.73 -37.38
CA PRO J 326 21.84 -63.11 -37.43
C PRO J 326 22.13 -63.91 -36.15
N GLU J 327 23.29 -63.64 -35.54
CA GLU J 327 23.69 -64.36 -34.33
C GLU J 327 23.04 -63.86 -33.04
N ILE J 328 22.20 -62.83 -33.13
CA ILE J 328 21.55 -62.29 -31.94
C ILE J 328 20.91 -63.39 -31.10
N GLY J 329 20.17 -64.29 -31.74
CA GLY J 329 19.51 -65.37 -31.02
C GLY J 329 20.47 -66.42 -30.50
N LEU J 330 21.44 -66.80 -31.32
CA LEU J 330 22.42 -67.80 -30.93
C LEU J 330 23.17 -67.41 -29.68
N ASN J 331 23.62 -66.16 -29.64
CA ASN J 331 24.37 -65.68 -28.49
C ASN J 331 23.55 -65.68 -27.20
N VAL J 332 22.26 -65.35 -27.33
CA VAL J 332 21.40 -65.37 -26.15
C VAL J 332 21.21 -66.80 -25.69
N ALA J 333 20.96 -67.69 -26.64
CA ALA J 333 20.76 -69.10 -26.31
C ALA J 333 22.00 -69.66 -25.63
N ASN J 334 23.17 -69.28 -26.11
CA ASN J 334 24.41 -69.77 -25.53
C ASN J 334 24.54 -69.41 -24.06
N VAL J 335 24.10 -68.20 -23.69
CA VAL J 335 24.16 -67.78 -22.29
C VAL J 335 23.25 -68.68 -21.44
N LEU J 336 22.06 -68.98 -21.98
CA LEU J 336 21.12 -69.82 -21.25
C LEU J 336 21.66 -71.24 -21.13
N LYS J 337 22.38 -71.70 -22.15
CA LYS J 337 22.97 -73.04 -22.15
C LYS J 337 24.04 -73.11 -21.06
N GLY J 338 24.83 -72.04 -20.97
CA GLY J 338 25.89 -71.99 -19.97
C GLY J 338 25.29 -71.95 -18.57
N VAL J 339 24.15 -71.28 -18.43
CA VAL J 339 23.48 -71.18 -17.13
C VAL J 339 22.86 -72.51 -16.71
N ALA J 340 22.28 -73.23 -17.67
CA ALA J 340 21.64 -74.52 -17.37
C ALA J 340 22.65 -75.66 -17.25
N MET K 1 -62.24 33.15 -32.61
CA MET K 1 -60.87 32.62 -32.53
C MET K 1 -60.82 31.16 -32.91
N ARG K 2 -59.68 30.74 -33.46
CA ARG K 2 -59.50 29.36 -33.87
C ARG K 2 -59.24 28.51 -32.62
N VAL K 3 -59.70 27.26 -32.70
CA VAL K 3 -59.53 26.30 -31.62
C VAL K 3 -58.64 25.17 -32.13
N ILE K 4 -57.54 24.94 -31.42
CA ILE K 4 -56.61 23.88 -31.79
C ILE K 4 -56.96 22.69 -30.90
N PHE K 5 -57.21 21.54 -31.51
CA PHE K 5 -57.60 20.36 -30.75
C PHE K 5 -57.14 19.07 -31.44
N SER K 6 -56.59 18.15 -30.65
CA SER K 6 -56.13 16.87 -31.16
C SER K 6 -56.92 15.70 -30.59
N GLU K 7 -57.22 14.73 -31.44
CA GLU K 7 -57.96 13.54 -31.03
C GLU K 7 -57.07 12.59 -30.25
N ASP K 8 -55.75 12.74 -30.38
CA ASP K 8 -54.82 11.86 -29.68
C ASP K 8 -54.84 12.00 -28.16
N HIS K 9 -55.60 12.95 -27.65
CA HIS K 9 -55.69 13.14 -26.21
C HIS K 9 -56.29 11.88 -25.58
N LYS K 10 -57.09 11.17 -26.36
CA LYS K 10 -57.75 9.94 -25.92
C LYS K 10 -56.73 8.86 -25.61
N LEU K 11 -55.55 8.97 -26.18
CA LEU K 11 -54.48 7.99 -25.95
C LEU K 11 -54.20 7.94 -24.44
N ARG K 12 -54.51 9.04 -23.76
CA ARG K 12 -54.33 9.14 -22.32
C ARG K 12 -55.70 8.79 -21.72
N ASN K 13 -55.81 7.59 -21.17
CA ASN K 13 -57.06 7.15 -20.56
C ASN K 13 -56.78 6.20 -19.41
N ALA K 14 -56.04 6.72 -18.44
CA ALA K 14 -55.66 5.98 -17.24
C ALA K 14 -56.88 5.38 -16.56
N LYS K 15 -56.70 4.23 -15.93
CA LYS K 15 -57.80 3.56 -15.26
C LYS K 15 -57.86 3.86 -13.77
N THR K 16 -56.72 4.22 -13.20
CA THR K 16 -56.67 4.51 -11.78
C THR K 16 -56.01 5.83 -11.39
N GLU K 17 -56.44 6.34 -10.25
CA GLU K 17 -55.93 7.57 -9.66
C GLU K 17 -56.04 7.38 -8.15
N LEU K 18 -54.98 7.72 -7.43
CA LEU K 18 -54.99 7.56 -5.99
C LEU K 18 -55.74 8.75 -5.36
N TYR K 19 -56.84 8.45 -4.69
CA TYR K 19 -57.63 9.47 -4.04
C TYR K 19 -58.27 8.94 -2.76
N GLY K 20 -57.95 9.58 -1.64
CA GLY K 20 -58.49 9.18 -0.36
C GLY K 20 -58.10 7.78 0.04
N GLY K 21 -56.88 7.37 -0.31
CA GLY K 21 -56.42 6.05 0.06
C GLY K 21 -57.01 4.96 -0.81
N GLU K 22 -57.62 5.32 -1.93
CA GLU K 22 -58.20 4.34 -2.82
C GLU K 22 -57.83 4.62 -4.27
N LEU K 23 -57.92 3.58 -5.10
CA LEU K 23 -57.65 3.71 -6.53
C LEU K 23 -59.02 3.82 -7.21
N VAL K 24 -59.33 5.01 -7.69
CA VAL K 24 -60.61 5.27 -8.35
C VAL K 24 -60.34 5.73 -9.79
N PRO K 25 -61.40 5.79 -10.61
CA PRO K 25 -61.24 6.23 -12.01
C PRO K 25 -60.74 7.67 -12.03
N PRO K 26 -59.72 7.95 -12.83
CA PRO K 26 -59.17 9.32 -12.90
C PRO K 26 -60.21 10.41 -13.15
N PHE K 27 -60.06 11.54 -12.47
CA PHE K 27 -60.99 12.65 -12.62
C PHE K 27 -60.68 13.38 -13.92
N GLU K 28 -59.41 13.34 -14.33
CA GLU K 28 -59.00 13.97 -15.58
C GLU K 28 -59.19 12.93 -16.69
N ALA K 29 -60.45 12.72 -17.10
CA ALA K 29 -60.78 11.73 -18.11
C ALA K 29 -61.11 12.35 -19.46
N PRO K 30 -61.01 11.54 -20.55
CA PRO K 30 -61.30 12.02 -21.89
C PRO K 30 -62.63 12.76 -22.08
N PHE K 31 -63.66 12.39 -21.32
CA PHE K 31 -64.96 13.04 -21.47
C PHE K 31 -64.90 14.56 -21.29
N ARG K 32 -63.91 15.05 -20.54
CA ARG K 32 -63.73 16.48 -20.31
C ARG K 32 -63.46 17.20 -21.65
N ALA K 33 -62.54 16.65 -22.44
CA ALA K 33 -62.20 17.26 -23.72
C ALA K 33 -63.43 17.29 -24.62
N GLU K 34 -64.18 16.20 -24.63
CA GLU K 34 -65.37 16.11 -25.45
C GLU K 34 -66.41 17.14 -25.06
N TRP K 35 -66.70 17.23 -23.77
CA TRP K 35 -67.68 18.18 -23.27
C TRP K 35 -67.25 19.62 -23.53
N ILE K 36 -65.97 19.91 -23.35
CA ILE K 36 -65.47 21.25 -23.57
C ILE K 36 -65.56 21.62 -25.05
N LEU K 37 -65.17 20.70 -25.92
CA LEU K 37 -65.21 20.92 -27.36
C LEU K 37 -66.64 21.18 -27.82
N ALA K 38 -67.58 20.41 -27.31
CA ALA K 38 -68.99 20.55 -27.67
C ALA K 38 -69.53 21.93 -27.33
N ALA K 39 -69.20 22.43 -26.15
CA ALA K 39 -69.69 23.73 -25.70
C ALA K 39 -69.08 24.92 -26.44
N VAL K 40 -67.78 24.84 -26.73
CA VAL K 40 -67.14 25.94 -27.43
C VAL K 40 -67.71 26.06 -28.83
N LYS K 41 -67.98 24.92 -29.47
CA LYS K 41 -68.54 24.93 -30.82
C LYS K 41 -69.94 25.53 -30.76
N GLU K 42 -70.68 25.16 -29.72
CA GLU K 42 -72.03 25.65 -29.51
C GLU K 42 -72.04 27.16 -29.32
N ALA K 43 -71.05 27.68 -28.60
CA ALA K 43 -70.94 29.11 -28.34
C ALA K 43 -70.61 29.87 -29.62
N GLY K 44 -70.39 29.14 -30.71
CA GLY K 44 -70.06 29.77 -31.97
C GLY K 44 -68.61 29.62 -32.40
N PHE K 45 -67.83 28.88 -31.63
CA PHE K 45 -66.42 28.66 -31.95
C PHE K 45 -66.26 27.32 -32.66
N ASP K 46 -66.61 27.29 -33.94
CA ASP K 46 -66.54 26.06 -34.73
C ASP K 46 -65.32 25.91 -35.63
N ASP K 47 -64.44 26.90 -35.66
CA ASP K 47 -63.22 26.80 -36.47
C ASP K 47 -62.21 25.99 -35.67
N VAL K 48 -62.39 24.68 -35.69
CA VAL K 48 -61.54 23.75 -34.98
C VAL K 48 -60.58 23.00 -35.91
N VAL K 49 -59.28 23.11 -35.65
CA VAL K 49 -58.31 22.43 -36.49
C VAL K 49 -57.34 21.60 -35.65
N ALA K 50 -56.81 20.54 -36.22
CA ALA K 50 -55.87 19.68 -35.51
C ALA K 50 -54.49 20.29 -35.61
N PRO K 51 -53.63 20.03 -34.61
CA PRO K 51 -52.28 20.60 -34.66
C PRO K 51 -51.37 19.90 -35.68
N ALA K 52 -50.40 20.62 -36.19
CA ALA K 52 -49.44 20.06 -37.15
C ALA K 52 -48.40 19.29 -36.35
N ARG K 53 -47.53 18.58 -37.03
CA ARG K 53 -46.48 17.80 -36.38
C ARG K 53 -45.37 18.74 -35.91
N HIS K 54 -44.80 18.48 -34.73
CA HIS K 54 -43.74 19.31 -34.18
C HIS K 54 -42.66 18.47 -33.50
N GLY K 55 -41.42 18.97 -33.57
CA GLY K 55 -40.32 18.26 -32.94
C GLY K 55 -40.25 18.58 -31.46
N LEU K 56 -39.10 18.28 -30.84
CA LEU K 56 -38.92 18.53 -29.42
C LEU K 56 -38.09 19.76 -29.11
N GLU K 57 -37.69 20.48 -30.15
CA GLU K 57 -36.88 21.68 -29.97
C GLU K 57 -37.46 22.67 -28.97
N THR K 58 -38.76 22.97 -29.08
CA THR K 58 -39.37 23.93 -28.16
C THR K 58 -39.45 23.44 -26.73
N VAL K 59 -39.93 22.21 -26.54
CA VAL K 59 -40.06 21.65 -25.20
C VAL K 59 -38.71 21.44 -24.53
N LEU K 60 -37.66 21.25 -25.32
CA LEU K 60 -36.34 21.03 -24.73
C LEU K 60 -35.76 22.30 -24.12
N LYS K 61 -36.45 23.42 -24.35
CA LYS K 61 -35.97 24.69 -23.80
C LYS K 61 -36.59 24.97 -22.43
N VAL K 62 -37.63 24.22 -22.06
CA VAL K 62 -38.27 24.44 -20.75
C VAL K 62 -38.26 23.21 -19.83
N HIS K 63 -38.06 22.03 -20.42
CA HIS K 63 -38.02 20.81 -19.65
C HIS K 63 -36.65 20.15 -19.71
N ASP K 64 -36.31 19.44 -18.63
CA ASP K 64 -35.04 18.75 -18.56
C ASP K 64 -35.05 17.63 -19.59
N ALA K 65 -33.91 17.41 -20.25
CA ALA K 65 -33.80 16.37 -21.27
C ALA K 65 -33.93 14.97 -20.66
N GLY K 66 -33.40 14.80 -19.44
CA GLY K 66 -33.47 13.52 -18.78
C GLY K 66 -34.91 13.16 -18.44
N TYR K 67 -35.65 14.17 -17.97
CA TYR K 67 -37.05 14.01 -17.60
C TYR K 67 -37.84 13.54 -18.82
N LEU K 68 -37.70 14.26 -19.93
CA LEU K 68 -38.40 13.91 -21.16
C LEU K 68 -38.04 12.50 -21.67
N ASN K 69 -36.79 12.12 -21.53
CA ASN K 69 -36.34 10.80 -21.96
C ASN K 69 -36.99 9.74 -21.07
N PHE K 70 -37.17 10.07 -19.79
CA PHE K 70 -37.81 9.16 -18.85
C PHE K 70 -39.26 8.90 -19.22
N LEU K 71 -40.00 9.98 -19.49
CA LEU K 71 -41.40 9.90 -19.87
C LEU K 71 -41.68 9.03 -21.08
N GLU K 72 -40.81 9.10 -22.08
CA GLU K 72 -41.01 8.32 -23.30
C GLU K 72 -41.07 6.82 -23.09
N THR K 73 -40.25 6.30 -22.18
CA THR K 73 -40.23 4.86 -21.95
C THR K 73 -40.71 4.43 -20.57
N ALA K 74 -41.23 5.36 -19.79
CA ALA K 74 -41.71 5.03 -18.45
C ALA K 74 -42.63 3.81 -18.44
N TRP K 75 -43.69 3.85 -19.25
CA TRP K 75 -44.63 2.73 -19.28
C TRP K 75 -43.99 1.40 -19.69
N ASP K 76 -43.18 1.41 -20.75
CA ASP K 76 -42.52 0.20 -21.23
C ASP K 76 -41.70 -0.47 -20.12
N ARG K 77 -40.85 0.32 -19.47
CA ARG K 77 -40.00 -0.20 -18.39
C ARG K 77 -40.80 -0.70 -17.20
N TRP K 78 -41.85 0.01 -16.85
CA TRP K 78 -42.67 -0.37 -15.72
C TRP K 78 -43.31 -1.72 -16.01
N LYS K 79 -43.86 -1.83 -17.21
CA LYS K 79 -44.50 -3.06 -17.61
C LYS K 79 -43.49 -4.20 -17.71
N ALA K 80 -42.31 -3.91 -18.27
CA ALA K 80 -41.27 -4.91 -18.41
C ALA K 80 -40.74 -5.34 -17.04
N ALA K 81 -41.01 -4.55 -16.02
CA ALA K 81 -40.55 -4.88 -14.67
C ALA K 81 -41.47 -5.92 -14.04
N GLY K 82 -42.59 -6.19 -14.69
CA GLY K 82 -43.53 -7.19 -14.19
C GLY K 82 -44.66 -6.71 -13.32
N TYR K 83 -44.77 -5.39 -13.11
CA TYR K 83 -45.84 -4.87 -12.28
C TYR K 83 -47.17 -5.01 -12.98
N LYS K 84 -48.22 -5.24 -12.19
CA LYS K 84 -49.55 -5.45 -12.74
C LYS K 84 -50.48 -4.23 -12.82
N GLY K 85 -50.10 -3.14 -12.17
CA GLY K 85 -50.94 -1.95 -12.22
C GLY K 85 -50.30 -0.85 -13.06
N GLU K 86 -50.83 0.35 -13.00
CA GLU K 86 -50.28 1.46 -13.75
C GLU K 86 -49.03 1.95 -13.02
N ALA K 87 -48.21 2.77 -13.68
CA ALA K 87 -46.99 3.26 -13.09
C ALA K 87 -47.23 4.37 -12.08
N ILE K 88 -47.13 4.02 -10.80
CA ILE K 88 -47.35 4.96 -9.72
C ILE K 88 -46.09 5.01 -8.85
N ALA K 89 -45.61 6.23 -8.58
CA ALA K 89 -44.42 6.41 -7.76
C ALA K 89 -44.72 6.30 -6.28
N THR K 90 -43.79 5.74 -5.50
CA THR K 90 -43.98 5.58 -4.06
C THR K 90 -42.86 6.27 -3.27
N SER K 91 -41.62 6.20 -3.77
CA SER K 91 -40.48 6.82 -3.11
C SER K 91 -40.15 8.17 -3.72
N PHE K 92 -39.97 9.17 -2.86
CA PHE K 92 -39.66 10.52 -3.35
C PHE K 92 -38.44 11.16 -2.71
N PRO K 93 -37.65 11.89 -3.50
CA PRO K 93 -36.47 12.54 -2.95
C PRO K 93 -36.88 13.80 -2.21
N VAL K 94 -37.32 13.63 -0.96
CA VAL K 94 -37.76 14.74 -0.15
C VAL K 94 -36.62 15.38 0.60
N ARG K 95 -36.94 16.04 1.72
CA ARG K 95 -35.93 16.70 2.56
C ARG K 95 -34.70 15.84 2.82
N ARG K 96 -33.54 16.49 2.84
CA ARG K 96 -32.27 15.87 3.14
C ARG K 96 -31.95 14.53 2.47
N THR K 97 -32.21 14.42 1.17
CA THR K 97 -31.89 13.18 0.44
C THR K 97 -30.77 13.51 -0.54
N SER K 98 -30.23 12.45 -1.14
CA SER K 98 -29.17 12.56 -2.13
C SER K 98 -29.74 13.11 -3.44
N PRO K 99 -28.93 13.85 -4.19
CA PRO K 99 -29.36 14.42 -5.48
C PRO K 99 -29.14 13.43 -6.63
N ARG K 100 -28.52 12.30 -6.33
CA ARG K 100 -28.26 11.31 -7.35
C ARG K 100 -29.57 10.78 -7.95
N ILE K 101 -29.47 10.35 -9.21
CA ILE K 101 -30.62 9.82 -9.92
C ILE K 101 -30.51 8.30 -9.96
N PRO K 102 -31.54 7.58 -9.50
CA PRO K 102 -31.49 6.12 -9.50
C PRO K 102 -31.43 5.65 -10.95
N THR K 103 -31.01 4.41 -11.15
CA THR K 103 -30.89 3.86 -12.48
C THR K 103 -32.11 3.02 -12.92
N ASP K 104 -32.78 2.36 -11.98
CA ASP K 104 -33.93 1.52 -12.31
C ASP K 104 -35.27 2.28 -12.41
N ILE K 105 -36.30 1.62 -12.93
CA ILE K 105 -37.60 2.25 -13.10
C ILE K 105 -38.25 2.58 -11.76
N GLU K 106 -38.10 1.70 -10.77
CA GLU K 106 -38.68 1.91 -9.45
C GLU K 106 -38.18 3.20 -8.81
N GLY K 107 -36.89 3.47 -8.95
CA GLY K 107 -36.32 4.67 -8.35
C GLY K 107 -36.50 5.90 -9.23
N GLN K 108 -36.47 5.71 -10.55
CA GLN K 108 -36.62 6.83 -11.43
C GLN K 108 -38.02 7.44 -11.46
N ILE K 109 -39.06 6.62 -11.33
CA ILE K 109 -40.40 7.15 -11.36
C ILE K 109 -40.66 8.10 -10.19
N GLY K 110 -40.09 7.79 -9.03
CA GLY K 110 -40.24 8.68 -7.90
C GLY K 110 -39.38 9.91 -8.07
N TYR K 111 -38.20 9.74 -8.66
CA TYR K 111 -37.30 10.88 -8.89
C TYR K 111 -37.93 11.96 -9.75
N TYR K 112 -38.66 11.54 -10.78
CA TYR K 112 -39.30 12.47 -11.71
C TYR K 112 -40.78 12.77 -11.44
N CYS K 113 -41.22 12.55 -10.20
CA CYS K 113 -42.59 12.78 -9.82
C CYS K 113 -42.72 13.69 -8.60
N ASN K 114 -43.77 14.51 -8.56
CA ASN K 114 -44.01 15.40 -7.42
C ASN K 114 -45.37 15.15 -6.79
N ALA K 115 -46.14 14.26 -7.40
CA ALA K 115 -47.47 13.92 -6.90
C ALA K 115 -47.85 12.51 -7.32
N ALA K 116 -47.92 11.61 -6.34
CA ALA K 116 -48.22 10.21 -6.57
C ALA K 116 -49.63 9.83 -7.02
N GLU K 117 -50.55 10.79 -7.02
CA GLU K 117 -51.91 10.48 -7.44
C GLU K 117 -52.00 10.34 -8.96
N THR K 118 -50.98 10.81 -9.66
CA THR K 118 -50.96 10.75 -11.12
C THR K 118 -50.23 9.49 -11.59
N ALA K 119 -50.95 8.60 -12.27
CA ALA K 119 -50.36 7.37 -12.75
C ALA K 119 -50.04 7.48 -14.25
N ILE K 120 -48.92 6.90 -14.65
CA ILE K 120 -48.52 6.89 -16.05
C ILE K 120 -49.10 5.62 -16.63
N SER K 121 -49.77 5.75 -17.77
CA SER K 121 -50.42 4.62 -18.42
C SER K 121 -50.02 4.51 -19.89
N PRO K 122 -50.46 3.44 -20.57
CA PRO K 122 -50.12 3.28 -21.98
C PRO K 122 -50.67 4.43 -22.79
N GLY K 123 -49.85 5.03 -23.64
CA GLY K 123 -50.29 6.13 -24.47
C GLY K 123 -50.19 7.51 -23.84
N THR K 124 -49.79 7.57 -22.56
CA THR K 124 -49.68 8.87 -21.89
C THR K 124 -48.66 9.76 -22.59
N TRP K 125 -47.53 9.18 -22.99
CA TRP K 125 -46.50 9.95 -23.67
C TRP K 125 -47.03 10.58 -24.96
N GLU K 126 -47.57 9.75 -25.85
CA GLU K 126 -48.09 10.25 -27.12
C GLU K 126 -49.21 11.29 -26.91
N ALA K 127 -50.04 11.07 -25.90
CA ALA K 127 -51.13 12.01 -25.61
C ALA K 127 -50.52 13.35 -25.20
N ALA K 128 -49.49 13.31 -24.36
CA ALA K 128 -48.82 14.51 -23.90
C ALA K 128 -48.21 15.28 -25.06
N LEU K 129 -47.65 14.56 -26.04
CA LEU K 129 -47.05 15.22 -27.20
C LEU K 129 -48.12 15.92 -28.04
N SER K 130 -49.27 15.28 -28.18
CA SER K 130 -50.37 15.85 -28.96
C SER K 130 -50.87 17.13 -28.28
N SER K 131 -51.00 17.07 -26.96
CA SER K 131 -51.43 18.24 -26.21
C SER K 131 -50.40 19.36 -26.40
N MET K 132 -49.13 18.99 -26.36
CA MET K 132 -48.02 19.95 -26.54
C MET K 132 -48.14 20.59 -27.94
N ALA K 133 -48.44 19.77 -28.95
CA ALA K 133 -48.58 20.25 -30.31
C ALA K 133 -49.69 21.30 -30.39
N SER K 134 -50.78 21.05 -29.69
CA SER K 134 -51.90 22.00 -29.67
C SER K 134 -51.46 23.35 -29.14
N ALA K 135 -50.65 23.34 -28.08
CA ALA K 135 -50.18 24.59 -27.49
C ALA K 135 -49.25 25.33 -28.43
N ILE K 136 -48.39 24.58 -29.13
CA ILE K 136 -47.46 25.17 -30.07
C ILE K 136 -48.20 25.81 -31.26
N ASP K 137 -49.15 25.08 -31.82
CA ASP K 137 -49.92 25.62 -32.94
C ASP K 137 -50.73 26.84 -32.52
N GLY K 138 -51.19 26.82 -31.27
CA GLY K 138 -51.95 27.95 -30.78
C GLY K 138 -51.05 29.17 -30.68
N ALA K 139 -49.79 28.94 -30.27
CA ALA K 139 -48.83 30.02 -30.13
C ALA K 139 -48.43 30.57 -31.50
N ASP K 140 -48.40 29.72 -32.52
CA ASP K 140 -48.06 30.19 -33.85
C ASP K 140 -49.11 31.11 -34.42
N LEU K 141 -50.36 30.91 -34.00
CA LEU K 141 -51.45 31.76 -34.47
C LEU K 141 -51.23 33.15 -33.93
N ILE K 142 -50.95 33.22 -32.63
CA ILE K 142 -50.71 34.49 -31.97
C ILE K 142 -49.50 35.18 -32.59
N ALA K 143 -48.48 34.38 -32.91
CA ALA K 143 -47.26 34.92 -33.51
C ALA K 143 -47.56 35.44 -34.91
N ALA K 144 -48.56 34.87 -35.56
CA ALA K 144 -48.95 35.26 -36.90
C ALA K 144 -49.88 36.48 -36.92
N GLY K 145 -50.26 36.97 -35.75
CA GLY K 145 -51.11 38.15 -35.72
C GLY K 145 -52.51 37.99 -35.14
N HIS K 146 -52.85 36.80 -34.66
CA HIS K 146 -54.19 36.62 -34.09
C HIS K 146 -54.30 37.29 -32.73
N LYS K 147 -55.49 37.82 -32.43
CA LYS K 147 -55.71 38.50 -31.16
C LYS K 147 -55.94 37.47 -30.05
N ALA K 148 -56.50 36.33 -30.41
CA ALA K 148 -56.78 35.29 -29.44
C ALA K 148 -56.84 33.96 -30.14
N ALA K 149 -56.73 32.89 -29.36
CA ALA K 149 -56.79 31.52 -29.88
C ALA K 149 -56.93 30.59 -28.69
N PHE K 150 -57.62 29.47 -28.90
CA PHE K 150 -57.82 28.51 -27.82
C PHE K 150 -57.18 27.16 -28.10
N SER K 151 -56.29 26.74 -27.20
CA SER K 151 -55.63 25.45 -27.32
C SER K 151 -56.30 24.55 -26.30
N LEU K 152 -57.13 23.63 -26.80
CA LEU K 152 -57.85 22.71 -25.93
C LEU K 152 -56.88 21.59 -25.59
N CYS K 153 -56.01 21.85 -24.62
CA CYS K 153 -55.03 20.86 -24.22
C CYS K 153 -55.54 19.84 -23.22
N ARG K 154 -55.08 18.61 -23.43
CA ARG K 154 -55.36 17.47 -22.57
C ARG K 154 -54.43 16.35 -22.97
N PRO K 155 -53.66 15.81 -22.01
CA PRO K 155 -53.65 16.21 -20.60
C PRO K 155 -53.19 17.65 -20.37
N PRO K 156 -53.47 18.19 -19.18
CA PRO K 156 -53.08 19.56 -18.81
C PRO K 156 -51.59 19.57 -18.49
N GLY K 157 -51.02 20.73 -18.15
CA GLY K 157 -49.60 20.72 -17.89
C GLY K 157 -48.99 21.65 -16.85
N HIS K 158 -49.77 22.53 -16.25
CA HIS K 158 -49.17 23.46 -15.31
C HIS K 158 -48.53 22.89 -14.02
N HIS K 159 -48.74 21.60 -13.74
CA HIS K 159 -48.12 20.98 -12.56
C HIS K 159 -46.83 20.27 -12.94
N ALA K 160 -46.55 20.22 -14.25
CA ALA K 160 -45.34 19.59 -14.74
C ALA K 160 -44.22 20.62 -14.60
N GLY K 161 -43.25 20.30 -13.75
CA GLY K 161 -42.13 21.20 -13.55
C GLY K 161 -41.02 20.90 -14.52
N ILE K 162 -39.87 21.50 -14.30
CA ILE K 162 -38.72 21.28 -15.15
C ILE K 162 -38.42 19.79 -15.34
N ASP K 163 -38.37 19.06 -14.24
CA ASP K 163 -38.06 17.63 -14.33
C ASP K 163 -38.94 16.73 -13.48
N MET K 164 -40.24 17.02 -13.45
CA MET K 164 -41.16 16.19 -12.68
C MET K 164 -42.57 16.30 -13.24
N PHE K 165 -43.32 15.21 -13.14
CA PHE K 165 -44.70 15.19 -13.60
C PHE K 165 -45.55 15.07 -12.34
N GLY K 166 -46.85 15.31 -12.49
CA GLY K 166 -47.75 15.22 -11.35
C GLY K 166 -49.01 16.03 -11.57
N GLY K 167 -50.00 15.85 -10.71
CA GLY K 167 -51.25 16.59 -10.85
C GLY K 167 -51.87 16.46 -12.23
N TYR K 168 -51.78 15.25 -12.79
CA TYR K 168 -52.31 14.91 -14.11
C TYR K 168 -51.59 15.60 -15.25
N CYS K 169 -50.42 16.18 -14.98
CA CYS K 169 -49.63 16.88 -15.99
C CYS K 169 -48.28 16.22 -16.24
N PHE K 170 -47.84 16.20 -17.51
CA PHE K 170 -46.57 15.58 -17.87
C PHE K 170 -45.70 16.56 -18.65
N ILE K 171 -46.31 17.35 -19.53
CA ILE K 171 -45.57 18.34 -20.29
C ILE K 171 -46.27 19.67 -20.06
N ASN K 172 -45.51 20.69 -19.69
CA ASN K 172 -46.12 21.99 -19.40
C ASN K 172 -46.48 22.74 -20.68
N ASN K 173 -47.69 22.52 -21.16
CA ASN K 173 -48.16 23.15 -22.37
C ASN K 173 -48.07 24.68 -22.38
N ALA K 174 -48.48 25.32 -21.27
CA ALA K 174 -48.41 26.78 -21.19
C ALA K 174 -46.96 27.27 -21.31
N ALA K 175 -46.03 26.55 -20.69
CA ALA K 175 -44.62 26.94 -20.75
C ALA K 175 -44.08 26.77 -22.17
N VAL K 176 -44.50 25.71 -22.84
CA VAL K 176 -44.05 25.45 -24.19
C VAL K 176 -44.56 26.54 -25.14
N ALA K 177 -45.83 26.91 -24.95
CA ALA K 177 -46.46 27.95 -25.76
C ALA K 177 -45.75 29.27 -25.54
N ALA K 178 -45.40 29.57 -24.29
CA ALA K 178 -44.72 30.81 -24.00
C ALA K 178 -43.35 30.80 -24.65
N GLN K 179 -42.65 29.68 -24.56
CA GLN K 179 -41.32 29.57 -25.16
C GLN K 179 -41.42 29.74 -26.66
N ARG K 180 -42.48 29.18 -27.24
CA ARG K 180 -42.69 29.28 -28.68
C ARG K 180 -42.83 30.74 -29.11
N LEU K 181 -43.58 31.51 -28.34
CA LEU K 181 -43.78 32.92 -28.67
C LEU K 181 -42.45 33.65 -28.64
N LEU K 182 -41.57 33.25 -27.74
CA LEU K 182 -40.26 33.88 -27.67
C LEU K 182 -39.43 33.55 -28.88
N ASP K 183 -39.45 32.28 -29.30
CA ASP K 183 -38.65 31.87 -30.46
C ASP K 183 -39.15 32.50 -31.75
N LYS K 184 -40.44 32.82 -31.81
CA LYS K 184 -41.01 33.42 -33.00
C LYS K 184 -40.73 34.91 -33.11
N GLY K 185 -40.25 35.52 -32.04
CA GLY K 185 -39.95 36.94 -32.13
C GLY K 185 -40.13 37.77 -30.88
N ALA K 186 -40.96 37.31 -29.95
CA ALA K 186 -41.21 38.06 -28.73
C ALA K 186 -39.97 38.09 -27.82
N LYS K 187 -39.88 39.13 -26.98
CA LYS K 187 -38.78 39.26 -26.04
C LYS K 187 -39.29 39.10 -24.61
N LYS K 188 -40.56 39.42 -24.39
CA LYS K 188 -41.18 39.30 -23.07
C LYS K 188 -42.59 38.74 -23.17
N ILE K 189 -42.84 37.68 -22.41
CA ILE K 189 -44.15 37.01 -22.41
C ILE K 189 -44.61 36.75 -20.98
N ALA K 190 -45.92 36.71 -20.76
CA ALA K 190 -46.43 36.43 -19.43
C ALA K 190 -47.39 35.27 -19.50
N ILE K 191 -47.47 34.54 -18.40
CA ILE K 191 -48.39 33.42 -18.29
C ILE K 191 -49.26 33.79 -17.11
N LEU K 192 -50.57 33.74 -17.30
CA LEU K 192 -51.52 34.07 -16.24
C LEU K 192 -52.27 32.77 -15.95
N ASP K 193 -52.09 32.25 -14.75
CA ASP K 193 -52.72 30.99 -14.35
C ASP K 193 -53.97 31.23 -13.49
N VAL K 194 -55.15 31.05 -14.09
CA VAL K 194 -56.42 31.26 -13.38
C VAL K 194 -57.08 29.98 -12.89
N ASP K 195 -56.41 28.87 -13.13
CA ASP K 195 -56.89 27.57 -12.69
C ASP K 195 -56.93 27.63 -11.16
N PHE K 196 -57.85 26.92 -10.53
CA PHE K 196 -57.97 26.94 -9.07
C PHE K 196 -56.66 26.71 -8.32
N HIS K 197 -55.92 25.68 -8.71
CA HIS K 197 -54.66 25.35 -8.06
C HIS K 197 -53.49 26.17 -8.57
N HIS K 198 -52.41 26.18 -7.80
CA HIS K 198 -51.23 26.92 -8.18
C HIS K 198 -50.55 26.22 -9.34
N GLY K 199 -49.99 26.98 -10.27
CA GLY K 199 -49.29 26.34 -11.37
C GLY K 199 -47.86 26.20 -10.90
N ASN K 200 -47.61 25.24 -10.02
CA ASN K 200 -46.26 25.05 -9.49
C ASN K 200 -45.24 24.65 -10.53
N GLY K 201 -45.64 23.81 -11.49
CA GLY K 201 -44.71 23.39 -12.54
C GLY K 201 -44.29 24.57 -13.39
N THR K 202 -45.24 25.42 -13.74
CA THR K 202 -44.95 26.59 -14.55
C THR K 202 -44.04 27.55 -13.77
N GLN K 203 -44.36 27.78 -12.51
CA GLN K 203 -43.55 28.67 -11.68
C GLN K 203 -42.12 28.17 -11.64
N ASP K 204 -41.97 26.89 -11.37
CA ASP K 204 -40.65 26.26 -11.30
C ASP K 204 -39.85 26.51 -12.57
N ILE K 205 -40.50 26.32 -13.72
CA ILE K 205 -39.82 26.50 -14.99
C ILE K 205 -39.26 27.89 -15.28
N PHE K 206 -40.00 28.94 -14.94
CA PHE K 206 -39.56 30.29 -15.21
C PHE K 206 -39.13 31.10 -13.99
N TYR K 207 -38.94 30.41 -12.87
CA TYR K 207 -38.56 31.09 -11.63
C TYR K 207 -37.27 31.90 -11.77
N GLU K 208 -36.34 31.41 -12.58
CA GLU K 208 -35.09 32.11 -12.77
C GLU K 208 -34.90 32.71 -14.16
N ARG K 209 -36.01 32.91 -14.86
CA ARG K 209 -35.94 33.50 -16.20
C ARG K 209 -36.53 34.89 -16.17
N GLY K 210 -35.73 35.87 -16.57
CA GLY K 210 -36.20 37.24 -16.57
C GLY K 210 -37.05 37.62 -17.76
N ASP K 211 -37.13 36.74 -18.74
CA ASP K 211 -37.90 37.02 -19.95
C ASP K 211 -39.36 36.56 -19.90
N VAL K 212 -39.76 35.89 -18.83
CA VAL K 212 -41.13 35.43 -18.71
C VAL K 212 -41.64 35.77 -17.31
N PHE K 213 -42.83 36.34 -17.24
CA PHE K 213 -43.45 36.70 -15.98
C PHE K 213 -44.55 35.70 -15.70
N PHE K 214 -44.64 35.21 -14.45
CA PHE K 214 -45.66 34.24 -14.10
C PHE K 214 -46.57 34.74 -13.00
N ALA K 215 -47.86 34.76 -13.28
CA ALA K 215 -48.82 35.22 -12.30
C ALA K 215 -49.85 34.12 -12.09
N SER K 216 -50.17 33.83 -10.83
CA SER K 216 -51.15 32.79 -10.54
C SER K 216 -52.09 33.12 -9.39
N LEU K 217 -53.38 32.88 -9.62
CA LEU K 217 -54.41 33.10 -8.60
C LEU K 217 -54.78 31.67 -8.23
N HIS K 218 -54.90 31.36 -6.95
CA HIS K 218 -55.17 29.96 -6.58
C HIS K 218 -55.51 29.76 -5.11
N GLY K 219 -55.99 28.55 -4.80
CA GLY K 219 -56.33 28.24 -3.42
C GLY K 219 -55.04 28.19 -2.62
N ASP K 220 -55.09 28.75 -1.42
CA ASP K 220 -53.95 28.79 -0.51
C ASP K 220 -53.29 27.43 -0.44
N PRO K 221 -51.98 27.35 -0.76
CA PRO K 221 -51.29 26.05 -0.71
C PRO K 221 -51.23 25.46 0.70
N ALA K 222 -51.39 26.32 1.70
CA ALA K 222 -51.38 25.84 3.07
C ALA K 222 -52.51 24.81 3.26
N GLU K 223 -53.52 24.87 2.41
CA GLU K 223 -54.62 23.94 2.51
C GLU K 223 -55.16 23.49 1.16
N ALA K 224 -54.30 23.44 0.16
CA ALA K 224 -54.71 23.03 -1.17
C ALA K 224 -53.56 22.55 -2.04
N PHE K 225 -53.85 21.54 -2.86
CA PHE K 225 -52.89 20.97 -3.79
C PHE K 225 -52.42 22.18 -4.62
N PRO K 226 -51.12 22.23 -5.01
CA PRO K 226 -50.02 21.29 -4.77
C PRO K 226 -49.36 21.32 -3.38
N HIS K 227 -49.90 22.13 -2.47
CA HIS K 227 -49.40 22.19 -1.09
C HIS K 227 -48.01 22.74 -0.81
N PHE K 228 -47.08 22.59 -1.74
CA PHE K 228 -45.71 23.02 -1.46
C PHE K 228 -45.11 24.15 -2.28
N LEU K 229 -45.96 24.95 -2.89
CA LEU K 229 -45.50 26.09 -3.67
C LEU K 229 -46.75 26.95 -3.86
N GLY K 230 -46.59 28.25 -4.12
CA GLY K 230 -47.75 29.09 -4.32
C GLY K 230 -47.92 30.21 -3.32
N TYR K 231 -47.01 30.30 -2.35
CA TYR K 231 -47.10 31.34 -1.36
C TYR K 231 -46.73 32.68 -2.01
N ALA K 232 -47.27 33.76 -1.45
CA ALA K 232 -47.06 35.11 -1.96
C ALA K 232 -45.62 35.60 -1.85
N GLU K 233 -44.87 35.00 -0.93
CA GLU K 233 -43.48 35.35 -0.68
C GLU K 233 -42.56 34.93 -1.83
N GLU K 234 -43.02 33.99 -2.65
CA GLU K 234 -42.22 33.49 -3.78
C GLU K 234 -42.35 34.49 -4.93
N THR K 235 -41.32 35.32 -5.15
CA THR K 235 -41.38 36.31 -6.22
C THR K 235 -40.31 36.19 -7.32
N GLY K 236 -39.53 35.12 -7.28
CA GLY K 236 -38.51 34.96 -8.29
C GLY K 236 -37.15 34.76 -7.65
N LYS K 237 -36.18 34.35 -8.44
CA LYS K 237 -34.84 34.10 -7.94
C LYS K 237 -33.78 34.43 -8.99
N GLY K 238 -32.71 35.08 -8.52
CA GLY K 238 -31.60 35.44 -9.40
C GLY K 238 -31.95 36.17 -10.68
N ALA K 239 -31.60 35.57 -11.81
CA ALA K 239 -31.85 36.18 -13.11
C ALA K 239 -33.34 36.45 -13.32
N GLY K 240 -34.18 35.76 -12.56
CA GLY K 240 -35.61 35.96 -12.71
C GLY K 240 -36.28 36.62 -11.50
N ALA K 241 -35.50 37.20 -10.60
CA ALA K 241 -36.09 37.85 -9.42
C ALA K 241 -37.16 38.86 -9.84
N GLY K 242 -38.27 38.85 -9.11
CA GLY K 242 -39.35 39.77 -9.42
C GLY K 242 -40.28 39.35 -10.56
N THR K 243 -40.11 38.16 -11.11
CA THR K 243 -40.99 37.76 -12.20
C THR K 243 -42.07 36.74 -11.85
N THR K 244 -42.35 36.57 -10.56
CA THR K 244 -43.41 35.65 -10.12
C THR K 244 -44.33 36.40 -9.16
N ALA K 245 -45.63 36.27 -9.36
CA ALA K 245 -46.62 36.92 -8.49
C ALA K 245 -47.73 35.93 -8.18
N ASN K 246 -47.78 35.50 -6.92
CA ASN K 246 -48.77 34.53 -6.48
C ASN K 246 -49.85 35.19 -5.63
N TYR K 247 -51.10 34.80 -5.89
CA TYR K 247 -52.24 35.34 -5.17
C TYR K 247 -53.06 34.21 -4.56
N PRO K 248 -52.58 33.63 -3.44
CA PRO K 248 -53.28 32.54 -2.77
C PRO K 248 -54.49 33.13 -2.03
N MET K 249 -55.63 32.46 -2.13
CA MET K 249 -56.85 32.93 -1.47
C MET K 249 -57.54 31.79 -0.72
N GLY K 250 -58.30 32.14 0.33
CA GLY K 250 -58.97 31.13 1.15
C GLY K 250 -60.25 30.50 0.64
N ARG K 251 -60.91 29.73 1.52
CA ARG K 251 -62.14 29.04 1.17
C ARG K 251 -63.34 29.97 0.98
N GLY K 252 -64.20 29.61 0.02
CA GLY K 252 -65.39 30.39 -0.26
C GLY K 252 -65.16 31.64 -1.09
N THR K 253 -63.92 31.88 -1.51
CA THR K 253 -63.61 33.07 -2.29
C THR K 253 -64.50 33.25 -3.53
N PRO K 254 -65.23 34.37 -3.57
CA PRO K 254 -66.12 34.71 -4.69
C PRO K 254 -65.39 35.63 -5.67
N TYR K 255 -66.03 35.94 -6.80
CA TYR K 255 -65.41 36.81 -7.79
C TYR K 255 -65.09 38.17 -7.19
N SER K 256 -65.85 38.58 -6.18
CA SER K 256 -65.64 39.87 -5.51
C SER K 256 -64.19 40.04 -5.09
N VAL K 257 -63.63 39.00 -4.51
CA VAL K 257 -62.25 39.01 -4.04
C VAL K 257 -61.29 38.58 -5.16
N TRP K 258 -61.69 37.52 -5.87
CA TRP K 258 -60.89 36.96 -6.95
C TRP K 258 -60.57 37.99 -8.03
N GLY K 259 -61.59 38.75 -8.42
CA GLY K 259 -61.41 39.77 -9.45
C GLY K 259 -60.39 40.81 -9.08
N GLU K 260 -60.34 41.16 -7.80
CA GLU K 260 -59.38 42.15 -7.34
C GLU K 260 -57.96 41.63 -7.59
N ALA K 261 -57.73 40.35 -7.29
CA ALA K 261 -56.41 39.76 -7.51
C ALA K 261 -56.12 39.75 -9.01
N LEU K 262 -57.14 39.47 -9.81
CA LEU K 262 -56.98 39.46 -11.25
C LEU K 262 -56.49 40.81 -11.75
N THR K 263 -57.14 41.88 -11.28
CA THR K 263 -56.78 43.24 -11.67
C THR K 263 -55.32 43.50 -11.33
N ASP K 264 -54.93 43.20 -10.09
CA ASP K 264 -53.55 43.44 -9.71
C ASP K 264 -52.57 42.62 -10.55
N SER K 265 -52.86 41.35 -10.77
CA SER K 265 -51.96 40.51 -11.57
C SER K 265 -51.76 41.07 -12.98
N LEU K 266 -52.83 41.62 -13.57
CA LEU K 266 -52.76 42.19 -14.91
C LEU K 266 -51.96 43.47 -14.87
N LYS K 267 -52.04 44.17 -13.75
CA LYS K 267 -51.29 45.41 -13.58
C LYS K 267 -49.80 45.09 -13.56
N ARG K 268 -49.40 44.03 -12.85
CA ARG K 268 -47.99 43.66 -12.79
C ARG K 268 -47.49 43.11 -14.13
N ILE K 269 -48.37 42.47 -14.89
CA ILE K 269 -47.99 41.94 -16.20
C ILE K 269 -47.71 43.10 -17.15
N ALA K 270 -48.58 44.11 -17.13
CA ALA K 270 -48.41 45.28 -17.97
C ALA K 270 -47.09 45.97 -17.64
N ALA K 271 -46.82 46.15 -16.35
CA ALA K 271 -45.59 46.79 -15.90
C ALA K 271 -44.35 45.99 -16.31
N PHE K 272 -44.53 44.69 -16.51
CA PHE K 272 -43.44 43.81 -16.93
C PHE K 272 -43.14 44.08 -18.40
N GLY K 273 -44.18 44.45 -19.14
CA GLY K 273 -44.02 44.74 -20.55
C GLY K 273 -44.27 43.55 -21.46
N ALA K 274 -45.12 42.64 -21.03
CA ALA K 274 -45.43 41.46 -21.82
C ALA K 274 -46.02 41.83 -23.19
N GLU K 275 -45.60 41.13 -24.24
CA GLU K 275 -46.08 41.37 -25.59
C GLU K 275 -47.26 40.47 -25.91
N ALA K 276 -47.49 39.48 -25.05
CA ALA K 276 -48.60 38.56 -25.22
C ALA K 276 -48.80 37.84 -23.89
N ILE K 277 -49.96 37.24 -23.72
CA ILE K 277 -50.24 36.53 -22.48
C ILE K 277 -50.80 35.15 -22.74
N VAL K 278 -50.15 34.14 -22.16
CA VAL K 278 -50.60 32.77 -22.27
C VAL K 278 -51.42 32.59 -20.99
N VAL K 279 -52.68 32.26 -21.16
CA VAL K 279 -53.59 32.07 -20.03
C VAL K 279 -53.81 30.60 -19.75
N SER K 280 -53.39 30.14 -18.58
CA SER K 280 -53.62 28.75 -18.19
C SER K 280 -55.02 28.77 -17.61
N LEU K 281 -55.99 28.36 -18.40
CA LEU K 281 -57.38 28.39 -17.96
C LEU K 281 -57.88 27.10 -17.37
N GLY K 282 -58.31 27.20 -16.12
CA GLY K 282 -58.86 26.07 -15.41
C GLY K 282 -60.20 26.58 -14.95
N VAL K 283 -61.26 25.80 -15.19
CA VAL K 283 -62.58 26.23 -14.74
C VAL K 283 -62.97 25.52 -13.45
N ASP K 284 -61.97 24.96 -12.78
CA ASP K 284 -62.25 24.27 -11.53
C ASP K 284 -62.40 25.24 -10.36
N THR K 285 -62.48 26.54 -10.69
CA THR K 285 -62.69 27.57 -9.67
C THR K 285 -64.20 27.73 -9.47
N PHE K 286 -64.97 27.07 -10.36
CA PHE K 286 -66.44 27.10 -10.34
C PHE K 286 -66.99 26.64 -8.98
N GLU K 287 -68.05 27.30 -8.52
CA GLU K 287 -68.67 26.99 -7.23
C GLU K 287 -69.18 25.55 -7.10
N GLN K 288 -69.48 24.91 -8.23
CA GLN K 288 -69.97 23.54 -8.18
C GLN K 288 -68.87 22.51 -8.41
N ASP K 289 -67.66 22.97 -8.68
CA ASP K 289 -66.56 22.02 -8.89
C ASP K 289 -66.26 21.35 -7.56
N PRO K 290 -66.25 20.02 -7.53
CA PRO K 290 -65.99 19.25 -6.31
C PRO K 290 -64.58 19.36 -5.73
N ILE K 291 -63.56 19.50 -6.58
CA ILE K 291 -62.18 19.56 -6.09
C ILE K 291 -61.67 20.92 -5.63
N SER K 292 -62.50 21.96 -5.71
CA SER K 292 -62.05 23.28 -5.29
C SER K 292 -62.93 23.89 -4.22
N PHE K 293 -62.45 24.97 -3.61
CA PHE K 293 -63.21 25.65 -2.58
C PHE K 293 -63.49 27.11 -2.89
N PHE K 294 -63.39 27.47 -4.17
CA PHE K 294 -63.69 28.84 -4.61
C PHE K 294 -65.15 28.84 -5.06
N LYS K 295 -65.73 30.03 -5.18
CA LYS K 295 -67.13 30.09 -5.59
C LYS K 295 -67.47 31.02 -6.75
N LEU K 296 -66.84 30.81 -7.92
CA LEU K 296 -67.15 31.62 -9.08
C LEU K 296 -68.41 31.07 -9.78
N THR K 297 -69.18 31.95 -10.41
CA THR K 297 -70.39 31.54 -11.13
C THR K 297 -70.09 31.47 -12.62
N SER K 298 -70.92 30.78 -13.38
CA SER K 298 -70.69 30.67 -14.81
C SER K 298 -70.54 32.05 -15.46
N PRO K 299 -71.41 33.00 -15.10
CA PRO K 299 -71.35 34.36 -15.67
C PRO K 299 -70.03 35.08 -15.39
N ASP K 300 -69.38 34.77 -14.25
CA ASP K 300 -68.10 35.38 -13.89
C ASP K 300 -67.00 35.08 -14.90
N TYR K 301 -67.10 33.94 -15.58
CA TYR K 301 -66.10 33.54 -16.57
C TYR K 301 -66.12 34.47 -17.76
N ILE K 302 -67.29 35.05 -18.04
CA ILE K 302 -67.40 35.98 -19.16
C ILE K 302 -66.68 37.26 -18.75
N THR K 303 -66.91 37.70 -17.51
CA THR K 303 -66.29 38.90 -16.97
C THR K 303 -64.77 38.72 -16.94
N MET K 304 -64.33 37.51 -16.59
CA MET K 304 -62.91 37.17 -16.51
C MET K 304 -62.24 37.30 -17.88
N GLY K 305 -62.83 36.66 -18.88
CA GLY K 305 -62.28 36.74 -20.22
C GLY K 305 -62.15 38.16 -20.72
N ARG K 306 -63.18 38.96 -20.47
CA ARG K 306 -63.19 40.36 -20.91
C ARG K 306 -62.10 41.17 -20.23
N THR K 307 -61.93 40.96 -18.93
CA THR K 307 -60.91 41.68 -18.20
C THR K 307 -59.51 41.33 -18.69
N ILE K 308 -59.27 40.05 -18.96
CA ILE K 308 -57.95 39.66 -19.43
C ILE K 308 -57.69 40.20 -20.83
N ALA K 309 -58.71 40.12 -21.68
CA ALA K 309 -58.60 40.64 -23.04
C ALA K 309 -58.37 42.15 -23.00
N ALA K 310 -58.94 42.82 -22.01
CA ALA K 310 -58.78 44.27 -21.88
C ALA K 310 -57.33 44.67 -21.62
N SER K 311 -56.43 43.67 -21.59
CA SER K 311 -55.01 43.92 -21.37
C SER K 311 -54.44 44.64 -22.58
N GLY K 312 -55.06 44.40 -23.74
CA GLY K 312 -54.61 45.04 -24.95
C GLY K 312 -53.53 44.27 -25.69
N VAL K 313 -53.14 43.11 -25.17
CA VAL K 313 -52.11 42.31 -25.83
C VAL K 313 -52.71 40.98 -26.27
N PRO K 314 -52.12 40.36 -27.31
CA PRO K 314 -52.61 39.06 -27.81
C PRO K 314 -52.73 38.01 -26.70
N LEU K 315 -53.75 37.17 -26.78
CA LEU K 315 -53.96 36.14 -25.77
C LEU K 315 -54.04 34.73 -26.33
N LEU K 316 -53.37 33.80 -25.65
CA LEU K 316 -53.42 32.40 -26.03
C LEU K 316 -53.97 31.68 -24.81
N VAL K 317 -55.14 31.08 -24.95
CA VAL K 317 -55.76 30.35 -23.85
C VAL K 317 -55.43 28.87 -23.98
N VAL K 318 -54.89 28.31 -22.90
CA VAL K 318 -54.52 26.90 -22.85
C VAL K 318 -55.34 26.22 -21.75
N MET K 319 -56.07 25.18 -22.13
CA MET K 319 -56.92 24.45 -21.20
C MET K 319 -56.09 23.78 -20.10
N GLU K 320 -56.55 23.93 -18.86
CA GLU K 320 -55.88 23.30 -17.71
C GLU K 320 -56.91 22.40 -17.00
N GLY K 321 -57.23 22.73 -15.75
CA GLY K 321 -58.18 21.92 -14.98
C GLY K 321 -59.67 22.21 -15.08
N GLY K 322 -60.45 21.55 -14.23
CA GLY K 322 -61.89 21.71 -14.23
C GLY K 322 -62.44 20.31 -14.44
N TYR K 323 -63.21 19.80 -13.48
CA TYR K 323 -63.70 18.45 -13.61
C TYR K 323 -65.16 18.25 -13.25
N GLY K 324 -65.62 17.02 -13.46
CA GLY K 324 -66.98 16.63 -13.12
C GLY K 324 -68.15 17.33 -13.80
N VAL K 325 -68.72 18.31 -13.09
CA VAL K 325 -69.86 19.07 -13.55
C VAL K 325 -69.95 19.26 -15.07
N PRO K 326 -71.16 19.16 -15.62
CA PRO K 326 -71.38 19.33 -17.06
C PRO K 326 -71.20 20.78 -17.51
N GLU K 327 -71.20 21.71 -16.56
CA GLU K 327 -71.02 23.12 -16.88
C GLU K 327 -69.56 23.44 -17.21
N ILE K 328 -68.71 22.42 -17.21
CA ILE K 328 -67.31 22.61 -17.52
C ILE K 328 -67.15 23.25 -18.90
N GLY K 329 -67.92 22.76 -19.87
CA GLY K 329 -67.85 23.29 -21.21
C GLY K 329 -68.42 24.70 -21.29
N LEU K 330 -69.56 24.92 -20.66
CA LEU K 330 -70.19 26.24 -20.66
C LEU K 330 -69.27 27.26 -20.03
N ASN K 331 -68.60 26.86 -18.95
CA ASN K 331 -67.71 27.78 -18.26
C ASN K 331 -66.48 28.16 -19.09
N VAL K 332 -65.95 27.22 -19.86
CA VAL K 332 -64.81 27.52 -20.71
C VAL K 332 -65.26 28.42 -21.85
N ALA K 333 -66.44 28.13 -22.39
CA ALA K 333 -66.99 28.91 -23.48
C ALA K 333 -67.21 30.37 -23.03
N ASN K 334 -67.69 30.56 -21.80
CA ASN K 334 -67.92 31.91 -21.32
C ASN K 334 -66.64 32.74 -21.32
N VAL K 335 -65.53 32.12 -20.94
CA VAL K 335 -64.26 32.83 -20.93
C VAL K 335 -63.91 33.26 -22.35
N LEU K 336 -64.11 32.37 -23.33
CA LEU K 336 -63.81 32.68 -24.73
C LEU K 336 -64.72 33.81 -25.27
N LYS K 337 -65.99 33.79 -24.86
CA LYS K 337 -66.94 34.80 -25.27
C LYS K 337 -66.50 36.15 -24.70
N GLY K 338 -66.01 36.13 -23.47
CA GLY K 338 -65.53 37.34 -22.83
C GLY K 338 -64.35 37.89 -23.60
N VAL K 339 -63.42 37.00 -23.97
CA VAL K 339 -62.22 37.37 -24.71
C VAL K 339 -62.55 37.86 -26.13
N ALA K 340 -63.41 37.13 -26.83
CA ALA K 340 -63.79 37.48 -28.18
C ALA K 340 -64.49 38.84 -28.25
N GLY K 341 -65.34 39.12 -27.26
CA GLY K 341 -66.05 40.39 -27.24
C GLY K 341 -67.20 40.47 -28.23
N MET L 1 -13.42 76.89 -3.00
CA MET L 1 -12.83 75.70 -2.32
C MET L 1 -11.46 75.38 -2.89
N ARG L 2 -10.71 74.56 -2.17
CA ARG L 2 -9.38 74.18 -2.60
C ARG L 2 -9.42 73.01 -3.58
N VAL L 3 -8.52 73.03 -4.55
CA VAL L 3 -8.44 71.99 -5.56
C VAL L 3 -7.16 71.19 -5.36
N ILE L 4 -7.31 69.87 -5.24
CA ILE L 4 -6.16 69.00 -5.05
C ILE L 4 -5.85 68.35 -6.39
N PHE L 5 -4.69 68.67 -6.96
CA PHE L 5 -4.30 68.13 -8.25
C PHE L 5 -2.84 67.70 -8.34
N SER L 6 -2.62 66.53 -8.93
CA SER L 6 -1.27 66.01 -9.10
C SER L 6 -0.93 65.86 -10.57
N GLU L 7 0.26 66.31 -10.95
CA GLU L 7 0.67 66.20 -12.35
C GLU L 7 1.14 64.79 -12.72
N ASP L 8 1.38 63.93 -11.73
CA ASP L 8 1.80 62.58 -12.04
C ASP L 8 0.67 61.76 -12.65
N HIS L 9 -0.47 62.40 -12.85
CA HIS L 9 -1.60 61.74 -13.45
C HIS L 9 -1.20 61.39 -14.89
N LYS L 10 -0.37 62.22 -15.50
CA LYS L 10 0.07 62.00 -16.87
C LYS L 10 0.83 60.69 -17.04
N LEU L 11 1.33 60.12 -15.93
CA LEU L 11 2.05 58.86 -15.98
C LEU L 11 1.11 57.78 -16.51
N ARG L 12 -0.19 58.03 -16.38
CA ARG L 12 -1.18 57.11 -16.92
C ARG L 12 -1.46 57.61 -18.33
N ASN L 13 -0.86 56.96 -19.32
CA ASN L 13 -1.02 57.36 -20.71
C ASN L 13 -0.96 56.13 -21.60
N ALA L 14 -1.97 55.26 -21.48
CA ALA L 14 -2.03 54.04 -22.28
C ALA L 14 -2.20 54.43 -23.74
N LYS L 15 -1.66 53.61 -24.62
CA LYS L 15 -1.78 53.90 -26.03
C LYS L 15 -2.91 53.13 -26.69
N THR L 16 -3.43 52.12 -26.01
CA THR L 16 -4.51 51.32 -26.60
C THR L 16 -5.68 51.04 -25.66
N GLU L 17 -6.86 50.94 -26.26
CA GLU L 17 -8.09 50.64 -25.55
C GLU L 17 -8.92 49.78 -26.49
N LEU L 18 -9.55 48.74 -25.94
CA LEU L 18 -10.37 47.86 -26.75
C LEU L 18 -11.78 48.43 -26.84
N TYR L 19 -12.15 48.85 -28.04
CA TYR L 19 -13.47 49.43 -28.31
C TYR L 19 -13.97 49.07 -29.70
N GLY L 20 -15.15 48.48 -29.76
CA GLY L 20 -15.73 48.09 -31.03
C GLY L 20 -14.92 47.01 -31.73
N GLY L 21 -14.19 46.23 -30.95
CA GLY L 21 -13.38 45.17 -31.52
C GLY L 21 -12.11 45.69 -32.17
N GLU L 22 -11.67 46.88 -31.75
CA GLU L 22 -10.45 47.46 -32.30
C GLU L 22 -9.65 48.12 -31.19
N LEU L 23 -8.34 48.22 -31.41
CA LEU L 23 -7.46 48.86 -30.43
C LEU L 23 -7.28 50.31 -30.88
N VAL L 24 -7.80 51.24 -30.08
CA VAL L 24 -7.72 52.65 -30.41
C VAL L 24 -7.19 53.47 -29.24
N PRO L 25 -6.78 54.72 -29.50
CA PRO L 25 -6.26 55.55 -28.41
C PRO L 25 -7.32 55.68 -27.29
N PRO L 26 -6.92 55.47 -26.03
CA PRO L 26 -7.84 55.56 -24.89
C PRO L 26 -8.65 56.86 -24.81
N PHE L 27 -9.94 56.73 -24.53
CA PHE L 27 -10.83 57.88 -24.42
C PHE L 27 -10.54 58.62 -23.10
N GLU L 28 -9.92 57.92 -22.17
CA GLU L 28 -9.57 58.50 -20.88
C GLU L 28 -8.12 59.01 -21.01
N ALA L 29 -7.94 60.09 -21.77
CA ALA L 29 -6.62 60.65 -22.02
C ALA L 29 -6.24 61.76 -21.03
N PRO L 30 -4.92 62.00 -20.87
CA PRO L 30 -4.43 63.02 -19.95
C PRO L 30 -5.00 64.43 -20.16
N PHE L 31 -5.43 64.74 -21.38
CA PHE L 31 -5.97 66.06 -21.65
C PHE L 31 -7.25 66.36 -20.87
N ARG L 32 -7.94 65.32 -20.39
CA ARG L 32 -9.16 65.53 -19.62
C ARG L 32 -8.81 66.30 -18.35
N ALA L 33 -7.70 65.96 -17.73
CA ALA L 33 -7.26 66.62 -16.51
C ALA L 33 -6.98 68.11 -16.73
N GLU L 34 -6.20 68.43 -17.78
CA GLU L 34 -5.86 69.81 -18.07
C GLU L 34 -7.09 70.66 -18.41
N TRP L 35 -8.01 70.09 -19.19
CA TRP L 35 -9.22 70.79 -19.58
C TRP L 35 -10.09 71.09 -18.36
N ILE L 36 -10.13 70.15 -17.42
CA ILE L 36 -10.92 70.34 -16.21
C ILE L 36 -10.24 71.34 -15.29
N LEU L 37 -8.92 71.24 -15.15
CA LEU L 37 -8.18 72.14 -14.29
C LEU L 37 -8.28 73.59 -14.80
N ALA L 38 -8.29 73.77 -16.12
CA ALA L 38 -8.37 75.11 -16.69
C ALA L 38 -9.72 75.74 -16.43
N ALA L 39 -10.79 74.97 -16.65
CA ALA L 39 -12.13 75.47 -16.45
C ALA L 39 -12.40 75.86 -14.99
N VAL L 40 -11.94 75.03 -14.05
CA VAL L 40 -12.17 75.33 -12.64
C VAL L 40 -11.41 76.56 -12.21
N LYS L 41 -10.21 76.74 -12.75
CA LYS L 41 -9.41 77.91 -12.42
C LYS L 41 -10.10 79.15 -12.96
N GLU L 42 -10.63 79.04 -14.17
CA GLU L 42 -11.33 80.15 -14.82
C GLU L 42 -12.61 80.48 -14.08
N ALA L 43 -13.18 79.49 -13.40
CA ALA L 43 -14.42 79.67 -12.66
C ALA L 43 -14.16 80.33 -11.30
N GLY L 44 -12.88 80.51 -10.95
CA GLY L 44 -12.56 81.14 -9.68
C GLY L 44 -11.85 80.22 -8.70
N PHE L 45 -11.77 78.94 -9.03
CA PHE L 45 -11.11 77.97 -8.16
C PHE L 45 -9.65 77.83 -8.57
N ASP L 46 -8.85 78.85 -8.26
CA ASP L 46 -7.44 78.85 -8.62
C ASP L 46 -6.51 78.46 -7.48
N ASP L 47 -7.06 78.06 -6.34
CA ASP L 47 -6.23 77.63 -5.23
C ASP L 47 -5.99 76.13 -5.39
N VAL L 48 -5.05 75.80 -6.27
CA VAL L 48 -4.70 74.41 -6.56
C VAL L 48 -3.43 74.01 -5.86
N VAL L 49 -3.43 72.82 -5.24
CA VAL L 49 -2.24 72.35 -4.56
C VAL L 49 -1.97 70.88 -4.87
N ALA L 50 -0.69 70.52 -4.91
CA ALA L 50 -0.30 69.14 -5.18
C ALA L 50 -0.48 68.37 -3.88
N PRO L 51 -0.82 67.08 -3.98
CA PRO L 51 -1.01 66.22 -2.81
C PRO L 51 0.30 65.82 -2.15
N ALA L 52 0.28 65.65 -0.84
CA ALA L 52 1.47 65.24 -0.10
C ALA L 52 1.70 63.74 -0.32
N ARG L 53 2.85 63.24 0.12
CA ARG L 53 3.18 61.82 -0.01
C ARG L 53 2.35 61.02 1.00
N HIS L 54 1.82 59.88 0.58
CA HIS L 54 1.02 59.04 1.46
C HIS L 54 1.37 57.56 1.35
N GLY L 55 1.22 56.84 2.46
CA GLY L 55 1.51 55.42 2.46
C GLY L 55 0.33 54.62 1.96
N LEU L 56 0.38 53.30 2.12
CA LEU L 56 -0.68 52.43 1.65
C LEU L 56 -1.64 52.00 2.76
N GLU L 57 -1.45 52.53 3.97
CA GLU L 57 -2.32 52.14 5.07
C GLU L 57 -3.80 52.33 4.74
N THR L 58 -4.17 53.52 4.29
CA THR L 58 -5.56 53.79 3.97
C THR L 58 -6.12 52.89 2.86
N VAL L 59 -5.42 52.82 1.73
CA VAL L 59 -5.89 51.99 0.63
C VAL L 59 -5.98 50.51 0.99
N LEU L 60 -5.11 50.05 1.88
CA LEU L 60 -5.12 48.64 2.28
C LEU L 60 -6.36 48.29 3.09
N LYS L 61 -7.16 49.30 3.41
CA LYS L 61 -8.37 49.09 4.18
C LYS L 61 -9.60 48.90 3.31
N VAL L 62 -9.47 49.18 2.02
CA VAL L 62 -10.58 49.05 1.09
C VAL L 62 -10.26 48.11 -0.10
N HIS L 63 -8.98 47.89 -0.39
CA HIS L 63 -8.58 47.00 -1.47
C HIS L 63 -7.86 45.78 -0.95
N ASP L 64 -7.99 44.67 -1.68
CA ASP L 64 -7.34 43.43 -1.32
C ASP L 64 -5.83 43.62 -1.47
N ALA L 65 -5.06 43.09 -0.51
CA ALA L 65 -3.60 43.21 -0.54
C ALA L 65 -3.01 42.52 -1.76
N GLY L 66 -3.59 41.38 -2.14
CA GLY L 66 -3.11 40.65 -3.29
C GLY L 66 -3.33 41.43 -4.56
N TYR L 67 -4.46 42.13 -4.64
CA TYR L 67 -4.81 42.96 -5.79
C TYR L 67 -3.82 44.10 -6.00
N LEU L 68 -3.49 44.81 -4.94
CA LEU L 68 -2.56 45.93 -5.02
C LEU L 68 -1.17 45.42 -5.39
N ASN L 69 -0.79 44.27 -4.83
CA ASN L 69 0.51 43.68 -5.12
C ASN L 69 0.58 43.39 -6.62
N PHE L 70 -0.49 42.83 -7.17
CA PHE L 70 -0.57 42.51 -8.60
C PHE L 70 -0.37 43.76 -9.45
N LEU L 71 -1.02 44.86 -9.05
CA LEU L 71 -0.95 46.13 -9.78
C LEU L 71 0.43 46.75 -9.82
N GLU L 72 1.13 46.72 -8.70
CA GLU L 72 2.46 47.31 -8.63
C GLU L 72 3.48 46.69 -9.59
N THR L 73 3.32 45.41 -9.89
CA THR L 73 4.26 44.75 -10.78
C THR L 73 3.63 44.15 -12.02
N ALA L 74 2.36 44.45 -12.25
CA ALA L 74 1.66 43.91 -13.41
C ALA L 74 2.35 44.18 -14.74
N TRP L 75 2.78 45.43 -14.95
CA TRP L 75 3.43 45.77 -16.21
C TRP L 75 4.79 45.09 -16.41
N ASP L 76 5.62 45.07 -15.37
CA ASP L 76 6.94 44.45 -15.49
C ASP L 76 6.83 42.98 -15.88
N ARG L 77 5.94 42.26 -15.19
CA ARG L 77 5.76 40.85 -15.46
C ARG L 77 5.23 40.60 -16.87
N TRP L 78 4.37 41.49 -17.33
CA TRP L 78 3.80 41.35 -18.67
C TRP L 78 4.91 41.54 -19.71
N LYS L 79 5.72 42.57 -19.49
CA LYS L 79 6.83 42.88 -20.37
C LYS L 79 7.81 41.71 -20.38
N ALA L 80 8.09 41.19 -19.19
CA ALA L 80 9.02 40.07 -19.04
C ALA L 80 8.52 38.82 -19.77
N ALA L 81 7.20 38.60 -19.75
CA ALA L 81 6.62 37.44 -20.40
C ALA L 81 6.89 37.47 -21.90
N GLY L 82 7.29 38.62 -22.41
CA GLY L 82 7.61 38.76 -23.83
C GLY L 82 6.51 39.27 -24.75
N TYR L 83 5.46 39.86 -24.18
CA TYR L 83 4.38 40.38 -24.99
C TYR L 83 4.69 41.76 -25.55
N LYS L 84 4.21 42.02 -26.78
CA LYS L 84 4.47 43.27 -27.46
C LYS L 84 3.47 44.39 -27.24
N GLY L 85 2.21 44.05 -27.01
CA GLY L 85 1.20 45.07 -26.78
C GLY L 85 1.11 45.37 -25.30
N GLU L 86 0.10 46.14 -24.91
CA GLU L 86 -0.10 46.48 -23.52
C GLU L 86 -0.71 45.30 -22.79
N ALA L 87 -0.81 45.41 -21.46
CA ALA L 87 -1.37 44.33 -20.67
C ALA L 87 -2.88 44.34 -20.71
N ILE L 88 -3.44 43.41 -21.49
CA ILE L 88 -4.87 43.30 -21.64
C ILE L 88 -5.35 41.89 -21.28
N ALA L 89 -6.33 41.82 -20.38
CA ALA L 89 -6.90 40.56 -19.92
C ALA L 89 -7.77 39.90 -20.98
N THR L 90 -7.73 38.57 -21.04
CA THR L 90 -8.55 37.83 -22.00
C THR L 90 -9.42 36.78 -21.30
N SER L 91 -8.83 35.99 -20.39
CA SER L 91 -9.59 34.98 -19.65
C SER L 91 -10.09 35.56 -18.34
N PHE L 92 -11.35 35.29 -18.03
CA PHE L 92 -11.93 35.79 -16.81
C PHE L 92 -12.62 34.72 -15.98
N PRO L 93 -12.54 34.83 -14.64
CA PRO L 93 -13.18 33.83 -13.78
C PRO L 93 -14.68 34.11 -13.73
N VAL L 94 -15.41 33.63 -14.73
CA VAL L 94 -16.84 33.85 -14.77
C VAL L 94 -17.63 32.77 -14.03
N ARG L 95 -18.88 32.58 -14.43
CA ARG L 95 -19.75 31.59 -13.80
C ARG L 95 -19.18 30.19 -13.69
N ARG L 96 -19.40 29.57 -12.53
CA ARG L 96 -18.99 28.20 -12.27
C ARG L 96 -17.51 27.88 -12.52
N THR L 97 -16.63 28.78 -12.11
CA THR L 97 -15.21 28.56 -12.27
C THR L 97 -14.58 28.37 -10.90
N SER L 98 -13.34 27.92 -10.89
CA SER L 98 -12.59 27.69 -9.65
C SER L 98 -12.25 29.05 -9.03
N PRO L 99 -12.12 29.10 -7.70
CA PRO L 99 -11.79 30.35 -7.00
C PRO L 99 -10.28 30.54 -6.87
N ARG L 100 -9.52 29.52 -7.28
CA ARG L 100 -8.06 29.59 -7.19
C ARG L 100 -7.46 30.72 -8.02
N ILE L 101 -6.30 31.19 -7.57
CA ILE L 101 -5.60 32.26 -8.27
C ILE L 101 -4.42 31.71 -9.08
N PRO L 102 -4.36 32.01 -10.38
CA PRO L 102 -3.27 31.54 -11.24
C PRO L 102 -1.95 32.09 -10.70
N THR L 103 -0.84 31.47 -11.08
CA THR L 103 0.47 31.91 -10.62
C THR L 103 1.19 32.78 -11.65
N ASP L 104 0.80 32.66 -12.92
CA ASP L 104 1.44 33.45 -13.98
C ASP L 104 0.71 34.74 -14.30
N ILE L 105 1.40 35.62 -15.03
CA ILE L 105 0.84 36.90 -15.40
C ILE L 105 -0.37 36.73 -16.33
N GLU L 106 -0.32 35.73 -17.20
CA GLU L 106 -1.43 35.50 -18.13
C GLU L 106 -2.73 35.28 -17.37
N GLY L 107 -2.71 34.39 -16.38
CA GLY L 107 -3.91 34.11 -15.61
C GLY L 107 -4.29 35.16 -14.58
N GLN L 108 -3.30 35.76 -13.95
CA GLN L 108 -3.58 36.75 -12.94
C GLN L 108 -4.22 38.03 -13.46
N ILE L 109 -3.80 38.49 -14.63
CA ILE L 109 -4.36 39.70 -15.17
C ILE L 109 -5.89 39.59 -15.34
N GLY L 110 -6.36 38.40 -15.74
CA GLY L 110 -7.79 38.20 -15.91
C GLY L 110 -8.51 38.04 -14.57
N TYR L 111 -7.82 37.39 -13.63
CA TYR L 111 -8.34 37.17 -12.29
C TYR L 111 -8.63 38.49 -11.56
N TYR L 112 -7.77 39.48 -11.76
CA TYR L 112 -7.93 40.78 -11.13
C TYR L 112 -8.61 41.83 -12.01
N CYS L 113 -9.27 41.40 -13.09
CA CYS L 113 -9.95 42.32 -13.99
C CYS L 113 -11.44 42.05 -14.18
N ASN L 114 -12.23 43.12 -14.36
CA ASN L 114 -13.67 42.94 -14.60
C ASN L 114 -14.08 43.50 -15.95
N ALA L 115 -13.23 44.35 -16.52
CA ALA L 115 -13.50 44.96 -17.81
C ALA L 115 -12.23 45.04 -18.64
N ALA L 116 -12.17 44.22 -19.68
CA ALA L 116 -11.01 44.12 -20.57
C ALA L 116 -10.69 45.34 -21.45
N GLU L 117 -11.61 46.30 -21.57
CA GLU L 117 -11.32 47.46 -22.40
C GLU L 117 -10.18 48.28 -21.79
N THR L 118 -9.91 48.04 -20.50
CA THR L 118 -8.86 48.76 -19.82
C THR L 118 -7.55 47.99 -19.84
N ALA L 119 -6.50 48.67 -20.30
CA ALA L 119 -5.19 48.05 -20.38
C ALA L 119 -4.21 48.65 -19.36
N ILE L 120 -3.34 47.80 -18.83
CA ILE L 120 -2.34 48.24 -17.87
C ILE L 120 -1.10 48.59 -18.70
N SER L 121 -0.54 49.77 -18.42
CA SER L 121 0.64 50.26 -19.13
C SER L 121 1.63 50.86 -18.15
N PRO L 122 2.82 51.27 -18.64
CA PRO L 122 3.84 51.86 -17.76
C PRO L 122 3.34 53.14 -17.12
N GLY L 123 3.60 53.30 -15.83
CA GLY L 123 3.16 54.49 -15.13
C GLY L 123 1.76 54.39 -14.56
N THR L 124 1.05 53.31 -14.88
CA THR L 124 -0.32 53.17 -14.36
C THR L 124 -0.34 53.07 -12.84
N TRP L 125 0.56 52.28 -12.27
CA TRP L 125 0.60 52.12 -10.83
C TRP L 125 0.95 53.46 -10.16
N GLU L 126 2.05 54.06 -10.60
CA GLU L 126 2.47 55.34 -10.04
C GLU L 126 1.36 56.39 -10.20
N ALA L 127 0.76 56.42 -11.37
CA ALA L 127 -0.32 57.36 -11.63
C ALA L 127 -1.49 57.12 -10.67
N ALA L 128 -1.89 55.86 -10.52
CA ALA L 128 -3.00 55.52 -9.62
C ALA L 128 -2.73 56.00 -8.20
N LEU L 129 -1.48 55.87 -7.76
CA LEU L 129 -1.12 56.30 -6.42
C LEU L 129 -1.22 57.80 -6.27
N SER L 130 -0.86 58.56 -7.30
CA SER L 130 -0.94 60.01 -7.20
C SER L 130 -2.40 60.42 -7.11
N SER L 131 -3.26 59.77 -7.90
CA SER L 131 -4.68 60.06 -7.90
C SER L 131 -5.25 59.77 -6.51
N MET L 132 -4.82 58.65 -5.92
CA MET L 132 -5.25 58.24 -4.59
C MET L 132 -4.80 59.29 -3.57
N ALA L 133 -3.58 59.80 -3.75
CA ALA L 133 -3.04 60.81 -2.83
C ALA L 133 -3.91 62.07 -2.88
N SER L 134 -4.42 62.38 -4.08
CA SER L 134 -5.28 63.55 -4.22
C SER L 134 -6.58 63.38 -3.43
N ALA L 135 -7.15 62.18 -3.48
CA ALA L 135 -8.38 61.91 -2.77
C ALA L 135 -8.13 62.00 -1.26
N ILE L 136 -7.02 61.42 -0.81
CA ILE L 136 -6.67 61.43 0.61
C ILE L 136 -6.48 62.86 1.14
N ASP L 137 -5.73 63.66 0.38
CA ASP L 137 -5.48 65.04 0.76
C ASP L 137 -6.77 65.85 0.77
N GLY L 138 -7.69 65.52 -0.14
CA GLY L 138 -8.96 66.23 -0.18
C GLY L 138 -9.78 65.89 1.06
N ALA L 139 -9.68 64.62 1.48
CA ALA L 139 -10.41 64.15 2.66
C ALA L 139 -9.88 64.83 3.92
N ASP L 140 -8.57 64.98 4.00
CA ASP L 140 -7.97 65.62 5.17
C ASP L 140 -8.47 67.05 5.31
N LEU L 141 -8.75 67.73 4.19
CA LEU L 141 -9.26 69.10 4.27
C LEU L 141 -10.66 69.08 4.91
N ILE L 142 -11.48 68.13 4.51
CA ILE L 142 -12.83 68.04 5.06
C ILE L 142 -12.78 67.72 6.55
N ALA L 143 -11.83 66.88 6.93
CA ALA L 143 -11.66 66.49 8.32
C ALA L 143 -11.15 67.68 9.13
N ALA L 144 -10.56 68.65 8.44
CA ALA L 144 -10.00 69.83 9.09
C ALA L 144 -11.00 70.98 9.20
N GLY L 145 -12.23 70.78 8.74
CA GLY L 145 -13.23 71.82 8.85
C GLY L 145 -13.72 72.44 7.57
N HIS L 146 -13.05 72.18 6.45
CA HIS L 146 -13.47 72.73 5.16
C HIS L 146 -14.84 72.18 4.78
N LYS L 147 -15.72 73.05 4.31
CA LYS L 147 -17.07 72.63 3.94
C LYS L 147 -17.10 71.94 2.58
N ALA L 148 -16.10 72.21 1.76
CA ALA L 148 -16.01 71.61 0.44
C ALA L 148 -14.58 71.61 -0.09
N ALA L 149 -14.27 70.62 -0.93
CA ALA L 149 -12.95 70.53 -1.55
C ALA L 149 -13.13 69.71 -2.81
N PHE L 150 -12.19 69.84 -3.74
CA PHE L 150 -12.27 69.11 -4.98
C PHE L 150 -10.97 68.36 -5.27
N SER L 151 -11.09 67.03 -5.41
CA SER L 151 -9.95 66.18 -5.72
C SER L 151 -9.99 65.84 -7.21
N LEU L 152 -9.15 66.49 -8.00
CA LEU L 152 -9.12 66.24 -9.43
C LEU L 152 -8.38 64.93 -9.66
N CYS L 153 -9.09 63.83 -9.50
CA CYS L 153 -8.51 62.51 -9.66
C CYS L 153 -8.47 61.98 -11.09
N ARG L 154 -7.35 61.34 -11.40
CA ARG L 154 -7.11 60.70 -12.70
C ARG L 154 -5.86 59.84 -12.53
N PRO L 155 -5.97 58.53 -12.86
CA PRO L 155 -7.20 57.92 -13.37
C PRO L 155 -8.35 57.92 -12.37
N PRO L 156 -9.57 57.68 -12.86
CA PRO L 156 -10.75 57.65 -11.99
C PRO L 156 -10.73 56.33 -11.22
N GLY L 157 -11.76 56.07 -10.41
CA GLY L 157 -11.73 54.83 -9.66
C GLY L 157 -13.00 54.11 -9.27
N HIS L 158 -14.18 54.67 -9.52
CA HIS L 158 -15.38 53.97 -9.08
C HIS L 158 -15.67 52.59 -9.71
N HIS L 159 -14.92 52.18 -10.72
CA HIS L 159 -15.14 50.85 -11.30
C HIS L 159 -14.16 49.85 -10.67
N ALA L 160 -13.20 50.35 -9.90
CA ALA L 160 -12.26 49.46 -9.26
C ALA L 160 -12.89 48.89 -7.99
N GLY L 161 -13.00 47.57 -7.94
CA GLY L 161 -13.59 46.92 -6.79
C GLY L 161 -12.57 46.47 -5.78
N ILE L 162 -12.99 45.65 -4.82
CA ILE L 162 -12.07 45.18 -3.79
C ILE L 162 -10.80 44.56 -4.35
N ASP L 163 -10.94 43.67 -5.33
CA ASP L 163 -9.80 43.00 -5.91
C ASP L 163 -9.84 42.88 -7.43
N MET L 164 -10.24 43.96 -8.10
CA MET L 164 -10.30 43.97 -9.56
C MET L 164 -10.29 45.39 -10.13
N PHE L 165 -9.68 45.55 -11.30
CA PHE L 165 -9.61 46.84 -11.97
C PHE L 165 -10.47 46.78 -13.22
N GLY L 166 -10.70 47.94 -13.83
CA GLY L 166 -11.52 47.99 -15.03
C GLY L 166 -12.15 49.35 -15.21
N GLY L 167 -12.75 49.56 -16.38
CA GLY L 167 -13.40 50.84 -16.66
C GLY L 167 -12.47 52.03 -16.45
N TYR L 168 -11.17 51.83 -16.73
CA TYR L 168 -10.13 52.84 -16.60
C TYR L 168 -9.75 53.12 -15.16
N CYS L 169 -10.25 52.30 -14.24
CA CYS L 169 -9.97 52.49 -12.82
C CYS L 169 -9.08 51.40 -12.23
N PHE L 170 -8.23 51.78 -11.30
CA PHE L 170 -7.33 50.82 -10.67
C PHE L 170 -7.43 50.93 -9.15
N ILE L 171 -7.63 52.14 -8.65
CA ILE L 171 -7.77 52.34 -7.22
C ILE L 171 -8.96 53.24 -7.01
N ASN L 172 -9.87 52.78 -6.16
CA ASN L 172 -11.09 53.52 -5.90
C ASN L 172 -10.85 54.74 -5.03
N ASN L 173 -10.62 55.86 -5.71
CA ASN L 173 -10.36 57.11 -5.04
C ASN L 173 -11.44 57.48 -4.02
N ALA L 174 -12.70 57.41 -4.42
CA ALA L 174 -13.80 57.73 -3.49
C ALA L 174 -13.79 56.81 -2.27
N ALA L 175 -13.55 55.52 -2.48
CA ALA L 175 -13.52 54.59 -1.36
C ALA L 175 -12.40 54.96 -0.40
N VAL L 176 -11.24 55.29 -0.97
CA VAL L 176 -10.10 55.68 -0.17
C VAL L 176 -10.39 56.96 0.62
N ALA L 177 -11.06 57.92 -0.01
CA ALA L 177 -11.42 59.17 0.65
C ALA L 177 -12.40 58.88 1.79
N ALA L 178 -13.36 58.03 1.54
CA ALA L 178 -14.34 57.66 2.56
C ALA L 178 -13.62 57.06 3.76
N GLN L 179 -12.74 56.09 3.50
CA GLN L 179 -12.00 55.43 4.56
C GLN L 179 -11.12 56.41 5.33
N ARG L 180 -10.54 57.37 4.62
CA ARG L 180 -9.69 58.35 5.27
C ARG L 180 -10.49 59.18 6.28
N LEU L 181 -11.67 59.64 5.88
CA LEU L 181 -12.54 60.43 6.75
C LEU L 181 -12.89 59.66 8.03
N LEU L 182 -13.12 58.36 7.88
CA LEU L 182 -13.43 57.52 9.03
C LEU L 182 -12.22 57.46 9.97
N ASP L 183 -11.02 57.33 9.40
CA ASP L 183 -9.80 57.28 10.22
C ASP L 183 -9.53 58.60 10.93
N LYS L 184 -10.11 59.68 10.43
CA LYS L 184 -9.93 60.99 11.01
C LYS L 184 -10.92 61.28 12.14
N GLY L 185 -11.88 60.38 12.33
CA GLY L 185 -12.85 60.59 13.39
C GLY L 185 -14.30 60.34 13.07
N ALA L 186 -14.67 60.36 11.79
CA ALA L 186 -16.06 60.13 11.41
C ALA L 186 -16.44 58.67 11.67
N LYS L 187 -17.71 58.43 11.96
CA LYS L 187 -18.19 57.08 12.20
C LYS L 187 -19.12 56.61 11.07
N LYS L 188 -19.78 57.57 10.42
CA LYS L 188 -20.67 57.26 9.30
C LYS L 188 -20.37 58.22 8.15
N ILE L 189 -20.12 57.67 6.97
CA ILE L 189 -19.81 58.45 5.77
C ILE L 189 -20.62 57.93 4.59
N ALA L 190 -21.04 58.85 3.73
CA ALA L 190 -21.79 58.46 2.55
C ALA L 190 -21.03 58.83 1.30
N ILE L 191 -21.28 58.06 0.24
CA ILE L 191 -20.67 58.30 -1.05
C ILE L 191 -21.84 58.39 -2.03
N LEU L 192 -21.87 59.48 -2.77
CA LEU L 192 -22.91 59.73 -3.76
C LEU L 192 -22.26 59.74 -5.15
N ASP L 193 -22.64 58.77 -5.97
CA ASP L 193 -22.08 58.64 -7.31
C ASP L 193 -23.02 59.19 -8.40
N VAL L 194 -22.71 60.38 -8.92
CA VAL L 194 -23.55 61.01 -9.95
C VAL L 194 -23.05 60.76 -11.37
N ASP L 195 -21.95 60.04 -11.49
CA ASP L 195 -21.35 59.68 -12.78
C ASP L 195 -22.39 58.86 -13.55
N PHE L 196 -22.41 58.97 -14.87
CA PHE L 196 -23.39 58.22 -15.65
C PHE L 196 -23.43 56.71 -15.42
N HIS L 197 -22.26 56.09 -15.29
CA HIS L 197 -22.22 54.64 -15.07
C HIS L 197 -22.25 54.32 -13.57
N HIS L 198 -22.72 53.11 -13.27
CA HIS L 198 -22.78 52.66 -11.89
C HIS L 198 -21.38 52.52 -11.30
N GLY L 199 -21.22 52.90 -10.04
CA GLY L 199 -19.92 52.76 -9.39
C GLY L 199 -19.89 51.37 -8.77
N ASN L 200 -19.83 50.38 -9.64
CA ASN L 200 -19.82 48.98 -9.23
C ASN L 200 -18.66 48.63 -8.30
N GLY L 201 -17.53 49.29 -8.51
CA GLY L 201 -16.38 49.04 -7.65
C GLY L 201 -16.61 49.58 -6.25
N THR L 202 -17.19 50.77 -6.16
CA THR L 202 -17.46 51.38 -4.87
C THR L 202 -18.53 50.59 -4.10
N GLN L 203 -19.54 50.11 -4.81
CA GLN L 203 -20.60 49.32 -4.19
C GLN L 203 -20.00 48.05 -3.61
N ASP L 204 -19.21 47.36 -4.44
CA ASP L 204 -18.55 46.12 -4.05
C ASP L 204 -17.71 46.28 -2.77
N ILE L 205 -16.95 47.37 -2.69
CA ILE L 205 -16.10 47.64 -1.54
C ILE L 205 -16.85 47.80 -0.20
N PHE L 206 -17.95 48.55 -0.23
CA PHE L 206 -18.72 48.82 0.98
C PHE L 206 -20.03 48.05 1.13
N TYR L 207 -20.27 47.08 0.25
CA TYR L 207 -21.52 46.32 0.28
C TYR L 207 -21.83 45.68 1.63
N GLU L 208 -20.79 45.27 2.34
CA GLU L 208 -21.00 44.64 3.63
C GLU L 208 -20.49 45.47 4.80
N ARG L 209 -20.48 46.78 4.60
CA ARG L 209 -20.03 47.70 5.64
C ARG L 209 -21.13 48.66 6.06
N GLY L 210 -21.47 48.60 7.34
CA GLY L 210 -22.52 49.46 7.87
C GLY L 210 -22.10 50.88 8.18
N ASP L 211 -20.80 51.17 8.13
CA ASP L 211 -20.32 52.51 8.43
C ASP L 211 -20.26 53.43 7.22
N VAL L 212 -20.46 52.87 6.03
CA VAL L 212 -20.46 53.68 4.82
C VAL L 212 -21.72 53.41 4.01
N PHE L 213 -22.37 54.48 3.58
CA PHE L 213 -23.59 54.36 2.79
C PHE L 213 -23.24 54.67 1.33
N PHE L 214 -23.77 53.89 0.40
CA PHE L 214 -23.48 54.13 -1.02
C PHE L 214 -24.76 54.32 -1.84
N ALA L 215 -24.85 55.45 -2.53
CA ALA L 215 -26.00 55.74 -3.36
C ALA L 215 -25.48 56.06 -4.76
N SER L 216 -26.18 55.58 -5.78
CA SER L 216 -25.74 55.82 -7.15
C SER L 216 -26.86 56.04 -8.17
N LEU L 217 -26.69 57.05 -9.02
CA LEU L 217 -27.64 57.34 -10.09
C LEU L 217 -26.86 56.95 -11.33
N HIS L 218 -27.47 56.18 -12.22
CA HIS L 218 -26.74 55.71 -13.40
C HIS L 218 -27.67 55.12 -14.45
N GLY L 219 -27.12 54.88 -15.64
CA GLY L 219 -27.91 54.29 -16.69
C GLY L 219 -28.22 52.84 -16.34
N ASP L 220 -29.41 52.39 -16.70
CA ASP L 220 -29.83 51.03 -16.43
C ASP L 220 -28.73 50.07 -16.86
N PRO L 221 -28.23 49.25 -15.92
CA PRO L 221 -27.17 48.28 -16.23
C PRO L 221 -27.57 47.27 -17.29
N ALA L 222 -28.88 47.08 -17.46
CA ALA L 222 -29.38 46.14 -18.46
C ALA L 222 -28.92 46.58 -19.85
N GLU L 223 -28.61 47.86 -20.00
CA GLU L 223 -28.17 48.36 -21.29
C GLU L 223 -27.05 49.39 -21.19
N ALA L 224 -26.18 49.22 -20.20
CA ALA L 224 -25.08 50.15 -20.03
C ALA L 224 -23.99 49.62 -19.10
N PHE L 225 -22.74 49.95 -19.45
CA PHE L 225 -21.58 49.56 -18.67
C PHE L 225 -21.88 50.01 -17.24
N PRO L 226 -21.45 49.25 -16.22
CA PRO L 226 -20.69 48.00 -16.19
C PRO L 226 -21.50 46.72 -16.46
N HIS L 227 -22.78 46.88 -16.77
CA HIS L 227 -23.66 45.76 -17.10
C HIS L 227 -24.06 44.72 -16.06
N PHE L 228 -23.16 44.37 -15.15
CA PHE L 228 -23.46 43.31 -14.18
C PHE L 228 -23.58 43.72 -12.71
N LEU L 229 -24.02 44.95 -12.49
CA LEU L 229 -24.22 45.47 -11.15
C LEU L 229 -24.92 46.83 -11.31
N GLY L 230 -25.66 47.23 -10.28
CA GLY L 230 -26.34 48.52 -10.34
C GLY L 230 -27.86 48.45 -10.37
N TYR L 231 -28.43 47.27 -10.15
CA TYR L 231 -29.88 47.10 -10.15
C TYR L 231 -30.44 47.58 -8.82
N ALA L 232 -31.67 48.08 -8.85
CA ALA L 232 -32.33 48.59 -7.66
C ALA L 232 -32.46 47.59 -6.50
N GLU L 233 -32.54 46.29 -6.81
CA GLU L 233 -32.69 45.25 -5.80
C GLU L 233 -31.47 45.08 -4.88
N GLU L 234 -30.30 45.49 -5.37
CA GLU L 234 -29.06 45.39 -4.61
C GLU L 234 -29.01 46.43 -3.51
N THR L 235 -29.48 46.09 -2.31
CA THR L 235 -29.50 47.04 -1.21
C THR L 235 -28.48 46.82 -0.11
N GLY L 236 -27.63 45.81 -0.25
CA GLY L 236 -26.64 45.57 0.78
C GLY L 236 -26.68 44.15 1.28
N LYS L 237 -25.67 43.76 2.04
CA LYS L 237 -25.58 42.39 2.53
C LYS L 237 -24.88 42.29 3.88
N GLY L 238 -25.33 41.34 4.70
CA GLY L 238 -24.72 41.11 6.00
C GLY L 238 -24.62 42.30 6.90
N ALA L 239 -23.40 42.61 7.34
CA ALA L 239 -23.16 43.74 8.22
C ALA L 239 -23.42 45.07 7.54
N GLY L 240 -23.66 45.04 6.22
CA GLY L 240 -23.91 46.25 5.48
C GLY L 240 -25.29 46.32 4.85
N ALA L 241 -26.14 45.36 5.21
CA ALA L 241 -27.49 45.30 4.65
C ALA L 241 -28.17 46.67 4.78
N GLY L 242 -28.84 47.09 3.72
CA GLY L 242 -29.52 48.38 3.75
C GLY L 242 -28.66 49.62 3.53
N THR L 243 -27.36 49.46 3.23
CA THR L 243 -26.54 50.65 3.02
C THR L 243 -26.18 50.93 1.55
N THR L 244 -26.97 50.38 0.63
CA THR L 244 -26.74 50.62 -0.79
C THR L 244 -28.07 51.00 -1.47
N ALA L 245 -28.06 52.09 -2.22
CA ALA L 245 -29.26 52.54 -2.92
C ALA L 245 -28.90 52.88 -4.35
N ASN L 246 -29.37 52.03 -5.28
CA ASN L 246 -29.10 52.23 -6.69
C ASN L 246 -30.31 52.81 -7.41
N TYR L 247 -30.07 53.79 -8.27
CA TYR L 247 -31.16 54.37 -9.02
C TYR L 247 -30.91 54.27 -10.52
N PRO L 248 -31.16 53.09 -11.10
CA PRO L 248 -30.95 52.87 -12.53
C PRO L 248 -32.04 53.64 -13.30
N MET L 249 -31.65 54.29 -14.39
CA MET L 249 -32.60 55.06 -15.22
C MET L 249 -32.38 54.80 -16.71
N GLY L 250 -33.45 54.89 -17.49
CA GLY L 250 -33.39 54.62 -18.92
C GLY L 250 -32.85 55.69 -19.86
N ARG L 251 -32.92 55.39 -21.15
CA ARG L 251 -32.44 56.30 -22.18
C ARG L 251 -33.29 57.56 -22.30
N GLY L 252 -32.62 58.69 -22.50
CA GLY L 252 -33.32 59.96 -22.66
C GLY L 252 -33.65 60.69 -21.37
N THR L 253 -33.30 60.09 -20.23
CA THR L 253 -33.59 60.69 -18.94
C THR L 253 -33.11 62.13 -18.79
N PRO L 254 -34.05 63.08 -18.65
CA PRO L 254 -33.71 64.49 -18.48
C PRO L 254 -33.51 64.80 -17.00
N TYR L 255 -33.05 66.01 -16.71
CA TYR L 255 -32.81 66.41 -15.33
C TYR L 255 -34.08 66.38 -14.48
N SER L 256 -35.23 66.64 -15.10
CA SER L 256 -36.50 66.64 -14.36
C SER L 256 -36.72 65.28 -13.70
N VAL L 257 -36.23 64.21 -14.32
CA VAL L 257 -36.37 62.87 -13.77
C VAL L 257 -35.15 62.51 -12.92
N TRP L 258 -33.97 62.82 -13.44
CA TRP L 258 -32.71 62.53 -12.74
C TRP L 258 -32.66 63.19 -11.38
N GLY L 259 -33.14 64.43 -11.31
CA GLY L 259 -33.15 65.16 -10.05
C GLY L 259 -34.05 64.58 -8.98
N GLU L 260 -35.13 63.90 -9.39
CA GLU L 260 -36.03 63.28 -8.43
C GLU L 260 -35.27 62.18 -7.72
N ALA L 261 -34.46 61.43 -8.48
CA ALA L 261 -33.67 60.36 -7.90
C ALA L 261 -32.61 60.97 -6.98
N LEU L 262 -32.02 62.09 -7.39
CA LEU L 262 -31.00 62.75 -6.58
C LEU L 262 -31.59 63.10 -5.21
N THR L 263 -32.79 63.69 -5.23
CA THR L 263 -33.46 64.08 -4.00
C THR L 263 -33.69 62.88 -3.09
N ASP L 264 -34.18 61.78 -3.66
CA ASP L 264 -34.43 60.58 -2.86
C ASP L 264 -33.13 60.03 -2.25
N SER L 265 -32.06 60.03 -3.04
CA SER L 265 -30.78 59.53 -2.55
C SER L 265 -30.27 60.36 -1.36
N LEU L 266 -30.50 61.66 -1.41
CA LEU L 266 -30.06 62.56 -0.34
C LEU L 266 -30.89 62.33 0.93
N LYS L 267 -32.15 61.98 0.75
CA LYS L 267 -33.03 61.71 1.88
C LYS L 267 -32.51 60.46 2.60
N ARG L 268 -32.15 59.43 1.86
CA ARG L 268 -31.63 58.20 2.47
C ARG L 268 -30.31 58.46 3.17
N ILE L 269 -29.45 59.26 2.56
CA ILE L 269 -28.15 59.61 3.14
C ILE L 269 -28.35 60.31 4.48
N ALA L 270 -29.35 61.20 4.53
CA ALA L 270 -29.66 61.91 5.77
C ALA L 270 -30.20 60.93 6.81
N ALA L 271 -31.09 60.04 6.40
CA ALA L 271 -31.68 59.06 7.31
C ALA L 271 -30.58 58.14 7.84
N PHE L 272 -29.51 58.03 7.06
CA PHE L 272 -28.37 57.19 7.43
C PHE L 272 -27.50 57.91 8.46
N GLY L 273 -27.48 59.24 8.40
CA GLY L 273 -26.70 60.02 9.34
C GLY L 273 -25.27 60.30 8.91
N ALA L 274 -25.07 60.48 7.61
CA ALA L 274 -23.73 60.76 7.08
C ALA L 274 -23.14 62.05 7.68
N GLU L 275 -21.89 61.98 8.10
CA GLU L 275 -21.21 63.15 8.68
C GLU L 275 -20.55 63.95 7.56
N ALA L 276 -20.52 63.35 6.38
CA ALA L 276 -19.92 63.98 5.21
C ALA L 276 -20.29 63.16 3.99
N ILE L 277 -20.16 63.77 2.82
CA ILE L 277 -20.49 63.08 1.59
C ILE L 277 -19.39 63.17 0.56
N VAL L 278 -18.91 62.01 0.13
CA VAL L 278 -17.89 61.94 -0.90
C VAL L 278 -18.73 61.82 -2.17
N VAL L 279 -18.59 62.79 -3.06
CA VAL L 279 -19.33 62.80 -4.31
C VAL L 279 -18.48 62.32 -5.47
N SER L 280 -18.81 61.17 -6.04
CA SER L 280 -18.07 60.68 -7.20
C SER L 280 -18.69 61.41 -8.39
N LEU L 281 -17.98 62.44 -8.86
CA LEU L 281 -18.47 63.26 -9.95
C LEU L 281 -18.05 62.86 -11.36
N GLY L 282 -19.04 62.60 -12.19
CA GLY L 282 -18.78 62.26 -13.58
C GLY L 282 -19.68 63.18 -14.37
N VAL L 283 -19.15 63.79 -15.42
CA VAL L 283 -19.96 64.67 -16.25
C VAL L 283 -20.42 63.94 -17.50
N ASP L 284 -20.22 62.63 -17.54
CA ASP L 284 -20.66 61.87 -18.70
C ASP L 284 -22.17 61.72 -18.80
N THR L 285 -22.89 62.44 -17.93
CA THR L 285 -24.35 62.44 -17.95
C THR L 285 -24.80 63.55 -18.90
N PHE L 286 -23.83 64.30 -19.39
CA PHE L 286 -24.06 65.42 -20.30
C PHE L 286 -24.73 65.00 -21.61
N GLU L 287 -25.74 65.76 -22.00
CA GLU L 287 -26.49 65.51 -23.22
C GLU L 287 -25.62 65.31 -24.47
N GLN L 288 -24.51 66.03 -24.56
CA GLN L 288 -23.62 65.91 -25.71
C GLN L 288 -22.49 64.88 -25.54
N ASP L 289 -22.45 64.19 -24.39
CA ASP L 289 -21.42 63.18 -24.16
C ASP L 289 -21.86 61.91 -24.91
N PRO L 290 -21.07 61.49 -25.90
CA PRO L 290 -21.36 60.30 -26.72
C PRO L 290 -21.37 58.93 -26.05
N ILE L 291 -20.91 58.84 -24.80
CA ILE L 291 -20.89 57.54 -24.14
C ILE L 291 -22.11 57.28 -23.27
N SER L 292 -23.03 58.25 -23.19
CA SER L 292 -24.20 58.05 -22.35
C SER L 292 -25.50 58.35 -23.06
N PHE L 293 -26.60 57.98 -22.42
CA PHE L 293 -27.91 58.24 -23.01
C PHE L 293 -28.79 59.13 -22.13
N PHE L 294 -28.16 59.90 -21.25
CA PHE L 294 -28.89 60.83 -20.38
C PHE L 294 -28.86 62.20 -21.06
N LYS L 295 -29.78 63.09 -20.65
CA LYS L 295 -29.82 64.40 -21.26
C LYS L 295 -29.70 65.60 -20.32
N LEU L 296 -28.61 65.67 -19.57
CA LEU L 296 -28.41 66.80 -18.67
C LEU L 296 -27.74 67.94 -19.46
N THR L 297 -28.12 69.18 -19.14
CA THR L 297 -27.54 70.35 -19.80
C THR L 297 -26.52 70.98 -18.87
N SER L 298 -25.63 71.79 -19.43
CA SER L 298 -24.61 72.43 -18.61
C SER L 298 -25.17 73.15 -17.37
N PRO L 299 -26.30 73.85 -17.50
CA PRO L 299 -26.89 74.56 -16.36
C PRO L 299 -27.38 73.61 -15.25
N ASP L 300 -27.67 72.36 -15.61
CA ASP L 300 -28.13 71.41 -14.62
C ASP L 300 -27.05 71.08 -13.60
N TYR L 301 -25.80 71.18 -14.02
CA TYR L 301 -24.68 70.87 -13.14
C TYR L 301 -24.58 71.86 -11.99
N ILE L 302 -25.06 73.08 -12.19
CA ILE L 302 -25.04 74.07 -11.13
C ILE L 302 -26.14 73.69 -10.13
N THR L 303 -27.30 73.32 -10.66
CA THR L 303 -28.43 72.91 -9.84
C THR L 303 -28.04 71.70 -8.99
N MET L 304 -27.38 70.74 -9.63
CA MET L 304 -26.91 69.52 -8.99
C MET L 304 -25.96 69.84 -7.82
N GLY L 305 -25.00 70.72 -8.08
CA GLY L 305 -24.06 71.09 -7.04
C GLY L 305 -24.75 71.73 -5.86
N ARG L 306 -25.67 72.64 -6.16
CA ARG L 306 -26.42 73.36 -5.14
C ARG L 306 -27.24 72.40 -4.28
N THR L 307 -27.96 71.51 -4.94
CA THR L 307 -28.81 70.55 -4.24
C THR L 307 -28.04 69.68 -3.25
N ILE L 308 -26.92 69.13 -3.71
CA ILE L 308 -26.12 68.27 -2.86
C ILE L 308 -25.55 69.06 -1.69
N ALA L 309 -25.04 70.26 -1.94
CA ALA L 309 -24.49 71.10 -0.89
C ALA L 309 -25.54 71.41 0.15
N ALA L 310 -26.80 71.43 -0.27
CA ALA L 310 -27.91 71.74 0.62
C ALA L 310 -28.17 70.61 1.62
N SER L 311 -27.38 69.53 1.54
CA SER L 311 -27.52 68.42 2.46
C SER L 311 -27.06 68.89 3.84
N GLY L 312 -26.30 69.97 3.87
CA GLY L 312 -25.81 70.51 5.12
C GLY L 312 -24.53 69.91 5.62
N VAL L 313 -24.10 68.76 5.09
CA VAL L 313 -22.87 68.16 5.55
C VAL L 313 -21.72 68.53 4.62
N PRO L 314 -20.47 68.42 5.10
CA PRO L 314 -19.31 68.77 4.27
C PRO L 314 -19.23 67.86 3.02
N LEU L 315 -18.81 68.43 1.90
CA LEU L 315 -18.71 67.67 0.67
C LEU L 315 -17.28 67.55 0.13
N LEU L 316 -16.97 66.37 -0.40
CA LEU L 316 -15.68 66.12 -1.01
C LEU L 316 -15.99 65.64 -2.42
N VAL L 317 -15.65 66.44 -3.41
CA VAL L 317 -15.91 66.09 -4.79
C VAL L 317 -14.71 65.36 -5.36
N VAL L 318 -14.97 64.17 -5.90
CA VAL L 318 -13.92 63.33 -6.48
C VAL L 318 -14.21 63.16 -7.97
N MET L 319 -13.24 63.49 -8.80
CA MET L 319 -13.41 63.37 -10.24
C MET L 319 -13.47 61.93 -10.68
N GLU L 320 -14.45 61.63 -11.52
CA GLU L 320 -14.58 60.28 -12.05
C GLU L 320 -14.49 60.32 -13.59
N GLY L 321 -15.58 59.93 -14.26
CA GLY L 321 -15.58 59.89 -15.71
C GLY L 321 -16.11 61.12 -16.44
N GLY L 322 -16.35 60.93 -17.74
CA GLY L 322 -16.83 62.03 -18.55
C GLY L 322 -15.96 62.07 -19.79
N TYR L 323 -16.59 61.90 -20.96
CA TYR L 323 -15.86 61.91 -22.21
C TYR L 323 -15.13 63.24 -22.36
N GLY L 324 -14.08 63.24 -23.15
CA GLY L 324 -13.32 64.46 -23.34
C GLY L 324 -13.94 65.46 -24.29
N VAL L 325 -15.20 65.83 -24.08
CA VAL L 325 -15.85 66.81 -24.95
C VAL L 325 -15.35 68.19 -24.58
N PRO L 326 -15.50 69.16 -25.49
CA PRO L 326 -15.06 70.54 -25.25
C PRO L 326 -15.57 71.14 -23.95
N GLU L 327 -16.81 70.86 -23.58
CA GLU L 327 -17.32 71.43 -22.35
C GLU L 327 -17.22 70.56 -21.11
N ILE L 328 -16.28 69.64 -21.10
CA ILE L 328 -16.12 68.77 -19.93
C ILE L 328 -15.72 69.61 -18.72
N GLY L 329 -14.78 70.53 -18.90
CA GLY L 329 -14.34 71.37 -17.81
C GLY L 329 -15.42 72.33 -17.32
N LEU L 330 -16.15 72.91 -18.24
CA LEU L 330 -17.22 73.84 -17.89
C LEU L 330 -18.25 73.14 -17.02
N ASN L 331 -18.60 71.92 -17.39
CA ASN L 331 -19.58 71.16 -16.62
C ASN L 331 -19.09 70.83 -15.20
N VAL L 332 -17.83 70.44 -15.08
CA VAL L 332 -17.26 70.13 -13.78
C VAL L 332 -17.25 71.39 -12.94
N ALA L 333 -16.84 72.50 -13.55
CA ALA L 333 -16.79 73.79 -12.88
C ALA L 333 -18.18 74.22 -12.43
N ASN L 334 -19.20 73.91 -13.23
CA ASN L 334 -20.55 74.30 -12.86
C ASN L 334 -20.99 73.61 -11.59
N VAL L 335 -20.63 72.34 -11.44
CA VAL L 335 -20.98 71.59 -10.25
C VAL L 335 -20.36 72.29 -9.04
N LEU L 336 -19.09 72.67 -9.15
CA LEU L 336 -18.38 73.33 -8.07
C LEU L 336 -18.96 74.70 -7.72
N LYS L 337 -19.43 75.43 -8.73
CA LYS L 337 -20.04 76.73 -8.50
C LYS L 337 -21.35 76.54 -7.74
N GLY L 338 -22.10 75.50 -8.10
CA GLY L 338 -23.34 75.23 -7.41
C GLY L 338 -23.09 74.92 -5.95
N VAL L 339 -22.04 74.14 -5.68
CA VAL L 339 -21.66 73.76 -4.32
C VAL L 339 -21.14 74.98 -3.54
N ALA L 340 -20.23 75.73 -4.15
CA ALA L 340 -19.66 76.90 -3.49
C ALA L 340 -20.75 77.92 -3.20
N GLY L 341 -21.78 77.93 -4.04
CA GLY L 341 -22.88 78.87 -3.85
C GLY L 341 -22.48 80.32 -4.01
S DMS M . 4.55 -34.80 26.01
O DMS M . 4.35 -35.91 26.89
C1 DMS M . 2.97 -34.26 25.31
C2 DMS M . 5.16 -33.33 26.84
S DMS N . 7.57 -41.49 -2.56
O DMS N . 8.60 -42.46 -2.55
C1 DMS N . 8.16 -39.94 -3.31
C2 DMS N . 6.19 -41.95 -3.63
S DMS O . 19.11 -51.64 3.81
O DMS O . 19.26 -50.28 3.40
C1 DMS O . 20.69 -52.28 4.44
C2 DMS O . 18.00 -51.84 5.22
S DMS P . -12.07 -33.11 -9.83
O DMS P . -11.13 -32.68 -8.85
C1 DMS P . -13.76 -32.77 -9.30
C2 DMS P . -11.92 -32.19 -11.39
S DMS Q . 0.97 -37.71 -10.36
O DMS Q . 2.30 -37.52 -9.86
C1 DMS Q . 0.71 -36.73 -11.86
C2 DMS Q . 0.66 -39.40 -10.91
S DMS R . 2.43 -17.79 3.91
O DMS R . 1.08 -17.46 3.63
C1 DMS R . 3.44 -17.63 2.41
C2 DMS R . 3.23 -16.65 5.06
S DMS S . -8.04 -51.73 1.69
O DMS S . -8.84 -51.12 0.67
C1 DMS S . -9.02 -51.91 3.20
C2 DMS S . -7.56 -53.43 1.28
S DMS T . 14.38 -51.01 23.01
O DMS T . 13.05 -50.86 23.49
C1 DMS T . 14.38 -51.23 21.22
C2 DMS T . 15.40 -49.53 23.26
S DMS U . 24.33 -38.08 17.13
O DMS U . 24.50 -39.45 16.75
C1 DMS U . 25.33 -37.70 18.59
C2 DMS U . 24.96 -36.93 15.89
S DMS V . 27.46 -37.66 9.49
O DMS V . 26.73 -38.09 8.35
C1 DMS V . 28.93 -38.70 9.72
C2 DMS V . 28.16 -35.99 9.32
O23 B3N W . 0.53 -32.38 22.84
C13 B3N W . -0.06 -33.41 23.17
C14 B3N W . -1.11 -33.33 24.28
C15 B3N W . -1.80 -34.50 24.71
C16 B3N W . -2.76 -34.41 25.76
C17 B3N W . -3.07 -33.16 26.39
N20 B3N W . -4.05 -33.06 27.46
C22 B3N W . -4.80 -34.22 27.97
C21 B3N W . -4.33 -31.77 28.10
C18 B3N W . -2.37 -31.98 25.94
C19 B3N W . -1.41 -32.07 24.90
N12 B3N W . 0.22 -34.59 22.62
C10 B3N W . 1.20 -34.82 21.57
C9 B3N W . 0.75 -35.82 20.51
C8 B3N W . 0.34 -35.07 19.26
C7 B3N W . -1.17 -35.00 19.09
C6 B3N W . -1.59 -35.12 17.64
C5 B3N W . -3.08 -35.32 17.50
C1 B3N W . -3.66 -34.18 16.68
O2 B3N W . -4.51 -33.47 17.15
N3 B3N W . -3.17 -34.01 15.45
O4 B3N W . -3.57 -33.09 14.73
K K X . -3.26 -27.34 10.50
NA NA Y . 3.18 -28.81 -3.39
ZN ZN Z . -4.52 -31.84 15.85
K K AA . -8.32 -24.99 23.37
S DMS BA . -10.78 27.38 32.07
O DMS BA . -10.88 28.22 33.23
C1 DMS BA . -9.05 26.94 31.76
C2 DMS BA . -11.57 25.78 32.29
S DMS CA . -8.06 41.18 6.06
O DMS CA . -9.07 42.17 6.11
C1 DMS CA . -8.55 39.85 4.90
C2 DMS CA . -6.51 41.78 5.34
S DMS DA . -11.24 31.37 15.36
O DMS DA . -10.97 30.03 15.74
C1 DMS DA . -9.73 32.38 15.42
C2 DMS DA . -11.77 31.54 13.64
S DMS EA . -20.83 49.87 11.98
O DMS EA . -20.80 48.62 11.29
C1 DMS EA . -22.46 50.65 11.84
C2 DMS EA . -20.61 49.68 13.77
S DMS FA . 13.05 34.56 1.20
O DMS FA . 11.90 34.06 1.87
C1 DMS FA . 14.55 33.79 1.87
C2 DMS FA . 13.09 34.09 -0.54
S DMS GA . 0.19 39.35 -0.84
O DMS GA . -1.18 39.32 -0.44
C1 DMS GA . 0.36 38.64 -2.51
C2 DMS GA . 0.85 41.03 -1.05
S DMS HA . -3.49 16.31 7.49
O DMS HA . -2.09 16.10 7.38
C1 DMS HA . -4.14 17.09 5.98
C2 DMS HA . -4.44 14.78 7.61
S DMS IA . 6.08 49.77 15.91
O DMS IA . 7.09 49.40 14.98
C1 DMS IA . 6.63 49.42 17.60
C2 DMS IA . 5.77 51.55 15.94
S DMS JA . -19.96 44.00 30.95
O DMS JA . -19.14 43.73 32.08
C1 DMS JA . -21.65 44.39 31.45
C2 DMS JA . -19.44 45.48 30.06
O23 B3N KA . -6.35 25.85 29.40
C13 B3N KA . -5.83 26.76 30.06
C14 B3N KA . -4.99 26.40 31.27
C15 B3N KA . -4.36 27.41 32.06
C16 B3N KA . -3.57 27.04 33.21
C17 B3N KA . -3.39 25.67 33.59
N20 B3N KA . -2.60 25.29 34.74
C22 B3N KA . -1.93 26.27 35.61
C21 B3N KA . -2.43 23.88 35.11
C18 B3N KA . -4.02 24.65 32.77
C19 B3N KA . -4.81 25.03 31.64
N12 B3N KA . -6.00 28.06 29.73
C10 B3N KA . -6.78 28.55 28.60
C9 B3N KA . -6.12 29.69 27.84
C8 B3N KA . -5.31 29.15 26.67
C7 B3N KA . -3.81 29.39 26.84
C6 B3N KA . -3.14 29.76 25.53
C5 B3N KA . -1.62 29.96 25.74
C1 B3N KA . -0.84 29.07 24.79
O2 B3N KA . -0.05 28.25 25.22
N3 B3N KA . -1.09 29.21 23.48
O4 B3N KA . -0.52 28.49 22.66
K K LA . 0.50 24.11 17.21
NA NA MA . -3.27 28.89 3.02
ZN ZN NA . 0.48 27.14 23.56
K K OA . 2.48 18.18 30.14
S DMS PA . -35.24 16.43 16.56
O DMS PA . -36.02 17.60 16.40
C1 DMS PA . -33.65 16.62 15.71
C2 DMS PA . -34.78 16.13 18.27
S DMS QA . -23.44 0.90 28.05
O DMS QA . -23.71 1.21 26.69
C1 DMS QA . -23.23 -0.89 28.26
C2 DMS QA . -21.87 1.58 28.64
S DMS RA . -17.43 4.13 3.63
O DMS RA . -17.29 2.83 4.23
C1 DMS RA . -16.57 5.38 4.63
C2 DMS RA . -16.63 4.25 2.02
S DMS SA . -45.46 3.28 25.79
O DMS SA . -44.36 2.89 26.62
C1 DMS SA . -46.33 1.80 25.18
C2 DMS SA . -46.74 4.18 26.67
S DMS TA . -42.51 21.61 -7.75
O DMS TA . -43.51 22.12 -6.88
C1 DMS TA . -43.12 21.58 -9.46
C2 DMS TA . -41.05 22.66 -7.85
S DMS UA . -38.68 27.55 -3.87
O DMS UA . -38.46 27.68 -2.47
C1 DMS UA . -39.80 28.83 -4.46
C2 DMS UA . -37.19 27.81 -4.85
O23 B3N VA . -39.44 -2.90 -2.77
C13 B3N VA . -40.53 -3.30 -2.34
C14 B3N VA . -40.98 -4.71 -2.68
C15 B3N VA . -42.24 -5.20 -2.20
C16 B3N VA . -42.66 -6.52 -2.53
C17 B3N VA . -41.84 -7.39 -3.35
N20 B3N VA . -42.29 -8.73 -3.67
C22 B3N VA . -43.56 -9.29 -3.23
C21 B3N VA . -41.46 -9.60 -4.51
C18 B3N VA . -40.59 -6.89 -3.82
C19 B3N VA . -40.16 -5.57 -3.49
N12 B3N VA . -41.33 -2.52 -1.60
C10 B3N VA . -41.05 -1.15 -1.20
C9 B3N VA . -41.40 -0.85 0.26
C8 B3N VA . -40.13 -0.73 1.06
C7 B3N VA . -40.26 -1.32 2.46
C6 B3N VA . -39.11 -2.24 2.80
C5 B3N VA . -39.30 -2.99 4.13
C1 B3N VA . -37.90 -3.38 4.56
O2 B3N VA . -37.47 -4.51 4.38
N3 B3N VA . -37.14 -2.43 5.12
O4 B3N VA . -35.97 -2.65 5.44
K K WA . -28.89 -1.86 6.05
NA NA XA . -23.42 10.44 13.76
ZN ZN YA . -35.37 -4.29 4.64
K K ZA . -33.14 -12.50 -2.29
S DMS AB . 33.13 -18.49 -18.64
O DMS AB . 33.92 -19.67 -18.54
C1 DMS AB . 32.91 -17.76 -16.98
C2 DMS AB . 33.94 -17.17 -19.55
S DMS BB . 20.12 -23.30 -19.95
O DMS BB . 18.74 -22.98 -19.78
C1 DMS BB . 20.86 -22.22 -21.21
C2 DMS BB . 21.11 -22.97 -18.48
S DMS CB . 38.30 -34.22 -20.85
O DMS CB . 37.49 -33.55 -19.89
C1 DMS CB . 38.68 -35.90 -20.28
C2 DMS CB . 37.47 -34.49 -22.42
S DMS DB . 28.83 3.40 -22.54
O DMS DB . 27.98 2.27 -22.48
C1 DMS DB . 27.96 4.83 -23.24
C2 DMS DB . 29.34 3.99 -20.90
S DMS EB . 34.37 -8.04 -16.86
O DMS EB . 34.00 -9.25 -16.19
C1 DMS EB . 34.69 -6.72 -15.66
C2 DMS EB . 35.94 -8.18 -17.75
S DMS FB . 10.52 -9.59 -10.80
O DMS FB . 10.36 -9.40 -12.20
C1 DMS FB . 9.46 -10.96 -10.22
C2 DMS FB . 12.17 -10.11 -10.31
S DMS GB . 18.82 -22.07 -11.88
O DMS GB . 18.09 -23.10 -11.23
C1 DMS GB . 17.91 -20.50 -11.81
C2 DMS GB . 20.39 -21.68 -11.04
S DMS HB . 35.10 -12.30 -36.89
O DMS HB . 35.16 -10.90 -36.64
C1 DMS HB . 34.03 -12.62 -38.32
C2 DMS HB . 36.69 -13.00 -37.40
S DMS IB . 24.12 -40.60 -32.77
O DMS IB . 23.53 -40.17 -33.99
C1 DMS IB . 25.28 -41.96 -33.07
C2 DMS IB . 25.17 -39.32 -32.01
S DMS JB . 20.36 -40.83 -16.23
O DMS JB . 21.59 -41.22 -16.83
C1 DMS JB . 19.12 -42.15 -16.42
C2 DMS JB . 20.48 -40.63 -14.44
S DMS KB . 25.69 -39.09 -10.39
O DMS KB . 26.52 -37.96 -10.66
C1 DMS KB . 26.71 -40.49 -9.86
C2 DMS KB . 24.57 -38.83 -8.99
O23 B3N LB . 8.32 -23.85 -30.52
C13 B3N LB . 8.75 -24.01 -31.65
C14 B3N LB . 7.83 -23.83 -32.84
C15 B3N LB . 8.31 -24.01 -34.18
C16 B3N LB . 7.41 -23.84 -35.28
C17 B3N LB . 6.02 -23.50 -35.08
N20 B3N LB . 5.11 -23.35 -36.19
C22 B3N LB . 5.53 -23.53 -37.58
C21 B3N LB . 3.71 -23.00 -35.96
C18 B3N LB . 5.55 -23.33 -33.72
C19 B3N LB . 6.45 -23.49 -32.63
N12 B3N LB . 10.04 -24.35 -31.85
C10 B3N LB . 11.04 -24.57 -30.83
C9 B3N LB . 12.44 -24.10 -31.21
C8 B3N LB . 12.81 -22.85 -30.42
C7 B3N LB . 12.58 -21.57 -31.22
C6 B3N LB . 13.48 -20.44 -30.77
C5 B3N LB . 13.46 -19.30 -31.76
C1 B3N LB . 13.12 -18.01 -31.05
O2 B3N LB . 12.16 -17.33 -31.39
N3 B3N LB . 13.88 -17.67 -30.00
O4 B3N LB . 13.63 -16.66 -29.34
K K MB . 12.44 -12.46 -23.68
NA NA NB . 23.76 -10.35 -13.37
ZN ZN OB . 11.89 -16.04 -29.84
K K PB . 1.39 -14.98 -31.80
S DMS QB . 43.66 0.57 2.89
O DMS QB . 45.03 0.87 3.11
C1 DMS QB . 42.62 1.57 4.00
C2 DMS QB . 43.09 1.03 1.26
S DMS RB . 31.46 -20.82 19.18
O DMS RB . 32.19 -22.04 19.07
C1 DMS RB . 29.82 -21.00 18.41
C2 DMS RB . 31.07 -20.40 20.89
S DMS SB . 45.14 -28.96 14.04
O DMS SB . 43.76 -28.76 13.71
C1 DMS SB . 46.00 -29.82 12.70
C2 DMS SB . 46.06 -27.42 14.21
S DMS TB . 17.33 -7.99 31.27
O DMS TB . 17.87 -7.85 29.95
C1 DMS TB . 17.05 -6.36 32.01
C2 DMS TB . 15.69 -8.75 31.29
S DMS UB . 22.62 -19.37 25.44
O DMS UB . 23.25 -19.99 24.32
C1 DMS UB . 20.88 -19.87 25.55
C2 DMS UB . 23.31 -19.90 27.03
S DMS VB . 16.57 -5.22 6.01
O DMS VB . 15.91 -4.29 6.87
C1 DMS VB . 15.98 -6.89 6.33
C2 DMS VB . 16.20 -4.96 4.27
S DMS WB . 39.40 -10.29 33.07
O DMS WB . 38.18 -10.09 33.78
C1 DMS WB . 40.34 -8.73 33.00
C2 DMS WB . 40.52 -11.42 33.91
S DMS XB . 55.36 -13.67 7.01
O DMS XB . 55.70 -12.29 7.04
C1 DMS XB . 56.42 -14.57 5.84
C2 DMS XB . 55.66 -14.51 8.56
S DMS YB . 43.77 -20.53 -3.50
O DMS YB . 44.49 -21.27 -2.51
C1 DMS YB . 44.83 -20.25 -4.95
C2 DMS YB . 42.37 -21.44 -4.18
S DMS ZB . 39.71 -27.00 -2.03
O DMS ZB . 39.81 -27.39 -0.67
C1 DMS ZB . 39.52 -28.46 -3.06
C2 DMS ZB . 38.23 -26.04 -2.41
O23 B3N AC . 39.32 2.24 5.80
C13 B3N AC . 40.19 2.59 6.59
C14 B3N AC . 40.61 4.07 6.64
C15 B3N AC . 41.62 4.50 7.54
C16 B3N AC . 42.01 5.88 7.59
C17 B3N AC . 41.41 6.86 6.72
N20 B3N AC . 41.81 8.26 6.76
C22 B3N AC . 42.83 8.77 7.66
C21 B3N AC . 41.19 9.25 5.86
C18 B3N AC . 40.39 6.41 5.80
C19 B3N AC . 40.00 5.02 5.76
N12 B3N AC . 40.79 1.72 7.42
C10 B3N AC . 40.52 0.29 7.51
C9 B3N AC . 40.37 -0.20 8.94
C8 B3N AC . 38.88 -0.39 9.26
C7 B3N AC . 38.35 0.63 10.26
C6 B3N AC . 37.68 -0.04 11.44
C5 B3N AC . 37.51 0.93 12.61
C1 B3N AC . 36.04 1.24 12.80
O2 B3N AC . 35.65 2.40 12.75
N3 B3N AC . 35.22 0.20 12.98
O4 B3N AC . 34.00 0.37 13.10
K K BC . 27.11 -0.32 12.08
NA NA CC . 20.45 -13.90 15.38
ZN ZN DC . 33.57 2.18 12.70
K K EC . 32.66 11.83 7.28
S DMS FC . -14.02 26.55 9.47
O DMS FC . -15.16 25.73 9.62
C1 DMS FC . -12.54 25.54 9.23
C2 DMS FC . -14.07 27.57 7.97
S DMS GC . -47.40 25.79 10.85
O DMS GC . -46.04 25.72 10.40
C1 DMS GC . -48.20 27.28 10.19
C2 DMS GC . -48.42 24.44 10.20
S DMS HC . -27.70 13.45 24.07
O DMS HC . -27.80 14.34 22.95
C1 DMS HC . -26.08 13.62 24.85
C2 DMS HC . -28.86 13.84 25.40
S DMS IC . -34.93 21.30 19.12
O DMS IC . -33.71 20.57 19.05
C1 DMS IC . -35.40 21.93 17.48
C2 DMS IC . -36.34 20.29 19.60
S DMS JC . -28.31 33.76 20.11
O DMS JC . -28.71 35.13 20.04
C1 DMS JC . -29.19 32.93 21.46
C2 DMS JC . -28.78 32.81 18.65
S DMS KC . -19.61 14.49 20.41
O DMS KC . -20.12 15.36 19.40
C1 DMS KC . -17.92 13.95 19.98
C2 DMS KC . -19.39 15.29 22.03
S DMS LC . -55.70 28.39 24.40
O DMS LC . -54.49 29.04 24.06
C1 DMS LC . -56.66 29.42 25.55
C2 DMS LC . -56.81 28.18 22.99
S DMS MC . -45.66 21.39 17.91
O DMS MC . -44.50 21.45 17.09
C1 DMS MC . -47.16 21.43 16.88
C2 DMS MC . -45.82 19.85 18.84
S DMS NC . -40.88 44.79 12.11
O DMS NC . -41.92 45.37 12.88
C1 DMS NC . -41.57 44.03 10.60
C2 DMS NC . -39.70 46.00 11.46
S DMS OC . -29.83 35.33 12.32
O DMS OC . -28.88 35.79 11.37
C1 DMS OC . -31.32 36.37 12.27
C2 DMS OC . -30.47 33.68 11.95
S DMS PC . -40.05 19.63 37.58
O DMS PC . -41.44 19.77 37.30
C1 DMS PC . -39.61 20.63 39.03
C2 DMS PC . -39.60 17.95 38.09
O23 B3N QC . -25.50 44.94 30.65
C13 B3N QC . -25.36 44.43 31.77
C14 B3N QC . -25.42 45.31 32.99
C15 B3N QC . -25.26 44.77 34.29
C16 B3N QC . -25.31 45.62 35.43
C17 B3N QC . -25.50 47.04 35.31
N20 B3N QC . -25.55 47.90 36.46
C22 B3N QC . -25.40 47.41 37.84
C21 B3N QC . -25.75 49.34 36.31
C18 B3N QC . -25.67 47.58 33.98
C19 B3N QC . -25.62 46.73 32.85
N12 B3N QC . -25.17 43.11 31.93
C10 B3N QC . -25.08 42.13 30.85
C9 B3N QC . -26.02 40.94 31.05
C8 B3N QC . -27.43 41.30 30.59
C7 B3N QC . -28.45 41.21 31.70
C6 B3N QC . -29.61 40.33 31.31
C5 B3N QC . -30.72 40.42 32.37
C1 B3N QC . -31.98 40.95 31.74
O2 B3N QC . -32.49 42.00 32.13
N3 B3N QC . -32.50 40.25 30.71
O4 B3N QC . -33.51 40.65 30.13
K K RC . -37.81 42.52 24.82
NA NA SC . -41.97 31.74 14.50
ZN ZN TC . -33.82 42.46 30.67
K K UC . -33.63 52.87 32.63
S DMS VC . -2.61 36.30 -23.77
O DMS VC . -2.58 37.26 -24.83
C1 DMS VC . -1.61 34.86 -24.21
C2 DMS VC . -1.82 36.88 -22.26
S DMS WC . -28.77 23.16 -20.28
O DMS WC . -29.65 24.27 -20.20
C1 DMS WC . -28.59 22.38 -18.65
C2 DMS WC . -29.40 21.82 -21.31
S DMS XC . -15.99 27.97 -17.45
O DMS XC . -14.64 27.65 -17.13
C1 DMS XC . -16.44 27.27 -19.06
C2 DMS XC . -17.18 27.22 -16.32
S DMS YC . -33.92 39.05 -19.79
O DMS YC . -33.44 38.17 -18.77
C1 DMS YC . -34.53 40.60 -19.04
C2 DMS YC . -32.61 39.62 -20.90
S DMS ZC . -23.06 2.76 -28.27
O DMS ZC . -22.43 3.78 -27.50
C1 DMS ZC . -21.83 1.88 -29.26
C2 DMS ZC . -23.79 1.46 -27.25
S DMS AD . -30.27 12.41 -21.45
O DMS AD . -30.17 13.43 -20.46
C1 DMS AD . -30.84 10.86 -20.70
C2 DMS AD . -31.53 12.76 -22.70
S DMS BD . -8.78 12.57 -10.23
O DMS BD . -7.90 11.60 -10.80
C1 DMS BD . -10.03 11.76 -9.20
C2 DMS BD . -7.95 13.70 -9.10
S DMS CD . -26.96 21.59 -39.90
O DMS CD . -26.68 20.20 -39.71
C1 DMS CD . -27.23 22.40 -38.30
C2 DMS CD . -25.56 22.50 -40.59
S DMS DD . -17.52 47.77 -26.58
O DMS DD . -16.50 47.77 -27.57
C1 DMS DD . -17.68 49.43 -25.84
C2 DMS DD . -19.16 47.44 -27.25
S DMS ED . -17.75 43.98 -9.79
O DMS ED . -18.88 44.56 -10.41
C1 DMS ED . -16.57 45.27 -9.29
C2 DMS ED . -18.14 43.16 -8.22
O23 B3N FD . -2.54 31.08 -24.65
C13 B3N FD . -2.67 31.39 -25.83
C14 B3N FD . -1.44 31.41 -26.74
C15 B3N FD . -1.55 31.76 -28.12
C16 B3N FD . -0.40 31.78 -28.96
C17 B3N FD . 0.91 31.45 -28.44
N20 B3N FD . 2.09 31.48 -29.28
C22 B3N FD . 2.05 31.84 -30.71
C21 B3N FD . 3.41 31.14 -28.75
C18 B3N FD . 1.01 31.10 -27.04
C19 B3N FD . -0.14 31.08 -26.21
N12 B3N FD . -3.86 31.71 -26.36
C10 B3N FD . -5.12 31.75 -25.65
C9 B3N FD . -6.30 31.20 -26.46
C8 B3N FD . -6.60 29.77 -26.01
C7 B3N FD . -6.21 28.73 -27.05
C6 B3N FD . -7.17 27.58 -27.09
C5 B3N FD . -6.93 26.69 -28.32
C1 B3N FD . -6.72 25.26 -27.88
O2 B3N FD . -5.68 24.68 -28.17
N3 B3N FD . -7.66 24.69 -27.13
O4 B3N FD . -7.53 23.54 -26.70
K K GD . -7.30 18.17 -22.19
NA NA HD . -20.59 13.73 -15.22
ZN ZN ID . -5.67 22.94 -26.98
K K JD . 5.47 22.65 -26.67
S DMS KD . 33.52 -12.12 8.48
O DMS KD . 33.01 -11.08 7.66
C1 DMS KD . 33.80 -11.51 10.16
C2 DMS KD . 32.34 -13.46 8.72
S DMS LD . 27.19 -15.18 4.59
O DMS LD . 27.21 -15.47 3.20
C1 DMS LD . 25.84 -14.05 4.98
C2 DMS LD . 26.85 -16.64 5.62
S DMS MD . 37.85 -18.96 -16.16
O DMS MD . 36.48 -18.62 -15.95
C1 DMS MD . 38.13 -20.71 -15.74
C2 DMS MD . 38.33 -18.86 -17.89
S DMS ND . 30.06 -5.74 -9.48
O DMS ND . 29.86 -7.09 -9.06
C1 DMS ND . 28.99 -4.63 -8.53
C2 DMS ND . 31.72 -5.12 -9.12
S DMS OD . 52.24 -31.79 -27.97
O DMS OD . 52.01 -31.59 -26.58
C1 DMS OD . 54.00 -32.10 -28.28
C2 DMS OD . 51.45 -33.30 -28.59
S DMS PD . 40.19 -26.42 -23.75
O DMS PD . 39.32 -26.34 -22.62
C1 DMS PD . 39.85 -27.93 -24.69
C2 DMS PD . 39.91 -25.11 -24.95
S DMS QD . 48.31 -38.52 -3.67
O DMS QD . 49.58 -38.52 -4.33
C1 DMS QD . 46.97 -38.65 -4.89
C2 DMS QD . 48.05 -39.97 -2.62
S DMS RD . 52.14 -9.70 -24.64
O DMS RD . 52.64 -10.49 -25.71
C1 DMS RD . 53.50 -9.00 -23.67
C2 DMS RD . 51.23 -8.23 -25.21
O23 B3N SD . 57.79 -17.63 3.56
C13 B3N SD . 58.22 -16.56 3.14
C14 B3N SD . 59.67 -16.19 3.45
C15 B3N SD . 60.21 -14.95 2.98
C16 B3N SD . 61.56 -14.60 3.28
C17 B3N SD . 62.41 -15.47 4.09
N20 B3N SD . 63.77 -15.11 4.40
C22 B3N SD . 64.40 -13.86 3.94
C21 B3N SD . 64.61 -16.01 5.21
C18 B3N SD . 61.84 -16.71 4.55
C19 B3N SD . 60.48 -17.06 4.25
N12 B3N SD . 57.47 -15.72 2.41
C10 B3N SD . 56.10 -15.92 2.02
C9 B3N SD . 55.78 -15.37 0.63
C8 B3N SD . 55.55 -16.53 -0.35
C7 B3N SD . 56.77 -16.84 -1.18
C6 B3N SD . 56.42 -17.45 -2.53
C5 B3N SD . 57.64 -17.51 -3.45
C1 B3N SD . 57.86 -18.92 -3.91
O2 B3N SD . 58.93 -19.51 -3.70
N3 B3N SD . 56.85 -19.55 -4.53
O4 B3N SD . 56.95 -20.72 -4.89
K K TD . 55.48 -27.59 -5.78
NA NA UD . 42.70 -31.27 -13.78
ZN ZN VD . 58.57 -21.46 -4.12
K K WD . 66.29 -24.71 2.92
S DMS XD . 8.62 -34.32 9.51
O DMS XD . 8.20 -33.15 10.19
C1 DMS XD . 7.18 -35.28 8.94
C2 DMS XD . 9.52 -33.97 7.98
S DMS YD . 12.41 -28.32 5.51
O DMS YD . 13.51 -27.62 6.06
C1 DMS YD . 11.02 -27.19 5.23
C2 DMS YD . 12.73 -29.02 3.87
S DMS ZD . 30.50 -26.06 20.61
O DMS ZD . 29.47 -25.09 20.45
C1 DMS ZD . 31.02 -26.71 18.99
C2 DMS ZD . 32.02 -25.38 21.29
S DMS AE . 15.29 -19.45 20.14
O DMS AE . 16.24 -19.95 19.18
C1 DMS AE . 13.85 -18.76 19.29
C2 DMS AE . 14.57 -20.77 21.15
S DMS BE . 49.93 -34.69 28.25
O DMS BE . 48.76 -35.09 27.54
C1 DMS BE . 50.61 -36.08 29.20
C2 DMS BE . 51.30 -34.22 27.16
S DMS CE . 41.60 -26.07 21.45
O DMS CE . 40.27 -25.79 21.03
C1 DMS CE . 42.80 -25.53 20.20
C2 DMS CE . 42.11 -25.16 22.92
S DMS DE . 38.23 -47.87 9.37
O DMS DE . 38.96 -48.39 10.48
C1 DMS DE . 39.00 -46.35 8.75
C2 DMS DE . 38.26 -48.97 7.93
S DMS EE . 31.30 -29.10 39.45
O DMS EE . 32.72 -29.22 39.49
C1 DMS EE . 30.53 -30.40 40.47
C2 DMS EE . 30.70 -27.58 40.20
O23 B3N FE . 19.46 -51.65 23.48
C13 B3N FE . 19.13 -51.48 24.66
C14 B3N FE . 18.93 -52.69 25.56
C15 B3N FE . 18.57 -52.50 26.92
C16 B3N FE . 18.37 -53.63 27.78
C17 B3N FE . 18.54 -54.98 27.29
N20 B3N FE . 18.35 -56.13 28.15
C22 B3N FE . 17.96 -56.01 29.56
C21 B3N FE . 18.52 -57.48 27.64
C18 B3N FE . 18.92 -55.15 25.90
C19 B3N FE . 19.11 -54.02 25.05
N12 B3N FE . 18.96 -50.24 25.17
C10 B3N FE . 19.11 -49.00 24.46
C9 B3N FE . 19.64 -47.87 25.34
C8 B3N FE . 21.11 -47.62 25.04
C7 B3N FE . 22.03 -48.18 26.11
C6 B3N FE . 23.29 -47.34 26.28
C5 B3N FE . 24.10 -47.79 27.50
C1 B3N FE . 25.49 -48.17 27.04
O2 B3N FE . 25.93 -49.28 27.29
N3 B3N FE . 26.19 -47.27 26.35
O4 B3N FE . 27.31 -47.53 25.92
K K GE . 32.80 -48.05 21.36
NA NA HE . 38.91 -35.28 15.11
ZN ZN IE . 27.79 -49.43 26.13
S DMS JE . 8.61 -29.68 -30.91
O DMS JE . 8.73 -30.46 -32.09
C1 DMS JE . 8.40 -27.93 -31.31
C2 DMS JE . 7.13 -30.07 -29.96
S DMS KE . 10.30 -43.48 -6.86
O DMS KE . 9.64 -42.23 -6.88
C1 DMS KE . 11.65 -43.47 -5.64
C2 DMS KE . 9.24 -44.84 -6.28
S DMS LE . 3.24 -29.28 -12.15
O DMS LE . 4.39 -29.60 -11.39
C1 DMS LE . 3.12 -27.48 -12.39
C2 DMS LE . 3.28 -29.92 -13.84
S DMS ME . 14.56 -65.33 -3.63
O DMS ME . 15.13 -64.52 -4.66
C1 DMS ME . 14.71 -67.08 -4.06
C2 DMS ME . 15.43 -65.21 -2.06
S DMS NE . 11.42 -52.29 -0.55
O DMS NE . 11.85 -50.94 -0.59
C1 DMS NE . 11.99 -53.09 0.97
C2 DMS NE . 9.62 -52.46 -0.47
S DMS OE . 34.54 -50.59 -9.04
O DMS OE . 34.65 -51.98 -9.34
C1 DMS OE . 33.99 -50.37 -7.33
C2 DMS OE . 36.13 -49.72 -9.09
S DMS PE . 0.26 -55.72 -17.70
O DMS PE . -0.05 -56.83 -16.88
C1 DMS PE . -0.37 -55.99 -19.38
C2 DMS PE . -0.60 -54.21 -17.18
O23 B3N QE . 25.21 -45.20 -30.39
C13 B3N QE . 24.23 -45.59 -31.06
C14 B3N QE . 24.48 -46.37 -32.35
C15 B3N QE . 23.40 -46.84 -33.14
C16 B3N QE . 23.65 -47.57 -34.35
C17 B3N QE . 24.99 -47.85 -34.79
N20 B3N QE . 25.25 -48.57 -36.03
C22 B3N QE . 24.18 -49.08 -36.90
C21 B3N QE . 26.63 -48.84 -36.48
C18 B3N QE . 26.09 -47.37 -33.98
C19 B3N QE . 25.83 -46.64 -32.78
N12 B3N QE . 22.97 -45.33 -30.67
C10 B3N QE . 22.59 -44.60 -29.46
C9 B3N QE . 21.38 -45.19 -28.71
C8 B3N QE . 21.41 -46.72 -28.77
C7 B3N QE . 20.65 -47.36 -27.63
C6 B3N QE . 21.37 -48.57 -27.13
C5 B3N QE . 20.51 -49.86 -27.17
C1 B3N QE . 21.28 -50.83 -26.30
O2 B3N QE . 21.94 -51.70 -26.79
N3 B3N QE . 21.23 -50.63 -24.97
O4 B3N QE . 21.88 -51.33 -24.21
K K RE . 26.28 -53.07 -18.87
NA NA SE . 22.13 -49.82 -4.45
ZN ZN TE . 23.20 -52.36 -25.21
K K UE . 31.64 -54.94 -31.93
S DMS VE . -43.23 -0.30 -6.28
O DMS VE . -44.60 -0.61 -6.46
C1 DMS VE . -42.42 -1.56 -5.27
C2 DMS VE . -42.28 -0.31 -7.82
S DMS WE . -34.85 10.54 4.00
O DMS WE . -34.16 9.65 3.13
C1 DMS WE . -35.39 9.68 5.51
C2 DMS WE . -33.80 11.87 4.63
S DMS XE . -27.81 14.30 2.28
O DMS XE . -27.46 14.93 1.04
C1 DMS XE . -26.63 12.98 2.66
C2 DMS XE . -27.67 15.41 3.70
S DMS YE . -55.82 12.88 -1.43
O DMS YE . -56.34 11.57 -1.62
C1 DMS YE . -56.70 14.05 -2.50
C2 DMS YE . -56.13 13.54 0.21
S DMS ZE . -34.11 22.90 -18.80
O DMS ZE . -33.14 21.92 -18.44
C1 DMS ZE . -33.83 24.44 -17.88
C2 DMS ZE . -34.00 23.41 -20.52
S DMS AF . -27.50 8.37 -14.00
O DMS AF . -27.51 9.69 -13.46
C1 DMS AF . -26.32 7.33 -13.10
C2 DMS AF . -29.07 7.49 -13.80
S DMS BF . -46.06 38.15 -30.26
O DMS BF . -46.10 37.62 -28.94
C1 DMS BF . -47.73 38.64 -30.79
C2 DMS BF . -45.11 39.69 -30.38
S DMS CF . -34.74 31.66 -24.55
O DMS CF . -34.34 30.83 -23.46
C1 DMS CF . -33.90 33.27 -24.46
C2 DMS CF . -34.25 31.02 -26.16
S DMS DF . -47.69 39.45 -4.58
O DMS DF . -48.76 39.08 -5.44
C1 DMS DF . -46.22 39.89 -5.55
C2 DMS DF . -48.04 40.96 -3.64
S DMS EF . -45.99 15.85 -32.01
O DMS EF . -46.22 17.03 -32.76
C1 DMS EF . -47.54 14.94 -31.78
C2 DMS EF . -44.94 14.66 -32.87
O23 B3N FF . -56.87 17.41 -4.31
C13 B3N FF . -57.33 16.53 -5.05
C14 B3N FF . -58.83 16.24 -5.01
C15 B3N FF . -59.39 15.21 -5.85
C16 B3N FF . -60.78 14.94 -5.81
C17 B3N FF . -61.68 15.68 -4.95
N20 B3N FF . -63.11 15.39 -4.90
C22 B3N FF . -63.74 14.36 -5.73
C21 B3N FF . -64.00 16.15 -4.02
C18 B3N FF . -61.11 16.71 -4.10
C19 B3N FF . -59.70 16.99 -4.14
N12 B3N FF . -56.53 15.80 -5.86
C10 B3N FF . -55.09 15.91 -6.01
C9 B3N FF . -54.64 16.08 -7.44
C8 B3N FF . -54.77 17.54 -7.82
C7 B3N FF . -54.90 17.74 -9.33
C6 B3N FF . -56.07 18.60 -9.69
C5 B3N FF . -56.10 18.87 -11.18
C1 B3N FF . -56.26 20.37 -11.37
O2 B3N FF . -57.35 20.89 -11.31
N3 B3N FF . -55.17 21.08 -11.59
O4 B3N FF . -55.23 22.31 -11.71
K K GF . -53.74 29.15 -10.73
NA NA HF . -39.58 34.49 -14.74
ZN ZN IF . -56.93 22.92 -11.18
K K JF . -66.08 24.68 -5.39
S DMS KF . -16.51 24.74 -9.81
O DMS KF . -15.70 25.52 -8.93
C1 DMS KF . -15.60 23.28 -10.37
C2 DMS KF . -17.97 24.05 -9.01
S DMS LF . -10.06 44.20 1.84
O DMS LF . -9.54 42.87 1.89
C1 DMS LF . -11.79 44.22 2.39
C2 DMS LF . -9.24 45.30 3.00
S DMS MF . -1.45 31.67 -5.22
O DMS MF . -2.76 31.79 -4.67
C1 DMS MF . -1.23 30.02 -5.92
C2 DMS MF . -1.17 32.77 -6.62
S DMS NF . -15.89 64.76 9.21
O DMS NF . -16.36 63.86 8.21
C1 DMS NF . -16.09 66.48 8.66
C2 DMS NF . -16.84 64.69 10.74
S DMS OF . -12.85 51.22 9.70
O DMS OF . -13.21 49.92 9.22
C1 DMS OF . -13.51 51.48 11.37
C2 DMS OF . -11.07 51.43 9.92
S DMS PF . -33.61 51.86 -4.02
O DMS PF . -33.78 53.28 -4.10
C1 DMS PF . -33.39 51.35 -2.29
C2 DMS PF . -35.08 50.94 -4.55
S DMS QF . -24.09 40.98 -5.86
O DMS QF . -24.94 39.99 -6.42
C1 DMS QF . -25.08 42.33 -5.17
C2 DMS QF . -23.12 40.39 -4.44
S DMS RF . 1.79 58.35 -2.99
O DMS RF . 1.32 59.24 -1.99
C1 DMS RF . 2.16 59.26 -4.51
C2 DMS RF . 3.38 57.59 -2.57
O23 B3N SF . -19.31 52.19 -23.17
C13 B3N SF . -18.21 52.54 -23.63
C14 B3N SF . -18.18 53.57 -24.76
C15 B3N SF . -16.93 53.99 -25.30
C16 B3N SF . -16.92 54.95 -26.36
C17 B3N SF . -18.13 55.51 -26.90
N20 B3N SF . -18.09 56.48 -27.97
C22 B3N SF . -16.84 56.97 -28.58
C21 B3N SF . -19.34 57.03 -28.52
C18 B3N SF . -19.38 55.07 -26.34
C19 B3N SF . -19.40 54.11 -25.28
N12 B3N SF . -17.05 52.05 -23.17
C10 B3N SF . -16.90 51.06 -22.11
C9 B3N SF . -15.79 51.40 -21.13
C8 B3N SF . -16.38 51.92 -19.82
C7 B3N SF . -16.24 53.42 -19.67
C6 B3N SF . -16.15 53.85 -18.23
C5 B3N SF . -15.77 55.33 -18.14
C1 B3N SF . -16.78 56.05 -17.27
O2 B3N SF . -17.39 57.02 -17.69
N3 B3N SF . -16.99 55.58 -16.03
O4 B3N SF . -17.83 56.08 -15.29
K K TF . -23.23 56.61 -10.78
NA NA UF . -22.12 50.02 3.09
ZN ZN VF . -18.89 57.27 -16.31
K K WF . -25.36 61.68 -23.58
#